data_7DY1
#
_entry.id   7DY1
#
_cell.length_a   131.103
_cell.length_b   136.492
_cell.length_c   190.772
_cell.angle_alpha   90.000
_cell.angle_beta   90.000
_cell.angle_gamma   90.000
#
_symmetry.space_group_name_H-M   'P 21 21 21'
#
loop_
_entity.id
_entity.type
_entity.pdbx_description
1 polymer 'Circadian clock protein kinase KaiC'
2 polymer 'Circadian clock protein kinase KaiC'
3 non-polymer "ADENOSINE-5'-TRIPHOSPHATE"
4 non-polymer 'MAGNESIUM ION'
5 water water
#
loop_
_entity_poly.entity_id
_entity_poly.type
_entity_poly.pdbx_seq_one_letter_code
_entity_poly.pdbx_strand_id
1 'polypeptide(L)'
;MTNLPEHQSSPTEQSSAEVKKIPTMIEGFDDISHGGLPQGRTTLVSGTSGTGKTLFAVQFLYNGITIFNEPGIFVTFEES
PQDIIKNALSFGWNLQSLIDQGKLFILDASPDPDGQEVAGDFDLSALIERIQYAIRKYKATRVSIDSVTAVFQQYDAASV
VRREIFRLAFRLKQLGVTTIMTTERVDEYGPVARFGVEEFVSDNVVILRNVLEGERRRRTVEILKLRGTTHMKGEYPFTI
NNGINIFPLGAMRLTQRSSNVRVSSGVKTLDEMCGGGFFKDSIILATGATGTGKTLLVSKFLETGCQQGERALLFAYEES
RAQLSRNASSWGIDFEELERRGLLRIICAYPESAGLEDHLQIIKSEIADFKPSRVAIDSLSALARGVSNNAFRQFVIGVT
GFAKQEEITGFFTNTTDQFMGSNSITESHI(SEP)TITDTILLLQYVEIRGEMSRAINVFKMRGSWHDKGIREYVITEKG
AEIRDSFRNFEGIISGTPTRISVDEKTELARIAKGMQDLESE
;
A
2 'polypeptide(L)'
;MTNLPEHQSSPTEQSSAEVKKIPTMIEGFDDISHGGLPQGRTTLVSGTSGTGKTLFAVQFLYNGITIFNEPGIFVTFEES
PQDIIKNALSFGWNLQSLIDQGKLFILDASPDPDGQEVAGDFDLSALIERIQYAIRKYKATRVSIDSVTAVFQQYDAASV
VRREIFRLAFRLKQLGVTTIMTTERVDEYGPVARFGVEEFVSDNVVILRNVLEGERRRRTVEILKLRGTTHMKGEYPFTI
NNGINIFPLGAMRLTQRSSNVRVSSGVKTLDEMCGGGFFKDSIILATGATGTGKTLLVSKFLETGCQQGERALLFAYEES
RAQLSRNASSWGIDFEELERRGLLRIICAYPESAGLEDHLQIIKSEIADFKPSRVAIDSLSALARGVSNNAFRQFVIGVT
GFAKQEEITGFFTNTTDQFMGSNSITESHI(SEP)(TPO)ITDTILLLQYVEIRGEMSRAINVFKMRGSWHDKGIREYVI
TEKGAEIRDSFRNFEGIISGTPTRISVDEKTELARIAKGMQDLESE
;
B,C,D,E,F
#
loop_
_chem_comp.id
_chem_comp.type
_chem_comp.name
_chem_comp.formula
ATP non-polymer ADENOSINE-5'-TRIPHOSPHATE 'C10 H16 N5 O13 P3'
MG non-polymer 'MAGNESIUM ION' 'Mg 2'
#
# COMPACT_ATOMS: atom_id res chain seq x y z
N GLU A 18 -5.84 46.97 12.63
CA GLU A 18 -5.35 45.60 12.18
C GLU A 18 -5.17 44.72 13.42
N VAL A 19 -5.59 43.45 13.35
CA VAL A 19 -5.45 42.44 14.44
C VAL A 19 -3.99 42.47 14.94
N LYS A 20 -3.79 42.94 16.19
CA LYS A 20 -2.51 42.93 16.95
C LYS A 20 -2.43 41.66 17.81
N LYS A 21 -1.22 41.26 18.20
CA LYS A 21 -0.92 39.99 18.92
C LYS A 21 -0.17 40.27 20.22
N ILE A 22 -0.36 39.43 21.24
CA ILE A 22 0.38 39.50 22.53
C ILE A 22 1.30 38.28 22.60
N PRO A 23 2.61 38.51 22.83
CA PRO A 23 3.57 37.41 22.89
C PRO A 23 3.18 36.40 23.96
N THR A 24 3.25 35.11 23.65
CA THR A 24 3.02 34.02 24.66
C THR A 24 4.32 33.78 25.45
N MET A 25 5.47 34.03 24.81
CA MET A 25 6.83 33.62 25.29
C MET A 25 6.91 32.10 25.52
N ILE A 26 6.03 31.30 24.91
CA ILE A 26 6.21 29.82 24.82
C ILE A 26 7.21 29.56 23.67
N GLU A 27 8.35 28.91 23.96
CA GLU A 27 9.51 28.82 23.03
C GLU A 27 9.03 28.23 21.70
N GLY A 28 9.17 28.99 20.62
CA GLY A 28 8.85 28.56 19.25
C GLY A 28 7.44 28.94 18.84
N PHE A 29 6.56 29.26 19.78
CA PHE A 29 5.13 29.52 19.43
C PHE A 29 4.99 30.92 18.81
N ASP A 30 5.68 31.91 19.37
CA ASP A 30 5.71 33.31 18.87
C ASP A 30 6.29 33.33 17.43
N ASP A 31 7.19 32.41 17.06
CA ASP A 31 7.64 32.26 15.63
C ASP A 31 6.54 31.66 14.75
N ILE A 32 5.86 30.58 15.13
CA ILE A 32 4.87 29.92 14.20
C ILE A 32 3.59 30.76 14.12
N SER A 33 3.31 31.61 15.12
CA SER A 33 2.10 32.47 15.13
C SER A 33 2.40 33.87 14.60
N HIS A 34 3.64 34.18 14.19
CA HIS A 34 4.15 35.53 13.82
C HIS A 34 3.76 36.62 14.84
N GLY A 35 4.17 36.48 16.10
CA GLY A 35 4.00 37.53 17.14
C GLY A 35 3.23 37.06 18.36
N GLY A 36 2.59 35.88 18.32
CA GLY A 36 1.74 35.37 19.41
C GLY A 36 0.25 35.39 19.09
N LEU A 37 -0.63 35.35 20.10
CA LEU A 37 -2.10 35.15 19.93
C LEU A 37 -2.80 36.49 19.76
N PRO A 38 -3.82 36.60 18.85
CA PRO A 38 -4.57 37.85 18.67
C PRO A 38 -5.16 38.39 19.99
N GLN A 39 -4.82 39.63 20.33
CA GLN A 39 -5.26 40.32 21.57
C GLN A 39 -6.79 40.44 21.54
N GLY A 40 -7.44 40.21 22.67
CA GLY A 40 -8.87 40.53 22.86
C GLY A 40 -9.82 39.46 22.33
N ARG A 41 -9.28 38.28 21.97
CA ARG A 41 -10.04 37.17 21.33
C ARG A 41 -9.72 35.87 22.05
N THR A 42 -10.52 34.84 21.78
CA THR A 42 -10.37 33.45 22.29
C THR A 42 -9.57 32.59 21.31
N THR A 43 -8.55 31.88 21.81
CA THR A 43 -7.80 30.82 21.10
C THR A 43 -8.26 29.48 21.66
N LEU A 44 -8.85 28.61 20.83
CA LEU A 44 -9.18 27.20 21.14
C LEU A 44 -7.86 26.42 21.13
N VAL A 45 -7.53 25.69 22.19
CA VAL A 45 -6.37 24.73 22.18
C VAL A 45 -6.92 23.32 22.36
N SER A 46 -6.92 22.52 21.30
CA SER A 46 -7.57 21.18 21.25
C SER A 46 -6.53 20.06 21.22
N GLY A 47 -6.74 19.01 22.00
CA GLY A 47 -5.84 17.85 22.01
C GLY A 47 -6.47 16.68 22.72
N THR A 48 -6.06 15.46 22.30
CA THR A 48 -6.29 14.21 23.06
C THR A 48 -5.66 14.39 24.43
N SER A 49 -5.79 13.39 25.30
CA SER A 49 -5.37 13.45 26.71
C SER A 49 -3.84 13.44 26.76
N GLY A 50 -3.25 14.30 27.59
CA GLY A 50 -1.79 14.37 27.79
C GLY A 50 -1.06 14.95 26.58
N THR A 51 -1.70 15.81 25.80
CA THR A 51 -1.04 16.50 24.66
C THR A 51 -0.24 17.71 25.14
N GLY A 52 -0.58 18.30 26.29
CA GLY A 52 0.01 19.59 26.72
C GLY A 52 -0.96 20.76 26.82
N LYS A 53 -2.28 20.52 26.85
CA LYS A 53 -3.30 21.59 26.89
C LYS A 53 -3.19 22.44 28.17
N THR A 54 -3.18 21.81 29.34
CA THR A 54 -3.13 22.52 30.65
C THR A 54 -1.77 23.22 30.74
N LEU A 55 -0.72 22.53 30.33
CA LEU A 55 0.64 23.10 30.27
C LEU A 55 0.56 24.41 29.49
N PHE A 56 -0.04 24.42 28.30
CA PHE A 56 -0.09 25.65 27.43
C PHE A 56 -0.89 26.76 28.14
N ALA A 57 -2.00 26.42 28.78
CA ALA A 57 -2.91 27.33 29.52
C ALA A 57 -2.19 27.98 30.71
N VAL A 58 -1.43 27.21 31.46
CA VAL A 58 -0.67 27.72 32.62
C VAL A 58 0.43 28.64 32.11
N GLN A 59 1.17 28.22 31.08
CA GLN A 59 2.38 28.93 30.57
C GLN A 59 1.94 30.29 30.06
N PHE A 60 0.81 30.35 29.36
CA PHE A 60 0.25 31.61 28.83
C PHE A 60 0.09 32.63 29.96
N LEU A 61 -0.47 32.25 31.10
CA LEU A 61 -0.70 33.17 32.25
C LEU A 61 0.62 33.48 32.99
N TYR A 62 1.44 32.45 33.24
CA TYR A 62 2.71 32.51 33.99
C TYR A 62 3.66 33.48 33.28
N ASN A 63 3.86 33.29 31.96
CA ASN A 63 4.68 34.21 31.13
C ASN A 63 4.08 35.63 31.15
N GLY A 64 2.75 35.78 31.05
CA GLY A 64 2.06 37.09 31.08
C GLY A 64 2.37 37.88 32.37
N ILE A 65 2.44 37.18 33.49
CA ILE A 65 2.71 37.79 34.83
C ILE A 65 4.19 38.11 34.93
N THR A 66 5.08 37.12 34.73
CA THR A 66 6.52 37.21 35.06
C THR A 66 7.25 38.10 34.07
N ILE A 67 6.81 38.14 32.80
CA ILE A 67 7.55 38.89 31.73
C ILE A 67 6.91 40.26 31.44
N PHE A 68 5.60 40.43 31.53
CA PHE A 68 4.87 41.66 31.09
C PHE A 68 4.02 42.26 32.22
N ASN A 69 3.96 41.60 33.38
CA ASN A 69 3.16 42.07 34.55
C ASN A 69 1.69 42.22 34.11
N GLU A 70 1.18 41.24 33.36
CA GLU A 70 -0.24 41.14 32.94
C GLU A 70 -0.89 40.08 33.82
N PRO A 71 -1.81 40.47 34.74
CA PRO A 71 -2.43 39.51 35.65
C PRO A 71 -3.32 38.53 34.87
N GLY A 72 -3.54 37.34 35.43
CA GLY A 72 -4.24 36.25 34.75
C GLY A 72 -5.24 35.52 35.63
N ILE A 73 -6.37 35.12 35.03
CA ILE A 73 -7.38 34.21 35.64
C ILE A 73 -7.26 32.83 35.00
N PHE A 74 -7.14 31.77 35.82
CA PHE A 74 -7.17 30.36 35.37
C PHE A 74 -8.42 29.70 35.95
N VAL A 75 -9.33 29.26 35.08
CA VAL A 75 -10.61 28.59 35.49
C VAL A 75 -10.48 27.10 35.23
N THR A 76 -10.61 26.28 36.29
CA THR A 76 -10.55 24.81 36.26
C THR A 76 -11.94 24.29 36.61
N PHE A 77 -12.48 23.40 35.77
CA PHE A 77 -13.82 22.79 35.91
C PHE A 77 -13.69 21.35 36.40
N GLU A 78 -12.47 20.93 36.77
CA GLU A 78 -12.22 19.57 37.32
C GLU A 78 -11.04 19.63 38.31
N GLU A 79 -9.81 19.69 37.80
CA GLU A 79 -8.54 19.70 38.58
C GLU A 79 -8.63 20.70 39.73
N SER A 80 -8.18 20.32 40.93
CA SER A 80 -8.13 21.23 42.11
C SER A 80 -7.06 22.28 41.88
N PRO A 81 -7.27 23.55 42.31
CA PRO A 81 -6.19 24.52 42.50
C PRO A 81 -4.88 23.91 43.02
N GLN A 82 -4.92 23.12 44.08
CA GLN A 82 -3.69 22.60 44.74
C GLN A 82 -2.93 21.74 43.71
N ASP A 83 -3.64 20.93 42.92
CA ASP A 83 -3.00 20.03 41.92
C ASP A 83 -2.35 20.85 40.78
N ILE A 84 -3.00 21.94 40.33
CA ILE A 84 -2.47 22.87 39.27
C ILE A 84 -1.13 23.42 39.75
N ILE A 85 -1.12 23.95 40.99
CA ILE A 85 0.05 24.58 41.66
C ILE A 85 1.16 23.53 41.77
N LYS A 86 0.87 22.36 42.36
CA LYS A 86 1.84 21.24 42.62
C LYS A 86 2.45 20.72 41.31
N ASN A 87 1.63 20.59 40.27
CA ASN A 87 2.05 20.12 38.93
C ASN A 87 3.05 21.11 38.32
N ALA A 88 2.81 22.41 38.49
CA ALA A 88 3.66 23.50 37.94
C ALA A 88 5.05 23.49 38.59
N LEU A 89 5.19 22.94 39.80
CA LEU A 89 6.47 22.87 40.57
C LEU A 89 7.52 22.02 39.84
N SER A 90 7.12 21.08 39.01
CA SER A 90 8.07 20.19 38.29
C SER A 90 8.88 21.02 37.28
N PHE A 91 8.37 22.16 36.83
CA PHE A 91 9.05 23.10 35.89
C PHE A 91 9.68 24.27 36.67
N GLY A 92 9.57 24.28 37.99
CA GLY A 92 10.05 25.39 38.86
C GLY A 92 9.25 26.68 38.70
N TRP A 93 7.95 26.60 38.35
CA TRP A 93 7.03 27.77 38.34
C TRP A 93 6.37 27.85 39.72
N ASN A 94 6.57 28.96 40.43
CA ASN A 94 6.07 29.12 41.82
C ASN A 94 4.74 29.90 41.72
N LEU A 95 3.66 29.20 41.36
CA LEU A 95 2.31 29.82 41.23
C LEU A 95 1.83 30.38 42.58
N GLN A 96 2.15 29.72 43.70
CA GLN A 96 1.61 30.13 45.02
C GLN A 96 1.97 31.60 45.26
N SER A 97 3.21 32.01 44.95
CA SER A 97 3.72 33.35 45.31
C SER A 97 3.12 34.41 44.36
N LEU A 98 2.73 34.02 43.14
CA LEU A 98 1.97 34.87 42.19
C LEU A 98 0.54 35.08 42.73
N ILE A 99 -0.05 34.04 43.31
CA ILE A 99 -1.38 34.14 44.01
C ILE A 99 -1.26 35.12 45.20
N ASP A 100 -0.25 34.92 46.05
CA ASP A 100 0.01 35.72 47.28
C ASP A 100 0.02 37.23 46.99
N GLN A 101 0.39 37.63 45.76
CA GLN A 101 0.53 39.05 45.34
C GLN A 101 -0.65 39.56 44.51
N GLY A 102 -1.69 38.74 44.27
CA GLY A 102 -2.88 39.15 43.49
C GLY A 102 -2.60 39.34 42.01
N LYS A 103 -1.61 38.63 41.45
CA LYS A 103 -1.21 38.67 40.01
C LYS A 103 -1.82 37.47 39.27
N LEU A 104 -2.05 36.37 39.97
CA LEU A 104 -2.75 35.15 39.45
C LEU A 104 -3.90 34.77 40.38
N PHE A 105 -5.07 34.45 39.83
CA PHE A 105 -6.22 33.88 40.58
C PHE A 105 -6.69 32.59 39.90
N ILE A 106 -6.74 31.51 40.66
CA ILE A 106 -7.26 30.19 40.20
C ILE A 106 -8.71 30.08 40.67
N LEU A 107 -9.64 30.13 39.74
CA LEU A 107 -11.10 30.08 40.01
C LEU A 107 -11.55 28.62 39.87
N ASP A 108 -11.89 28.03 41.00
CA ASP A 108 -12.40 26.64 41.11
C ASP A 108 -13.87 26.67 40.67
N ALA A 109 -14.17 26.08 39.52
CA ALA A 109 -15.55 25.87 39.02
C ALA A 109 -15.92 24.38 39.03
N SER A 110 -15.06 23.50 39.56
CA SER A 110 -15.29 22.04 39.72
C SER A 110 -16.56 21.79 40.53
N PRO A 111 -17.34 20.72 40.26
CA PRO A 111 -18.63 20.50 40.92
C PRO A 111 -18.48 19.99 42.36
N SER A 125 -24.14 30.84 32.91
CA SER A 125 -24.60 32.23 33.17
C SER A 125 -24.06 32.71 34.51
N ALA A 126 -24.15 31.85 35.53
CA ALA A 126 -23.53 32.05 36.86
C ALA A 126 -22.00 32.15 36.70
N LEU A 127 -21.39 31.18 35.99
CA LEU A 127 -19.91 31.07 35.79
C LEU A 127 -19.37 32.37 35.17
N ILE A 128 -20.08 32.92 34.18
CA ILE A 128 -19.71 34.18 33.46
C ILE A 128 -19.60 35.34 34.45
N GLU A 129 -20.55 35.46 35.39
CA GLU A 129 -20.58 36.57 36.38
C GLU A 129 -19.38 36.40 37.33
N ARG A 130 -19.09 35.17 37.80
CA ARG A 130 -17.92 34.85 38.67
C ARG A 130 -16.59 35.14 37.95
N ILE A 131 -16.45 34.73 36.68
CA ILE A 131 -15.23 35.02 35.87
C ILE A 131 -15.11 36.54 35.70
N GLN A 132 -16.21 37.20 35.31
CA GLN A 132 -16.20 38.67 35.09
C GLN A 132 -15.77 39.37 36.37
N TYR A 133 -16.29 38.95 37.53
CA TYR A 133 -15.99 39.56 38.86
C TYR A 133 -14.47 39.49 39.09
N ALA A 134 -13.93 38.27 39.02
CA ALA A 134 -12.49 37.96 39.17
C ALA A 134 -11.64 38.82 38.22
N ILE A 135 -12.08 38.98 36.95
CA ILE A 135 -11.33 39.75 35.90
C ILE A 135 -11.22 41.20 36.37
N ARG A 136 -12.31 41.76 36.88
CA ARG A 136 -12.32 43.16 37.38
C ARG A 136 -11.52 43.22 38.70
N LYS A 137 -11.66 42.25 39.60
CA LYS A 137 -10.98 42.29 40.93
C LYS A 137 -9.46 42.33 40.73
N TYR A 138 -8.91 41.45 39.88
CA TYR A 138 -7.44 41.21 39.75
C TYR A 138 -6.86 41.98 38.55
N LYS A 139 -7.67 42.81 37.88
CA LYS A 139 -7.30 43.62 36.69
C LYS A 139 -6.61 42.75 35.62
N ALA A 140 -7.14 41.53 35.39
CA ALA A 140 -6.58 40.48 34.49
C ALA A 140 -6.78 40.87 33.04
N THR A 141 -5.76 40.67 32.20
CA THR A 141 -5.85 40.83 30.71
C THR A 141 -5.62 39.51 29.98
N ARG A 142 -5.39 38.41 30.71
CA ARG A 142 -5.26 37.04 30.14
C ARG A 142 -6.10 36.07 30.99
N VAL A 143 -6.86 35.21 30.33
CA VAL A 143 -7.73 34.18 30.96
C VAL A 143 -7.44 32.83 30.31
N SER A 144 -7.30 31.76 31.08
CA SER A 144 -7.26 30.38 30.56
C SER A 144 -8.47 29.63 31.12
N ILE A 145 -9.15 28.85 30.29
CA ILE A 145 -10.30 28.01 30.73
C ILE A 145 -10.03 26.55 30.36
N ASP A 146 -10.04 25.66 31.34
CA ASP A 146 -9.52 24.26 31.23
C ASP A 146 -10.38 23.28 32.04
N SER A 147 -11.13 22.39 31.38
CA SER A 147 -11.46 22.42 29.95
C SER A 147 -12.96 22.67 29.76
N VAL A 148 -13.33 23.44 28.72
CA VAL A 148 -14.75 23.74 28.35
C VAL A 148 -15.50 22.43 28.13
N THR A 149 -14.85 21.38 27.62
CA THR A 149 -15.50 20.08 27.30
C THR A 149 -16.13 19.54 28.58
N ALA A 150 -15.37 19.55 29.68
CA ALA A 150 -15.84 19.17 31.03
C ALA A 150 -17.22 19.80 31.30
N VAL A 151 -17.45 21.05 30.88
CA VAL A 151 -18.72 21.80 31.12
C VAL A 151 -19.56 21.80 29.83
N ALA A 158 -24.70 19.48 20.41
CA ALA A 158 -23.76 20.20 19.52
C ALA A 158 -24.26 21.61 19.21
N SER A 159 -25.57 21.78 18.98
CA SER A 159 -26.21 23.11 18.79
C SER A 159 -26.24 23.86 20.13
N VAL A 160 -26.32 23.13 21.25
CA VAL A 160 -26.31 23.71 22.63
C VAL A 160 -24.86 24.08 22.97
N VAL A 161 -23.89 23.21 22.64
CA VAL A 161 -22.43 23.47 22.79
C VAL A 161 -22.06 24.76 22.03
N ARG A 162 -22.52 24.90 20.78
CA ARG A 162 -22.24 26.08 19.91
C ARG A 162 -22.67 27.39 20.61
N ARG A 163 -23.93 27.46 21.07
CA ARG A 163 -24.51 28.59 21.82
C ARG A 163 -23.66 28.91 23.06
N GLU A 164 -23.27 27.90 23.84
CA GLU A 164 -22.56 28.10 25.14
C GLU A 164 -21.18 28.73 24.86
N ILE A 165 -20.39 28.16 23.94
CA ILE A 165 -19.05 28.68 23.52
C ILE A 165 -19.18 30.13 23.03
N PHE A 166 -20.21 30.44 22.23
CA PHE A 166 -20.34 31.80 21.63
C PHE A 166 -20.51 32.83 22.74
N ARG A 167 -21.45 32.61 23.66
CA ARG A 167 -21.79 33.53 24.77
C ARG A 167 -20.54 33.82 25.62
N LEU A 168 -19.87 32.76 26.06
CA LEU A 168 -18.64 32.86 26.89
C LEU A 168 -17.61 33.73 26.16
N ALA A 169 -17.25 33.36 24.92
CA ALA A 169 -16.25 34.10 24.09
C ALA A 169 -16.68 35.57 23.92
N PHE A 170 -17.98 35.82 23.67
CA PHE A 170 -18.50 37.19 23.38
C PHE A 170 -18.32 38.10 24.59
N ARG A 171 -18.63 37.63 25.79
CA ARG A 171 -18.49 38.40 27.06
C ARG A 171 -17.01 38.70 27.33
N LEU A 172 -16.12 37.70 27.23
CA LEU A 172 -14.66 37.91 27.52
C LEU A 172 -14.12 38.98 26.55
N LYS A 173 -14.52 38.91 25.27
CA LYS A 173 -14.13 39.88 24.21
C LYS A 173 -14.59 41.29 24.60
N GLN A 174 -15.82 41.42 25.11
CA GLN A 174 -16.36 42.68 25.71
C GLN A 174 -15.41 43.22 26.79
N LEU A 175 -14.83 42.33 27.61
CA LEU A 175 -13.97 42.75 28.74
C LEU A 175 -12.57 43.13 28.25
N GLY A 176 -12.18 42.75 27.02
CA GLY A 176 -10.83 43.05 26.48
C GLY A 176 -9.75 42.09 26.97
N VAL A 177 -10.10 40.94 27.50
CA VAL A 177 -9.11 39.88 27.90
C VAL A 177 -8.78 39.00 26.70
N THR A 178 -7.57 38.45 26.67
CA THR A 178 -7.14 37.41 25.70
C THR A 178 -7.31 36.06 26.39
N THR A 179 -8.05 35.13 25.76
CA THR A 179 -8.48 33.83 26.32
C THR A 179 -7.86 32.63 25.57
N ILE A 180 -7.37 31.66 26.33
CA ILE A 180 -7.21 30.23 25.92
C ILE A 180 -8.38 29.42 26.50
N MET A 181 -9.08 28.68 25.63
CA MET A 181 -10.12 27.67 25.98
C MET A 181 -9.62 26.32 25.48
N THR A 182 -9.44 25.34 26.38
CA THR A 182 -8.96 23.99 25.99
C THR A 182 -10.14 23.07 25.72
N THR A 183 -10.04 22.23 24.71
CA THR A 183 -11.10 21.29 24.26
C THR A 183 -10.48 19.90 24.08
N GLU A 184 -11.19 18.90 24.52
CA GLU A 184 -10.76 17.47 24.44
C GLU A 184 -11.11 16.92 23.05
N ARG A 185 -10.40 15.90 22.59
CA ARG A 185 -10.73 15.12 21.38
C ARG A 185 -10.34 13.65 21.57
N VAL A 186 -10.91 12.76 20.74
CA VAL A 186 -10.83 11.27 20.86
C VAL A 186 -9.78 10.71 19.88
N ASP A 187 -9.44 11.42 18.79
CA ASP A 187 -8.65 10.90 17.62
C ASP A 187 -7.65 12.00 17.21
N GLU A 188 -6.48 11.64 16.70
CA GLU A 188 -5.42 12.62 16.35
C GLU A 188 -5.79 13.32 15.03
N TYR A 189 -6.47 12.65 14.11
CA TYR A 189 -6.76 13.20 12.76
C TYR A 189 -8.27 13.20 12.47
N GLY A 190 -9.10 13.00 13.51
CA GLY A 190 -10.57 13.14 13.45
C GLY A 190 -11.02 14.59 13.63
N PRO A 191 -12.21 14.84 14.24
CA PRO A 191 -12.70 16.20 14.48
C PRO A 191 -11.70 17.08 15.25
N VAL A 192 -11.73 18.40 14.99
CA VAL A 192 -10.86 19.40 15.67
C VAL A 192 -11.07 19.32 17.19
N ALA A 193 -12.31 19.50 17.64
CA ALA A 193 -12.74 19.40 19.05
C ALA A 193 -13.61 18.15 19.23
N ARG A 194 -14.78 18.23 19.88
CA ARG A 194 -15.56 17.00 20.28
C ARG A 194 -16.97 16.98 19.65
N PHE A 195 -17.60 18.13 19.43
CA PHE A 195 -19.00 18.27 18.95
C PHE A 195 -19.08 18.91 17.54
N GLY A 196 -17.94 19.07 16.86
CA GLY A 196 -17.85 19.60 15.48
C GLY A 196 -18.35 21.04 15.33
N VAL A 197 -18.33 21.85 16.39
CA VAL A 197 -18.81 23.27 16.32
C VAL A 197 -17.79 24.22 16.97
N GLU A 198 -17.07 23.78 17.99
CA GLU A 198 -16.17 24.64 18.81
C GLU A 198 -15.24 25.44 17.89
N GLU A 199 -14.64 24.80 16.88
CA GLU A 199 -13.58 25.41 16.02
C GLU A 199 -14.16 26.51 15.11
N PHE A 200 -15.46 26.49 14.84
CA PHE A 200 -16.13 27.42 13.89
C PHE A 200 -16.51 28.72 14.61
N VAL A 201 -16.71 28.68 15.93
CA VAL A 201 -17.04 29.89 16.74
C VAL A 201 -15.75 30.56 17.18
N SER A 202 -14.77 29.79 17.62
CA SER A 202 -13.44 30.31 18.03
C SER A 202 -12.80 31.08 16.85
N ASP A 203 -12.31 32.28 17.14
CA ASP A 203 -11.59 33.14 16.16
C ASP A 203 -10.26 32.47 15.80
N ASN A 204 -9.70 31.72 16.76
CA ASN A 204 -8.34 31.13 16.70
C ASN A 204 -8.40 29.65 17.10
N VAL A 205 -7.74 28.79 16.33
CA VAL A 205 -7.67 27.35 16.66
C VAL A 205 -6.21 26.90 16.59
N VAL A 206 -5.78 26.20 17.65
CA VAL A 206 -4.46 25.55 17.83
C VAL A 206 -4.71 24.09 18.18
N ILE A 207 -4.17 23.15 17.40
CA ILE A 207 -4.29 21.69 17.66
C ILE A 207 -2.95 21.15 18.17
N LEU A 208 -3.00 20.43 19.30
CA LEU A 208 -1.86 19.68 19.89
C LEU A 208 -2.10 18.20 19.61
N ARG A 209 -1.15 17.56 18.97
CA ARG A 209 -1.23 16.13 18.61
C ARG A 209 -0.10 15.40 19.32
N ASN A 210 -0.39 14.13 19.63
CA ASN A 210 0.50 13.10 20.23
C ASN A 210 0.36 11.83 19.36
N VAL A 211 1.13 11.75 18.28
CA VAL A 211 0.93 10.78 17.16
C VAL A 211 1.77 9.52 17.41
N LEU A 212 1.14 8.33 17.39
CA LEU A 212 1.80 7.00 17.31
C LEU A 212 2.33 6.79 15.88
N GLU A 213 3.65 6.70 15.73
CA GLU A 213 4.34 6.32 14.47
C GLU A 213 5.23 5.12 14.80
N GLY A 214 4.80 3.94 14.38
CA GLY A 214 5.27 2.63 14.86
C GLY A 214 4.82 2.40 16.29
N GLU A 215 5.76 2.39 17.23
CA GLU A 215 5.52 2.30 18.70
C GLU A 215 5.98 3.59 19.40
N ARG A 216 6.40 4.60 18.64
CA ARG A 216 6.92 5.88 19.20
C ARG A 216 5.82 6.94 19.12
N ARG A 217 5.80 7.84 20.09
CA ARG A 217 4.91 9.04 20.14
C ARG A 217 5.71 10.24 19.66
N ARG A 218 5.09 11.12 18.88
CA ARG A 218 5.69 12.40 18.40
C ARG A 218 4.69 13.54 18.67
N ARG A 219 5.07 14.52 19.48
CA ARG A 219 4.24 15.72 19.76
C ARG A 219 4.34 16.74 18.62
N THR A 220 3.21 17.26 18.16
CA THR A 220 3.15 18.40 17.22
C THR A 220 2.06 19.41 17.59
N VAL A 221 2.32 20.65 17.20
CA VAL A 221 1.41 21.82 17.31
C VAL A 221 1.15 22.39 15.91
N GLU A 222 -0.10 22.78 15.71
CA GLU A 222 -0.61 23.37 14.45
C GLU A 222 -1.45 24.61 14.82
N ILE A 223 -1.16 25.71 14.15
CA ILE A 223 -2.14 26.84 14.11
C ILE A 223 -2.99 26.60 12.87
N LEU A 224 -4.21 26.11 13.09
CA LEU A 224 -5.19 25.84 12.02
C LEU A 224 -5.70 27.16 11.42
N LYS A 225 -6.05 28.12 12.28
CA LYS A 225 -6.70 29.40 11.91
C LYS A 225 -6.39 30.49 12.95
N LEU A 226 -6.01 31.68 12.48
CA LEU A 226 -6.12 32.97 13.20
C LEU A 226 -6.88 33.94 12.30
N ARG A 227 -8.10 34.33 12.66
CA ARG A 227 -8.92 35.25 11.82
C ARG A 227 -8.18 36.60 11.68
N GLY A 228 -8.13 37.10 10.45
CA GLY A 228 -7.63 38.44 10.11
C GLY A 228 -6.14 38.62 10.34
N THR A 229 -5.36 37.54 10.36
CA THR A 229 -3.89 37.67 10.53
C THR A 229 -3.14 36.48 9.91
N THR A 230 -1.82 36.52 10.04
CA THR A 230 -0.88 35.53 9.46
C THR A 230 -0.40 34.54 10.52
N HIS A 231 -0.03 33.35 10.04
CA HIS A 231 0.57 32.24 10.82
C HIS A 231 1.26 31.27 9.84
N MET A 232 2.26 30.53 10.31
CA MET A 232 2.84 29.38 9.60
C MET A 232 1.80 28.24 9.60
N LYS A 233 1.91 27.30 8.66
CA LYS A 233 0.87 26.29 8.35
C LYS A 233 1.37 24.87 8.60
N GLY A 234 0.47 24.01 9.04
CA GLY A 234 0.78 22.59 9.26
C GLY A 234 1.35 22.33 10.64
N GLU A 235 1.95 21.18 10.83
CA GLU A 235 2.42 20.69 12.14
C GLU A 235 3.90 21.06 12.29
N TYR A 236 4.25 21.45 13.52
CA TYR A 236 5.61 21.77 13.99
C TYR A 236 5.90 20.86 15.18
N PRO A 237 7.03 20.10 15.14
CA PRO A 237 7.51 19.27 16.26
C PRO A 237 7.71 20.07 17.55
N PHE A 238 7.34 19.51 18.70
CA PHE A 238 7.74 20.04 20.03
C PHE A 238 8.01 18.91 21.01
N THR A 239 8.63 19.25 22.14
CA THR A 239 8.78 18.38 23.31
C THR A 239 8.36 19.18 24.56
N ILE A 240 8.08 18.48 25.63
CA ILE A 240 7.85 19.09 26.96
C ILE A 240 9.13 18.91 27.78
N ASN A 241 9.88 20.00 27.96
CA ASN A 241 11.16 20.02 28.73
C ASN A 241 11.02 21.10 29.81
N ASN A 242 11.21 22.37 29.46
CA ASN A 242 10.94 23.53 30.35
C ASN A 242 9.65 24.19 29.84
N GLY A 243 8.51 23.56 30.14
CA GLY A 243 7.21 23.91 29.52
C GLY A 243 7.17 23.42 28.07
N ILE A 244 6.34 23.99 27.21
CA ILE A 244 6.24 23.54 25.78
C ILE A 244 7.44 24.07 24.99
N ASN A 245 8.13 23.21 24.23
CA ASN A 245 9.34 23.60 23.47
C ASN A 245 9.21 23.23 22.00
N ILE A 246 8.89 24.22 21.14
CA ILE A 246 8.59 24.01 19.69
C ILE A 246 9.89 24.13 18.88
N LEU A 254 18.58 29.32 8.62
CA LEU A 254 19.66 29.11 7.61
C LEU A 254 20.49 30.39 7.53
N THR A 255 21.05 30.79 8.68
CA THR A 255 21.70 32.10 8.98
C THR A 255 23.08 31.87 9.66
N GLN A 256 23.66 30.68 9.53
CA GLN A 256 24.88 30.27 10.29
C GLN A 256 26.10 30.90 9.63
N ARG A 257 26.96 31.56 10.43
CA ARG A 257 28.25 32.16 10.00
C ARG A 257 29.21 31.04 9.57
N SER A 258 30.02 31.27 8.54
CA SER A 258 31.09 30.37 8.03
C SER A 258 32.44 30.94 8.43
N SER A 259 33.54 30.31 8.01
CA SER A 259 34.94 30.66 8.37
C SER A 259 35.92 29.73 7.63
N ASN A 260 37.15 30.18 7.37
CA ASN A 260 38.22 29.41 6.69
C ASN A 260 39.19 28.80 7.74
N VAL A 261 38.77 28.69 8.99
CA VAL A 261 39.60 28.07 10.07
C VAL A 261 39.63 26.54 9.88
N ARG A 262 40.82 25.95 10.07
CA ARG A 262 41.08 24.50 9.89
C ARG A 262 41.25 23.83 11.25
N VAL A 263 40.81 22.58 11.35
CA VAL A 263 41.02 21.71 12.53
C VAL A 263 41.48 20.39 11.97
N SER A 264 42.19 19.57 12.75
CA SER A 264 42.72 18.24 12.35
C SER A 264 41.70 17.11 12.55
N SER A 265 41.74 16.10 11.66
CA SER A 265 41.09 14.76 11.79
C SER A 265 41.81 13.89 12.81
N GLY A 266 43.06 14.21 13.13
CA GLY A 266 43.94 13.34 13.94
C GLY A 266 44.67 12.34 13.06
N VAL A 267 44.44 12.37 11.74
CA VAL A 267 45.18 11.50 10.79
C VAL A 267 45.89 12.44 9.81
N LYS A 268 47.21 12.59 9.97
CA LYS A 268 48.08 13.50 9.18
C LYS A 268 47.75 13.39 7.68
N THR A 269 47.75 12.19 7.11
CA THR A 269 47.56 12.03 5.64
C THR A 269 46.14 12.45 5.25
N LEU A 270 45.12 12.21 6.11
CA LEU A 270 43.73 12.66 5.81
C LEU A 270 43.70 14.20 5.77
N ASP A 271 44.43 14.87 6.68
CA ASP A 271 44.49 16.36 6.79
C ASP A 271 45.05 16.91 5.46
N GLU A 272 46.14 16.31 4.95
CA GLU A 272 46.67 16.60 3.58
C GLU A 272 45.59 16.35 2.52
N MET A 273 44.83 15.28 2.58
CA MET A 273 43.85 14.97 1.49
C MET A 273 42.66 15.97 1.48
N CYS A 274 42.31 16.56 2.64
CA CYS A 274 41.25 17.60 2.77
C CYS A 274 41.81 19.02 2.55
N GLY A 275 43.10 19.14 2.18
CA GLY A 275 43.71 20.45 1.83
C GLY A 275 44.19 21.23 3.05
N GLY A 276 44.52 20.57 4.17
CA GLY A 276 45.13 21.21 5.37
C GLY A 276 44.25 21.09 6.62
N GLY A 277 43.33 20.13 6.65
CA GLY A 277 42.40 19.91 7.76
C GLY A 277 40.95 19.96 7.31
N PHE A 278 40.06 19.45 8.15
CA PHE A 278 38.62 19.71 8.13
C PHE A 278 38.41 21.19 8.40
N PHE A 279 37.33 21.80 7.89
CA PHE A 279 36.91 23.13 8.37
C PHE A 279 36.22 22.97 9.74
N LYS A 280 36.55 23.87 10.67
CA LYS A 280 35.89 23.95 11.99
C LYS A 280 34.39 24.12 11.76
N ASP A 281 34.03 25.00 10.84
CA ASP A 281 32.61 25.22 10.48
C ASP A 281 32.29 24.27 9.33
N SER A 282 32.06 23.00 9.65
CA SER A 282 31.61 21.98 8.67
C SER A 282 30.89 20.86 9.39
N ILE A 283 30.03 20.17 8.63
CA ILE A 283 29.49 18.83 8.96
C ILE A 283 30.31 17.87 8.12
N ILE A 284 30.96 16.89 8.74
CA ILE A 284 31.66 15.77 8.06
C ILE A 284 30.82 14.49 8.17
N LEU A 285 30.59 13.82 7.02
CA LEU A 285 30.00 12.46 6.92
C LEU A 285 31.08 11.45 6.57
N ALA A 286 31.25 10.42 7.39
CA ALA A 286 32.06 9.22 7.08
C ALA A 286 31.08 8.08 6.75
N THR A 287 31.06 7.62 5.49
CA THR A 287 30.08 6.63 4.99
C THR A 287 30.81 5.43 4.38
N GLY A 288 30.30 4.22 4.58
CA GLY A 288 30.88 2.98 4.03
C GLY A 288 30.22 1.72 4.56
N ALA A 289 30.59 0.55 4.02
CA ALA A 289 30.10 -0.79 4.45
C ALA A 289 30.51 -1.06 5.89
N THR A 290 29.88 -2.03 6.53
CA THR A 290 30.17 -2.44 7.92
C THR A 290 31.66 -2.83 7.99
N GLY A 291 32.37 -2.31 8.99
CA GLY A 291 33.73 -2.75 9.37
C GLY A 291 34.85 -2.03 8.64
N THR A 292 34.55 -0.96 7.90
CA THR A 292 35.53 -0.25 7.04
C THR A 292 36.44 0.68 7.86
N GLY A 293 36.00 1.11 9.05
CA GLY A 293 36.78 1.91 10.01
C GLY A 293 36.11 3.23 10.38
N LYS A 294 34.79 3.36 10.22
CA LYS A 294 34.01 4.57 10.58
C LYS A 294 34.29 4.94 12.04
N THR A 295 34.17 3.99 12.96
CA THR A 295 34.30 4.24 14.42
C THR A 295 35.73 4.64 14.77
N LEU A 296 36.73 4.03 14.11
CA LEU A 296 38.15 4.45 14.21
C LEU A 296 38.27 5.94 13.86
N LEU A 297 37.71 6.40 12.73
CA LEU A 297 37.84 7.84 12.36
C LEU A 297 37.18 8.75 13.42
N VAL A 298 36.05 8.33 14.01
CA VAL A 298 35.38 9.09 15.12
C VAL A 298 36.37 9.20 16.27
N SER A 299 37.04 8.11 16.59
CA SER A 299 37.90 8.04 17.80
C SER A 299 39.03 9.03 17.69
N LYS A 300 39.65 9.13 16.52
CA LYS A 300 40.81 10.03 16.24
C LYS A 300 40.34 11.50 16.23
N PHE A 301 39.15 11.75 15.69
CA PHE A 301 38.55 13.10 15.56
C PHE A 301 38.30 13.68 16.95
N LEU A 302 37.75 12.88 17.87
CA LEU A 302 37.47 13.29 19.28
C LEU A 302 38.79 13.43 20.06
N GLU A 303 39.69 12.45 19.97
CA GLU A 303 40.97 12.40 20.75
C GLU A 303 41.77 13.67 20.45
N THR A 304 41.85 14.03 19.18
CA THR A 304 42.63 15.21 18.71
C THR A 304 42.08 16.47 19.40
N GLY A 305 40.76 16.58 19.52
CA GLY A 305 40.15 17.77 20.17
C GLY A 305 40.62 17.88 21.60
N CYS A 306 40.54 16.76 22.33
CA CYS A 306 40.91 16.65 23.76
C CYS A 306 42.40 16.99 23.91
N GLN A 307 43.23 16.58 22.92
CA GLN A 307 44.70 16.86 22.87
C GLN A 307 44.99 18.35 22.74
N GLN A 308 44.02 19.15 22.26
CA GLN A 308 44.13 20.62 22.18
C GLN A 308 43.38 21.25 23.36
N GLY A 309 43.03 20.46 24.37
CA GLY A 309 42.34 20.89 25.59
C GLY A 309 40.87 21.21 25.39
N GLU A 310 40.31 20.94 24.21
CA GLU A 310 38.88 21.22 23.88
C GLU A 310 37.97 20.04 24.28
N ARG A 311 36.71 20.33 24.62
CA ARG A 311 35.77 19.28 25.03
C ARG A 311 35.19 18.58 23.78
N ALA A 312 35.02 17.27 23.89
CA ALA A 312 34.54 16.37 22.82
C ALA A 312 33.31 15.64 23.33
N LEU A 313 32.24 15.57 22.53
CA LEU A 313 30.96 14.89 22.88
C LEU A 313 30.57 13.83 21.82
N LEU A 314 30.45 12.57 22.25
CA LEU A 314 30.14 11.36 21.42
C LEU A 314 28.74 10.85 21.79
N PHE A 315 27.85 10.74 20.80
CA PHE A 315 26.58 10.00 20.91
C PHE A 315 26.73 8.67 20.18
N ALA A 316 26.67 7.57 20.94
CA ALA A 316 26.93 6.19 20.49
C ALA A 316 25.61 5.40 20.54
N TYR A 317 25.14 4.91 19.40
CA TYR A 317 23.82 4.22 19.32
C TYR A 317 23.96 2.70 19.08
N GLU A 318 25.18 2.17 19.05
CA GLU A 318 25.54 0.81 18.56
C GLU A 318 26.40 0.05 19.57
N GLU A 319 27.26 0.72 20.34
CA GLU A 319 28.27 0.06 21.22
C GLU A 319 28.22 0.66 22.62
N SER A 320 28.48 -0.15 23.63
CA SER A 320 28.58 0.26 25.05
C SER A 320 29.86 1.08 25.25
N ARG A 321 29.93 1.84 26.35
CA ARG A 321 31.11 2.64 26.75
C ARG A 321 32.31 1.69 26.87
N ALA A 322 32.15 0.62 27.63
CA ALA A 322 33.19 -0.41 27.86
C ALA A 322 33.69 -0.98 26.51
N GLN A 323 32.78 -1.30 25.57
CA GLN A 323 33.23 -1.88 24.27
C GLN A 323 33.95 -0.80 23.46
N LEU A 324 33.44 0.44 23.42
CA LEU A 324 34.12 1.55 22.72
C LEU A 324 35.53 1.72 23.28
N SER A 325 35.68 1.58 24.59
CA SER A 325 36.96 1.90 25.29
C SER A 325 38.05 0.88 24.95
N ARG A 326 37.77 -0.41 25.00
CA ARG A 326 38.80 -1.44 24.70
C ARG A 326 39.13 -1.38 23.21
N ASN A 327 38.14 -1.14 22.34
CA ASN A 327 38.39 -1.05 20.86
C ASN A 327 39.33 0.15 20.61
N ALA A 328 39.06 1.30 21.20
CA ALA A 328 39.86 2.53 21.02
C ALA A 328 41.27 2.37 21.62
N SER A 329 41.42 1.61 22.71
CA SER A 329 42.75 1.37 23.34
C SER A 329 43.66 0.54 22.39
N SER A 330 43.12 -0.12 21.37
CA SER A 330 43.91 -0.79 20.31
CA SER A 330 43.95 -0.79 20.34
C SER A 330 44.67 0.27 19.49
N TRP A 331 44.22 1.53 19.53
CA TRP A 331 44.89 2.68 18.85
C TRP A 331 45.75 3.49 19.83
N GLY A 332 45.84 3.08 21.08
CA GLY A 332 46.52 3.86 22.14
C GLY A 332 45.58 4.83 22.85
N ILE A 333 44.35 5.04 22.36
CA ILE A 333 43.38 6.05 22.89
C ILE A 333 42.81 5.51 24.21
N ASP A 334 42.81 6.32 25.28
CA ASP A 334 42.29 5.92 26.62
C ASP A 334 41.01 6.73 26.95
N PHE A 335 39.87 6.27 26.45
CA PHE A 335 38.56 6.94 26.61
C PHE A 335 38.31 7.17 28.09
N GLU A 336 38.63 6.19 28.96
CA GLU A 336 38.26 6.21 30.41
C GLU A 336 38.93 7.41 31.09
N GLU A 337 40.21 7.65 30.79
CA GLU A 337 41.01 8.80 31.32
C GLU A 337 40.43 10.14 30.79
N LEU A 338 40.09 10.23 29.49
CA LEU A 338 39.57 11.50 28.92
C LEU A 338 38.22 11.80 29.56
N GLU A 339 37.46 10.75 29.89
CA GLU A 339 36.13 10.85 30.57
C GLU A 339 36.29 11.24 32.04
N ARG A 340 37.20 10.60 32.78
CA ARG A 340 37.41 10.89 34.22
C ARG A 340 37.93 12.33 34.38
N ARG A 341 38.68 12.83 33.39
CA ARG A 341 39.36 14.15 33.43
C ARG A 341 38.46 15.24 32.85
N GLY A 342 37.27 14.89 32.34
CA GLY A 342 36.21 15.84 31.96
C GLY A 342 36.40 16.45 30.56
N LEU A 343 37.22 15.87 29.67
CA LEU A 343 37.41 16.43 28.31
C LEU A 343 36.54 15.66 27.31
N LEU A 344 36.18 14.41 27.61
CA LEU A 344 35.34 13.56 26.71
C LEU A 344 34.10 13.12 27.50
N ARG A 345 32.94 13.26 26.89
CA ARG A 345 31.65 12.76 27.42
C ARG A 345 31.01 11.84 26.36
N ILE A 346 30.76 10.58 26.71
CA ILE A 346 30.13 9.59 25.80
C ILE A 346 28.70 9.33 26.28
N ILE A 347 27.70 9.57 25.43
CA ILE A 347 26.27 9.22 25.72
C ILE A 347 25.92 7.98 24.91
N CYS A 348 25.57 6.88 25.58
CA CYS A 348 25.16 5.59 24.96
C CYS A 348 23.65 5.44 25.07
N ALA A 349 22.95 5.30 23.95
CA ALA A 349 21.50 5.01 23.93
C ALA A 349 21.17 4.12 22.74
N TYR A 350 20.09 3.38 22.86
CA TYR A 350 19.46 2.58 21.78
C TYR A 350 18.54 3.53 21.04
N PRO A 351 18.59 3.59 19.69
CA PRO A 351 17.64 4.34 18.87
C PRO A 351 16.15 4.17 19.18
N GLU A 352 15.71 2.93 19.42
CA GLU A 352 14.27 2.58 19.65
C GLU A 352 13.83 3.04 21.04
N SER A 353 14.75 3.48 21.90
CA SER A 353 14.38 3.87 23.29
C SER A 353 13.52 5.15 23.27
N ALA A 354 13.64 5.98 22.22
CA ALA A 354 12.90 7.26 22.07
C ALA A 354 12.59 7.60 20.61
N GLY A 355 11.62 8.53 20.44
CA GLY A 355 11.37 9.27 19.19
C GLY A 355 12.54 10.17 18.78
N LEU A 356 12.68 10.42 17.48
CA LEU A 356 13.74 11.29 16.91
C LEU A 356 13.72 12.70 17.53
N GLU A 357 12.53 13.26 17.82
CA GLU A 357 12.42 14.60 18.46
C GLU A 357 12.99 14.52 19.88
N ASP A 358 12.68 13.47 20.64
CA ASP A 358 13.27 13.28 21.99
C ASP A 358 14.78 13.10 21.85
N HIS A 359 15.25 12.42 20.80
CA HIS A 359 16.73 12.21 20.61
C HIS A 359 17.39 13.57 20.37
N LEU A 360 16.75 14.42 19.56
CA LEU A 360 17.26 15.77 19.22
C LEU A 360 17.30 16.67 20.47
N GLN A 361 16.28 16.62 21.33
CA GLN A 361 16.26 17.42 22.59
C GLN A 361 17.46 17.02 23.47
N ILE A 362 17.69 15.73 23.70
CA ILE A 362 18.87 15.22 24.48
C ILE A 362 20.17 15.78 23.87
N ILE A 363 20.37 15.66 22.56
CA ILE A 363 21.59 16.19 21.88
C ILE A 363 21.73 17.69 22.18
N LYS A 364 20.67 18.46 21.96
CA LYS A 364 20.66 19.93 22.14
C LYS A 364 21.04 20.27 23.59
N SER A 365 20.41 19.64 24.56
CA SER A 365 20.60 19.99 25.99
C SER A 365 22.02 19.59 26.42
N GLU A 366 22.50 18.41 26.01
CA GLU A 366 23.85 17.94 26.42
C GLU A 366 24.91 18.88 25.84
N ILE A 367 24.69 19.43 24.64
CA ILE A 367 25.58 20.44 23.99
C ILE A 367 25.57 21.77 24.77
N ALA A 368 24.42 22.21 25.31
CA ALA A 368 24.35 23.45 26.13
C ALA A 368 24.99 23.22 27.51
N ASP A 369 24.93 22.00 28.04
CA ASP A 369 25.50 21.67 29.38
C ASP A 369 27.03 21.55 29.26
N PHE A 370 27.53 20.69 28.36
CA PHE A 370 28.94 20.26 28.28
C PHE A 370 29.76 21.26 27.45
N LYS A 371 29.14 21.97 26.50
CA LYS A 371 29.77 23.00 25.62
C LYS A 371 30.95 22.37 24.87
N PRO A 372 30.69 21.32 24.07
CA PRO A 372 31.74 20.69 23.26
C PRO A 372 32.32 21.67 22.22
N SER A 373 33.56 21.44 21.80
CA SER A 373 34.13 22.01 20.57
C SER A 373 33.90 21.08 19.36
N ARG A 374 33.80 19.76 19.60
CA ARG A 374 33.50 18.73 18.55
C ARG A 374 32.38 17.82 19.03
N VAL A 375 31.48 17.44 18.11
CA VAL A 375 30.40 16.47 18.43
C VAL A 375 30.39 15.39 17.34
N ALA A 376 30.25 14.13 17.78
CA ALA A 376 30.14 12.96 16.89
C ALA A 376 28.84 12.21 17.21
N ILE A 377 28.19 11.70 16.16
CA ILE A 377 27.07 10.72 16.19
C ILE A 377 27.52 9.43 15.51
N ASP A 378 27.64 8.35 16.26
CA ASP A 378 27.98 7.01 15.74
C ASP A 378 26.81 6.06 16.06
N SER A 379 25.80 5.97 15.18
CA SER A 379 25.80 6.32 13.79
C SER A 379 24.42 6.88 13.40
N LEU A 380 24.34 7.63 12.30
CA LEU A 380 23.07 8.18 11.74
C LEU A 380 22.23 7.07 11.14
N SER A 381 22.84 6.09 10.51
CA SER A 381 22.15 4.94 9.91
C SER A 381 21.40 4.14 10.99
N ALA A 382 21.95 3.99 12.19
CA ALA A 382 21.22 3.35 13.32
C ALA A 382 19.93 4.14 13.61
N LEU A 383 20.00 5.47 13.59
CA LEU A 383 18.86 6.34 13.99
C LEU A 383 17.80 6.33 12.90
N ALA A 384 18.16 5.96 11.66
CA ALA A 384 17.27 5.97 10.47
C ALA A 384 16.44 4.69 10.39
N ARG A 385 16.89 3.62 11.05
CA ARG A 385 16.23 2.28 10.99
C ARG A 385 14.78 2.41 11.47
N GLY A 386 13.83 2.05 10.60
CA GLY A 386 12.42 1.84 10.98
C GLY A 386 11.69 3.13 11.34
N VAL A 387 12.07 4.26 10.75
CA VAL A 387 11.35 5.57 10.91
C VAL A 387 11.15 6.14 9.51
N SER A 388 10.21 7.07 9.34
CA SER A 388 9.93 7.74 8.04
C SER A 388 11.17 8.54 7.62
N ASN A 389 11.58 8.39 6.35
CA ASN A 389 12.65 9.22 5.75
C ASN A 389 12.42 10.70 6.08
N ASN A 390 11.18 11.20 6.13
CA ASN A 390 10.87 12.64 6.38
C ASN A 390 11.22 13.01 7.83
N ALA A 391 10.82 12.17 8.79
CA ALA A 391 11.18 12.36 10.20
C ALA A 391 12.71 12.27 10.33
N PHE A 392 13.38 11.34 9.67
CA PHE A 392 14.86 11.20 9.80
C PHE A 392 15.54 12.44 9.25
N ARG A 393 15.14 12.87 8.05
CA ARG A 393 15.69 14.10 7.41
C ARG A 393 15.46 15.32 8.32
N GLN A 394 14.28 15.50 8.91
CA GLN A 394 14.02 16.62 9.86
C GLN A 394 15.02 16.52 11.03
N PHE A 395 15.29 15.32 11.53
CA PHE A 395 16.26 15.13 12.64
C PHE A 395 17.66 15.59 12.19
N VAL A 396 18.11 15.24 10.98
CA VAL A 396 19.50 15.54 10.51
C VAL A 396 19.64 17.05 10.28
N ILE A 397 18.63 17.67 9.66
CA ILE A 397 18.57 19.15 9.45
C ILE A 397 18.71 19.82 10.83
N GLY A 398 17.96 19.34 11.81
CA GLY A 398 17.97 19.88 13.19
C GLY A 398 19.35 19.84 13.83
N VAL A 399 19.97 18.66 13.94
CA VAL A 399 21.29 18.48 14.61
C VAL A 399 22.37 19.22 13.81
N THR A 400 22.42 19.06 12.49
CA THR A 400 23.45 19.73 11.67
C THR A 400 23.26 21.25 11.84
N GLY A 401 22.05 21.74 11.65
CA GLY A 401 21.71 23.18 11.77
C GLY A 401 22.18 23.75 13.10
N PHE A 402 21.98 23.01 14.19
CA PHE A 402 22.31 23.46 15.57
C PHE A 402 23.84 23.45 15.78
N ALA A 403 24.59 22.51 15.21
CA ALA A 403 26.08 22.48 15.31
C ALA A 403 26.66 23.67 14.54
N LYS A 404 26.14 23.96 13.35
CA LYS A 404 26.61 25.08 12.49
C LYS A 404 26.36 26.43 13.15
N GLN A 405 25.24 26.56 13.86
CA GLN A 405 24.83 27.75 14.65
C GLN A 405 25.88 28.01 15.74
N GLU A 406 26.29 26.98 16.50
CA GLU A 406 27.21 27.12 17.66
C GLU A 406 28.69 26.99 17.24
N GLU A 407 28.96 26.98 15.92
CA GLU A 407 30.30 26.80 15.29
C GLU A 407 31.00 25.58 15.91
N ILE A 408 30.24 24.50 16.10
CA ILE A 408 30.71 23.17 16.59
C ILE A 408 30.89 22.25 15.38
N THR A 409 32.08 21.66 15.24
CA THR A 409 32.44 20.68 14.17
C THR A 409 31.74 19.35 14.44
N GLY A 410 30.96 18.88 13.46
CA GLY A 410 30.16 17.64 13.57
C GLY A 410 30.70 16.57 12.64
N PHE A 411 30.97 15.41 13.21
CA PHE A 411 31.40 14.16 12.53
C PHE A 411 30.26 13.17 12.68
N PHE A 412 29.64 12.79 11.58
CA PHE A 412 28.53 11.79 11.50
C PHE A 412 28.97 10.56 10.69
N THR A 413 28.65 9.36 11.16
CA THR A 413 28.92 8.08 10.45
C THR A 413 27.64 7.51 9.87
N ASN A 414 27.76 6.85 8.73
CA ASN A 414 26.64 6.17 8.04
C ASN A 414 27.18 4.85 7.54
N THR A 415 26.55 3.73 7.91
CA THR A 415 26.86 2.39 7.36
C THR A 415 25.88 2.08 6.23
N THR A 416 26.40 1.83 5.03
CA THR A 416 25.62 1.46 3.82
C THR A 416 25.10 0.01 3.91
N ASP A 417 23.92 -0.23 3.34
CA ASP A 417 23.25 -1.55 3.26
C ASP A 417 24.05 -2.49 2.35
N GLN A 418 24.50 -2.04 1.18
CA GLN A 418 25.35 -2.86 0.28
C GLN A 418 26.81 -2.70 0.70
N PHE A 419 27.59 -3.77 0.76
CA PHE A 419 29.00 -3.73 1.24
C PHE A 419 29.95 -3.48 0.06
N MET A 420 29.40 -3.58 -1.14
CA MET A 420 30.16 -3.52 -2.41
C MET A 420 29.23 -3.12 -3.56
N GLY A 421 29.72 -2.32 -4.51
CA GLY A 421 28.99 -2.02 -5.76
C GLY A 421 27.76 -1.15 -5.52
N SER A 422 27.79 -0.34 -4.45
CA SER A 422 26.75 0.69 -4.15
C SER A 422 27.05 1.95 -4.96
N ASN A 423 26.04 2.49 -5.63
CA ASN A 423 26.14 3.75 -6.42
C ASN A 423 25.47 4.89 -5.66
N SER A 424 25.09 4.68 -4.40
CA SER A 424 24.50 5.71 -3.49
C SER A 424 25.47 6.00 -2.32
N ILE A 425 25.69 7.28 -1.99
CA ILE A 425 26.48 7.72 -0.79
C ILE A 425 25.74 7.30 0.48
N THR A 426 24.48 7.73 0.61
CA THR A 426 23.54 7.39 1.72
C THR A 426 22.24 6.87 1.12
N GLU A 427 21.70 5.79 1.71
CA GLU A 427 20.34 5.26 1.45
C GLU A 427 19.30 6.34 1.79
N SER A 428 19.57 7.19 2.79
CA SER A 428 18.64 8.24 3.27
C SER A 428 18.69 9.53 2.42
N HIS A 429 19.61 9.66 1.46
CA HIS A 429 19.78 10.87 0.58
C HIS A 429 19.93 12.14 1.44
N ILE A 430 20.95 12.24 2.28
CA ILE A 430 21.22 13.43 3.15
C ILE A 430 22.56 14.07 2.78
N SEP A 431 23.14 13.72 1.61
CA SEP A 431 24.46 14.16 1.18
CB SEP A 431 24.80 13.63 -0.19
OG SEP A 431 24.71 12.22 -0.18
C SEP A 431 24.59 15.67 1.11
O SEP A 431 25.67 16.22 1.41
P SEP A 431 23.63 11.53 -1.17
O1P SEP A 431 24.16 11.74 -2.58
O2P SEP A 431 22.33 12.28 -0.93
O3P SEP A 431 23.60 10.10 -0.72
N THR A 432 23.53 16.33 0.64
CA THR A 432 23.60 17.76 0.39
C THR A 432 23.51 18.57 1.70
N ILE A 433 23.13 17.95 2.81
CA ILE A 433 23.15 18.61 4.14
C ILE A 433 24.57 18.54 4.73
N THR A 434 25.47 17.74 4.17
CA THR A 434 26.87 17.59 4.67
C THR A 434 27.83 18.44 3.81
N ASP A 435 28.96 18.87 4.38
CA ASP A 435 29.94 19.75 3.68
C ASP A 435 31.17 18.97 3.23
N THR A 436 31.63 18.03 4.04
CA THR A 436 32.76 17.12 3.70
C THR A 436 32.25 15.68 3.77
N ILE A 437 32.43 14.89 2.72
CA ILE A 437 32.10 13.44 2.69
C ILE A 437 33.41 12.65 2.54
N LEU A 438 33.64 11.73 3.49
CA LEU A 438 34.68 10.68 3.42
C LEU A 438 34.02 9.35 3.05
N LEU A 439 34.38 8.78 1.89
CA LEU A 439 33.81 7.49 1.41
C LEU A 439 34.82 6.37 1.67
N LEU A 440 34.46 5.39 2.50
CA LEU A 440 35.27 4.17 2.77
C LEU A 440 34.66 3.00 1.99
N GLN A 441 35.48 2.14 1.40
CA GLN A 441 34.95 1.00 0.61
C GLN A 441 35.88 -0.22 0.65
N TYR A 442 35.32 -1.42 0.50
CA TYR A 442 36.12 -2.66 0.30
C TYR A 442 36.47 -2.75 -1.18
N VAL A 443 37.65 -3.28 -1.48
CA VAL A 443 38.13 -3.50 -2.88
C VAL A 443 38.80 -4.87 -2.89
N GLU A 444 38.35 -5.77 -3.75
CA GLU A 444 38.96 -7.12 -3.94
C GLU A 444 40.25 -6.95 -4.75
N ILE A 445 41.39 -7.17 -4.09
CA ILE A 445 42.77 -7.18 -4.68
C ILE A 445 43.38 -8.57 -4.45
N ARG A 446 43.57 -9.35 -5.52
CA ARG A 446 44.33 -10.64 -5.56
C ARG A 446 43.72 -11.64 -4.56
N GLY A 447 42.40 -11.76 -4.55
CA GLY A 447 41.67 -12.71 -3.69
C GLY A 447 41.59 -12.29 -2.24
N GLU A 448 41.94 -11.04 -1.92
CA GLU A 448 41.86 -10.49 -0.55
C GLU A 448 40.98 -9.22 -0.53
N MET A 449 40.31 -8.97 0.59
CA MET A 449 39.53 -7.74 0.85
C MET A 449 40.48 -6.66 1.34
N SER A 450 40.80 -5.73 0.46
CA SER A 450 41.48 -4.45 0.76
C SER A 450 40.42 -3.38 1.06
N ARG A 451 40.90 -2.21 1.45
CA ARG A 451 40.08 -1.01 1.75
C ARG A 451 40.72 0.21 1.12
N ALA A 452 39.91 1.19 0.76
CA ALA A 452 40.35 2.50 0.25
C ALA A 452 39.45 3.58 0.86
N ILE A 453 40.03 4.78 0.96
CA ILE A 453 39.37 6.04 1.40
C ILE A 453 39.45 7.03 0.24
N ASN A 454 38.39 7.78 0.02
CA ASN A 454 38.25 8.93 -0.91
C ASN A 454 37.62 10.10 -0.14
N VAL A 455 38.24 11.28 -0.14
CA VAL A 455 37.59 12.58 0.17
C VAL A 455 36.69 12.88 -1.04
N PHE A 456 35.42 12.49 -0.94
CA PHE A 456 34.48 12.47 -2.08
C PHE A 456 34.06 13.90 -2.41
N LYS A 457 33.82 14.71 -1.38
CA LYS A 457 33.50 16.15 -1.56
C LYS A 457 34.06 16.93 -0.37
N MET A 458 34.45 18.17 -0.64
CA MET A 458 34.99 19.15 0.34
C MET A 458 34.52 20.53 -0.06
N ARG A 459 33.37 20.99 0.44
CA ARG A 459 32.96 22.40 0.23
C ARG A 459 34.07 23.30 0.78
N GLY A 460 34.48 24.28 -0.02
CA GLY A 460 35.34 25.40 0.40
C GLY A 460 36.81 25.10 0.25
N SER A 461 37.20 23.96 -0.31
CA SER A 461 38.64 23.57 -0.36
C SER A 461 38.95 22.61 -1.50
N TRP A 462 40.19 22.65 -1.98
CA TRP A 462 40.85 21.58 -2.75
C TRP A 462 40.91 20.33 -1.87
N HIS A 463 40.82 19.15 -2.48
CA HIS A 463 40.97 17.82 -1.85
C HIS A 463 41.56 16.83 -2.85
N ASP A 464 42.33 15.88 -2.32
CA ASP A 464 42.95 14.77 -3.06
C ASP A 464 41.82 13.95 -3.73
N LYS A 465 41.95 13.63 -5.02
CA LYS A 465 40.92 12.90 -5.81
C LYS A 465 41.21 11.40 -5.75
N GLY A 466 42.34 11.03 -5.16
CA GLY A 466 42.76 9.62 -5.12
C GLY A 466 41.80 8.75 -4.36
N ILE A 467 41.57 7.53 -4.87
CA ILE A 467 40.88 6.44 -4.13
C ILE A 467 41.97 5.64 -3.43
N ARG A 468 42.33 6.04 -2.20
CA ARG A 468 43.64 5.70 -1.56
C ARG A 468 43.49 4.47 -0.66
N GLU A 469 44.22 3.41 -1.01
CA GLU A 469 44.36 2.19 -0.16
C GLU A 469 44.67 2.67 1.25
N TYR A 470 44.20 1.95 2.28
CA TYR A 470 44.61 2.14 3.70
C TYR A 470 44.55 0.79 4.43
N VAL A 471 45.37 0.64 5.47
CA VAL A 471 45.31 -0.53 6.37
C VAL A 471 45.10 0.04 7.77
N ILE A 472 44.49 -0.74 8.65
CA ILE A 472 44.30 -0.34 10.07
C ILE A 472 45.25 -1.20 10.88
N THR A 473 45.97 -0.59 11.81
CA THR A 473 46.97 -1.26 12.67
C THR A 473 46.83 -0.72 14.10
N GLU A 474 47.80 -1.00 14.96
CA GLU A 474 47.96 -0.31 16.27
C GLU A 474 48.12 1.20 16.02
N LYS A 475 48.63 1.59 14.86
CA LYS A 475 48.78 3.02 14.46
C LYS A 475 47.42 3.66 14.09
N GLY A 476 46.32 2.88 14.06
CA GLY A 476 45.03 3.32 13.48
C GLY A 476 45.03 3.21 11.97
N ALA A 477 44.55 4.22 11.27
CA ALA A 477 44.45 4.26 9.79
C ALA A 477 45.80 4.69 9.21
N GLU A 478 46.45 3.85 8.41
CA GLU A 478 47.66 4.19 7.62
C GLU A 478 47.26 4.24 6.14
N ILE A 479 47.30 5.44 5.56
CA ILE A 479 46.80 5.73 4.18
C ILE A 479 48.02 5.74 3.26
N ARG A 480 47.96 4.92 2.21
CA ARG A 480 49.03 4.71 1.19
C ARG A 480 48.53 5.29 -0.13
N ASP A 481 48.78 4.64 -1.27
CA ASP A 481 48.57 5.21 -2.63
C ASP A 481 47.25 4.71 -3.24
N SER A 482 46.73 5.44 -4.22
CA SER A 482 45.60 4.97 -5.06
C SER A 482 46.13 3.81 -5.91
N PHE A 483 45.23 2.99 -6.43
CA PHE A 483 45.56 1.76 -7.19
C PHE A 483 45.64 2.12 -8.67
N ARG A 484 46.72 2.76 -9.10
CA ARG A 484 46.78 3.44 -10.41
C ARG A 484 46.78 2.41 -11.57
N ASN A 485 47.04 1.11 -11.35
CA ASN A 485 47.07 0.14 -12.48
C ASN A 485 45.83 -0.79 -12.46
N PHE A 486 44.69 -0.27 -11.96
CA PHE A 486 43.39 -0.97 -11.91
C PHE A 486 42.28 -0.10 -12.52
N GLU A 487 41.22 -0.73 -13.03
CA GLU A 487 39.95 -0.08 -13.48
C GLU A 487 38.77 -0.66 -12.71
N GLY A 488 37.68 0.09 -12.57
CA GLY A 488 36.51 -0.34 -11.79
C GLY A 488 36.80 -0.51 -10.31
N ILE A 489 37.74 0.27 -9.75
CA ILE A 489 38.01 0.20 -8.28
C ILE A 489 36.71 0.54 -7.54
N ILE A 490 36.04 1.60 -7.94
CA ILE A 490 34.84 2.07 -7.19
C ILE A 490 33.76 0.98 -7.12
N SER A 491 33.77 -0.01 -8.04
CA SER A 491 32.80 -1.14 -8.08
C SER A 491 33.06 -2.13 -6.94
N GLY A 492 34.26 -2.15 -6.37
CA GLY A 492 34.68 -3.13 -5.34
C GLY A 492 35.40 -4.32 -5.94
N THR A 493 35.19 -4.59 -7.24
CA THR A 493 35.81 -5.73 -7.98
C THR A 493 36.63 -5.20 -9.14
N PRO A 494 37.85 -4.69 -8.87
CA PRO A 494 38.70 -4.13 -9.92
C PRO A 494 39.08 -5.14 -11.00
N THR A 495 39.63 -4.66 -12.11
CA THR A 495 40.40 -5.43 -13.13
C THR A 495 41.74 -4.71 -13.33
N ARG A 496 42.87 -5.40 -13.15
CA ARG A 496 44.23 -4.88 -13.48
C ARG A 496 44.33 -4.70 -15.02
N ILE A 497 44.80 -3.54 -15.49
CA ILE A 497 44.98 -3.23 -16.95
C ILE A 497 46.28 -3.88 -17.45
N GLU B 18 6.43 18.93 44.88
CA GLU B 18 6.70 18.24 43.57
C GLU B 18 6.15 16.81 43.61
N VAL B 19 5.57 16.32 42.51
CA VAL B 19 5.00 14.94 42.43
C VAL B 19 6.11 13.94 42.78
N LYS B 20 5.85 13.09 43.78
CA LYS B 20 6.67 11.92 44.18
C LYS B 20 6.01 10.62 43.66
N LYS B 21 6.82 9.61 43.34
CA LYS B 21 6.34 8.26 42.93
C LYS B 21 6.56 7.23 44.05
N ILE B 22 5.67 6.25 44.14
CA ILE B 22 5.90 5.02 44.94
C ILE B 22 6.26 3.88 43.99
N PRO B 23 7.30 3.09 44.35
CA PRO B 23 7.78 2.01 43.49
C PRO B 23 6.75 0.88 43.34
N THR B 24 6.49 0.40 42.12
CA THR B 24 5.56 -0.75 41.88
C THR B 24 6.31 -2.08 42.07
N MET B 25 7.59 -2.11 41.69
CA MET B 25 8.45 -3.33 41.68
C MET B 25 7.90 -4.38 40.70
N ILE B 26 7.06 -3.95 39.74
CA ILE B 26 6.70 -4.77 38.54
C ILE B 26 7.90 -4.68 37.59
N GLU B 27 8.52 -5.80 37.22
CA GLU B 27 9.76 -5.81 36.38
C GLU B 27 9.54 -4.86 35.18
N GLY B 28 10.39 -3.83 35.11
CA GLY B 28 10.51 -2.84 34.02
C GLY B 28 9.57 -1.65 34.17
N PHE B 29 8.56 -1.71 35.03
CA PHE B 29 7.58 -0.61 35.09
C PHE B 29 8.22 0.64 35.70
N ASP B 30 9.10 0.47 36.68
CA ASP B 30 9.59 1.63 37.45
C ASP B 30 10.57 2.43 36.55
N ASP B 31 11.24 1.78 35.59
CA ASP B 31 12.11 2.48 34.61
C ASP B 31 11.28 3.30 33.63
N ILE B 32 10.24 2.71 33.01
CA ILE B 32 9.46 3.43 31.96
C ILE B 32 8.68 4.57 32.62
N SER B 33 8.34 4.45 33.91
CA SER B 33 7.61 5.44 34.74
C SER B 33 8.60 6.34 35.51
N HIS B 34 9.90 6.11 35.39
CA HIS B 34 10.94 6.97 36.03
C HIS B 34 10.64 7.06 37.52
N GLY B 35 10.53 5.92 38.23
CA GLY B 35 10.32 5.86 39.69
C GLY B 35 9.08 5.08 40.13
N GLY B 36 8.00 5.06 39.33
CA GLY B 36 6.74 4.37 39.70
C GLY B 36 5.50 5.22 39.47
N LEU B 37 4.44 4.95 40.23
CA LEU B 37 3.13 5.64 40.10
C LEU B 37 3.12 6.89 41.00
N PRO B 38 2.64 8.04 40.47
CA PRO B 38 2.47 9.24 41.29
C PRO B 38 1.71 8.89 42.59
N GLN B 39 2.27 9.25 43.75
CA GLN B 39 1.69 8.94 45.09
C GLN B 39 0.44 9.80 45.29
N GLY B 40 -0.57 9.28 45.96
CA GLY B 40 -1.76 10.06 46.37
C GLY B 40 -2.75 10.28 45.23
N ARG B 41 -2.61 9.57 44.10
CA ARG B 41 -3.40 9.84 42.85
C ARG B 41 -3.93 8.55 42.21
N THR B 42 -4.85 8.68 41.26
CA THR B 42 -5.40 7.55 40.46
C THR B 42 -4.61 7.41 39.16
N THR B 43 -4.10 6.20 38.88
CA THR B 43 -3.67 5.74 37.53
C THR B 43 -4.80 4.92 36.92
N LEU B 44 -5.30 5.33 35.75
CA LEU B 44 -6.17 4.49 34.88
C LEU B 44 -5.30 3.48 34.15
N VAL B 45 -5.67 2.19 34.21
CA VAL B 45 -5.07 1.08 33.42
C VAL B 45 -6.14 0.57 32.47
N SER B 46 -6.03 0.94 31.20
CA SER B 46 -7.01 0.61 30.14
C SER B 46 -6.51 -0.54 29.25
N GLY B 47 -7.40 -1.44 28.83
CA GLY B 47 -7.07 -2.49 27.87
C GLY B 47 -8.27 -3.24 27.37
N THR B 48 -8.16 -3.84 26.19
CA THR B 48 -9.07 -4.93 25.74
C THR B 48 -8.96 -6.13 26.70
N SER B 49 -9.82 -7.11 26.50
CA SER B 49 -9.99 -8.35 27.31
C SER B 49 -8.70 -9.18 27.26
N GLY B 50 -8.19 -9.53 28.44
CA GLY B 50 -7.01 -10.41 28.56
C GLY B 50 -5.71 -9.68 28.20
N THR B 51 -5.61 -8.38 28.53
CA THR B 51 -4.37 -7.56 28.30
C THR B 51 -3.45 -7.52 29.52
N GLY B 52 -3.89 -8.01 30.68
CA GLY B 52 -3.11 -7.97 31.93
C GLY B 52 -3.62 -6.96 32.96
N LYS B 53 -4.86 -6.51 32.84
CA LYS B 53 -5.39 -5.42 33.69
C LYS B 53 -5.46 -5.88 35.14
N THR B 54 -6.09 -7.01 35.40
CA THR B 54 -6.29 -7.57 36.77
C THR B 54 -4.92 -7.96 37.33
N LEU B 55 -4.07 -8.47 36.45
CA LEU B 55 -2.71 -8.94 36.82
C LEU B 55 -1.94 -7.73 37.37
N PHE B 56 -1.92 -6.61 36.65
CA PHE B 56 -1.30 -5.32 37.05
C PHE B 56 -1.88 -4.88 38.42
N ALA B 57 -3.20 -4.77 38.53
CA ALA B 57 -3.90 -4.26 39.74
C ALA B 57 -3.55 -5.13 40.96
N VAL B 58 -3.41 -6.46 40.76
CA VAL B 58 -3.11 -7.43 41.85
C VAL B 58 -1.64 -7.30 42.26
N GLN B 59 -0.75 -7.13 41.28
CA GLN B 59 0.72 -7.17 41.48
C GLN B 59 1.11 -5.93 42.28
N PHE B 60 0.51 -4.79 41.94
CA PHE B 60 0.61 -3.49 42.64
C PHE B 60 0.38 -3.69 44.15
N LEU B 61 -0.73 -4.34 44.54
CA LEU B 61 -1.07 -4.59 45.96
C LEU B 61 -0.12 -5.63 46.54
N TYR B 62 0.14 -6.71 45.79
CA TYR B 62 0.99 -7.84 46.28
C TYR B 62 2.42 -7.35 46.58
N ASN B 63 2.98 -6.57 45.67
CA ASN B 63 4.36 -6.01 45.77
C ASN B 63 4.42 -4.95 46.89
N GLY B 64 3.36 -4.16 47.07
CA GLY B 64 3.21 -3.19 48.17
C GLY B 64 3.31 -3.87 49.54
N ILE B 65 2.54 -4.93 49.75
CA ILE B 65 2.47 -5.68 51.04
C ILE B 65 3.79 -6.43 51.31
N THR B 66 4.33 -7.14 50.32
CA THR B 66 5.48 -8.07 50.49
C THR B 66 6.83 -7.36 50.51
N ILE B 67 6.95 -6.17 49.90
CA ILE B 67 8.28 -5.50 49.77
C ILE B 67 8.32 -4.25 50.66
N PHE B 68 7.24 -3.48 50.73
CA PHE B 68 7.20 -2.15 51.40
C PHE B 68 6.26 -2.16 52.62
N ASN B 69 5.74 -3.34 52.99
CA ASN B 69 4.75 -3.50 54.09
C ASN B 69 3.71 -2.37 54.05
N GLU B 70 3.06 -2.17 52.89
CA GLU B 70 1.97 -1.17 52.74
C GLU B 70 0.64 -1.89 52.49
N PRO B 71 -0.28 -1.89 53.48
CA PRO B 71 -1.57 -2.57 53.35
C PRO B 71 -2.33 -2.16 52.08
N GLY B 72 -3.09 -3.09 51.49
CA GLY B 72 -3.85 -2.85 50.25
C GLY B 72 -5.29 -3.31 50.33
N ILE B 73 -6.17 -2.64 49.57
CA ILE B 73 -7.60 -3.00 49.34
C ILE B 73 -7.80 -3.29 47.83
N PHE B 74 -8.38 -4.44 47.50
CA PHE B 74 -8.75 -4.82 46.11
C PHE B 74 -10.27 -4.77 46.03
N VAL B 75 -10.82 -3.86 45.23
CA VAL B 75 -12.29 -3.76 45.00
C VAL B 75 -12.65 -4.40 43.66
N THR B 76 -13.46 -5.46 43.72
CA THR B 76 -13.90 -6.27 42.56
C THR B 76 -15.41 -6.12 42.35
N PHE B 77 -15.80 -5.84 41.10
CA PHE B 77 -17.21 -5.61 40.68
C PHE B 77 -17.77 -6.83 39.94
N GLU B 78 -16.95 -7.81 39.54
CA GLU B 78 -17.42 -8.99 38.77
C GLU B 78 -16.78 -10.25 39.36
N GLU B 79 -15.48 -10.44 39.19
CA GLU B 79 -14.77 -11.64 39.72
C GLU B 79 -15.03 -11.80 41.22
N SER B 80 -15.19 -13.04 41.68
CA SER B 80 -15.29 -13.43 43.12
C SER B 80 -13.92 -13.39 43.78
N PRO B 81 -13.82 -13.09 45.10
CA PRO B 81 -12.55 -13.16 45.83
C PRO B 81 -11.83 -14.50 45.70
N GLN B 82 -12.61 -15.60 45.65
CA GLN B 82 -12.10 -17.00 45.51
C GLN B 82 -11.41 -17.14 44.15
N ASP B 83 -11.94 -16.53 43.10
CA ASP B 83 -11.34 -16.57 41.73
C ASP B 83 -10.03 -15.76 41.76
N ILE B 84 -10.07 -14.54 42.31
CA ILE B 84 -8.86 -13.64 42.35
C ILE B 84 -7.74 -14.39 43.08
N ILE B 85 -8.05 -14.98 44.23
CA ILE B 85 -7.06 -15.74 45.04
C ILE B 85 -6.57 -16.95 44.24
N LYS B 86 -7.47 -17.76 43.69
CA LYS B 86 -7.08 -18.98 42.92
C LYS B 86 -6.21 -18.59 41.72
N ASN B 87 -6.53 -17.50 41.01
CA ASN B 87 -5.79 -17.07 39.80
C ASN B 87 -4.35 -16.68 40.18
N ALA B 88 -4.16 -15.98 41.30
CA ALA B 88 -2.84 -15.47 41.78
C ALA B 88 -1.91 -16.62 42.20
N LEU B 89 -2.50 -17.76 42.58
CA LEU B 89 -1.77 -19.01 42.97
C LEU B 89 -0.94 -19.54 41.79
N SER B 90 -1.33 -19.25 40.55
CA SER B 90 -0.55 -19.69 39.37
C SER B 90 0.83 -19.02 39.31
N PHE B 91 1.08 -17.94 40.06
CA PHE B 91 2.41 -17.26 40.12
C PHE B 91 3.09 -17.51 41.46
N GLY B 92 2.47 -18.33 42.33
CA GLY B 92 2.87 -18.52 43.74
C GLY B 92 2.79 -17.22 44.54
N TRP B 93 1.80 -16.36 44.28
CA TRP B 93 1.43 -15.27 45.21
C TRP B 93 0.32 -15.77 46.13
N ASN B 94 0.63 -15.92 47.41
CA ASN B 94 -0.28 -16.54 48.38
C ASN B 94 -1.10 -15.42 49.01
N LEU B 95 -2.19 -15.04 48.34
CA LEU B 95 -3.03 -13.90 48.78
C LEU B 95 -3.77 -14.24 50.08
N GLN B 96 -4.03 -15.52 50.37
CA GLN B 96 -4.84 -15.94 51.54
C GLN B 96 -4.06 -15.59 52.82
N SER B 97 -2.76 -15.88 52.86
CA SER B 97 -1.91 -15.64 54.06
C SER B 97 -1.83 -14.13 54.36
N LEU B 98 -1.85 -13.28 53.33
CA LEU B 98 -1.84 -11.80 53.46
C LEU B 98 -3.20 -11.31 53.97
N ILE B 99 -4.31 -11.94 53.55
CA ILE B 99 -5.69 -11.63 54.06
C ILE B 99 -5.77 -12.01 55.55
N ASP B 100 -5.23 -13.18 55.91
CA ASP B 100 -5.20 -13.76 57.29
C ASP B 100 -4.29 -12.94 58.21
N GLN B 101 -3.38 -12.12 57.66
CA GLN B 101 -2.51 -11.20 58.45
C GLN B 101 -3.13 -9.80 58.52
N GLY B 102 -4.26 -9.55 57.85
CA GLY B 102 -4.94 -8.24 57.84
C GLY B 102 -4.11 -7.16 57.14
N LYS B 103 -3.31 -7.58 56.14
CA LYS B 103 -2.54 -6.69 55.23
C LYS B 103 -3.28 -6.53 53.89
N LEU B 104 -4.14 -7.49 53.49
CA LEU B 104 -4.98 -7.40 52.25
C LEU B 104 -6.47 -7.54 52.60
N PHE B 105 -7.31 -6.69 52.02
CA PHE B 105 -8.78 -6.88 52.04
C PHE B 105 -9.29 -6.83 50.60
N ILE B 106 -10.04 -7.87 50.22
CA ILE B 106 -10.76 -7.94 48.92
C ILE B 106 -12.20 -7.53 49.20
N LEU B 107 -12.59 -6.35 48.69
CA LEU B 107 -13.95 -5.78 48.78
C LEU B 107 -14.77 -6.29 47.60
N ASP B 108 -15.80 -7.08 47.91
CA ASP B 108 -16.73 -7.70 46.94
C ASP B 108 -17.88 -6.72 46.72
N ALA B 109 -17.89 -6.03 45.58
CA ALA B 109 -19.01 -5.19 45.09
C ALA B 109 -19.66 -5.84 43.86
N SER B 110 -19.65 -7.18 43.81
CA SER B 110 -20.21 -7.99 42.68
C SER B 110 -21.74 -8.07 42.76
N LEU B 124 -23.71 4.65 44.25
CA LEU B 124 -22.24 4.87 44.27
C LEU B 124 -21.81 5.42 45.63
N SER B 125 -22.64 6.29 46.21
CA SER B 125 -22.42 6.92 47.54
C SER B 125 -22.14 5.82 48.59
N ALA B 126 -22.89 4.71 48.51
CA ALA B 126 -22.82 3.56 49.45
C ALA B 126 -21.49 2.83 49.31
N LEU B 127 -21.05 2.58 48.07
CA LEU B 127 -19.76 1.88 47.78
C LEU B 127 -18.60 2.70 48.38
N ILE B 128 -18.58 4.01 48.17
CA ILE B 128 -17.47 4.88 48.66
C ILE B 128 -17.36 4.72 50.18
N GLU B 129 -18.50 4.55 50.87
CA GLU B 129 -18.57 4.37 52.35
C GLU B 129 -17.69 3.18 52.75
N ARG B 130 -17.91 2.03 52.11
CA ARG B 130 -17.29 0.75 52.51
C ARG B 130 -15.80 0.86 52.18
N ILE B 131 -15.46 1.58 51.11
CA ILE B 131 -14.06 1.74 50.63
C ILE B 131 -13.32 2.58 51.68
N GLN B 132 -13.89 3.72 52.07
CA GLN B 132 -13.37 4.58 53.19
C GLN B 132 -13.14 3.73 54.45
N TYR B 133 -14.17 2.99 54.90
CA TYR B 133 -14.13 2.20 56.15
C TYR B 133 -12.98 1.19 56.07
N ALA B 134 -12.94 0.44 54.97
CA ALA B 134 -11.87 -0.54 54.69
C ALA B 134 -10.51 0.14 54.82
N ILE B 135 -10.31 1.28 54.17
CA ILE B 135 -8.98 1.96 54.10
C ILE B 135 -8.53 2.27 55.54
N ARG B 136 -9.45 2.82 56.33
CA ARG B 136 -9.31 3.18 57.77
C ARG B 136 -9.04 1.91 58.61
N LYS B 137 -9.86 0.87 58.45
CA LYS B 137 -9.77 -0.40 59.23
C LYS B 137 -8.44 -1.12 58.96
N TYR B 138 -7.90 -1.01 57.74
CA TYR B 138 -6.70 -1.77 57.31
C TYR B 138 -5.49 -0.83 57.19
N LYS B 139 -5.66 0.49 57.34
CA LYS B 139 -4.54 1.48 57.26
C LYS B 139 -3.81 1.31 55.91
N ALA B 140 -4.58 1.13 54.85
CA ALA B 140 -4.09 0.88 53.47
C ALA B 140 -3.68 2.21 52.82
N THR B 141 -2.55 2.18 52.10
CA THR B 141 -2.01 3.28 51.26
C THR B 141 -2.20 2.96 49.77
N ARG B 142 -2.53 1.71 49.43
CA ARG B 142 -2.74 1.25 48.03
C ARG B 142 -4.14 0.64 47.88
N VAL B 143 -4.79 0.93 46.75
CA VAL B 143 -6.18 0.52 46.39
C VAL B 143 -6.20 0.18 44.89
N SER B 144 -6.72 -1.00 44.55
CA SER B 144 -7.03 -1.43 43.17
C SER B 144 -8.54 -1.54 43.04
N ILE B 145 -9.11 -0.94 41.99
CA ILE B 145 -10.54 -1.06 41.62
C ILE B 145 -10.63 -1.67 40.22
N ASP B 146 -11.24 -2.87 40.14
CA ASP B 146 -11.24 -3.79 38.98
C ASP B 146 -12.63 -4.39 38.79
N SER B 147 -13.41 -3.92 37.81
CA SER B 147 -13.10 -2.84 36.89
C SER B 147 -14.25 -1.85 36.92
N VAL B 148 -13.98 -0.56 36.67
CA VAL B 148 -14.94 0.55 36.95
C VAL B 148 -15.94 0.64 35.80
N THR B 149 -15.69 -0.06 34.69
CA THR B 149 -16.63 -0.15 33.54
C THR B 149 -17.89 -0.91 34.00
N ALA B 150 -17.73 -1.94 34.85
CA ALA B 150 -18.83 -2.73 35.46
C ALA B 150 -19.27 -2.06 36.77
N SER B 159 -20.37 11.02 30.47
CA SER B 159 -21.21 12.21 30.82
C SER B 159 -21.64 12.13 32.30
N VAL B 160 -22.32 11.04 32.68
CA VAL B 160 -22.59 10.64 34.10
C VAL B 160 -21.37 9.85 34.62
N VAL B 161 -20.70 9.14 33.73
CA VAL B 161 -19.48 8.36 34.07
C VAL B 161 -18.44 9.35 34.60
N ARG B 162 -18.30 10.48 33.90
CA ARG B 162 -17.25 11.49 34.18
C ARG B 162 -17.36 11.94 35.64
N ARG B 163 -18.55 12.37 36.08
CA ARG B 163 -18.82 12.80 37.49
C ARG B 163 -18.60 11.60 38.42
N GLU B 164 -19.01 10.39 38.00
CA GLU B 164 -18.86 9.17 38.85
C GLU B 164 -17.37 8.92 39.09
N ILE B 165 -16.58 8.79 38.02
CA ILE B 165 -15.13 8.50 38.16
C ILE B 165 -14.49 9.64 38.96
N PHE B 166 -14.79 10.90 38.63
CA PHE B 166 -14.26 12.10 39.34
C PHE B 166 -14.54 12.01 40.86
N ARG B 167 -15.81 11.82 41.27
CA ARG B 167 -16.25 11.68 42.70
C ARG B 167 -15.42 10.61 43.40
N LEU B 168 -15.31 9.42 42.80
CA LEU B 168 -14.52 8.26 43.33
C LEU B 168 -13.04 8.63 43.47
N ALA B 169 -12.41 9.17 42.42
CA ALA B 169 -10.97 9.51 42.40
C ALA B 169 -10.69 10.56 43.48
N PHE B 170 -11.62 11.53 43.63
CA PHE B 170 -11.53 12.64 44.61
C PHE B 170 -11.50 12.07 46.04
N ARG B 171 -12.47 11.23 46.40
CA ARG B 171 -12.56 10.65 47.77
C ARG B 171 -11.23 9.98 48.13
N LEU B 172 -10.61 9.23 47.20
CA LEU B 172 -9.41 8.41 47.51
C LEU B 172 -8.18 9.32 47.67
N LYS B 173 -8.11 10.39 46.87
CA LYS B 173 -7.11 11.49 46.99
C LYS B 173 -7.17 12.14 48.39
N GLN B 174 -8.36 12.46 48.90
CA GLN B 174 -8.52 13.07 50.25
C GLN B 174 -7.99 12.09 51.32
N LEU B 175 -8.16 10.78 51.13
CA LEU B 175 -7.71 9.71 52.07
C LEU B 175 -6.21 9.38 51.88
N GLY B 176 -5.53 9.98 50.91
CA GLY B 176 -4.07 9.81 50.71
C GLY B 176 -3.67 8.45 50.15
N VAL B 177 -4.56 7.74 49.46
CA VAL B 177 -4.18 6.43 48.86
C VAL B 177 -3.77 6.67 47.40
N THR B 178 -2.86 5.83 46.90
CA THR B 178 -2.53 5.70 45.45
C THR B 178 -3.40 4.61 44.82
N THR B 179 -4.14 4.92 43.77
CA THR B 179 -5.22 4.06 43.24
C THR B 179 -4.94 3.59 41.80
N ILE B 180 -5.11 2.29 41.54
CA ILE B 180 -5.28 1.73 40.18
C ILE B 180 -6.77 1.48 39.91
N MET B 181 -7.27 2.08 38.81
CA MET B 181 -8.64 1.88 38.26
C MET B 181 -8.53 1.23 36.88
N THR B 182 -9.01 0.01 36.70
CA THR B 182 -8.91 -0.72 35.41
C THR B 182 -10.18 -0.43 34.62
N THR B 183 -10.04 -0.20 33.31
CA THR B 183 -11.16 0.08 32.37
C THR B 183 -10.98 -0.76 31.11
N GLU B 184 -12.09 -1.03 30.43
CA GLU B 184 -12.18 -2.00 29.31
C GLU B 184 -12.26 -1.20 28.00
N ARG B 185 -11.50 -1.62 26.98
CA ARG B 185 -11.61 -1.05 25.61
C ARG B 185 -12.19 -2.10 24.67
N VAL B 186 -12.72 -1.68 23.53
CA VAL B 186 -13.26 -2.56 22.44
C VAL B 186 -12.18 -2.73 21.35
N ASP B 187 -11.20 -1.84 21.26
CA ASP B 187 -10.26 -1.72 20.13
C ASP B 187 -8.83 -1.53 20.64
N GLU B 188 -7.81 -1.82 19.81
CA GLU B 188 -6.39 -1.68 20.21
C GLU B 188 -5.90 -0.24 19.99
N TYR B 189 -6.36 0.43 18.93
CA TYR B 189 -5.90 1.80 18.56
C TYR B 189 -7.10 2.76 18.50
N GLY B 190 -8.25 2.36 19.04
CA GLY B 190 -9.47 3.20 19.16
C GLY B 190 -9.45 4.04 20.44
N PRO B 191 -10.63 4.33 21.03
CA PRO B 191 -10.73 5.13 22.27
C PRO B 191 -9.87 4.55 23.40
N VAL B 192 -9.23 5.42 24.20
CA VAL B 192 -8.34 5.05 25.34
C VAL B 192 -9.12 4.13 26.29
N ALA B 193 -10.31 4.55 26.69
CA ALA B 193 -11.21 3.75 27.57
C ALA B 193 -12.48 3.44 26.78
N ARG B 194 -13.68 3.64 27.34
CA ARG B 194 -14.95 3.17 26.72
C ARG B 194 -15.87 4.34 26.38
N PHE B 195 -15.96 5.35 27.23
CA PHE B 195 -16.90 6.50 27.11
C PHE B 195 -16.22 7.79 26.66
N GLY B 196 -14.91 7.81 26.39
CA GLY B 196 -14.18 9.02 25.92
C GLY B 196 -14.06 10.12 26.97
N VAL B 197 -14.16 9.80 28.26
CA VAL B 197 -13.99 10.76 29.41
C VAL B 197 -13.04 10.19 30.47
N GLU B 198 -12.99 8.87 30.69
CA GLU B 198 -12.22 8.28 31.81
C GLU B 198 -10.80 8.88 31.83
N GLU B 199 -10.10 8.88 30.68
CA GLU B 199 -8.69 9.34 30.53
C GLU B 199 -8.54 10.83 30.86
N PHE B 200 -9.57 11.65 30.65
CA PHE B 200 -9.46 13.12 30.87
C PHE B 200 -9.61 13.44 32.36
N VAL B 201 -10.20 12.52 33.15
CA VAL B 201 -10.46 12.70 34.61
C VAL B 201 -9.28 12.20 35.42
N SER B 202 -8.67 11.10 35.01
CA SER B 202 -7.52 10.47 35.69
C SER B 202 -6.27 11.35 35.50
N ASP B 203 -5.48 11.47 36.56
CA ASP B 203 -4.18 12.19 36.54
C ASP B 203 -3.14 11.35 35.77
N ASN B 204 -3.28 10.03 35.79
CA ASN B 204 -2.30 9.08 35.22
C ASN B 204 -3.06 8.06 34.36
N VAL B 205 -2.58 7.82 33.13
CA VAL B 205 -3.18 6.84 32.16
C VAL B 205 -2.08 5.91 31.63
N VAL B 206 -2.38 4.61 31.74
CA VAL B 206 -1.57 3.49 31.22
C VAL B 206 -2.47 2.67 30.29
N ILE B 207 -2.01 2.37 29.08
CA ILE B 207 -2.73 1.51 28.09
C ILE B 207 -1.98 0.19 27.92
N LEU B 208 -2.66 -0.93 28.19
CA LEU B 208 -2.17 -2.30 27.88
C LEU B 208 -2.79 -2.71 26.54
N ARG B 209 -1.93 -3.13 25.59
CA ARG B 209 -2.40 -3.57 24.25
C ARG B 209 -2.05 -5.04 24.01
N ASN B 210 -2.90 -5.74 23.28
CA ASN B 210 -2.64 -7.12 22.80
C ASN B 210 -2.87 -7.11 21.27
N VAL B 211 -1.83 -6.80 20.49
CA VAL B 211 -1.94 -6.44 19.04
C VAL B 211 -1.72 -7.68 18.16
N LEU B 212 -2.61 -7.88 17.19
CA LEU B 212 -2.52 -8.92 16.13
C LEU B 212 -1.62 -8.40 14.98
N GLU B 213 -0.38 -8.91 14.91
CA GLU B 213 0.64 -8.67 13.85
C GLU B 213 0.75 -9.93 12.98
N GLY B 214 0.16 -9.91 11.79
CA GLY B 214 -0.20 -11.13 11.02
C GLY B 214 -1.13 -11.96 11.88
N GLU B 215 -0.69 -13.16 12.30
CA GLU B 215 -1.51 -14.07 13.13
C GLU B 215 -0.92 -14.26 14.54
N ARG B 216 0.08 -13.47 14.93
CA ARG B 216 0.78 -13.54 16.25
C ARG B 216 0.34 -12.34 17.10
N ARG B 217 0.23 -12.50 18.42
CA ARG B 217 -0.18 -11.43 19.36
C ARG B 217 1.08 -10.84 20.00
N ARG B 218 1.15 -9.50 20.05
CA ARG B 218 2.26 -8.72 20.67
C ARG B 218 1.73 -7.89 21.84
N ARG B 219 2.22 -8.12 23.06
CA ARG B 219 1.76 -7.37 24.26
C ARG B 219 2.61 -6.10 24.41
N THR B 220 2.00 -4.92 24.56
CA THR B 220 2.72 -3.65 24.85
C THR B 220 2.04 -2.90 25.99
N VAL B 221 2.86 -2.20 26.75
CA VAL B 221 2.47 -1.20 27.79
C VAL B 221 2.96 0.19 27.33
N GLU B 222 2.10 1.19 27.47
CA GLU B 222 2.38 2.60 27.17
C GLU B 222 1.94 3.44 28.38
N ILE B 223 2.78 4.34 28.86
CA ILE B 223 2.38 5.41 29.82
C ILE B 223 2.02 6.62 28.98
N LEU B 224 0.71 6.86 28.80
CA LEU B 224 0.16 7.91 27.92
C LEU B 224 0.40 9.30 28.55
N LYS B 225 0.20 9.42 29.86
CA LYS B 225 0.24 10.70 30.59
C LYS B 225 0.48 10.46 32.09
N LEU B 226 1.32 11.25 32.73
CA LEU B 226 1.41 11.38 34.21
C LEU B 226 1.44 12.88 34.50
N ARG B 227 0.33 13.46 34.99
CA ARG B 227 0.28 14.93 35.19
C ARG B 227 1.39 15.30 36.17
N GLY B 228 2.13 16.36 35.86
CA GLY B 228 3.06 16.97 36.83
C GLY B 228 4.38 16.22 36.97
N THR B 229 4.78 15.40 36.00
CA THR B 229 6.06 14.66 36.09
C THR B 229 6.41 14.05 34.74
N THR B 230 7.57 13.40 34.67
CA THR B 230 8.17 12.78 33.46
C THR B 230 7.83 11.28 33.38
N HIS B 231 8.03 10.72 32.18
CA HIS B 231 7.85 9.28 31.83
C HIS B 231 8.33 9.03 30.40
N MET B 232 8.73 7.79 30.11
CA MET B 232 9.10 7.34 28.75
C MET B 232 7.82 7.31 27.88
N LYS B 233 7.96 7.55 26.59
CA LYS B 233 6.83 7.72 25.64
C LYS B 233 6.70 6.48 24.75
N GLY B 234 5.45 6.19 24.38
CA GLY B 234 5.08 5.13 23.42
C GLY B 234 5.04 3.75 24.05
N GLU B 235 5.02 2.72 23.20
CA GLU B 235 4.76 1.30 23.55
C GLU B 235 6.07 0.60 23.88
N TYR B 236 6.05 -0.22 24.92
CA TYR B 236 7.16 -1.09 25.36
C TYR B 236 6.65 -2.52 25.40
N PRO B 237 7.36 -3.48 24.74
CA PRO B 237 7.00 -4.90 24.80
C PRO B 237 6.99 -5.46 26.23
N PHE B 238 6.09 -6.43 26.52
CA PHE B 238 6.11 -7.22 27.78
C PHE B 238 5.59 -8.66 27.54
N THR B 239 5.85 -9.52 28.53
CA THR B 239 5.26 -10.87 28.58
C THR B 239 4.65 -11.07 29.96
N ILE B 240 3.72 -12.01 30.07
CA ILE B 240 3.22 -12.49 31.39
C ILE B 240 4.01 -13.78 31.70
N ASN B 241 4.96 -13.73 32.64
CA ASN B 241 5.73 -14.92 33.08
C ASN B 241 5.65 -15.05 34.61
N ASN B 242 6.20 -14.08 35.34
CA ASN B 242 6.17 -14.03 36.83
C ASN B 242 5.47 -12.73 37.22
N GLY B 243 4.19 -12.61 36.80
CA GLY B 243 3.47 -11.33 36.66
C GLY B 243 3.83 -10.65 35.35
N ILE B 244 3.63 -9.34 35.27
CA ILE B 244 3.96 -8.49 34.08
C ILE B 244 5.50 -8.39 34.05
N ASN B 245 6.16 -8.71 32.92
CA ASN B 245 7.63 -8.56 32.73
C ASN B 245 7.90 -7.65 31.53
N ILE B 246 8.29 -6.40 31.79
CA ILE B 246 8.43 -5.36 30.72
C ILE B 246 9.89 -5.34 30.29
N LEU B 254 22.78 -0.65 27.28
CA LEU B 254 24.01 -0.41 26.46
C LEU B 254 25.17 -0.03 27.40
N THR B 255 25.40 -0.81 28.47
CA THR B 255 26.36 -0.51 29.56
C THR B 255 26.96 -1.80 30.14
N GLN B 256 27.51 -2.65 29.27
CA GLN B 256 28.08 -3.99 29.61
C GLN B 256 29.61 -3.87 29.73
N ARG B 257 30.28 -4.95 30.17
CA ARG B 257 31.77 -5.05 30.29
C ARG B 257 32.33 -5.52 28.93
N SER B 258 33.65 -5.49 28.72
CA SER B 258 34.28 -5.88 27.43
C SER B 258 35.78 -6.17 27.59
N SER B 259 36.14 -7.45 27.64
CA SER B 259 37.53 -7.92 27.90
C SER B 259 38.18 -8.33 26.58
N ASN B 260 39.46 -8.67 26.63
CA ASN B 260 40.27 -9.14 25.48
C ASN B 260 40.47 -10.66 25.55
N VAL B 261 39.67 -11.38 26.33
CA VAL B 261 39.79 -12.86 26.49
C VAL B 261 39.36 -13.54 25.17
N ARG B 262 40.11 -14.51 24.69
CA ARG B 262 39.80 -15.28 23.44
C ARG B 262 39.25 -16.66 23.79
N VAL B 263 38.40 -17.18 22.90
CA VAL B 263 37.84 -18.56 22.96
C VAL B 263 37.96 -19.15 21.56
N SER B 264 38.13 -20.47 21.47
CA SER B 264 38.31 -21.20 20.18
C SER B 264 36.97 -21.34 19.42
N SER B 265 37.03 -21.19 18.10
CA SER B 265 35.93 -21.50 17.15
C SER B 265 35.77 -23.01 17.05
N GLY B 266 36.84 -23.77 17.33
CA GLY B 266 36.86 -25.24 17.21
C GLY B 266 37.45 -25.66 15.89
N VAL B 267 37.90 -24.66 15.12
CA VAL B 267 38.56 -24.88 13.81
C VAL B 267 39.86 -24.04 13.85
N LYS B 268 41.01 -24.73 13.81
CA LYS B 268 42.36 -24.15 14.06
C LYS B 268 42.57 -22.95 13.15
N THR B 269 42.37 -23.13 11.85
CA THR B 269 42.69 -22.12 10.81
C THR B 269 41.81 -20.87 11.05
N LEU B 270 40.52 -21.06 11.39
CA LEU B 270 39.55 -19.97 11.68
C LEU B 270 40.02 -19.16 12.90
N ASP B 271 40.47 -19.83 13.97
CA ASP B 271 41.11 -19.18 15.16
C ASP B 271 42.28 -18.27 14.73
N GLU B 272 43.16 -18.72 13.83
CA GLU B 272 44.29 -17.89 13.30
C GLU B 272 43.73 -16.72 12.48
N MET B 273 42.69 -16.94 11.70
CA MET B 273 42.14 -15.91 10.77
C MET B 273 41.54 -14.75 11.59
N CYS B 274 40.97 -15.08 12.76
CA CYS B 274 40.33 -14.14 13.71
C CYS B 274 41.37 -13.54 14.68
N GLY B 275 42.65 -13.88 14.50
CA GLY B 275 43.80 -13.27 15.22
C GLY B 275 44.01 -13.89 16.58
N GLY B 276 43.82 -15.20 16.72
CA GLY B 276 43.98 -15.96 17.98
C GLY B 276 42.65 -16.36 18.64
N GLY B 277 41.56 -16.48 17.88
CA GLY B 277 40.26 -16.91 18.41
C GLY B 277 39.23 -15.81 18.37
N PHE B 278 37.96 -16.16 18.61
CA PHE B 278 36.83 -15.23 18.85
C PHE B 278 37.08 -14.54 20.20
N PHE B 279 36.56 -13.31 20.38
CA PHE B 279 36.51 -12.66 21.71
C PHE B 279 35.39 -13.32 22.50
N LYS B 280 35.65 -13.62 23.77
CA LYS B 280 34.65 -14.12 24.73
C LYS B 280 33.43 -13.18 24.74
N ASP B 281 33.69 -11.88 24.83
CA ASP B 281 32.64 -10.84 24.86
C ASP B 281 32.45 -10.38 23.42
N SER B 282 31.70 -11.15 22.62
CA SER B 282 31.38 -10.75 21.24
C SER B 282 30.11 -11.46 20.75
N ILE B 283 29.57 -10.92 19.67
CA ILE B 283 28.45 -11.52 18.90
C ILE B 283 29.07 -11.89 17.54
N ILE B 284 29.01 -13.18 17.19
CA ILE B 284 29.55 -13.72 15.91
C ILE B 284 28.36 -13.99 15.01
N LEU B 285 28.36 -13.39 13.82
CA LEU B 285 27.37 -13.66 12.74
C LEU B 285 28.09 -14.46 11.65
N ALA B 286 27.63 -15.69 11.41
CA ALA B 286 28.06 -16.56 10.32
C ALA B 286 26.94 -16.49 9.26
N THR B 287 27.24 -15.90 8.10
CA THR B 287 26.24 -15.52 7.08
C THR B 287 26.63 -16.11 5.71
N GLY B 288 25.64 -16.55 4.93
CA GLY B 288 25.86 -17.05 3.56
C GLY B 288 24.71 -17.89 3.02
N ALA B 289 24.85 -18.36 1.77
CA ALA B 289 23.80 -19.08 1.01
C ALA B 289 23.47 -20.42 1.67
N THR B 290 22.31 -20.99 1.30
CA THR B 290 21.89 -22.33 1.78
C THR B 290 22.97 -23.36 1.47
N GLY B 291 23.33 -24.16 2.46
CA GLY B 291 24.25 -25.31 2.30
C GLY B 291 25.73 -24.97 2.37
N THR B 292 26.12 -23.75 2.75
CA THR B 292 27.56 -23.33 2.73
C THR B 292 28.32 -23.93 3.92
N GLY B 293 27.62 -24.25 5.02
CA GLY B 293 28.19 -24.96 6.19
C GLY B 293 28.02 -24.19 7.50
N LYS B 294 26.97 -23.36 7.59
CA LYS B 294 26.66 -22.55 8.79
C LYS B 294 26.50 -23.48 10.00
N THR B 295 25.68 -24.51 9.89
CA THR B 295 25.34 -25.44 11.01
C THR B 295 26.59 -26.20 11.47
N LEU B 296 27.43 -26.61 10.53
CA LEU B 296 28.73 -27.27 10.84
C LEU B 296 29.55 -26.35 11.76
N LEU B 297 29.73 -25.06 11.41
CA LEU B 297 30.43 -24.04 12.24
C LEU B 297 29.77 -23.91 13.63
N VAL B 298 28.44 -23.99 13.72
CA VAL B 298 27.71 -23.94 15.01
C VAL B 298 28.13 -25.16 15.85
N SER B 299 28.11 -26.34 15.26
CA SER B 299 28.41 -27.63 15.92
C SER B 299 29.82 -27.59 16.49
N LYS B 300 30.78 -27.08 15.74
CA LYS B 300 32.19 -26.93 16.18
C LYS B 300 32.27 -26.02 17.40
N PHE B 301 31.58 -24.87 17.36
CA PHE B 301 31.62 -23.80 18.38
C PHE B 301 31.01 -24.37 19.67
N LEU B 302 29.94 -25.15 19.56
CA LEU B 302 29.29 -25.78 20.74
C LEU B 302 30.23 -26.85 21.29
N GLU B 303 30.69 -27.78 20.45
CA GLU B 303 31.54 -28.92 20.85
C GLU B 303 32.78 -28.42 21.63
N THR B 304 33.54 -27.48 21.07
CA THR B 304 34.83 -27.06 21.68
C THR B 304 34.60 -26.45 23.06
N GLY B 305 33.45 -25.79 23.25
CA GLY B 305 33.02 -25.30 24.58
C GLY B 305 32.86 -26.46 25.55
N CYS B 306 32.00 -27.41 25.21
CA CYS B 306 31.66 -28.57 26.07
C CYS B 306 32.92 -29.41 26.37
N GLN B 307 33.91 -29.45 25.46
CA GLN B 307 35.13 -30.30 25.60
C GLN B 307 36.13 -29.66 26.57
N GLN B 308 35.89 -28.40 26.95
CA GLN B 308 36.61 -27.62 28.00
C GLN B 308 35.83 -27.67 29.32
N GLY B 309 34.75 -28.44 29.42
CA GLY B 309 33.93 -28.54 30.63
C GLY B 309 32.98 -27.33 30.81
N GLU B 310 32.69 -26.59 29.73
CA GLU B 310 31.80 -25.40 29.76
C GLU B 310 30.41 -25.76 29.19
N ARG B 311 29.36 -25.17 29.75
CA ARG B 311 27.97 -25.40 29.26
C ARG B 311 27.74 -24.54 28.01
N ALA B 312 27.10 -25.12 26.98
CA ALA B 312 26.67 -24.44 25.74
C ALA B 312 25.16 -24.68 25.57
N LEU B 313 24.46 -23.72 24.99
CA LEU B 313 22.99 -23.78 24.75
C LEU B 313 22.69 -23.45 23.27
N LEU B 314 21.89 -24.27 22.58
CA LEU B 314 21.56 -24.08 21.14
C LEU B 314 20.05 -23.94 21.00
N PHE B 315 19.63 -22.85 20.35
CA PHE B 315 18.24 -22.65 19.86
C PHE B 315 18.24 -22.96 18.37
N ALA B 316 17.53 -24.02 17.99
CA ALA B 316 17.44 -24.56 16.61
C ALA B 316 16.02 -24.34 16.11
N TYR B 317 15.85 -23.65 14.97
CA TYR B 317 14.53 -23.23 14.42
C TYR B 317 14.26 -23.86 13.04
N GLU B 318 15.16 -24.70 12.52
CA GLU B 318 15.07 -25.31 11.16
C GLU B 318 15.08 -26.85 11.23
N GLU B 319 15.74 -27.48 12.23
CA GLU B 319 16.00 -28.94 12.25
C GLU B 319 15.68 -29.54 13.63
N SER B 320 15.22 -30.79 13.63
CA SER B 320 14.91 -31.62 14.83
C SER B 320 16.20 -32.03 15.55
N ARG B 321 16.08 -32.53 16.78
CA ARG B 321 17.22 -33.06 17.59
C ARG B 321 17.84 -34.24 16.84
N ALA B 322 17.01 -35.09 16.24
CA ALA B 322 17.46 -36.30 15.51
C ALA B 322 18.30 -35.89 14.30
N GLN B 323 17.78 -35.02 13.43
CA GLN B 323 18.53 -34.66 12.23
C GLN B 323 19.84 -33.99 12.67
N LEU B 324 19.79 -33.08 13.65
CA LEU B 324 20.98 -32.35 14.16
C LEU B 324 22.06 -33.36 14.58
N SER B 325 21.70 -34.32 15.43
CA SER B 325 22.58 -35.39 15.97
C SER B 325 23.19 -36.20 14.82
N ARG B 326 22.35 -36.70 13.90
CA ARG B 326 22.85 -37.54 12.77
C ARG B 326 23.91 -36.74 12.01
N ASN B 327 23.55 -35.55 11.52
CA ASN B 327 24.42 -34.75 10.64
C ASN B 327 25.72 -34.51 11.43
N ALA B 328 25.62 -34.22 12.73
CA ALA B 328 26.78 -33.86 13.60
C ALA B 328 27.70 -35.09 13.76
N SER B 329 27.12 -36.28 13.83
CA SER B 329 27.90 -37.52 14.07
C SER B 329 28.75 -37.83 12.82
N SER B 330 28.49 -37.18 11.69
CA SER B 330 29.29 -37.36 10.44
CA SER B 330 29.30 -37.37 10.45
C SER B 330 30.69 -36.75 10.63
N TRP B 331 30.81 -35.74 11.51
CA TRP B 331 32.10 -35.05 11.83
C TRP B 331 32.65 -35.49 13.19
N GLY B 332 32.14 -36.57 13.78
CA GLY B 332 32.63 -37.12 15.06
C GLY B 332 32.19 -36.28 16.24
N ILE B 333 30.92 -35.83 16.24
CA ILE B 333 30.32 -35.03 17.34
C ILE B 333 29.12 -35.83 17.84
N ASP B 334 29.03 -36.00 19.15
CA ASP B 334 27.97 -36.78 19.82
C ASP B 334 27.19 -35.83 20.74
N PHE B 335 26.17 -35.18 20.19
CA PHE B 335 25.34 -34.18 20.90
C PHE B 335 24.65 -34.87 22.08
N GLU B 336 24.17 -36.10 21.84
CA GLU B 336 23.46 -36.96 22.84
C GLU B 336 24.36 -37.18 24.07
N GLU B 337 25.65 -37.47 23.86
CA GLU B 337 26.68 -37.68 24.93
C GLU B 337 26.91 -36.38 25.70
N LEU B 338 27.19 -35.28 24.98
CA LEU B 338 27.39 -33.94 25.60
C LEU B 338 26.14 -33.55 26.40
N GLU B 339 24.93 -33.84 25.89
CA GLU B 339 23.65 -33.62 26.63
C GLU B 339 23.66 -34.53 27.88
N ARG B 340 23.97 -35.82 27.71
CA ARG B 340 24.00 -36.85 28.79
C ARG B 340 24.86 -36.34 29.95
N ARG B 341 26.08 -35.87 29.66
CA ARG B 341 27.04 -35.29 30.63
C ARG B 341 26.57 -33.93 31.20
N GLY B 342 25.41 -33.41 30.76
CA GLY B 342 24.84 -32.14 31.24
C GLY B 342 25.59 -30.90 30.76
N LEU B 343 26.39 -30.97 29.70
CA LEU B 343 27.18 -29.81 29.19
C LEU B 343 26.51 -29.17 27.95
N LEU B 344 25.60 -29.87 27.29
CA LEU B 344 24.89 -29.31 26.11
C LEU B 344 23.39 -29.35 26.38
N ARG B 345 22.69 -28.32 25.96
CA ARG B 345 21.21 -28.32 25.92
C ARG B 345 20.81 -27.75 24.56
N ILE B 346 19.95 -28.46 23.83
CA ILE B 346 19.39 -28.02 22.54
C ILE B 346 17.89 -27.75 22.72
N ILE B 347 17.42 -26.58 22.27
CA ILE B 347 15.98 -26.20 22.23
C ILE B 347 15.59 -26.10 20.76
N CYS B 348 14.68 -26.98 20.33
CA CYS B 348 14.11 -27.04 18.98
C CYS B 348 12.71 -26.43 19.03
N ALA B 349 12.43 -25.44 18.18
CA ALA B 349 11.08 -24.85 18.05
C ALA B 349 10.90 -24.38 16.62
N TYR B 350 9.65 -24.25 16.20
CA TYR B 350 9.24 -23.63 14.92
C TYR B 350 9.07 -22.14 15.19
N PRO B 351 9.66 -21.26 14.36
CA PRO B 351 9.41 -19.82 14.44
C PRO B 351 7.94 -19.44 14.56
N GLU B 352 7.11 -20.02 13.69
CA GLU B 352 5.68 -19.62 13.47
C GLU B 352 4.85 -19.92 14.73
N SER B 353 5.41 -20.65 15.70
CA SER B 353 4.68 -21.25 16.86
C SER B 353 4.40 -20.19 17.94
N ALA B 354 5.32 -19.23 18.12
CA ALA B 354 5.19 -18.10 19.07
C ALA B 354 5.66 -16.79 18.41
N GLY B 355 5.26 -15.66 19.00
CA GLY B 355 5.78 -14.33 18.68
C GLY B 355 7.22 -14.17 19.13
N LEU B 356 7.90 -13.14 18.64
CA LEU B 356 9.34 -12.88 18.91
C LEU B 356 9.56 -12.45 20.37
N GLU B 357 8.58 -11.78 21.00
CA GLU B 357 8.69 -11.33 22.42
C GLU B 357 8.77 -12.59 23.31
N ASP B 358 7.99 -13.61 22.92
CA ASP B 358 7.85 -14.92 23.60
C ASP B 358 9.07 -15.81 23.28
N HIS B 359 9.62 -15.77 22.06
CA HIS B 359 10.89 -16.47 21.77
C HIS B 359 12.00 -15.89 22.66
N LEU B 360 12.09 -14.57 22.71
CA LEU B 360 13.11 -13.86 23.52
C LEU B 360 12.91 -14.19 25.01
N GLN B 361 11.67 -14.31 25.48
CA GLN B 361 11.44 -14.70 26.90
C GLN B 361 12.02 -16.10 27.11
N ILE B 362 11.66 -17.05 26.24
CA ILE B 362 12.14 -18.46 26.35
C ILE B 362 13.67 -18.43 26.38
N ILE B 363 14.32 -17.72 25.46
CA ILE B 363 15.81 -17.69 25.41
C ILE B 363 16.35 -17.17 26.76
N LYS B 364 15.76 -16.10 27.30
CA LYS B 364 16.31 -15.44 28.53
C LYS B 364 16.17 -16.37 29.73
N SER B 365 15.05 -17.08 29.86
CA SER B 365 14.82 -18.02 30.99
C SER B 365 15.69 -19.30 30.83
N GLU B 366 15.97 -19.73 29.60
CA GLU B 366 16.84 -20.92 29.37
C GLU B 366 18.29 -20.56 29.77
N ILE B 367 18.76 -19.37 29.44
CA ILE B 367 20.11 -18.88 29.85
C ILE B 367 20.18 -18.75 31.38
N ALA B 368 19.19 -18.12 32.02
CA ALA B 368 19.12 -17.95 33.49
C ALA B 368 19.17 -19.31 34.21
N ASP B 369 18.47 -20.33 33.70
CA ASP B 369 18.40 -21.70 34.25
C ASP B 369 19.73 -22.45 34.07
N PHE B 370 20.26 -22.48 32.85
CA PHE B 370 21.36 -23.39 32.42
C PHE B 370 22.75 -22.73 32.60
N LYS B 371 22.80 -21.38 32.59
CA LYS B 371 24.01 -20.56 32.81
C LYS B 371 25.13 -20.98 31.85
N PRO B 372 24.91 -20.88 30.51
CA PRO B 372 25.97 -21.16 29.52
C PRO B 372 27.13 -20.16 29.44
N SER B 373 28.29 -20.60 28.95
CA SER B 373 29.40 -19.70 28.49
C SER B 373 29.18 -19.30 27.02
N ARG B 374 28.50 -20.14 26.26
CA ARG B 374 28.32 -20.03 24.80
C ARG B 374 26.85 -20.29 24.48
N VAL B 375 26.29 -19.55 23.53
CA VAL B 375 24.89 -19.70 23.02
C VAL B 375 24.89 -19.56 21.50
N ALA B 376 24.13 -20.41 20.80
CA ALA B 376 23.98 -20.38 19.34
C ALA B 376 22.51 -20.20 18.97
N ILE B 377 22.24 -19.37 17.96
CA ILE B 377 20.90 -19.32 17.29
C ILE B 377 21.11 -19.82 15.86
N ASP B 378 20.49 -20.94 15.51
CA ASP B 378 20.48 -21.51 14.15
C ASP B 378 19.03 -21.65 13.73
N SER B 379 18.42 -20.61 13.13
CA SER B 379 19.07 -19.49 12.49
C SER B 379 18.26 -18.22 12.78
N LEU B 380 18.88 -17.04 12.67
CA LEU B 380 18.20 -15.72 12.76
C LEU B 380 17.29 -15.52 11.54
N SER B 381 17.66 -16.03 10.36
CA SER B 381 16.85 -15.85 9.13
C SER B 381 15.51 -16.59 9.25
N ALA B 382 15.44 -17.72 9.95
CA ALA B 382 14.17 -18.45 10.19
C ALA B 382 13.22 -17.59 11.05
N LEU B 383 13.77 -16.84 12.01
CA LEU B 383 13.02 -15.93 12.93
C LEU B 383 12.52 -14.68 12.20
N ALA B 384 13.28 -14.14 11.23
CA ALA B 384 12.94 -12.93 10.44
C ALA B 384 11.78 -13.15 9.46
N ARG B 385 11.56 -14.38 8.97
CA ARG B 385 10.54 -14.72 7.94
C ARG B 385 9.13 -14.23 8.33
N GLY B 386 8.55 -13.31 7.55
CA GLY B 386 7.13 -12.92 7.68
C GLY B 386 6.80 -12.16 8.97
N VAL B 387 7.79 -11.62 9.67
CA VAL B 387 7.58 -10.58 10.72
C VAL B 387 8.07 -9.23 10.16
N SER B 388 7.68 -8.11 10.75
CA SER B 388 8.19 -6.77 10.33
C SER B 388 9.68 -6.64 10.70
N ASN B 389 10.43 -5.89 9.88
CA ASN B 389 11.89 -5.67 10.07
C ASN B 389 12.13 -4.97 11.41
N ASN B 390 11.22 -4.08 11.86
CA ASN B 390 11.36 -3.34 13.14
C ASN B 390 11.21 -4.32 14.31
N ALA B 391 10.19 -5.19 14.26
CA ALA B 391 9.97 -6.29 15.23
C ALA B 391 11.23 -7.16 15.27
N PHE B 392 11.70 -7.63 14.11
CA PHE B 392 12.91 -8.51 14.04
C PHE B 392 14.11 -7.84 14.73
N ARG B 393 14.35 -6.56 14.44
CA ARG B 393 15.54 -5.81 14.93
C ARG B 393 15.51 -5.66 16.45
N GLN B 394 14.36 -5.33 17.02
CA GLN B 394 14.12 -5.28 18.49
C GLN B 394 14.43 -6.64 19.12
N PHE B 395 14.02 -7.74 18.49
CA PHE B 395 14.37 -9.11 18.93
C PHE B 395 15.90 -9.26 18.94
N VAL B 396 16.56 -8.81 17.88
CA VAL B 396 18.03 -9.04 17.72
C VAL B 396 18.78 -8.20 18.76
N ILE B 397 18.42 -6.92 18.90
CA ILE B 397 19.03 -5.98 19.91
C ILE B 397 18.80 -6.55 21.31
N GLY B 398 17.60 -7.13 21.55
CA GLY B 398 17.23 -7.76 22.84
C GLY B 398 18.11 -8.98 23.15
N VAL B 399 18.29 -9.88 22.19
CA VAL B 399 19.03 -11.14 22.48
C VAL B 399 20.54 -10.82 22.57
N THR B 400 21.06 -9.99 21.67
CA THR B 400 22.51 -9.61 21.69
C THR B 400 22.84 -8.85 22.97
N GLY B 401 21.92 -8.00 23.45
CA GLY B 401 22.13 -7.20 24.68
C GLY B 401 22.21 -8.10 25.90
N PHE B 402 21.37 -9.13 25.95
CA PHE B 402 21.32 -10.12 27.05
C PHE B 402 22.60 -10.99 27.04
N ALA B 403 23.04 -11.53 25.88
CA ALA B 403 24.35 -12.24 25.78
C ALA B 403 25.47 -11.33 26.29
N LYS B 404 25.51 -10.07 25.84
CA LYS B 404 26.66 -9.13 26.08
C LYS B 404 26.72 -8.73 27.55
N GLN B 405 25.59 -8.55 28.23
CA GLN B 405 25.56 -8.11 29.65
C GLN B 405 25.84 -9.29 30.57
N GLU B 406 25.65 -10.53 30.09
CA GLU B 406 25.96 -11.79 30.82
C GLU B 406 27.39 -12.27 30.53
N GLU B 407 28.12 -11.64 29.61
CA GLU B 407 29.46 -12.13 29.19
C GLU B 407 29.29 -13.55 28.61
N ILE B 408 28.30 -13.73 27.75
CA ILE B 408 28.10 -15.00 27.01
C ILE B 408 28.50 -14.78 25.55
N THR B 409 29.39 -15.62 25.01
CA THR B 409 29.74 -15.58 23.57
C THR B 409 28.50 -16.03 22.78
N GLY B 410 27.98 -15.19 21.90
CA GLY B 410 26.86 -15.51 21.00
C GLY B 410 27.33 -15.83 19.59
N PHE B 411 26.80 -16.89 18.98
CA PHE B 411 27.09 -17.29 17.58
C PHE B 411 25.74 -17.50 16.86
N PHE B 412 25.39 -16.57 15.99
CA PHE B 412 24.11 -16.58 15.26
C PHE B 412 24.40 -16.87 13.80
N THR B 413 23.54 -17.64 13.14
CA THR B 413 23.61 -17.93 11.69
C THR B 413 22.62 -17.04 10.94
N ASN B 414 22.94 -16.71 9.69
CA ASN B 414 22.01 -16.04 8.74
C ASN B 414 22.22 -16.69 7.37
N THR B 415 21.14 -17.12 6.75
CA THR B 415 21.08 -17.61 5.35
C THR B 415 20.63 -16.44 4.48
N THR B 416 21.33 -16.18 3.41
CA THR B 416 21.03 -15.06 2.47
C THR B 416 20.06 -15.61 1.43
N ASP B 417 19.15 -14.78 0.92
CA ASP B 417 18.13 -15.19 -0.08
C ASP B 417 18.84 -15.44 -1.41
N GLN B 418 19.85 -14.65 -1.75
CA GLN B 418 20.64 -14.73 -3.01
C GLN B 418 21.87 -15.64 -2.78
N PHE B 419 21.96 -16.73 -3.53
CA PHE B 419 22.95 -17.82 -3.33
C PHE B 419 24.26 -17.45 -3.99
N MET B 420 24.26 -16.37 -4.79
CA MET B 420 25.47 -15.88 -5.49
C MET B 420 25.30 -14.41 -5.87
N GLY B 421 26.38 -13.62 -5.80
CA GLY B 421 26.44 -12.22 -6.27
C GLY B 421 25.72 -11.26 -5.33
N SER B 422 25.55 -11.63 -4.06
CA SER B 422 24.86 -10.79 -3.03
C SER B 422 25.76 -9.60 -2.69
N ASN B 423 25.15 -8.41 -2.74
CA ASN B 423 25.80 -7.10 -2.49
C ASN B 423 25.64 -6.73 -1.01
N SER B 424 25.00 -7.59 -0.17
CA SER B 424 24.65 -7.34 1.26
C SER B 424 25.08 -8.50 2.17
N ILE B 425 25.40 -8.21 3.44
CA ILE B 425 25.74 -9.24 4.46
C ILE B 425 24.43 -9.93 4.88
N THR B 426 23.40 -9.16 5.25
CA THR B 426 22.05 -9.64 5.63
C THR B 426 20.98 -8.76 4.97
N GLU B 427 19.87 -9.35 4.54
CA GLU B 427 18.70 -8.62 3.97
C GLU B 427 18.01 -7.80 5.08
N SER B 428 18.16 -8.23 6.35
CA SER B 428 17.54 -7.60 7.55
C SER B 428 18.40 -6.44 8.09
N HIS B 429 19.62 -6.24 7.57
CA HIS B 429 20.50 -5.11 7.95
C HIS B 429 20.75 -5.11 9.46
N ILE B 430 21.32 -6.18 10.00
CA ILE B 430 21.66 -6.28 11.46
C ILE B 430 23.16 -6.32 11.66
N SEP B 431 23.93 -6.03 10.60
CA SEP B 431 25.38 -6.15 10.60
CB SEP B 431 25.98 -5.71 9.29
OG SEP B 431 25.38 -6.43 8.19
C SEP B 431 26.00 -5.31 11.71
O SEP B 431 27.00 -5.70 12.26
P SEP B 431 24.55 -5.53 7.10
O1P SEP B 431 25.65 -4.89 6.28
O2P SEP B 431 23.67 -6.45 6.30
O3P SEP B 431 23.75 -4.54 7.93
N TPO B 432 25.39 -4.16 12.02
CA TPO B 432 26.00 -3.16 12.91
CB TPO B 432 25.58 -1.75 12.47
CG2 TPO B 432 25.85 -1.56 11.00
OG1 TPO B 432 24.14 -1.49 12.69
P TPO B 432 23.37 -0.03 12.42
O1P TPO B 432 24.29 0.91 11.63
O2P TPO B 432 22.08 -0.34 11.63
O3P TPO B 432 23.09 0.51 13.80
C TPO B 432 25.71 -3.50 14.37
O TPO B 432 26.31 -2.91 15.29
N ILE B 433 24.86 -4.51 14.61
CA ILE B 433 24.59 -5.01 15.95
C ILE B 433 25.63 -6.09 16.30
N THR B 434 26.37 -6.63 15.32
CA THR B 434 27.30 -7.79 15.52
C THR B 434 28.74 -7.27 15.57
N ASP B 435 29.63 -8.06 16.14
CA ASP B 435 31.06 -7.68 16.38
C ASP B 435 31.97 -8.39 15.37
N THR B 436 31.73 -9.68 15.13
CA THR B 436 32.51 -10.51 14.19
C THR B 436 31.58 -11.01 13.09
N ILE B 437 31.95 -10.85 11.82
CA ILE B 437 31.13 -11.37 10.68
C ILE B 437 32.00 -12.34 9.89
N LEU B 438 31.52 -13.61 9.77
CA LEU B 438 32.04 -14.66 8.85
C LEU B 438 31.13 -14.74 7.61
N LEU B 439 31.66 -14.40 6.46
CA LEU B 439 30.95 -14.48 5.15
C LEU B 439 31.28 -15.82 4.51
N LEU B 440 30.30 -16.71 4.34
CA LEU B 440 30.48 -17.98 3.56
C LEU B 440 29.83 -17.82 2.19
N GLN B 441 30.54 -18.11 1.10
CA GLN B 441 29.99 -17.87 -0.26
C GLN B 441 30.46 -18.94 -1.23
N TYR B 442 29.61 -19.24 -2.21
CA TYR B 442 29.90 -20.16 -3.34
C TYR B 442 30.73 -19.40 -4.35
N VAL B 443 31.68 -20.09 -4.99
CA VAL B 443 32.60 -19.55 -6.03
C VAL B 443 32.65 -20.55 -7.19
N GLU B 444 32.24 -20.16 -8.39
CA GLU B 444 32.37 -21.03 -9.58
C GLU B 444 33.84 -21.13 -9.99
N ILE B 445 34.45 -22.32 -9.87
CA ILE B 445 35.85 -22.59 -10.31
C ILE B 445 35.87 -23.80 -11.27
N ARG B 446 36.20 -23.56 -12.55
CA ARG B 446 36.41 -24.61 -13.59
C ARG B 446 35.18 -25.55 -13.65
N GLY B 447 34.00 -24.97 -13.76
CA GLY B 447 32.73 -25.70 -13.96
C GLY B 447 32.24 -26.38 -12.70
N GLU B 448 32.85 -26.10 -11.54
CA GLU B 448 32.49 -26.72 -10.24
C GLU B 448 32.03 -25.65 -9.23
N MET B 449 31.21 -26.04 -8.26
CA MET B 449 30.79 -25.13 -7.17
C MET B 449 31.77 -25.31 -6.01
N SER B 450 32.75 -24.43 -5.88
CA SER B 450 33.61 -24.33 -4.67
C SER B 450 33.00 -23.37 -3.64
N ARG B 451 33.66 -23.25 -2.50
CA ARG B 451 33.20 -22.54 -1.30
C ARG B 451 34.35 -21.64 -0.83
N ALA B 452 34.08 -20.47 -0.26
CA ALA B 452 35.11 -19.60 0.37
C ALA B 452 34.56 -18.94 1.65
N ILE B 453 35.47 -18.71 2.61
CA ILE B 453 35.23 -18.05 3.94
C ILE B 453 36.12 -16.82 4.02
N ASN B 454 35.53 -15.68 4.41
CA ASN B 454 36.22 -14.41 4.75
C ASN B 454 35.83 -14.03 6.18
N VAL B 455 36.80 -13.73 7.06
CA VAL B 455 36.53 -12.92 8.29
C VAL B 455 36.32 -11.47 7.82
N PHE B 456 35.07 -11.05 7.66
CA PHE B 456 34.67 -9.81 6.94
C PHE B 456 34.91 -8.62 7.89
N LYS B 457 34.51 -8.76 9.14
CA LYS B 457 34.70 -7.72 10.19
C LYS B 457 35.23 -8.38 11.45
N MET B 458 36.00 -7.66 12.25
CA MET B 458 36.45 -8.24 13.52
C MET B 458 36.73 -7.09 14.49
N ARG B 459 35.69 -6.54 15.10
CA ARG B 459 35.85 -5.41 16.05
C ARG B 459 36.86 -5.85 17.11
N GLY B 460 37.85 -4.99 17.40
CA GLY B 460 38.80 -5.18 18.52
C GLY B 460 40.10 -5.89 18.15
N SER B 461 40.27 -6.41 16.92
CA SER B 461 41.41 -7.30 16.55
C SER B 461 41.77 -7.22 15.08
N TRP B 462 43.03 -7.47 14.79
CA TRP B 462 43.49 -7.95 13.46
C TRP B 462 42.68 -9.18 13.06
N HIS B 463 42.49 -9.33 11.76
CA HIS B 463 41.95 -10.56 11.12
C HIS B 463 42.53 -10.72 9.71
N ASP B 464 42.62 -11.96 9.24
CA ASP B 464 43.03 -12.30 7.85
C ASP B 464 42.08 -11.58 6.86
N LYS B 465 42.61 -11.03 5.77
CA LYS B 465 41.79 -10.33 4.75
C LYS B 465 41.42 -11.30 3.62
N GLY B 466 41.98 -12.52 3.66
CA GLY B 466 41.84 -13.53 2.60
C GLY B 466 40.40 -13.96 2.39
N ILE B 467 39.99 -14.14 1.13
CA ILE B 467 38.76 -14.90 0.75
C ILE B 467 39.21 -16.33 0.43
N ARG B 468 39.21 -17.19 1.45
CA ARG B 468 39.98 -18.46 1.44
C ARG B 468 39.03 -19.60 1.07
N GLU B 469 39.41 -20.39 0.06
CA GLU B 469 38.68 -21.62 -0.32
C GLU B 469 38.67 -22.55 0.89
N TYR B 470 37.55 -23.21 1.16
CA TYR B 470 37.47 -24.33 2.13
C TYR B 470 36.72 -25.49 1.47
N VAL B 471 37.01 -26.71 1.93
CA VAL B 471 36.28 -27.94 1.55
C VAL B 471 35.76 -28.58 2.83
N ILE B 472 34.55 -29.11 2.75
CA ILE B 472 33.90 -29.86 3.85
C ILE B 472 34.11 -31.34 3.54
N THR B 473 34.82 -32.01 4.44
CA THR B 473 35.13 -33.46 4.35
C THR B 473 34.64 -34.10 5.63
N GLU B 474 35.09 -35.32 5.89
CA GLU B 474 34.80 -36.12 7.11
C GLU B 474 35.49 -35.49 8.32
N LYS B 475 36.57 -34.72 8.09
CA LYS B 475 37.35 -34.08 9.17
C LYS B 475 36.70 -32.73 9.58
N GLY B 476 35.57 -32.36 8.95
CA GLY B 476 34.88 -31.07 9.16
C GLY B 476 35.22 -30.07 8.06
N ALA B 477 35.47 -28.81 8.44
CA ALA B 477 35.85 -27.69 7.54
C ALA B 477 37.37 -27.60 7.47
N GLU B 478 37.95 -27.84 6.28
CA GLU B 478 39.39 -27.67 6.01
C GLU B 478 39.56 -26.41 5.16
N ILE B 479 40.12 -25.35 5.76
CA ILE B 479 40.31 -24.04 5.10
C ILE B 479 41.69 -24.00 4.41
N ARG B 480 41.72 -23.58 3.16
CA ARG B 480 42.93 -23.57 2.30
C ARG B 480 43.25 -22.13 1.96
N ASP B 481 43.74 -21.82 0.77
CA ASP B 481 44.31 -20.48 0.46
C ASP B 481 43.30 -19.66 -0.32
N SER B 482 43.52 -18.36 -0.41
CA SER B 482 42.72 -17.48 -1.29
C SER B 482 43.08 -17.79 -2.74
N PHE B 483 42.13 -17.58 -3.65
CA PHE B 483 42.35 -17.66 -5.11
C PHE B 483 43.07 -16.37 -5.55
N ARG B 484 44.39 -16.37 -5.54
CA ARG B 484 45.20 -15.14 -5.79
C ARG B 484 45.35 -14.85 -7.30
N ASN B 485 44.94 -15.75 -8.20
CA ASN B 485 45.05 -15.52 -9.67
C ASN B 485 43.67 -15.25 -10.31
N PHE B 486 42.64 -14.95 -9.51
CA PHE B 486 41.27 -14.66 -10.01
C PHE B 486 40.88 -13.22 -9.68
N GLU B 487 39.91 -12.70 -10.42
CA GLU B 487 39.26 -11.38 -10.21
C GLU B 487 37.74 -11.60 -10.14
N GLY B 488 37.05 -10.95 -9.21
CA GLY B 488 35.58 -11.03 -9.07
C GLY B 488 35.14 -12.25 -8.27
N ILE B 489 36.00 -12.76 -7.40
CA ILE B 489 35.65 -13.92 -6.51
C ILE B 489 34.38 -13.59 -5.71
N ILE B 490 34.27 -12.37 -5.18
CA ILE B 490 33.15 -11.99 -4.28
C ILE B 490 31.83 -12.00 -5.08
N SER B 491 31.86 -11.85 -6.41
CA SER B 491 30.67 -11.97 -7.32
C SER B 491 30.17 -13.42 -7.39
N GLY B 492 31.05 -14.39 -7.13
CA GLY B 492 30.72 -15.82 -7.23
C GLY B 492 31.03 -16.41 -8.59
N THR B 493 31.26 -15.57 -9.61
CA THR B 493 31.64 -15.97 -11.00
C THR B 493 32.94 -15.26 -11.36
N PRO B 494 34.10 -15.70 -10.81
CA PRO B 494 35.37 -15.03 -11.07
C PRO B 494 35.90 -15.26 -12.51
N THR B 495 36.97 -14.52 -12.87
CA THR B 495 37.77 -14.66 -14.12
C THR B 495 39.24 -14.92 -13.77
N ARG B 496 39.86 -15.97 -14.35
CA ARG B 496 41.30 -16.31 -14.12
C ARG B 496 42.15 -15.22 -14.79
N ILE B 497 43.04 -14.56 -14.05
CA ILE B 497 43.78 -13.32 -14.46
C ILE B 497 44.94 -13.72 -15.39
N GLU C 18 -2.13 -24.64 40.88
CA GLU C 18 -2.47 -24.01 39.54
C GLU C 18 -3.93 -24.32 39.17
N VAL C 19 -4.42 -23.75 38.06
CA VAL C 19 -5.84 -23.89 37.60
C VAL C 19 -5.93 -25.17 36.78
N LYS C 20 -6.84 -26.06 37.17
CA LYS C 20 -6.95 -27.43 36.61
C LYS C 20 -7.77 -27.32 35.33
N LYS C 21 -7.49 -28.22 34.39
CA LYS C 21 -8.09 -28.21 33.04
C LYS C 21 -8.61 -29.61 32.75
N ILE C 22 -9.66 -29.68 31.94
CA ILE C 22 -10.25 -30.94 31.45
C ILE C 22 -10.01 -31.00 29.95
N PRO C 23 -9.63 -32.20 29.44
CA PRO C 23 -9.38 -32.41 28.02
C PRO C 23 -10.68 -32.37 27.22
N THR C 24 -10.66 -31.56 26.17
CA THR C 24 -11.68 -31.45 25.10
C THR C 24 -11.46 -32.60 24.14
N MET C 25 -10.22 -33.05 23.97
CA MET C 25 -9.87 -34.11 23.00
C MET C 25 -10.25 -33.65 21.58
N ILE C 26 -10.59 -32.37 21.38
CA ILE C 26 -10.63 -31.78 20.01
C ILE C 26 -9.20 -31.79 19.48
N GLU C 27 -8.96 -32.29 18.27
CA GLU C 27 -7.59 -32.56 17.74
C GLU C 27 -6.84 -31.23 17.67
N GLY C 28 -5.72 -31.14 18.41
CA GLY C 28 -4.83 -29.97 18.43
C GLY C 28 -5.23 -28.92 19.49
N PHE C 29 -6.42 -29.01 20.06
CA PHE C 29 -6.94 -27.90 20.90
C PHE C 29 -6.31 -27.96 22.29
N ASP C 30 -6.20 -29.18 22.81
CA ASP C 30 -5.59 -29.46 24.13
C ASP C 30 -4.10 -29.03 24.12
N ASP C 31 -3.44 -29.06 22.96
CA ASP C 31 -2.04 -28.52 22.84
C ASP C 31 -2.02 -26.99 22.97
N ILE C 32 -2.84 -26.26 22.19
CA ILE C 32 -2.82 -24.77 22.17
C ILE C 32 -3.36 -24.24 23.51
N SER C 33 -4.17 -25.01 24.22
CA SER C 33 -4.73 -24.60 25.55
C SER C 33 -3.79 -25.05 26.68
N HIS C 34 -2.69 -25.76 26.35
CA HIS C 34 -1.76 -26.37 27.34
C HIS C 34 -2.54 -27.22 28.36
N GLY C 35 -3.34 -28.20 27.90
CA GLY C 35 -4.04 -29.17 28.77
C GLY C 35 -5.56 -29.28 28.54
N GLY C 36 -6.24 -28.24 28.04
CA GLY C 36 -7.70 -28.25 27.86
C GLY C 36 -8.36 -26.97 28.36
N LEU C 37 -9.64 -27.03 28.72
CA LEU C 37 -10.43 -25.88 29.22
C LEU C 37 -10.41 -25.88 30.74
N PRO C 38 -10.20 -24.72 31.38
CA PRO C 38 -10.25 -24.60 32.84
C PRO C 38 -11.51 -25.20 33.44
N GLN C 39 -11.30 -26.18 34.33
CA GLN C 39 -12.39 -26.98 34.95
C GLN C 39 -13.26 -26.05 35.79
N GLY C 40 -14.57 -26.26 35.78
CA GLY C 40 -15.48 -25.57 36.73
C GLY C 40 -15.72 -24.13 36.32
N ARG C 41 -15.41 -23.77 35.07
CA ARG C 41 -15.50 -22.39 34.54
C ARG C 41 -16.20 -22.37 33.17
N THR C 42 -16.69 -21.20 32.76
CA THR C 42 -17.29 -20.97 31.42
C THR C 42 -16.19 -20.56 30.45
N THR C 43 -16.25 -21.09 29.22
CA THR C 43 -15.42 -20.62 28.08
C THR C 43 -16.37 -20.05 27.02
N LEU C 44 -16.16 -18.79 26.65
CA LEU C 44 -16.85 -18.17 25.48
C LEU C 44 -16.15 -18.63 24.20
N VAL C 45 -16.93 -19.22 23.29
CA VAL C 45 -16.53 -19.55 21.89
C VAL C 45 -17.32 -18.62 20.96
N SER C 46 -16.63 -17.69 20.34
CA SER C 46 -17.23 -16.56 19.58
C SER C 46 -16.80 -16.67 18.12
N GLY C 47 -17.65 -16.23 17.21
CA GLY C 47 -17.36 -16.31 15.78
C GLY C 47 -18.54 -15.92 14.93
N THR C 48 -18.22 -15.59 13.69
CA THR C 48 -19.21 -15.30 12.62
C THR C 48 -19.90 -16.61 12.25
N SER C 49 -20.93 -16.52 11.41
CA SER C 49 -21.82 -17.65 10.99
C SER C 49 -21.02 -18.75 10.29
N GLY C 50 -21.19 -19.99 10.74
CA GLY C 50 -20.55 -21.18 10.17
C GLY C 50 -19.04 -21.21 10.42
N THR C 51 -18.59 -20.68 11.56
CA THR C 51 -17.16 -20.73 11.99
C THR C 51 -16.82 -22.07 12.66
N GLY C 52 -17.83 -22.80 13.14
CA GLY C 52 -17.68 -24.12 13.79
C GLY C 52 -18.09 -24.09 15.25
N LYS C 53 -18.90 -23.12 15.65
CA LYS C 53 -19.27 -22.90 17.06
C LYS C 53 -20.08 -24.08 17.60
N THR C 54 -21.12 -24.52 16.90
CA THR C 54 -22.02 -25.61 17.36
C THR C 54 -21.15 -26.88 17.35
N LEU C 55 -20.32 -26.98 16.34
CA LEU C 55 -19.39 -28.12 16.17
C LEU C 55 -18.55 -28.31 17.44
N PHE C 56 -17.81 -27.30 17.88
CA PHE C 56 -16.95 -27.29 19.09
C PHE C 56 -17.78 -27.67 20.34
N ALA C 57 -18.91 -26.99 20.52
CA ALA C 57 -19.87 -27.21 21.63
C ALA C 57 -20.37 -28.68 21.63
N VAL C 58 -20.69 -29.29 20.48
CA VAL C 58 -21.15 -30.72 20.43
C VAL C 58 -19.96 -31.65 20.73
N GLN C 59 -18.83 -31.43 20.05
CA GLN C 59 -17.61 -32.27 20.19
C GLN C 59 -17.22 -32.36 21.66
N PHE C 60 -17.23 -31.23 22.34
CA PHE C 60 -16.94 -31.11 23.79
C PHE C 60 -17.72 -32.16 24.60
N LEU C 61 -19.04 -32.18 24.44
CA LEU C 61 -19.92 -33.13 25.19
C LEU C 61 -19.69 -34.56 24.70
N TYR C 62 -19.59 -34.74 23.39
CA TYR C 62 -19.48 -36.08 22.76
C TYR C 62 -18.22 -36.80 23.25
N ASN C 63 -17.09 -36.08 23.27
CA ASN C 63 -15.76 -36.59 23.69
C ASN C 63 -15.86 -36.83 25.21
N GLY C 64 -16.59 -35.99 25.93
CA GLY C 64 -16.73 -36.14 27.39
C GLY C 64 -17.33 -37.48 27.70
N ILE C 65 -18.38 -37.83 26.98
CA ILE C 65 -19.16 -39.08 27.21
C ILE C 65 -18.38 -40.27 26.67
N THR C 66 -17.92 -40.23 25.42
CA THR C 66 -17.38 -41.43 24.73
C THR C 66 -15.97 -41.76 25.27
N ILE C 67 -15.16 -40.78 25.66
CA ILE C 67 -13.76 -41.08 26.08
C ILE C 67 -13.66 -41.14 27.61
N PHE C 68 -14.46 -40.37 28.35
CA PHE C 68 -14.22 -40.13 29.80
C PHE C 68 -15.43 -40.57 30.63
N ASN C 69 -16.47 -41.09 30.00
CA ASN C 69 -17.76 -41.44 30.65
C ASN C 69 -18.22 -40.27 31.55
N GLU C 70 -18.12 -39.03 31.05
CA GLU C 70 -18.61 -37.82 31.75
C GLU C 70 -19.89 -37.34 31.08
N PRO C 71 -21.07 -37.38 31.75
CA PRO C 71 -22.32 -36.98 31.13
C PRO C 71 -22.40 -35.49 30.77
N GLY C 72 -23.27 -35.16 29.81
CA GLY C 72 -23.34 -33.84 29.18
C GLY C 72 -24.75 -33.29 29.00
N ILE C 73 -24.88 -31.98 29.24
CA ILE C 73 -26.09 -31.17 28.89
C ILE C 73 -25.73 -30.21 27.75
N PHE C 74 -26.48 -30.29 26.65
CA PHE C 74 -26.52 -29.35 25.51
C PHE C 74 -27.82 -28.55 25.57
N VAL C 75 -27.71 -27.24 25.80
CA VAL C 75 -28.86 -26.30 25.84
C VAL C 75 -28.94 -25.58 24.48
N THR C 76 -30.05 -25.73 23.75
CA THR C 76 -30.23 -25.04 22.44
C THR C 76 -31.31 -23.96 22.56
N PHE C 77 -31.12 -22.86 21.86
CA PHE C 77 -32.00 -21.67 21.93
C PHE C 77 -32.63 -21.39 20.58
N GLU C 78 -32.29 -22.18 19.54
CA GLU C 78 -32.80 -22.00 18.16
C GLU C 78 -32.90 -23.37 17.47
N GLU C 79 -31.78 -24.00 17.11
CA GLU C 79 -31.78 -25.33 16.46
C GLU C 79 -32.60 -26.33 17.30
N SER C 80 -33.32 -27.24 16.63
CA SER C 80 -34.11 -28.36 17.26
C SER C 80 -33.16 -29.48 17.67
N PRO C 81 -33.44 -30.18 18.80
CA PRO C 81 -32.66 -31.34 19.19
C PRO C 81 -32.44 -32.24 17.96
N GLN C 82 -33.53 -32.52 17.23
CA GLN C 82 -33.60 -33.43 16.05
C GLN C 82 -32.57 -32.95 15.01
N ASP C 83 -32.48 -31.65 14.77
CA ASP C 83 -31.48 -31.05 13.84
C ASP C 83 -30.06 -31.19 14.42
N ILE C 84 -29.86 -31.06 15.74
CA ILE C 84 -28.50 -31.21 16.37
C ILE C 84 -28.02 -32.64 16.14
N ILE C 85 -28.88 -33.62 16.45
CA ILE C 85 -28.68 -35.09 16.24
C ILE C 85 -28.46 -35.43 14.74
N LYS C 86 -29.27 -34.86 13.84
CA LYS C 86 -29.17 -35.19 12.40
C LYS C 86 -27.83 -34.65 11.88
N ASN C 87 -27.46 -33.45 12.29
CA ASN C 87 -26.20 -32.82 11.80
C ASN C 87 -25.01 -33.70 12.22
N ALA C 88 -25.02 -34.30 13.41
CA ALA C 88 -23.83 -34.96 14.00
C ALA C 88 -23.57 -36.30 13.31
N LEU C 89 -24.62 -36.88 12.73
CA LEU C 89 -24.55 -38.11 11.93
C LEU C 89 -23.49 -38.04 10.82
N SER C 90 -23.28 -36.91 10.17
CA SER C 90 -22.34 -36.79 9.02
C SER C 90 -20.91 -37.09 9.49
N PHE C 91 -20.66 -36.96 10.80
CA PHE C 91 -19.34 -37.22 11.43
C PHE C 91 -19.29 -38.64 11.98
N GLY C 92 -20.35 -39.43 11.84
CA GLY C 92 -20.45 -40.76 12.47
C GLY C 92 -20.66 -40.65 13.97
N TRP C 93 -21.17 -39.52 14.48
CA TRP C 93 -21.49 -39.36 15.92
C TRP C 93 -22.97 -39.68 16.13
N ASN C 94 -23.22 -40.71 16.95
CA ASN C 94 -24.56 -41.27 17.22
C ASN C 94 -25.03 -40.69 18.56
N LEU C 95 -25.64 -39.51 18.50
CA LEU C 95 -26.08 -38.76 19.70
C LEU C 95 -27.29 -39.46 20.34
N GLN C 96 -28.19 -40.04 19.54
CA GLN C 96 -29.43 -40.72 20.00
C GLN C 96 -29.07 -41.86 20.97
N SER C 97 -28.10 -42.70 20.59
CA SER C 97 -27.52 -43.76 21.45
C SER C 97 -27.17 -43.18 22.83
N LEU C 98 -26.47 -42.04 22.88
CA LEU C 98 -25.98 -41.44 24.15
C LEU C 98 -27.19 -40.94 24.97
N ILE C 99 -28.24 -40.47 24.29
CA ILE C 99 -29.52 -40.04 24.92
C ILE C 99 -30.21 -41.27 25.52
N ASP C 100 -30.24 -42.39 24.82
CA ASP C 100 -30.92 -43.63 25.27
C ASP C 100 -30.21 -44.24 26.49
N GLN C 101 -28.90 -44.00 26.62
CA GLN C 101 -28.06 -44.50 27.75
C GLN C 101 -28.13 -43.56 28.97
N GLY C 102 -28.76 -42.37 28.85
CA GLY C 102 -28.83 -41.35 29.93
C GLY C 102 -27.52 -40.58 30.12
N LYS C 103 -26.62 -40.61 29.14
CA LYS C 103 -25.29 -39.96 29.14
C LYS C 103 -25.37 -38.51 28.60
N LEU C 104 -26.29 -38.25 27.66
CA LEU C 104 -26.51 -36.95 26.95
C LEU C 104 -27.97 -36.52 27.13
N PHE C 105 -28.19 -35.27 27.54
CA PHE C 105 -29.52 -34.62 27.54
C PHE C 105 -29.44 -33.30 26.76
N ILE C 106 -30.28 -33.16 25.73
CA ILE C 106 -30.47 -31.91 24.96
C ILE C 106 -31.71 -31.20 25.52
N LEU C 107 -31.49 -30.06 26.17
CA LEU C 107 -32.53 -29.20 26.80
C LEU C 107 -32.98 -28.17 25.77
N ASP C 108 -34.21 -28.30 25.28
CA ASP C 108 -34.78 -27.42 24.23
C ASP C 108 -35.30 -26.15 24.92
N ALA C 109 -34.62 -25.01 24.74
CA ALA C 109 -35.02 -23.69 25.28
C ALA C 109 -35.38 -22.73 24.14
N SER C 110 -35.64 -23.24 22.92
CA SER C 110 -36.05 -22.42 21.74
C SER C 110 -37.43 -21.79 22.00
N PRO C 111 -37.74 -20.65 21.32
CA PRO C 111 -39.02 -19.96 21.51
C PRO C 111 -40.21 -20.68 20.85
N ASP C 112 -41.41 -20.11 21.00
CA ASP C 112 -42.68 -20.66 20.49
C ASP C 112 -42.77 -20.44 18.98
N PRO C 113 -43.10 -21.47 18.18
CA PRO C 113 -43.37 -21.31 16.75
C PRO C 113 -44.59 -20.46 16.37
N ASP C 114 -45.46 -20.11 17.33
CA ASP C 114 -46.73 -19.39 17.12
C ASP C 114 -46.87 -18.26 18.15
N ASP C 123 -38.71 -16.90 32.77
CA ASP C 123 -37.62 -16.10 32.14
C ASP C 123 -36.39 -16.14 33.05
N LEU C 124 -35.22 -16.45 32.46
CA LEU C 124 -33.84 -16.31 33.02
C LEU C 124 -33.67 -17.12 34.30
N SER C 125 -34.29 -16.69 35.40
CA SER C 125 -34.32 -17.44 36.69
C SER C 125 -34.91 -18.84 36.44
N ALA C 126 -36.02 -18.94 35.69
CA ALA C 126 -36.69 -20.22 35.40
C ALA C 126 -35.76 -21.09 34.55
N LEU C 127 -35.02 -20.49 33.60
CA LEU C 127 -34.09 -21.27 32.74
C LEU C 127 -32.96 -21.82 33.61
N ILE C 128 -32.35 -20.99 34.46
CA ILE C 128 -31.19 -21.42 35.30
C ILE C 128 -31.65 -22.61 36.16
N GLU C 129 -32.93 -22.65 36.57
CA GLU C 129 -33.51 -23.71 37.44
C GLU C 129 -33.67 -25.03 36.67
N ARG C 130 -34.09 -24.96 35.41
CA ARG C 130 -34.21 -26.17 34.53
C ARG C 130 -32.83 -26.79 34.30
N ILE C 131 -31.82 -25.96 33.99
CA ILE C 131 -30.45 -26.45 33.67
C ILE C 131 -29.92 -27.18 34.90
N GLN C 132 -30.14 -26.63 36.09
CA GLN C 132 -29.68 -27.24 37.38
C GLN C 132 -30.39 -28.59 37.58
N TYR C 133 -31.71 -28.68 37.36
CA TYR C 133 -32.44 -29.96 37.48
C TYR C 133 -31.76 -31.00 36.55
N ALA C 134 -31.55 -30.66 35.28
CA ALA C 134 -30.93 -31.56 34.27
C ALA C 134 -29.52 -31.97 34.72
N ILE C 135 -28.68 -31.03 35.17
CA ILE C 135 -27.29 -31.32 35.64
C ILE C 135 -27.36 -32.40 36.75
N ARG C 136 -28.18 -32.20 37.80
CA ARG C 136 -28.25 -33.12 38.98
C ARG C 136 -28.85 -34.47 38.58
N LYS C 137 -29.82 -34.47 37.66
CA LYS C 137 -30.53 -35.71 37.22
C LYS C 137 -29.58 -36.56 36.38
N TYR C 138 -28.77 -35.99 35.46
CA TYR C 138 -27.87 -36.78 34.57
C TYR C 138 -26.45 -36.84 35.15
N LYS C 139 -26.22 -36.23 36.32
CA LYS C 139 -24.90 -36.17 36.99
C LYS C 139 -23.84 -35.64 36.01
N ALA C 140 -24.19 -34.59 35.27
CA ALA C 140 -23.42 -34.01 34.15
C ALA C 140 -22.27 -33.16 34.73
N THR C 141 -21.07 -33.26 34.15
CA THR C 141 -19.89 -32.42 34.49
C THR C 141 -19.57 -31.45 33.34
N ARG C 142 -20.11 -31.67 32.13
CA ARG C 142 -19.91 -30.78 30.97
C ARG C 142 -21.25 -30.21 30.51
N VAL C 143 -21.27 -28.92 30.15
CA VAL C 143 -22.47 -28.18 29.68
C VAL C 143 -22.04 -27.33 28.49
N SER C 144 -22.82 -27.36 27.41
CA SER C 144 -22.68 -26.46 26.24
C SER C 144 -24.00 -25.67 26.12
N ILE C 145 -23.90 -24.34 25.90
CA ILE C 145 -25.07 -23.47 25.63
C ILE C 145 -24.87 -22.77 24.29
N ASP C 146 -25.83 -22.90 23.37
CA ASP C 146 -25.67 -22.49 21.95
C ASP C 146 -26.99 -21.89 21.44
N SER C 147 -27.04 -20.59 21.10
CA SER C 147 -26.12 -19.53 21.47
C SER C 147 -26.82 -18.51 22.39
N VAL C 148 -26.11 -18.03 23.42
CA VAL C 148 -26.64 -17.08 24.45
C VAL C 148 -27.00 -15.77 23.75
N THR C 149 -26.42 -15.48 22.57
CA THR C 149 -26.76 -14.30 21.73
C THR C 149 -28.25 -14.28 21.42
N ALA C 150 -28.83 -15.45 21.14
CA ALA C 150 -30.20 -15.61 20.60
C ALA C 150 -31.23 -15.25 21.67
N VAL C 151 -30.91 -15.52 22.94
CA VAL C 151 -31.72 -15.10 24.13
C VAL C 151 -31.26 -13.71 24.58
N PHE C 152 -31.33 -12.71 23.67
CA PHE C 152 -30.99 -11.27 23.88
C PHE C 152 -31.13 -10.51 22.55
N SER C 159 -25.34 -4.41 29.00
CA SER C 159 -25.59 -4.05 30.43
C SER C 159 -26.59 -5.01 31.09
N VAL C 160 -27.79 -5.21 30.51
CA VAL C 160 -28.69 -6.34 30.91
C VAL C 160 -28.01 -7.64 30.47
N VAL C 161 -27.44 -7.67 29.26
CA VAL C 161 -26.69 -8.84 28.70
C VAL C 161 -25.57 -9.22 29.68
N ARG C 162 -24.75 -8.26 30.12
CA ARG C 162 -23.62 -8.49 31.07
C ARG C 162 -24.10 -9.27 32.31
N ARG C 163 -25.03 -8.70 33.09
CA ARG C 163 -25.62 -9.34 34.31
C ARG C 163 -26.20 -10.74 33.99
N GLU C 164 -26.79 -10.97 32.81
CA GLU C 164 -27.40 -12.27 32.41
C GLU C 164 -26.33 -13.38 32.24
N ILE C 165 -25.27 -13.13 31.46
CA ILE C 165 -24.11 -14.06 31.29
C ILE C 165 -23.50 -14.29 32.67
N PHE C 166 -23.38 -13.25 33.49
CA PHE C 166 -22.78 -13.37 34.85
C PHE C 166 -23.59 -14.35 35.71
N ARG C 167 -24.92 -14.23 35.73
CA ARG C 167 -25.82 -15.04 36.61
C ARG C 167 -25.73 -16.52 36.21
N LEU C 168 -25.86 -16.80 34.92
CA LEU C 168 -25.75 -18.15 34.33
C LEU C 168 -24.38 -18.74 34.71
N ALA C 169 -23.30 -18.05 34.36
CA ALA C 169 -21.91 -18.45 34.68
C ALA C 169 -21.79 -18.71 36.19
N PHE C 170 -22.40 -17.90 37.03
CA PHE C 170 -22.23 -18.02 38.51
C PHE C 170 -22.77 -19.37 38.97
N ARG C 171 -23.99 -19.71 38.55
CA ARG C 171 -24.71 -20.91 39.01
C ARG C 171 -24.01 -22.19 38.49
N LEU C 172 -23.52 -22.18 37.25
CA LEU C 172 -22.79 -23.33 36.68
C LEU C 172 -21.48 -23.52 37.46
N LYS C 173 -20.74 -22.48 37.78
CA LYS C 173 -19.52 -22.56 38.65
C LYS C 173 -19.91 -23.26 39.96
N GLN C 174 -20.96 -22.78 40.63
CA GLN C 174 -21.41 -23.30 41.96
C GLN C 174 -21.65 -24.80 41.85
N LEU C 175 -22.21 -25.26 40.72
CA LEU C 175 -22.56 -26.68 40.48
C LEU C 175 -21.33 -27.47 40.01
N GLY C 176 -20.21 -26.83 39.69
CA GLY C 176 -18.92 -27.52 39.43
C GLY C 176 -18.87 -28.22 38.08
N VAL C 177 -19.65 -27.75 37.12
CA VAL C 177 -19.58 -28.21 35.71
C VAL C 177 -18.60 -27.29 34.96
N THR C 178 -18.09 -27.74 33.82
CA THR C 178 -17.27 -26.95 32.88
C THR C 178 -18.19 -26.61 31.70
N THR C 179 -18.32 -25.32 31.39
CA THR C 179 -19.33 -24.81 30.43
C THR C 179 -18.67 -24.22 29.16
N ILE C 180 -19.27 -24.49 28.00
CA ILE C 180 -19.06 -23.67 26.78
C ILE C 180 -20.33 -22.88 26.45
N MET C 181 -20.17 -21.57 26.31
CA MET C 181 -21.20 -20.62 25.82
C MET C 181 -20.72 -20.08 24.47
N THR C 182 -21.47 -20.33 23.39
CA THR C 182 -21.19 -19.81 22.04
C THR C 182 -21.89 -18.45 21.87
N THR C 183 -21.17 -17.49 21.28
CA THR C 183 -21.69 -16.13 20.94
C THR C 183 -21.48 -15.83 19.46
N GLU C 184 -22.28 -14.91 18.93
CA GLU C 184 -22.20 -14.47 17.51
C GLU C 184 -21.29 -13.25 17.44
N ARG C 185 -20.77 -12.99 16.23
CA ARG C 185 -20.12 -11.70 15.87
C ARG C 185 -20.36 -11.44 14.38
N VAL C 186 -20.21 -10.17 13.96
CA VAL C 186 -20.50 -9.68 12.58
C VAL C 186 -19.20 -9.48 11.78
N ASP C 187 -18.08 -9.13 12.44
CA ASP C 187 -16.79 -8.71 11.82
C ASP C 187 -15.69 -9.70 12.25
N GLU C 188 -14.81 -10.08 11.33
CA GLU C 188 -13.74 -11.08 11.58
C GLU C 188 -12.72 -10.50 12.59
N TYR C 189 -12.38 -9.20 12.47
CA TYR C 189 -11.30 -8.52 13.26
C TYR C 189 -11.82 -7.32 14.07
N GLY C 190 -13.12 -7.24 14.34
CA GLY C 190 -13.74 -6.22 15.21
C GLY C 190 -13.99 -6.71 16.64
N PRO C 191 -15.17 -6.38 17.25
CA PRO C 191 -15.50 -6.82 18.60
C PRO C 191 -15.51 -8.35 18.83
N VAL C 192 -15.08 -8.79 20.01
CA VAL C 192 -15.00 -10.25 20.34
C VAL C 192 -16.39 -10.90 20.20
N ALA C 193 -17.43 -10.32 20.80
CA ALA C 193 -18.82 -10.84 20.74
C ALA C 193 -19.72 -9.83 19.99
N ARG C 194 -20.91 -9.52 20.52
CA ARG C 194 -21.97 -8.75 19.79
C ARG C 194 -22.21 -7.42 20.51
N PHE C 195 -22.27 -7.45 21.85
CA PHE C 195 -22.62 -6.30 22.74
C PHE C 195 -21.36 -5.77 23.46
N GLY C 196 -20.18 -6.22 23.01
CA GLY C 196 -18.86 -5.78 23.51
C GLY C 196 -18.76 -5.86 25.03
N VAL C 197 -19.32 -6.91 25.64
CA VAL C 197 -19.37 -7.11 27.12
C VAL C 197 -19.07 -8.57 27.48
N GLU C 198 -19.66 -9.51 26.74
CA GLU C 198 -19.59 -10.97 27.00
C GLU C 198 -18.17 -11.36 27.44
N GLU C 199 -17.14 -11.03 26.65
CA GLU C 199 -15.75 -11.52 26.83
C GLU C 199 -15.20 -11.07 28.19
N PHE C 200 -15.59 -9.90 28.68
CA PHE C 200 -15.12 -9.33 29.98
C PHE C 200 -15.70 -10.12 31.15
N VAL C 201 -16.89 -10.71 30.98
CA VAL C 201 -17.53 -11.56 32.03
C VAL C 201 -16.88 -12.94 32.04
N SER C 202 -16.74 -13.56 30.87
CA SER C 202 -16.17 -14.93 30.73
C SER C 202 -14.74 -14.97 31.28
N ASP C 203 -14.39 -16.05 31.97
CA ASP C 203 -13.00 -16.25 32.45
C ASP C 203 -12.12 -16.63 31.25
N ASN C 204 -12.72 -17.31 30.27
CA ASN C 204 -12.05 -17.97 29.11
C ASN C 204 -12.72 -17.51 27.81
N VAL C 205 -11.91 -17.09 26.82
CA VAL C 205 -12.40 -16.65 25.48
C VAL C 205 -11.60 -17.35 24.37
N VAL C 206 -12.35 -18.08 23.53
CA VAL C 206 -11.87 -18.69 22.27
C VAL C 206 -12.60 -17.97 21.12
N ILE C 207 -11.85 -17.49 20.10
CA ILE C 207 -12.45 -16.87 18.87
C ILE C 207 -12.22 -17.81 17.67
N LEU C 208 -13.30 -18.18 16.97
CA LEU C 208 -13.23 -18.88 15.67
C LEU C 208 -13.35 -17.86 14.52
N ARG C 209 -12.43 -17.93 13.57
CA ARG C 209 -12.45 -17.00 12.40
C ARG C 209 -12.58 -17.83 11.11
N ASN C 210 -13.22 -17.23 10.10
CA ASN C 210 -13.30 -17.73 8.71
C ASN C 210 -12.98 -16.55 7.78
N VAL C 211 -11.69 -16.35 7.52
CA VAL C 211 -11.20 -15.12 6.83
C VAL C 211 -11.08 -15.39 5.33
N LEU C 212 -11.73 -14.54 4.54
CA LEU C 212 -11.62 -14.52 3.06
C LEU C 212 -10.24 -13.95 2.69
N GLU C 213 -9.30 -14.81 2.29
CA GLU C 213 -7.95 -14.46 1.75
C GLU C 213 -8.04 -14.47 0.22
N GLY C 214 -8.31 -13.32 -0.41
CA GLY C 214 -8.67 -13.24 -1.84
C GLY C 214 -10.05 -13.84 -2.08
N GLU C 215 -10.14 -14.97 -2.76
CA GLU C 215 -11.43 -15.67 -3.00
C GLU C 215 -11.50 -16.95 -2.15
N ARG C 216 -10.48 -17.19 -1.31
CA ARG C 216 -10.32 -18.42 -0.48
C ARG C 216 -10.61 -18.10 0.99
N ARG C 217 -11.21 -19.04 1.72
CA ARG C 217 -11.51 -18.92 3.16
C ARG C 217 -10.48 -19.74 3.95
N ARG C 218 -10.01 -19.20 5.06
CA ARG C 218 -9.02 -19.79 5.99
C ARG C 218 -9.64 -19.84 7.40
N ARG C 219 -9.82 -21.03 7.94
CA ARG C 219 -10.36 -21.23 9.31
C ARG C 219 -9.21 -21.09 10.33
N THR C 220 -9.39 -20.26 11.37
CA THR C 220 -8.42 -20.15 12.50
C THR C 220 -9.15 -20.15 13.85
N VAL C 221 -8.50 -20.78 14.83
CA VAL C 221 -8.91 -20.71 16.26
C VAL C 221 -7.87 -19.87 17.00
N GLU C 222 -8.33 -19.02 17.92
CA GLU C 222 -7.46 -18.26 18.85
C GLU C 222 -7.95 -18.45 20.30
N ILE C 223 -7.02 -18.72 21.20
CA ILE C 223 -7.26 -18.55 22.66
C ILE C 223 -6.84 -17.13 23.07
N LEU C 224 -7.84 -16.26 23.21
CA LEU C 224 -7.64 -14.84 23.56
C LEU C 224 -7.15 -14.75 25.00
N LYS C 225 -7.84 -15.47 25.89
CA LYS C 225 -7.71 -15.33 27.36
C LYS C 225 -8.13 -16.66 28.06
N LEU C 226 -7.31 -17.09 29.02
CA LEU C 226 -7.64 -18.11 30.04
C LEU C 226 -7.15 -17.55 31.38
N ARG C 227 -8.05 -17.11 32.24
CA ARG C 227 -7.67 -16.53 33.56
C ARG C 227 -6.86 -17.56 34.37
N GLY C 228 -5.80 -17.09 35.02
CA GLY C 228 -5.08 -17.87 36.02
C GLY C 228 -4.22 -18.92 35.38
N THR C 229 -4.06 -18.93 34.07
CA THR C 229 -3.29 -20.04 33.44
C THR C 229 -2.70 -19.65 32.08
N THR C 230 -1.92 -20.56 31.53
CA THR C 230 -1.10 -20.45 30.29
C THR C 230 -1.90 -20.95 29.09
N HIS C 231 -1.59 -20.41 27.92
CA HIS C 231 -2.08 -20.89 26.60
C HIS C 231 -1.20 -20.26 25.51
N MET C 232 -1.13 -20.90 24.36
CA MET C 232 -0.47 -20.36 23.15
C MET C 232 -1.30 -19.17 22.68
N LYS C 233 -0.71 -18.30 21.88
CA LYS C 233 -1.23 -16.93 21.63
C LYS C 233 -1.40 -16.76 20.13
N GLY C 234 -2.43 -16.03 19.72
CA GLY C 234 -2.74 -15.76 18.32
C GLY C 234 -3.53 -16.89 17.63
N GLU C 235 -3.50 -16.89 16.29
CA GLU C 235 -4.40 -17.69 15.43
C GLU C 235 -3.67 -18.97 15.02
N TYR C 236 -4.33 -20.12 15.13
CA TYR C 236 -3.84 -21.40 14.60
C TYR C 236 -4.82 -21.87 13.53
N PRO C 237 -4.33 -22.32 12.35
CA PRO C 237 -5.18 -22.96 11.34
C PRO C 237 -5.92 -24.24 11.79
N PHE C 238 -7.09 -24.46 11.23
CA PHE C 238 -7.84 -25.70 11.43
C PHE C 238 -8.70 -25.99 10.22
N THR C 239 -9.08 -27.26 10.07
CA THR C 239 -10.09 -27.72 9.07
C THR C 239 -11.24 -28.38 9.82
N ILE C 240 -12.39 -28.51 9.15
CA ILE C 240 -13.56 -29.32 9.62
C ILE C 240 -13.54 -30.65 8.85
N ASN C 241 -12.98 -31.69 9.46
CA ASN C 241 -13.05 -33.10 8.97
C ASN C 241 -13.00 -34.04 10.17
N ASN C 242 -14.08 -34.79 10.43
CA ASN C 242 -14.16 -35.69 11.60
C ASN C 242 -14.25 -34.86 12.89
N GLY C 243 -14.95 -33.72 12.84
CA GLY C 243 -14.89 -32.68 13.88
C GLY C 243 -13.84 -31.64 13.56
N ILE C 244 -13.57 -30.73 14.49
CA ILE C 244 -12.61 -29.59 14.34
C ILE C 244 -11.20 -30.17 14.40
N ASN C 245 -10.31 -29.82 13.46
CA ASN C 245 -8.94 -30.40 13.38
C ASN C 245 -7.90 -29.28 13.27
N ILE C 246 -7.24 -28.96 14.39
CA ILE C 246 -6.26 -27.85 14.44
C ILE C 246 -4.88 -28.39 14.03
N ARG C 257 12.63 -37.89 13.71
CA ARG C 257 13.56 -39.04 13.54
C ARG C 257 14.32 -38.90 12.21
N SER C 258 15.58 -39.36 12.17
CA SER C 258 16.50 -39.35 10.99
C SER C 258 17.22 -40.69 10.90
N SER C 259 17.85 -40.99 9.76
CA SER C 259 18.52 -42.29 9.46
C SER C 259 19.56 -42.11 8.34
N ASN C 260 20.59 -42.96 8.30
CA ASN C 260 21.60 -42.96 7.22
C ASN C 260 21.14 -43.83 6.04
N VAL C 261 19.94 -44.41 6.05
CA VAL C 261 19.48 -45.33 4.96
C VAL C 261 19.43 -44.57 3.62
N ARG C 262 20.00 -45.16 2.57
CA ARG C 262 20.09 -44.58 1.20
C ARG C 262 18.94 -45.16 0.34
N VAL C 263 18.54 -44.44 -0.71
CA VAL C 263 17.40 -44.80 -1.60
C VAL C 263 17.72 -44.21 -2.97
N SER C 264 17.44 -44.91 -4.07
CA SER C 264 17.82 -44.49 -5.45
C SER C 264 16.88 -43.40 -6.00
N SER C 265 17.40 -42.53 -6.87
CA SER C 265 16.64 -41.56 -7.70
C SER C 265 16.13 -42.24 -8.96
N GLY C 266 16.74 -43.36 -9.34
CA GLY C 266 16.43 -44.06 -10.60
C GLY C 266 17.28 -43.54 -11.73
N VAL C 267 18.14 -42.57 -11.42
CA VAL C 267 19.20 -42.09 -12.34
C VAL C 267 20.54 -42.47 -11.71
N LYS C 268 21.26 -43.38 -12.39
CA LYS C 268 22.52 -43.99 -11.89
C LYS C 268 23.52 -42.89 -11.52
N THR C 269 23.75 -41.93 -12.42
CA THR C 269 24.82 -40.91 -12.28
C THR C 269 24.46 -39.94 -11.15
N LEU C 270 23.16 -39.63 -10.98
CA LEU C 270 22.63 -38.73 -9.92
C LEU C 270 22.82 -39.37 -8.54
N ASP C 271 22.63 -40.68 -8.45
CA ASP C 271 22.87 -41.48 -7.22
C ASP C 271 24.35 -41.33 -6.85
N GLU C 272 25.24 -41.42 -7.84
CA GLU C 272 26.72 -41.25 -7.62
C GLU C 272 26.96 -39.85 -7.07
N MET C 273 26.37 -38.83 -7.72
CA MET C 273 26.57 -37.38 -7.42
C MET C 273 26.06 -37.05 -6.01
N CYS C 274 25.07 -37.79 -5.49
CA CYS C 274 24.47 -37.58 -4.15
C CYS C 274 25.22 -38.35 -3.06
N GLY C 275 26.25 -39.10 -3.43
CA GLY C 275 27.11 -39.83 -2.47
C GLY C 275 26.60 -41.23 -2.17
N GLY C 276 25.93 -41.88 -3.11
CA GLY C 276 25.32 -43.21 -2.91
C GLY C 276 23.80 -43.17 -2.91
N GLY C 277 23.20 -42.04 -3.28
CA GLY C 277 21.73 -41.88 -3.36
C GLY C 277 21.18 -40.86 -2.40
N PHE C 278 19.87 -40.58 -2.52
CA PHE C 278 19.10 -39.69 -1.62
C PHE C 278 18.98 -40.41 -0.26
N PHE C 279 18.83 -39.69 0.84
CA PHE C 279 18.47 -40.30 2.14
C PHE C 279 16.97 -40.63 2.15
N LYS C 280 16.62 -41.76 2.75
CA LYS C 280 15.21 -42.20 2.98
C LYS C 280 14.44 -41.15 3.78
N ASP C 281 15.06 -40.61 4.84
CA ASP C 281 14.43 -39.61 5.72
C ASP C 281 14.97 -38.22 5.32
N SER C 282 14.57 -37.74 4.13
CA SER C 282 14.98 -36.42 3.57
C SER C 282 13.81 -35.74 2.85
N ILE C 283 13.89 -34.42 2.75
CA ILE C 283 13.07 -33.59 1.83
C ILE C 283 14.01 -33.22 0.68
N ILE C 284 13.63 -33.55 -0.55
CA ILE C 284 14.44 -33.27 -1.78
C ILE C 284 13.73 -32.18 -2.59
N LEU C 285 14.44 -31.09 -2.91
CA LEU C 285 13.92 -30.00 -3.80
C LEU C 285 14.64 -30.04 -5.15
N ALA C 286 13.90 -30.27 -6.25
CA ALA C 286 14.33 -30.03 -7.64
C ALA C 286 13.78 -28.68 -8.06
N THR C 287 14.65 -27.73 -8.36
CA THR C 287 14.31 -26.34 -8.69
C THR C 287 15.00 -25.89 -9.99
N GLY C 288 14.28 -25.11 -10.80
CA GLY C 288 14.85 -24.50 -12.02
C GLY C 288 13.79 -24.00 -12.98
N ALA C 289 14.22 -23.47 -14.12
CA ALA C 289 13.36 -22.71 -15.07
C ALA C 289 12.38 -23.67 -15.77
N THR C 290 11.33 -23.13 -16.38
CA THR C 290 10.34 -23.97 -17.10
C THR C 290 11.08 -24.80 -18.16
N GLY C 291 10.75 -26.09 -18.23
CA GLY C 291 11.14 -27.06 -19.27
C GLY C 291 12.46 -27.76 -19.02
N THR C 292 13.08 -27.57 -17.85
CA THR C 292 14.47 -28.00 -17.56
C THR C 292 14.53 -29.52 -17.40
N GLY C 293 13.54 -30.13 -16.76
CA GLY C 293 13.52 -31.59 -16.54
C GLY C 293 13.07 -32.02 -15.15
N LYS C 294 12.30 -31.21 -14.43
CA LYS C 294 11.89 -31.52 -13.03
C LYS C 294 10.90 -32.69 -13.00
N THR C 295 9.84 -32.62 -13.83
CA THR C 295 8.79 -33.66 -13.90
C THR C 295 9.45 -34.99 -14.30
N LEU C 296 10.41 -34.96 -15.25
CA LEU C 296 11.26 -36.14 -15.54
C LEU C 296 11.88 -36.64 -14.23
N LEU C 297 12.55 -35.81 -13.43
CA LEU C 297 13.21 -36.34 -12.19
C LEU C 297 12.17 -36.94 -11.21
N VAL C 298 10.99 -36.35 -11.08
CA VAL C 298 9.86 -36.87 -10.25
C VAL C 298 9.37 -38.21 -10.81
N SER C 299 9.13 -38.29 -12.13
CA SER C 299 8.79 -39.57 -12.78
C SER C 299 9.79 -40.65 -12.36
N LYS C 300 11.10 -40.40 -12.44
CA LYS C 300 12.12 -41.44 -12.15
C LYS C 300 12.07 -41.84 -10.67
N PHE C 301 11.91 -40.85 -9.77
CA PHE C 301 11.81 -41.04 -8.31
C PHE C 301 10.68 -42.02 -7.99
N LEU C 302 9.48 -41.74 -8.51
CA LEU C 302 8.25 -42.57 -8.28
C LEU C 302 8.49 -43.99 -8.81
N GLU C 303 8.72 -44.15 -10.11
CA GLU C 303 8.98 -45.45 -10.80
C GLU C 303 9.99 -46.30 -9.99
N THR C 304 11.08 -45.72 -9.50
CA THR C 304 12.14 -46.47 -8.79
C THR C 304 11.59 -47.13 -7.51
N GLY C 305 10.78 -46.43 -6.70
CA GLY C 305 10.19 -47.01 -5.48
C GLY C 305 9.26 -48.19 -5.80
N CYS C 306 8.49 -48.05 -6.88
CA CYS C 306 7.50 -49.03 -7.39
C CYS C 306 8.16 -50.35 -7.82
N GLN C 307 9.28 -50.32 -8.54
CA GLN C 307 10.04 -51.52 -9.01
C GLN C 307 10.79 -52.18 -7.84
N GLN C 308 10.80 -51.57 -6.65
CA GLN C 308 11.22 -52.19 -5.37
C GLN C 308 9.98 -52.70 -4.61
N GLY C 309 8.80 -52.66 -5.25
CA GLY C 309 7.51 -53.14 -4.74
C GLY C 309 6.95 -52.29 -3.59
N GLU C 310 7.41 -51.05 -3.45
CA GLU C 310 6.90 -50.04 -2.48
C GLU C 310 5.83 -49.19 -3.18
N ARG C 311 4.89 -48.61 -2.43
CA ARG C 311 3.88 -47.68 -3.02
C ARG C 311 4.48 -46.26 -3.16
N ALA C 312 4.12 -45.54 -4.23
CA ALA C 312 4.49 -44.12 -4.44
C ALA C 312 3.23 -43.29 -4.73
N LEU C 313 3.20 -42.08 -4.20
CA LEU C 313 2.02 -41.17 -4.25
C LEU C 313 2.47 -39.84 -4.86
N LEU C 314 1.80 -39.39 -5.91
CA LEU C 314 2.12 -38.14 -6.68
C LEU C 314 0.94 -37.18 -6.56
N PHE C 315 1.20 -35.94 -6.10
CA PHE C 315 0.23 -34.82 -6.14
C PHE C 315 0.65 -33.93 -7.31
N ALA C 316 -0.15 -33.92 -8.38
CA ALA C 316 0.12 -33.18 -9.64
C ALA C 316 -0.82 -31.98 -9.69
N TYR C 317 -0.30 -30.77 -9.81
CA TYR C 317 -1.10 -29.52 -9.81
C TYR C 317 -1.02 -28.77 -11.15
N GLU C 318 -0.37 -29.34 -12.17
CA GLU C 318 -0.08 -28.64 -13.45
C GLU C 318 -0.57 -29.45 -14.66
N GLU C 319 -0.46 -30.79 -14.61
CA GLU C 319 -0.70 -31.71 -15.75
C GLU C 319 -1.75 -32.76 -15.38
N SER C 320 -2.54 -33.21 -16.35
CA SER C 320 -3.55 -34.28 -16.18
C SER C 320 -2.85 -35.64 -16.12
N ARG C 321 -3.59 -36.68 -15.71
CA ARG C 321 -3.08 -38.08 -15.61
C ARG C 321 -2.72 -38.57 -17.02
N ALA C 322 -3.60 -38.38 -17.99
CA ALA C 322 -3.33 -38.76 -19.41
C ALA C 322 -1.97 -38.21 -19.85
N GLN C 323 -1.73 -36.91 -19.66
CA GLN C 323 -0.55 -36.22 -20.22
C GLN C 323 0.69 -36.69 -19.47
N LEU C 324 0.59 -36.82 -18.13
CA LEU C 324 1.70 -37.30 -17.27
C LEU C 324 2.17 -38.64 -17.84
N SER C 325 1.23 -39.52 -18.20
CA SER C 325 1.50 -40.91 -18.65
C SER C 325 2.10 -40.91 -20.05
N ARG C 326 1.53 -40.17 -21.00
CA ARG C 326 2.11 -40.01 -22.36
C ARG C 326 3.54 -39.50 -22.27
N ASN C 327 3.77 -38.45 -21.47
CA ASN C 327 5.12 -37.83 -21.40
C ASN C 327 6.05 -38.89 -20.83
N ALA C 328 5.64 -39.54 -19.73
CA ALA C 328 6.40 -40.59 -19.00
C ALA C 328 6.76 -41.76 -19.93
N SER C 329 5.83 -42.24 -20.78
CA SER C 329 6.06 -43.29 -21.81
C SER C 329 7.15 -42.85 -22.79
N SER C 330 7.22 -41.55 -23.14
CA SER C 330 8.23 -41.01 -24.09
C SER C 330 9.60 -40.90 -23.43
N TRP C 331 9.69 -41.14 -22.12
CA TRP C 331 10.96 -41.25 -21.33
C TRP C 331 11.24 -42.72 -20.98
N GLY C 332 10.37 -43.67 -21.33
CA GLY C 332 10.59 -45.12 -21.10
C GLY C 332 9.97 -45.61 -19.81
N ILE C 333 9.06 -44.84 -19.21
CA ILE C 333 8.38 -45.11 -17.90
C ILE C 333 6.90 -45.39 -18.17
N ASP C 334 6.35 -46.39 -17.48
CA ASP C 334 4.99 -46.94 -17.72
C ASP C 334 4.17 -46.74 -16.45
N PHE C 335 3.63 -45.54 -16.28
CA PHE C 335 2.77 -45.14 -15.15
C PHE C 335 1.52 -46.03 -15.11
N GLU C 336 0.95 -46.39 -16.28
CA GLU C 336 -0.29 -47.22 -16.38
C GLU C 336 -0.08 -48.60 -15.71
N GLU C 337 1.02 -49.31 -15.98
CA GLU C 337 1.28 -50.65 -15.38
C GLU C 337 1.41 -50.51 -13.86
N LEU C 338 2.13 -49.49 -13.39
CA LEU C 338 2.35 -49.21 -11.94
C LEU C 338 0.98 -48.99 -11.27
N GLU C 339 0.09 -48.24 -11.91
CA GLU C 339 -1.27 -47.91 -11.39
C GLU C 339 -2.10 -49.18 -11.28
N ARG C 340 -2.06 -50.07 -12.30
CA ARG C 340 -2.84 -51.33 -12.36
C ARG C 340 -2.41 -52.21 -11.16
N ARG C 341 -1.11 -52.36 -10.96
CA ARG C 341 -0.52 -53.22 -9.88
C ARG C 341 -0.74 -52.60 -8.49
N GLY C 342 -1.44 -51.46 -8.36
CA GLY C 342 -1.73 -50.82 -7.06
C GLY C 342 -0.48 -50.26 -6.36
N LEU C 343 0.56 -49.88 -7.10
CA LEU C 343 1.82 -49.36 -6.50
C LEU C 343 1.94 -47.84 -6.67
N LEU C 344 1.29 -47.24 -7.68
CA LEU C 344 1.38 -45.80 -8.00
C LEU C 344 -0.02 -45.22 -8.01
N ARG C 345 -0.24 -44.20 -7.18
CA ARG C 345 -1.47 -43.38 -7.18
C ARG C 345 -1.08 -41.93 -7.56
N ILE C 346 -1.75 -41.39 -8.56
CA ILE C 346 -1.62 -39.96 -9.02
C ILE C 346 -2.89 -39.20 -8.66
N ILE C 347 -2.75 -38.19 -7.79
CA ILE C 347 -3.81 -37.22 -7.39
C ILE C 347 -3.58 -35.93 -8.19
N CYS C 348 -4.47 -35.66 -9.16
CA CYS C 348 -4.56 -34.42 -9.98
C CYS C 348 -5.58 -33.45 -9.38
N ALA C 349 -5.19 -32.20 -9.12
CA ALA C 349 -6.06 -31.13 -8.57
C ALA C 349 -5.53 -29.76 -9.01
N TYR C 350 -6.43 -28.78 -9.14
CA TYR C 350 -6.09 -27.36 -9.40
C TYR C 350 -5.79 -26.66 -8.08
N PRO C 351 -4.66 -25.93 -7.98
CA PRO C 351 -4.34 -25.14 -6.80
C PRO C 351 -5.49 -24.23 -6.31
N GLU C 352 -6.09 -23.48 -7.24
CA GLU C 352 -7.11 -22.43 -6.97
C GLU C 352 -8.51 -23.05 -6.80
N SER C 353 -8.61 -24.39 -6.74
CA SER C 353 -9.87 -25.09 -6.39
C SER C 353 -10.09 -25.09 -4.86
N ALA C 354 -9.03 -25.03 -4.04
CA ALA C 354 -9.11 -25.15 -2.57
C ALA C 354 -8.10 -24.24 -1.88
N GLY C 355 -8.31 -23.96 -0.59
CA GLY C 355 -7.35 -23.26 0.29
C GLY C 355 -6.17 -24.14 0.66
N LEU C 356 -5.05 -23.56 1.07
CA LEU C 356 -3.82 -24.33 1.37
C LEU C 356 -4.08 -25.36 2.50
N GLU C 357 -4.82 -24.98 3.55
CA GLU C 357 -5.12 -25.89 4.70
C GLU C 357 -5.90 -27.10 4.20
N ASP C 358 -6.82 -26.89 3.28
CA ASP C 358 -7.61 -27.99 2.66
C ASP C 358 -6.68 -28.87 1.82
N HIS C 359 -5.80 -28.31 0.98
CA HIS C 359 -4.80 -29.10 0.19
C HIS C 359 -4.00 -29.99 1.14
N LEU C 360 -3.50 -29.46 2.25
CA LEU C 360 -2.70 -30.21 3.27
C LEU C 360 -3.51 -31.34 3.90
N GLN C 361 -4.76 -31.09 4.31
CA GLN C 361 -5.68 -32.13 4.84
C GLN C 361 -5.83 -33.25 3.80
N ILE C 362 -6.17 -32.91 2.55
CA ILE C 362 -6.30 -33.93 1.46
C ILE C 362 -4.98 -34.70 1.35
N ILE C 363 -3.83 -34.02 1.42
CA ILE C 363 -2.51 -34.72 1.32
C ILE C 363 -2.39 -35.69 2.50
N LYS C 364 -2.62 -35.24 3.74
CA LYS C 364 -2.50 -36.09 4.97
C LYS C 364 -3.42 -37.33 4.87
N SER C 365 -4.66 -37.16 4.42
CA SER C 365 -5.68 -38.24 4.27
C SER C 365 -5.20 -39.35 3.31
N GLU C 366 -4.72 -38.97 2.13
CA GLU C 366 -4.27 -39.91 1.08
C GLU C 366 -3.04 -40.68 1.56
N ILE C 367 -2.13 -40.03 2.27
CA ILE C 367 -0.90 -40.68 2.82
C ILE C 367 -1.35 -41.73 3.85
N ALA C 368 -2.21 -41.33 4.81
CA ALA C 368 -2.76 -42.20 5.87
C ALA C 368 -3.47 -43.40 5.25
N ASP C 369 -4.17 -43.21 4.11
CA ASP C 369 -4.91 -44.28 3.40
C ASP C 369 -3.93 -45.19 2.62
N PHE C 370 -3.30 -44.68 1.56
CA PHE C 370 -2.43 -45.45 0.63
C PHE C 370 -1.14 -45.91 1.31
N LYS C 371 -0.64 -45.17 2.31
CA LYS C 371 0.58 -45.51 3.09
C LYS C 371 1.79 -45.64 2.15
N PRO C 372 2.15 -44.57 1.43
CA PRO C 372 3.37 -44.57 0.61
C PRO C 372 4.70 -44.59 1.37
N SER C 373 5.78 -45.06 0.72
CA SER C 373 7.18 -44.81 1.17
C SER C 373 7.79 -43.61 0.41
N ARG C 374 7.23 -43.23 -0.75
CA ARG C 374 7.68 -42.06 -1.56
C ARG C 374 6.51 -41.12 -1.84
N VAL C 375 6.68 -39.81 -1.57
CA VAL C 375 5.64 -38.80 -1.92
C VAL C 375 6.29 -37.70 -2.77
N ALA C 376 5.58 -37.24 -3.81
CA ALA C 376 6.05 -36.20 -4.76
C ALA C 376 5.01 -35.09 -4.84
N ILE C 377 5.48 -33.84 -4.94
CA ILE C 377 4.63 -32.64 -5.23
C ILE C 377 5.19 -31.90 -6.45
N ASP C 378 4.36 -31.79 -7.47
CA ASP C 378 4.66 -31.15 -8.77
C ASP C 378 3.52 -30.19 -9.09
N SER C 379 3.66 -28.91 -8.74
CA SER C 379 4.86 -28.32 -8.15
C SER C 379 4.47 -27.54 -6.89
N LEU C 380 5.42 -27.28 -5.99
CA LEU C 380 5.25 -26.33 -4.85
C LEU C 380 4.96 -24.94 -5.38
N SER C 381 5.61 -24.55 -6.48
CA SER C 381 5.45 -23.19 -7.06
C SER C 381 4.03 -22.98 -7.60
N ALA C 382 3.33 -24.00 -8.09
CA ALA C 382 1.91 -23.85 -8.49
C ALA C 382 1.05 -23.49 -7.26
N LEU C 383 1.39 -24.02 -6.10
CA LEU C 383 0.56 -23.89 -4.87
C LEU C 383 0.85 -22.55 -4.20
N ALA C 384 2.01 -21.95 -4.50
CA ALA C 384 2.45 -20.65 -3.97
C ALA C 384 1.85 -19.49 -4.78
N ARG C 385 1.39 -19.70 -6.02
CA ARG C 385 0.83 -18.59 -6.86
C ARG C 385 -0.36 -17.93 -6.15
N GLY C 386 -0.31 -16.61 -5.96
CA GLY C 386 -1.46 -15.79 -5.49
C GLY C 386 -1.88 -16.06 -4.06
N VAL C 387 -0.99 -16.58 -3.20
CA VAL C 387 -1.23 -16.81 -1.74
C VAL C 387 -0.18 -15.99 -0.97
N SER C 388 -0.46 -15.60 0.27
CA SER C 388 0.56 -14.95 1.14
C SER C 388 1.75 -15.91 1.29
N ASN C 389 2.98 -15.40 1.33
CA ASN C 389 4.19 -16.24 1.54
C ASN C 389 4.10 -16.91 2.92
N ASN C 390 3.50 -16.25 3.92
CA ASN C 390 3.32 -16.79 5.29
C ASN C 390 2.41 -18.02 5.26
N ALA C 391 1.27 -17.94 4.55
CA ALA C 391 0.33 -19.08 4.39
C ALA C 391 1.08 -20.22 3.67
N PHE C 392 1.76 -19.90 2.58
CA PHE C 392 2.53 -20.90 1.78
C PHE C 392 3.59 -21.57 2.68
N ARG C 393 4.39 -20.79 3.42
CA ARG C 393 5.47 -21.33 4.30
C ARG C 393 4.86 -22.24 5.35
N GLN C 394 3.71 -21.87 5.90
CA GLN C 394 2.97 -22.75 6.85
C GLN C 394 2.62 -24.07 6.14
N PHE C 395 2.05 -24.01 4.94
CA PHE C 395 1.74 -25.23 4.14
C PHE C 395 3.00 -26.09 3.99
N VAL C 396 4.13 -25.49 3.57
CA VAL C 396 5.37 -26.27 3.26
C VAL C 396 5.88 -26.92 4.55
N ILE C 397 5.88 -26.19 5.67
CA ILE C 397 6.33 -26.72 6.99
C ILE C 397 5.43 -27.90 7.38
N GLY C 398 4.11 -27.80 7.17
CA GLY C 398 3.16 -28.90 7.40
C GLY C 398 3.46 -30.14 6.56
N VAL C 399 3.49 -30.03 5.22
CA VAL C 399 3.69 -31.20 4.33
C VAL C 399 5.02 -31.88 4.71
N THR C 400 6.08 -31.10 4.90
CA THR C 400 7.45 -31.66 5.12
C THR C 400 7.53 -32.27 6.53
N GLY C 401 7.04 -31.55 7.54
CA GLY C 401 6.95 -32.10 8.91
C GLY C 401 6.28 -33.46 8.87
N PHE C 402 5.14 -33.55 8.18
CA PHE C 402 4.31 -34.78 8.16
C PHE C 402 5.10 -35.91 7.48
N ALA C 403 5.73 -35.64 6.33
CA ALA C 403 6.54 -36.63 5.57
C ALA C 403 7.66 -37.19 6.49
N LYS C 404 8.38 -36.32 7.21
CA LYS C 404 9.56 -36.70 8.03
C LYS C 404 9.13 -37.46 9.31
N GLN C 405 7.90 -37.24 9.81
CA GLN C 405 7.34 -37.97 10.99
C GLN C 405 7.02 -39.40 10.56
N GLU C 406 6.47 -39.60 9.36
CA GLU C 406 6.04 -40.93 8.82
C GLU C 406 7.24 -41.66 8.21
N GLU C 407 8.44 -41.06 8.28
CA GLU C 407 9.67 -41.50 7.58
C GLU C 407 9.33 -41.82 6.11
N ILE C 408 8.62 -40.92 5.43
CA ILE C 408 8.35 -40.98 3.96
C ILE C 408 9.39 -40.11 3.23
N THR C 409 9.95 -40.58 2.12
CA THR C 409 10.85 -39.75 1.28
C THR C 409 9.99 -38.77 0.46
N GLY C 410 10.28 -37.46 0.58
CA GLY C 410 9.54 -36.39 -0.09
C GLY C 410 10.36 -35.73 -1.19
N PHE C 411 9.80 -35.68 -2.42
CA PHE C 411 10.37 -35.01 -3.63
C PHE C 411 9.40 -33.91 -4.07
N PHE C 412 9.86 -32.66 -4.03
CA PHE C 412 9.07 -31.44 -4.33
C PHE C 412 9.75 -30.67 -5.45
N THR C 413 8.98 -30.09 -6.37
CA THR C 413 9.51 -29.29 -7.51
C THR C 413 9.16 -27.81 -7.30
N ASN C 414 10.05 -26.94 -7.79
CA ASN C 414 9.89 -25.47 -7.83
C ASN C 414 10.34 -25.00 -9.21
N THR C 415 9.46 -24.30 -9.92
CA THR C 415 9.76 -23.64 -11.20
C THR C 415 10.12 -22.17 -10.90
N THR C 416 11.32 -21.74 -11.25
CA THR C 416 11.81 -20.34 -11.08
C THR C 416 11.15 -19.43 -12.13
N ASP C 417 10.97 -18.16 -11.78
CA ASP C 417 10.30 -17.14 -12.64
C ASP C 417 11.32 -16.66 -13.67
N GLN C 418 12.60 -16.66 -13.30
CA GLN C 418 13.72 -16.25 -14.19
C GLN C 418 14.32 -17.50 -14.85
N PHE C 419 14.35 -17.54 -16.18
CA PHE C 419 14.75 -18.74 -16.97
C PHE C 419 16.27 -18.75 -17.11
N MET C 420 16.91 -17.64 -16.72
CA MET C 420 18.38 -17.44 -16.82
C MET C 420 18.85 -16.41 -15.79
N GLY C 421 20.10 -16.56 -15.33
CA GLY C 421 20.81 -15.54 -14.52
C GLY C 421 20.17 -15.31 -13.16
N SER C 422 19.31 -16.23 -12.71
CA SER C 422 18.62 -16.14 -11.40
C SER C 422 19.61 -16.42 -10.26
N ASN C 423 19.63 -15.52 -9.28
CA ASN C 423 20.60 -15.53 -8.16
C ASN C 423 19.94 -16.12 -6.91
N SER C 424 18.88 -16.94 -7.06
CA SER C 424 18.11 -17.54 -5.94
C SER C 424 17.59 -18.95 -6.28
N ILE C 425 17.60 -19.85 -5.29
CA ILE C 425 17.07 -21.24 -5.37
C ILE C 425 15.54 -21.20 -5.50
N THR C 426 14.86 -20.43 -4.62
CA THR C 426 13.38 -20.24 -4.61
C THR C 426 13.05 -18.77 -4.32
N GLU C 427 12.02 -18.24 -4.98
CA GLU C 427 11.46 -16.88 -4.74
C GLU C 427 10.69 -16.88 -3.41
N SER C 428 10.26 -18.06 -2.94
CA SER C 428 9.48 -18.26 -1.69
C SER C 428 10.39 -18.51 -0.47
N HIS C 429 11.70 -18.58 -0.65
CA HIS C 429 12.71 -18.73 0.43
C HIS C 429 12.34 -19.91 1.33
N ILE C 430 12.19 -21.11 0.76
CA ILE C 430 11.90 -22.39 1.47
C ILE C 430 13.15 -23.28 1.56
N SEP C 431 14.31 -22.78 1.09
CA SEP C 431 15.55 -23.53 0.99
CB SEP C 431 16.72 -22.66 0.60
OG SEP C 431 16.43 -21.99 -0.62
C SEP C 431 15.92 -24.20 2.29
O SEP C 431 16.43 -25.32 2.25
P SEP C 431 16.37 -20.37 -0.63
O1P SEP C 431 17.82 -19.91 -0.80
O2P SEP C 431 15.77 -19.89 0.68
O3P SEP C 431 15.49 -20.01 -1.83
N TPO C 432 15.72 -23.49 3.42
CA TPO C 432 16.21 -23.94 4.72
CB TPO C 432 16.47 -22.74 5.68
CG2 TPO C 432 17.77 -22.06 5.32
OG1 TPO C 432 15.42 -21.70 5.66
P TPO C 432 15.26 -20.52 6.83
O1P TPO C 432 16.59 -19.77 6.98
O2P TPO C 432 14.89 -21.32 8.06
O3P TPO C 432 14.13 -19.57 6.42
C TPO C 432 15.30 -25.02 5.31
O TPO C 432 15.63 -25.63 6.33
N ILE C 433 14.17 -25.31 4.65
CA ILE C 433 13.28 -26.36 5.08
C ILE C 433 13.66 -27.67 4.38
N THR C 434 14.55 -27.64 3.38
CA THR C 434 14.91 -28.83 2.55
C THR C 434 16.30 -29.37 2.94
N ASP C 435 16.51 -30.67 2.75
CA ASP C 435 17.77 -31.41 3.02
C ASP C 435 18.66 -31.47 1.78
N THR C 436 18.07 -31.75 0.61
CA THR C 436 18.81 -31.89 -0.67
C THR C 436 18.22 -30.94 -1.71
N ILE C 437 19.08 -30.25 -2.45
CA ILE C 437 18.65 -29.29 -3.51
C ILE C 437 19.34 -29.71 -4.81
N LEU C 438 18.53 -29.99 -5.86
CA LEU C 438 19.01 -30.27 -7.23
C LEU C 438 18.71 -29.03 -8.07
N LEU C 439 19.75 -28.32 -8.47
CA LEU C 439 19.62 -27.09 -9.29
C LEU C 439 19.62 -27.51 -10.76
N LEU C 440 18.54 -27.26 -11.49
CA LEU C 440 18.51 -27.48 -12.97
C LEU C 440 18.55 -26.12 -13.66
N GLN C 441 19.45 -25.90 -14.64
CA GLN C 441 19.59 -24.56 -15.29
C GLN C 441 20.00 -24.67 -16.76
N TYR C 442 19.56 -23.72 -17.57
CA TYR C 442 19.93 -23.62 -19.01
C TYR C 442 21.30 -22.95 -19.11
N VAL C 443 22.07 -23.28 -20.14
CA VAL C 443 23.42 -22.71 -20.40
C VAL C 443 23.58 -22.55 -21.90
N GLU C 444 23.73 -21.31 -22.38
CA GLU C 444 23.99 -21.00 -23.80
C GLU C 444 25.40 -21.49 -24.12
N ILE C 445 25.51 -22.49 -25.00
CA ILE C 445 26.80 -23.04 -25.52
C ILE C 445 26.76 -23.01 -27.05
N ARG C 446 27.67 -22.27 -27.69
CA ARG C 446 27.86 -22.22 -29.15
C ARG C 446 26.50 -22.06 -29.85
N GLY C 447 25.69 -21.10 -29.40
CA GLY C 447 24.42 -20.67 -30.03
C GLY C 447 23.25 -21.60 -29.79
N GLU C 448 23.41 -22.59 -28.90
CA GLU C 448 22.35 -23.55 -28.53
C GLU C 448 22.06 -23.46 -27.01
N MET C 449 20.85 -23.84 -26.63
CA MET C 449 20.40 -23.93 -25.23
C MET C 449 20.74 -25.32 -24.68
N SER C 450 21.87 -25.46 -23.99
CA SER C 450 22.18 -26.69 -23.22
C SER C 450 21.55 -26.55 -21.83
N ARG C 451 21.85 -27.50 -20.96
CA ARG C 451 21.24 -27.59 -19.61
C ARG C 451 22.18 -28.43 -18.74
N ALA C 452 22.28 -28.04 -17.48
CA ALA C 452 23.23 -28.63 -16.52
C ALA C 452 22.47 -28.90 -15.22
N ILE C 453 22.93 -29.91 -14.46
CA ILE C 453 22.39 -30.30 -13.13
C ILE C 453 23.52 -30.19 -12.08
N ASN C 454 23.15 -29.76 -10.87
CA ASN C 454 24.09 -29.55 -9.75
C ASN C 454 23.40 -29.99 -8.45
N VAL C 455 24.03 -30.89 -7.71
CA VAL C 455 23.62 -31.17 -6.31
C VAL C 455 24.16 -30.00 -5.50
N PHE C 456 23.27 -29.05 -5.26
CA PHE C 456 23.62 -27.72 -4.68
C PHE C 456 23.85 -27.95 -3.18
N LYS C 457 22.99 -28.72 -2.55
CA LYS C 457 23.03 -29.00 -1.10
C LYS C 457 22.74 -30.48 -0.89
N MET C 458 23.43 -31.08 0.07
CA MET C 458 23.11 -32.45 0.54
C MET C 458 23.47 -32.54 2.04
N ARG C 459 22.56 -32.10 2.92
CA ARG C 459 22.72 -32.32 4.37
C ARG C 459 23.00 -33.81 4.62
N GLY C 460 24.07 -34.11 5.36
CA GLY C 460 24.33 -35.48 5.85
C GLY C 460 25.33 -36.26 5.00
N SER C 461 25.75 -35.76 3.85
CA SER C 461 26.58 -36.54 2.90
C SER C 461 27.49 -35.64 2.09
N TRP C 462 28.59 -36.20 1.60
CA TRP C 462 29.35 -35.71 0.43
C TRP C 462 28.43 -35.64 -0.80
N HIS C 463 28.70 -34.72 -1.70
CA HIS C 463 28.07 -34.65 -3.04
C HIS C 463 29.05 -34.04 -4.03
N ASP C 464 28.95 -34.48 -5.27
CA ASP C 464 29.66 -33.94 -6.46
C ASP C 464 29.35 -32.45 -6.52
N LYS C 465 30.38 -31.64 -6.73
CA LYS C 465 30.29 -30.16 -6.83
C LYS C 465 30.09 -29.78 -8.30
N GLY C 466 30.14 -30.73 -9.23
CA GLY C 466 30.13 -30.40 -10.68
C GLY C 466 28.84 -29.74 -11.10
N ILE C 467 28.90 -28.80 -12.05
CA ILE C 467 27.70 -28.31 -12.79
C ILE C 467 27.63 -29.15 -14.07
N ARG C 468 27.04 -30.33 -14.00
CA ARG C 468 27.20 -31.37 -15.05
C ARG C 468 26.13 -31.21 -16.13
N GLU C 469 26.58 -31.07 -17.38
CA GLU C 469 25.72 -31.02 -18.59
C GLU C 469 24.91 -32.31 -18.59
N TYR C 470 23.63 -32.21 -18.90
CA TYR C 470 22.75 -33.38 -19.09
C TYR C 470 21.92 -33.17 -20.35
N VAL C 471 21.43 -34.29 -20.83
CA VAL C 471 20.66 -34.46 -22.09
C VAL C 471 19.44 -35.28 -21.70
N ILE C 472 18.27 -34.93 -22.26
CA ILE C 472 17.02 -35.71 -22.09
C ILE C 472 16.79 -36.45 -23.42
N THR C 473 16.42 -37.73 -23.35
CA THR C 473 16.13 -38.58 -24.53
C THR C 473 14.92 -39.46 -24.22
N GLU C 474 14.61 -40.41 -25.12
CA GLU C 474 13.60 -41.49 -24.90
C GLU C 474 13.96 -42.36 -23.68
N LYS C 475 15.22 -42.38 -23.25
CA LYS C 475 15.68 -43.13 -22.04
C LYS C 475 15.73 -42.20 -20.82
N GLY C 476 15.23 -40.96 -20.93
CA GLY C 476 15.13 -40.02 -19.80
C GLY C 476 16.36 -39.13 -19.67
N ALA C 477 16.97 -39.06 -18.48
CA ALA C 477 18.11 -38.18 -18.18
C ALA C 477 19.44 -38.92 -18.38
N GLU C 478 20.27 -38.43 -19.29
CA GLU C 478 21.69 -38.83 -19.46
C GLU C 478 22.58 -37.67 -18.96
N ILE C 479 23.29 -37.87 -17.87
CA ILE C 479 24.18 -36.85 -17.24
C ILE C 479 25.63 -37.07 -17.69
N ARG C 480 26.26 -36.03 -18.22
CA ARG C 480 27.66 -36.07 -18.73
C ARG C 480 28.55 -35.28 -17.78
N ASP C 481 29.51 -34.49 -18.30
CA ASP C 481 30.61 -33.86 -17.53
C ASP C 481 30.32 -32.38 -17.29
N SER C 482 31.04 -31.77 -16.34
CA SER C 482 31.09 -30.30 -16.17
C SER C 482 31.68 -29.70 -17.45
N PHE C 483 31.38 -28.43 -17.68
CA PHE C 483 31.99 -27.55 -18.70
C PHE C 483 33.32 -27.01 -18.13
N ARG C 484 34.43 -27.67 -18.43
CA ARG C 484 35.75 -27.40 -17.81
C ARG C 484 36.30 -26.04 -18.25
N ASN C 485 36.24 -25.72 -19.56
CA ASN C 485 36.96 -24.56 -20.15
C ASN C 485 36.04 -23.33 -20.33
N PHE C 486 35.02 -23.19 -19.47
CA PHE C 486 34.07 -22.05 -19.46
C PHE C 486 34.08 -21.36 -18.08
N GLU C 487 33.85 -20.03 -18.07
CA GLU C 487 33.57 -19.17 -16.88
C GLU C 487 32.15 -18.60 -17.00
N GLY C 488 31.49 -18.34 -15.88
CA GLY C 488 30.17 -17.67 -15.88
C GLY C 488 29.06 -18.62 -16.29
N ILE C 489 29.26 -19.92 -16.05
CA ILE C 489 28.25 -20.99 -16.32
C ILE C 489 26.96 -20.67 -15.56
N ILE C 490 27.09 -20.29 -14.29
CA ILE C 490 25.93 -20.13 -13.35
C ILE C 490 25.08 -18.91 -13.78
N SER C 491 25.64 -17.98 -14.59
CA SER C 491 24.92 -16.82 -15.21
C SER C 491 23.96 -17.29 -16.31
N GLY C 492 24.26 -18.41 -16.99
CA GLY C 492 23.46 -18.91 -18.14
C GLY C 492 24.12 -18.59 -19.48
N THR C 493 25.00 -17.56 -19.52
CA THR C 493 25.73 -17.07 -20.72
C THR C 493 27.23 -17.13 -20.45
N PRO C 494 27.85 -18.32 -20.42
CA PRO C 494 29.28 -18.45 -20.11
C PRO C 494 30.18 -17.87 -21.21
N THR C 495 31.47 -17.74 -20.90
CA THR C 495 32.53 -17.27 -21.83
C THR C 495 33.62 -18.36 -21.86
N ARG C 496 34.05 -18.78 -23.06
CA ARG C 496 35.15 -19.77 -23.26
C ARG C 496 36.47 -19.17 -22.74
N ILE C 497 37.23 -19.91 -21.95
CA ILE C 497 38.46 -19.41 -21.23
C ILE C 497 39.51 -18.99 -22.27
N GLU D 18 -28.42 -38.97 7.93
CA GLU D 18 -27.48 -37.80 7.73
C GLU D 18 -28.03 -36.95 6.58
N VAL D 19 -27.49 -35.73 6.39
CA VAL D 19 -28.19 -34.67 5.61
C VAL D 19 -28.13 -35.03 4.12
N LYS D 20 -29.31 -35.23 3.51
CA LYS D 20 -29.47 -35.50 2.04
C LYS D 20 -29.74 -34.17 1.31
N LYS D 21 -29.32 -34.09 0.06
CA LYS D 21 -29.47 -32.87 -0.76
C LYS D 21 -30.35 -33.18 -1.97
N ILE D 22 -31.07 -32.18 -2.47
CA ILE D 22 -31.78 -32.30 -3.77
C ILE D 22 -31.05 -31.45 -4.80
N PRO D 23 -30.92 -31.96 -6.05
CA PRO D 23 -30.30 -31.20 -7.15
C PRO D 23 -30.97 -29.87 -7.53
N THR D 24 -30.18 -28.80 -7.69
CA THR D 24 -30.67 -27.49 -8.23
C THR D 24 -30.64 -27.56 -9.76
N MET D 25 -29.69 -28.30 -10.31
CA MET D 25 -29.32 -28.29 -11.76
C MET D 25 -29.01 -26.86 -12.24
N ILE D 26 -28.70 -25.93 -11.35
CA ILE D 26 -28.05 -24.64 -11.76
C ILE D 26 -26.60 -25.00 -12.13
N GLU D 27 -26.17 -24.65 -13.35
CA GLU D 27 -24.87 -25.04 -13.94
C GLU D 27 -23.72 -24.72 -12.96
N GLY D 28 -23.03 -25.71 -12.42
CA GLY D 28 -21.84 -25.53 -11.54
C GLY D 28 -22.17 -25.46 -10.05
N PHE D 29 -23.44 -25.32 -9.66
CA PHE D 29 -23.80 -25.11 -8.24
C PHE D 29 -23.82 -26.45 -7.49
N ASP D 30 -24.33 -27.51 -8.11
CA ASP D 30 -24.38 -28.87 -7.51
C ASP D 30 -22.95 -29.40 -7.31
N ASP D 31 -21.95 -28.89 -8.04
CA ASP D 31 -20.51 -29.21 -7.80
C ASP D 31 -19.99 -28.54 -6.52
N ILE D 32 -20.19 -27.23 -6.35
CA ILE D 32 -19.66 -26.49 -5.18
C ILE D 32 -20.44 -26.88 -3.92
N SER D 33 -21.70 -27.31 -4.05
CA SER D 33 -22.53 -27.72 -2.90
C SER D 33 -22.33 -29.20 -2.59
N HIS D 34 -21.58 -29.94 -3.41
CA HIS D 34 -21.52 -31.42 -3.37
C HIS D 34 -22.93 -32.03 -3.34
N GLY D 35 -23.79 -31.71 -4.32
CA GLY D 35 -25.03 -32.45 -4.61
C GLY D 35 -26.27 -31.58 -4.63
N GLY D 36 -26.15 -30.30 -4.26
CA GLY D 36 -27.25 -29.31 -4.21
C GLY D 36 -27.57 -28.85 -2.78
N LEU D 37 -28.84 -28.47 -2.54
CA LEU D 37 -29.26 -27.80 -1.27
C LEU D 37 -29.82 -28.85 -0.30
N PRO D 38 -29.46 -28.81 1.02
CA PRO D 38 -30.03 -29.72 2.02
C PRO D 38 -31.56 -29.75 1.95
N GLN D 39 -32.11 -30.96 1.83
CA GLN D 39 -33.57 -31.23 1.71
C GLN D 39 -34.26 -30.83 3.02
N GLY D 40 -35.40 -30.15 2.94
CA GLY D 40 -36.33 -29.96 4.08
C GLY D 40 -35.97 -28.75 4.92
N ARG D 41 -35.10 -27.89 4.37
CA ARG D 41 -34.50 -26.77 5.12
C ARG D 41 -34.50 -25.52 4.24
N THR D 42 -34.27 -24.38 4.87
CA THR D 42 -34.10 -23.04 4.26
C THR D 42 -32.61 -22.82 3.95
N THR D 43 -32.38 -22.36 2.72
CA THR D 43 -31.12 -21.77 2.26
C THR D 43 -31.36 -20.26 2.05
N LEU D 44 -30.60 -19.40 2.74
CA LEU D 44 -30.56 -17.94 2.50
C LEU D 44 -29.67 -17.63 1.29
N VAL D 45 -30.18 -16.89 0.30
CA VAL D 45 -29.39 -16.36 -0.86
C VAL D 45 -29.34 -14.84 -0.73
N SER D 46 -28.23 -14.25 -0.25
CA SER D 46 -28.08 -12.79 -0.03
C SER D 46 -27.21 -12.15 -1.12
N GLY D 47 -27.50 -10.89 -1.40
CA GLY D 47 -26.70 -10.09 -2.33
C GLY D 47 -27.24 -8.69 -2.47
N THR D 48 -26.36 -7.80 -2.94
CA THR D 48 -26.69 -6.45 -3.44
C THR D 48 -27.64 -6.56 -4.64
N SER D 49 -28.12 -5.42 -5.11
CA SER D 49 -29.10 -5.31 -6.22
C SER D 49 -28.45 -5.79 -7.51
N GLY D 50 -29.13 -6.70 -8.22
CA GLY D 50 -28.71 -7.14 -9.55
C GLY D 50 -27.64 -8.21 -9.52
N THR D 51 -27.59 -9.02 -8.45
CA THR D 51 -26.56 -10.09 -8.21
C THR D 51 -27.03 -11.43 -8.79
N GLY D 52 -28.33 -11.62 -9.01
CA GLY D 52 -28.92 -12.84 -9.57
C GLY D 52 -29.81 -13.59 -8.59
N LYS D 53 -30.23 -12.94 -7.50
CA LYS D 53 -31.00 -13.60 -6.41
C LYS D 53 -32.35 -14.12 -6.95
N THR D 54 -33.14 -13.28 -7.60
CA THR D 54 -34.45 -13.65 -8.14
C THR D 54 -34.20 -14.74 -9.19
N LEU D 55 -33.13 -14.58 -9.98
CA LEU D 55 -32.77 -15.56 -11.01
C LEU D 55 -32.58 -16.93 -10.32
N PHE D 56 -31.80 -16.99 -9.23
CA PHE D 56 -31.49 -18.24 -8.49
C PHE D 56 -32.80 -18.86 -7.96
N ALA D 57 -33.66 -18.04 -7.37
CA ALA D 57 -34.95 -18.48 -6.82
C ALA D 57 -35.85 -19.06 -7.93
N VAL D 58 -35.92 -18.40 -9.09
CA VAL D 58 -36.79 -18.88 -10.21
C VAL D 58 -36.25 -20.22 -10.73
N GLN D 59 -34.92 -20.31 -10.88
CA GLN D 59 -34.24 -21.47 -11.52
C GLN D 59 -34.41 -22.74 -10.64
N PHE D 60 -34.36 -22.59 -9.33
CA PHE D 60 -34.56 -23.68 -8.34
C PHE D 60 -35.92 -24.35 -8.60
N LEU D 61 -37.00 -23.56 -8.66
CA LEU D 61 -38.36 -24.05 -9.00
C LEU D 61 -38.44 -24.53 -10.46
N TYR D 62 -37.90 -23.80 -11.43
CA TYR D 62 -38.07 -24.20 -12.86
C TYR D 62 -37.44 -25.60 -13.06
N ASN D 63 -36.19 -25.76 -12.62
CA ASN D 63 -35.46 -27.05 -12.70
C ASN D 63 -36.17 -28.15 -11.88
N GLY D 64 -36.66 -27.85 -10.66
CA GLY D 64 -37.50 -28.79 -9.90
C GLY D 64 -38.67 -29.36 -10.76
N ILE D 65 -39.37 -28.51 -11.50
CA ILE D 65 -40.60 -28.90 -12.25
C ILE D 65 -40.18 -29.67 -13.51
N THR D 66 -39.31 -29.11 -14.35
CA THR D 66 -38.97 -29.63 -15.68
C THR D 66 -38.14 -30.91 -15.55
N ILE D 67 -37.23 -30.99 -14.58
CA ILE D 67 -36.25 -32.13 -14.53
C ILE D 67 -36.71 -33.23 -13.57
N PHE D 68 -37.40 -32.97 -12.46
CA PHE D 68 -37.72 -34.01 -11.44
C PHE D 68 -39.22 -34.07 -11.10
N ASN D 69 -40.06 -33.37 -11.87
CA ASN D 69 -41.52 -33.24 -11.65
C ASN D 69 -41.88 -32.84 -10.20
N GLU D 70 -41.00 -32.15 -9.47
CA GLU D 70 -41.26 -31.49 -8.15
C GLU D 70 -42.00 -30.17 -8.35
N PRO D 71 -43.27 -30.00 -7.87
CA PRO D 71 -43.97 -28.71 -7.96
C PRO D 71 -43.43 -27.65 -6.97
N GLY D 72 -43.68 -26.38 -7.32
CA GLY D 72 -43.07 -25.24 -6.63
C GLY D 72 -44.01 -24.08 -6.41
N ILE D 73 -43.78 -23.39 -5.30
CA ILE D 73 -44.40 -22.08 -4.92
C ILE D 73 -43.34 -20.98 -5.00
N PHE D 74 -43.63 -19.90 -5.73
CA PHE D 74 -42.81 -18.66 -5.73
C PHE D 74 -43.60 -17.55 -5.05
N VAL D 75 -43.10 -17.07 -3.91
CA VAL D 75 -43.70 -15.92 -3.17
C VAL D 75 -42.96 -14.63 -3.51
N THR D 76 -43.66 -13.64 -4.10
CA THR D 76 -43.12 -12.29 -4.38
C THR D 76 -43.79 -11.32 -3.41
N PHE D 77 -43.05 -10.30 -2.96
CA PHE D 77 -43.48 -9.30 -1.96
C PHE D 77 -43.44 -7.90 -2.57
N GLU D 78 -43.19 -7.82 -3.87
CA GLU D 78 -42.93 -6.55 -4.59
C GLU D 78 -43.20 -6.77 -6.07
N GLU D 79 -42.49 -7.69 -6.72
CA GLU D 79 -42.56 -7.90 -8.19
C GLU D 79 -43.92 -8.56 -8.54
N SER D 80 -44.59 -8.13 -9.62
CA SER D 80 -45.85 -8.76 -10.12
C SER D 80 -45.55 -10.18 -10.62
N PRO D 81 -46.49 -11.13 -10.50
CA PRO D 81 -46.36 -12.39 -11.22
C PRO D 81 -46.04 -12.13 -12.69
N GLN D 82 -46.80 -11.27 -13.36
CA GLN D 82 -46.67 -11.11 -14.84
C GLN D 82 -45.25 -10.63 -15.17
N ASP D 83 -44.61 -9.80 -14.31
CA ASP D 83 -43.22 -9.33 -14.57
C ASP D 83 -42.21 -10.47 -14.32
N ILE D 84 -42.47 -11.39 -13.39
CA ILE D 84 -41.59 -12.56 -13.12
C ILE D 84 -41.64 -13.47 -14.35
N ILE D 85 -42.86 -13.69 -14.90
CA ILE D 85 -43.12 -14.55 -16.08
C ILE D 85 -42.43 -13.93 -17.30
N LYS D 86 -42.64 -12.63 -17.55
CA LYS D 86 -42.06 -11.89 -18.70
C LYS D 86 -40.53 -11.94 -18.64
N ASN D 87 -39.96 -11.77 -17.46
CA ASN D 87 -38.49 -11.73 -17.23
C ASN D 87 -37.87 -13.10 -17.54
N ALA D 88 -38.53 -14.21 -17.19
CA ALA D 88 -38.03 -15.59 -17.43
C ALA D 88 -38.00 -15.90 -18.93
N LEU D 89 -38.84 -15.26 -19.77
CA LEU D 89 -38.96 -15.60 -21.22
C LEU D 89 -37.68 -15.23 -21.97
N SER D 90 -36.85 -14.35 -21.43
CA SER D 90 -35.55 -13.95 -22.03
C SER D 90 -34.54 -15.08 -21.91
N PHE D 91 -34.82 -16.12 -21.11
CA PHE D 91 -34.01 -17.37 -20.99
C PHE D 91 -34.73 -18.53 -21.67
N GLY D 92 -35.86 -18.28 -22.33
CA GLY D 92 -36.66 -19.33 -22.98
C GLY D 92 -37.39 -20.25 -21.99
N TRP D 93 -37.65 -19.81 -20.76
CA TRP D 93 -38.41 -20.57 -19.72
C TRP D 93 -39.87 -20.17 -19.82
N ASN D 94 -40.76 -21.13 -20.06
CA ASN D 94 -42.20 -20.87 -20.28
C ASN D 94 -42.93 -21.15 -18.95
N LEU D 95 -42.97 -20.17 -18.04
CA LEU D 95 -43.58 -20.34 -16.69
C LEU D 95 -45.10 -20.48 -16.80
N GLN D 96 -45.76 -19.81 -17.75
CA GLN D 96 -47.25 -19.81 -17.88
C GLN D 96 -47.76 -21.25 -18.10
N SER D 97 -47.09 -22.05 -18.95
CA SER D 97 -47.54 -23.44 -19.22
C SER D 97 -47.47 -24.20 -17.89
N LEU D 98 -46.44 -23.98 -17.08
CA LEU D 98 -46.27 -24.67 -15.76
C LEU D 98 -47.38 -24.22 -14.81
N ILE D 99 -47.79 -22.96 -14.88
CA ILE D 99 -48.92 -22.43 -14.06
C ILE D 99 -50.25 -23.00 -14.58
N ASP D 100 -50.39 -23.19 -15.89
CA ASP D 100 -51.61 -23.80 -16.53
C ASP D 100 -51.84 -25.23 -16.06
N GLN D 101 -50.75 -25.97 -15.81
CA GLN D 101 -50.72 -27.40 -15.44
C GLN D 101 -50.76 -27.60 -13.92
N GLY D 102 -50.73 -26.53 -13.12
CA GLY D 102 -50.72 -26.61 -11.65
C GLY D 102 -49.43 -27.22 -11.11
N LYS D 103 -48.31 -27.08 -11.83
CA LYS D 103 -46.95 -27.50 -11.37
C LYS D 103 -46.23 -26.30 -10.71
N LEU D 104 -46.51 -25.07 -11.16
CA LEU D 104 -45.96 -23.81 -10.57
C LEU D 104 -47.15 -22.97 -10.10
N PHE D 105 -46.98 -22.29 -8.97
CA PHE D 105 -47.93 -21.29 -8.42
C PHE D 105 -47.15 -20.12 -7.90
N ILE D 106 -47.45 -18.92 -8.40
CA ILE D 106 -46.83 -17.65 -7.90
C ILE D 106 -47.84 -16.97 -6.99
N LEU D 107 -47.45 -16.74 -5.74
CA LEU D 107 -48.28 -16.11 -4.67
C LEU D 107 -47.86 -14.66 -4.56
N ASP D 108 -48.72 -13.73 -4.97
CA ASP D 108 -48.50 -12.27 -4.90
C ASP D 108 -48.84 -11.86 -3.47
N ALA D 109 -47.81 -11.58 -2.67
CA ALA D 109 -47.90 -11.13 -1.27
C ALA D 109 -47.60 -9.63 -1.21
N SER D 110 -47.61 -8.95 -2.37
CA SER D 110 -47.27 -7.51 -2.55
C SER D 110 -48.32 -6.61 -1.87
N PRO D 111 -47.95 -5.35 -1.51
CA PRO D 111 -48.92 -4.29 -1.20
C PRO D 111 -49.93 -3.94 -2.32
N ASP D 112 -50.95 -3.12 -2.00
CA ASP D 112 -52.10 -2.78 -2.89
C ASP D 112 -51.60 -2.09 -4.17
N ALA D 126 -50.37 -15.82 9.02
CA ALA D 126 -51.02 -14.72 8.24
C ALA D 126 -50.70 -14.91 6.74
N LEU D 127 -49.49 -14.53 6.30
CA LEU D 127 -48.93 -14.97 4.99
C LEU D 127 -48.53 -16.44 5.11
N ILE D 128 -48.08 -16.87 6.29
CA ILE D 128 -47.74 -18.31 6.57
C ILE D 128 -48.96 -19.18 6.24
N GLU D 129 -50.16 -18.72 6.64
CA GLU D 129 -51.46 -19.38 6.34
C GLU D 129 -51.57 -19.63 4.83
N ARG D 130 -51.36 -18.60 4.01
CA ARG D 130 -51.51 -18.65 2.53
C ARG D 130 -50.48 -19.63 1.91
N ILE D 131 -49.21 -19.52 2.32
CA ILE D 131 -48.10 -20.38 1.81
C ILE D 131 -48.42 -21.85 2.09
N GLN D 132 -48.92 -22.16 3.28
CA GLN D 132 -49.21 -23.57 3.66
C GLN D 132 -50.40 -24.08 2.85
N TYR D 133 -51.40 -23.24 2.58
CA TYR D 133 -52.58 -23.62 1.75
C TYR D 133 -52.07 -23.99 0.35
N ALA D 134 -51.15 -23.21 -0.21
CA ALA D 134 -50.64 -23.42 -1.59
C ALA D 134 -49.78 -24.69 -1.65
N ILE D 135 -48.99 -25.00 -0.62
CA ILE D 135 -48.10 -26.21 -0.57
C ILE D 135 -48.93 -27.50 -0.61
N ARG D 136 -50.02 -27.53 0.17
CA ARG D 136 -51.04 -28.62 0.17
C ARG D 136 -51.75 -28.69 -1.20
N LYS D 137 -52.27 -27.57 -1.71
CA LYS D 137 -53.12 -27.54 -2.94
C LYS D 137 -52.31 -27.99 -4.16
N TYR D 138 -51.03 -27.65 -4.26
CA TYR D 138 -50.21 -27.94 -5.46
C TYR D 138 -49.23 -29.09 -5.19
N LYS D 139 -49.27 -29.67 -3.99
CA LYS D 139 -48.33 -30.77 -3.59
C LYS D 139 -46.87 -30.35 -3.88
N ALA D 140 -46.52 -29.12 -3.50
CA ALA D 140 -45.23 -28.45 -3.77
C ALA D 140 -44.15 -28.92 -2.78
N THR D 141 -42.98 -29.32 -3.29
CA THR D 141 -41.81 -29.75 -2.46
C THR D 141 -40.72 -28.66 -2.44
N ARG D 142 -40.87 -27.62 -3.25
CA ARG D 142 -39.88 -26.52 -3.41
C ARG D 142 -40.61 -25.19 -3.28
N VAL D 143 -40.01 -24.25 -2.56
CA VAL D 143 -40.59 -22.90 -2.30
C VAL D 143 -39.47 -21.89 -2.49
N SER D 144 -39.76 -20.77 -3.14
CA SER D 144 -38.85 -19.58 -3.22
C SER D 144 -39.58 -18.37 -2.64
N ILE D 145 -38.93 -17.65 -1.72
CA ILE D 145 -39.48 -16.42 -1.11
C ILE D 145 -38.55 -15.26 -1.48
N ASP D 146 -39.06 -14.29 -2.23
CA ASP D 146 -38.28 -13.19 -2.85
C ASP D 146 -39.00 -11.85 -2.64
N SER D 147 -38.43 -10.95 -1.83
CA SER D 147 -37.36 -11.23 -0.89
C SER D 147 -37.85 -11.01 0.54
N VAL D 148 -37.26 -11.72 1.48
CA VAL D 148 -37.72 -11.77 2.89
C VAL D 148 -37.39 -10.44 3.58
N THR D 149 -36.41 -9.69 3.06
CA THR D 149 -36.03 -8.33 3.51
C THR D 149 -37.22 -7.36 3.34
N ALA D 150 -37.90 -7.38 2.19
CA ALA D 150 -38.93 -6.37 1.81
C ALA D 150 -40.01 -6.19 2.89
N VAL D 151 -40.23 -7.18 3.77
CA VAL D 151 -41.19 -7.09 4.92
C VAL D 151 -40.56 -6.27 6.06
N PHE D 152 -39.42 -6.74 6.61
CA PHE D 152 -38.67 -6.12 7.74
C PHE D 152 -38.56 -4.61 7.56
N ASP D 156 -36.70 -1.01 12.02
CA ASP D 156 -37.30 -2.04 12.90
C ASP D 156 -36.18 -2.77 13.66
N ALA D 157 -36.52 -3.63 14.63
CA ALA D 157 -35.58 -4.29 15.57
C ALA D 157 -34.99 -5.56 14.93
N ALA D 158 -33.70 -5.81 15.19
CA ALA D 158 -32.96 -7.04 14.78
C ALA D 158 -33.57 -8.27 15.48
N SER D 159 -34.07 -8.11 16.72
CA SER D 159 -34.79 -9.18 17.46
C SER D 159 -36.12 -9.48 16.75
N VAL D 160 -36.81 -8.46 16.21
CA VAL D 160 -38.10 -8.65 15.47
C VAL D 160 -37.85 -9.55 14.25
N VAL D 161 -36.85 -9.22 13.42
CA VAL D 161 -36.51 -9.96 12.16
C VAL D 161 -36.07 -11.40 12.50
N ARG D 162 -35.25 -11.57 13.53
CA ARG D 162 -34.77 -12.89 14.01
C ARG D 162 -35.96 -13.81 14.25
N ARG D 163 -36.81 -13.46 15.22
CA ARG D 163 -37.97 -14.29 15.64
C ARG D 163 -38.87 -14.53 14.42
N GLU D 164 -38.99 -13.55 13.50
CA GLU D 164 -39.90 -13.64 12.33
C GLU D 164 -39.35 -14.66 11.31
N ILE D 165 -38.05 -14.62 10.99
CA ILE D 165 -37.38 -15.53 10.01
C ILE D 165 -37.37 -16.96 10.58
N PHE D 166 -37.19 -17.11 11.90
CA PHE D 166 -37.24 -18.41 12.61
C PHE D 166 -38.62 -19.07 12.42
N ARG D 167 -39.69 -18.32 12.66
CA ARG D 167 -41.09 -18.85 12.61
C ARG D 167 -41.41 -19.34 11.19
N LEU D 168 -41.12 -18.51 10.18
CA LEU D 168 -41.33 -18.86 8.75
C LEU D 168 -40.52 -20.12 8.42
N ALA D 169 -39.22 -20.13 8.71
CA ALA D 169 -38.35 -21.30 8.47
C ALA D 169 -38.89 -22.55 9.18
N PHE D 170 -39.28 -22.46 10.45
CA PHE D 170 -39.80 -23.60 11.27
C PHE D 170 -41.08 -24.18 10.62
N ARG D 171 -42.06 -23.34 10.26
CA ARG D 171 -43.33 -23.75 9.61
C ARG D 171 -43.06 -24.46 8.27
N LEU D 172 -42.11 -23.95 7.47
CA LEU D 172 -41.78 -24.57 6.15
C LEU D 172 -41.08 -25.93 6.36
N LYS D 173 -40.17 -26.04 7.32
CA LYS D 173 -39.47 -27.32 7.64
C LYS D 173 -40.51 -28.36 8.09
N GLN D 174 -41.44 -27.97 8.96
CA GLN D 174 -42.57 -28.81 9.43
C GLN D 174 -43.31 -29.42 8.22
N LEU D 175 -43.51 -28.66 7.15
CA LEU D 175 -44.23 -29.13 5.94
C LEU D 175 -43.36 -30.07 5.11
N GLY D 176 -42.04 -30.11 5.33
CA GLY D 176 -41.12 -31.03 4.61
C GLY D 176 -40.71 -30.51 3.23
N VAL D 177 -40.83 -29.20 2.99
CA VAL D 177 -40.42 -28.57 1.70
C VAL D 177 -39.01 -27.97 1.81
N THR D 178 -38.30 -27.84 0.68
CA THR D 178 -36.98 -27.17 0.58
C THR D 178 -37.16 -25.71 0.12
N THR D 179 -36.61 -24.76 0.88
CA THR D 179 -36.85 -23.32 0.68
C THR D 179 -35.57 -22.54 0.35
N ILE D 180 -35.71 -21.60 -0.58
CA ILE D 180 -34.76 -20.46 -0.77
C ILE D 180 -35.47 -19.19 -0.31
N MET D 181 -34.85 -18.47 0.63
CA MET D 181 -35.28 -17.12 1.06
C MET D 181 -34.22 -16.13 0.56
N THR D 182 -34.58 -15.17 -0.30
CA THR D 182 -33.61 -14.17 -0.82
C THR D 182 -33.57 -12.99 0.15
N THR D 183 -32.41 -12.38 0.32
CA THR D 183 -32.21 -11.25 1.23
C THR D 183 -31.32 -10.18 0.59
N GLU D 184 -31.53 -8.93 0.97
CA GLU D 184 -30.83 -7.78 0.37
C GLU D 184 -29.62 -7.45 1.26
N ARG D 185 -28.62 -6.78 0.69
CA ARG D 185 -27.49 -6.14 1.43
C ARG D 185 -27.04 -4.87 0.69
N VAL D 186 -26.37 -3.96 1.41
CA VAL D 186 -25.90 -2.64 0.86
C VAL D 186 -24.42 -2.73 0.47
N ASP D 187 -23.69 -3.77 0.91
CA ASP D 187 -22.20 -3.85 0.80
C ASP D 187 -21.81 -5.22 0.29
N GLU D 188 -20.67 -5.29 -0.39
CA GLU D 188 -20.18 -6.51 -1.07
C GLU D 188 -19.43 -7.36 -0.04
N TYR D 189 -18.80 -6.71 0.95
CA TYR D 189 -17.90 -7.38 1.93
C TYR D 189 -18.26 -7.02 3.38
N GLY D 190 -19.37 -6.32 3.60
CA GLY D 190 -19.92 -5.99 4.93
C GLY D 190 -20.80 -7.13 5.44
N PRO D 191 -21.96 -6.83 6.07
CA PRO D 191 -22.87 -7.85 6.60
C PRO D 191 -23.36 -8.87 5.55
N VAL D 192 -23.42 -10.13 5.94
CA VAL D 192 -24.02 -11.22 5.12
C VAL D 192 -25.36 -10.72 4.57
N ALA D 193 -26.26 -10.27 5.44
CA ALA D 193 -27.63 -9.82 5.09
C ALA D 193 -27.81 -8.36 5.51
N ARG D 194 -28.93 -7.99 6.17
CA ARG D 194 -29.30 -6.56 6.39
C ARG D 194 -29.25 -6.19 7.88
N PHE D 195 -29.70 -7.06 8.78
CA PHE D 195 -29.88 -6.80 10.24
C PHE D 195 -28.87 -7.61 11.06
N GLY D 196 -27.89 -8.20 10.37
CA GLY D 196 -26.83 -9.06 10.95
C GLY D 196 -27.40 -10.18 11.80
N VAL D 197 -28.56 -10.73 11.43
CA VAL D 197 -29.22 -11.81 12.22
C VAL D 197 -29.69 -12.96 11.32
N GLU D 198 -30.08 -12.68 10.07
CA GLU D 198 -30.72 -13.69 9.18
C GLU D 198 -29.78 -14.90 8.99
N GLU D 199 -28.48 -14.68 8.78
CA GLU D 199 -27.49 -15.74 8.47
C GLU D 199 -27.35 -16.72 9.63
N PHE D 200 -27.60 -16.31 10.88
CA PHE D 200 -27.52 -17.14 12.11
C PHE D 200 -28.74 -18.04 12.26
N VAL D 201 -29.91 -17.65 11.74
CA VAL D 201 -31.16 -18.46 11.84
C VAL D 201 -31.14 -19.58 10.79
N SER D 202 -30.86 -19.25 9.53
CA SER D 202 -30.84 -20.20 8.38
C SER D 202 -29.87 -21.38 8.63
N ASP D 203 -30.21 -22.57 8.17
CA ASP D 203 -29.29 -23.74 8.25
C ASP D 203 -28.18 -23.55 7.20
N ASN D 204 -28.48 -22.78 6.14
CA ASN D 204 -27.75 -22.76 4.85
C ASN D 204 -27.70 -21.31 4.39
N VAL D 205 -26.50 -20.84 4.04
CA VAL D 205 -26.27 -19.45 3.56
C VAL D 205 -25.45 -19.50 2.26
N VAL D 206 -25.92 -18.78 1.24
CA VAL D 206 -25.27 -18.59 -0.07
C VAL D 206 -25.19 -17.09 -0.30
N ILE D 207 -24.01 -16.58 -0.67
CA ILE D 207 -23.77 -15.13 -0.97
C ILE D 207 -23.46 -14.99 -2.46
N LEU D 208 -24.28 -14.21 -3.16
CA LEU D 208 -24.07 -13.76 -4.55
C LEU D 208 -23.43 -12.39 -4.44
N ARG D 209 -22.27 -12.18 -5.07
CA ARG D 209 -21.51 -10.91 -5.02
C ARG D 209 -21.33 -10.38 -6.45
N ASN D 210 -21.27 -9.04 -6.56
CA ASN D 210 -21.04 -8.25 -7.80
C ASN D 210 -19.96 -7.21 -7.53
N VAL D 211 -18.68 -7.64 -7.54
CA VAL D 211 -17.52 -6.84 -7.06
C VAL D 211 -17.03 -5.92 -8.20
N LEU D 212 -16.86 -4.63 -7.88
CA LEU D 212 -16.13 -3.62 -8.70
C LEU D 212 -14.61 -3.76 -8.51
N GLU D 213 -13.93 -4.17 -9.57
CA GLU D 213 -12.46 -4.43 -9.63
C GLU D 213 -11.87 -3.50 -10.69
N GLY D 214 -11.28 -2.39 -10.27
CA GLY D 214 -11.14 -1.19 -11.12
C GLY D 214 -12.52 -0.75 -11.55
N GLU D 215 -12.80 -0.77 -12.85
CA GLU D 215 -14.06 -0.29 -13.49
C GLU D 215 -14.91 -1.46 -14.01
N ARG D 216 -14.48 -2.69 -13.74
CA ARG D 216 -15.10 -3.95 -14.22
C ARG D 216 -15.81 -4.63 -13.04
N ARG D 217 -16.98 -5.23 -13.30
CA ARG D 217 -17.76 -6.04 -12.33
C ARG D 217 -17.41 -7.52 -12.51
N ARG D 218 -17.26 -8.23 -11.41
CA ARG D 218 -16.97 -9.69 -11.43
C ARG D 218 -18.02 -10.38 -10.58
N ARG D 219 -18.85 -11.26 -11.14
CA ARG D 219 -19.86 -11.97 -10.33
C ARG D 219 -19.21 -13.16 -9.62
N THR D 220 -19.52 -13.37 -8.34
CA THR D 220 -19.11 -14.60 -7.61
C THR D 220 -20.26 -15.18 -6.79
N VAL D 221 -20.13 -16.47 -6.51
CA VAL D 221 -21.04 -17.22 -5.59
C VAL D 221 -20.22 -17.96 -4.54
N GLU D 222 -20.68 -17.91 -3.29
CA GLU D 222 -20.02 -18.56 -2.13
C GLU D 222 -21.08 -19.30 -1.32
N ILE D 223 -20.82 -20.56 -1.02
CA ILE D 223 -21.57 -21.27 0.05
C ILE D 223 -20.78 -21.01 1.34
N LEU D 224 -21.30 -20.12 2.19
CA LEU D 224 -20.70 -19.77 3.50
C LEU D 224 -20.87 -20.95 4.46
N LYS D 225 -22.06 -21.54 4.52
CA LYS D 225 -22.41 -22.54 5.56
C LYS D 225 -23.51 -23.47 5.03
N LEU D 226 -23.34 -24.79 5.21
CA LEU D 226 -24.44 -25.79 5.10
C LEU D 226 -24.37 -26.63 6.36
N ARG D 227 -25.29 -26.45 7.30
CA ARG D 227 -25.25 -27.23 8.57
C ARG D 227 -25.32 -28.73 8.23
N GLY D 228 -24.42 -29.50 8.85
CA GLY D 228 -24.50 -30.97 8.89
C GLY D 228 -23.98 -31.64 7.63
N THR D 229 -23.31 -30.91 6.72
CA THR D 229 -22.83 -31.49 5.44
C THR D 229 -21.62 -30.73 4.90
N THR D 230 -21.07 -31.20 3.78
CA THR D 230 -19.88 -30.64 3.07
C THR D 230 -20.27 -29.61 2.00
N HIS D 231 -19.28 -28.82 1.61
CA HIS D 231 -19.37 -27.82 0.51
C HIS D 231 -17.98 -27.27 0.22
N MET D 232 -17.74 -26.89 -1.02
CA MET D 232 -16.56 -26.09 -1.42
C MET D 232 -16.63 -24.70 -0.74
N LYS D 233 -15.48 -24.09 -0.49
CA LYS D 233 -15.36 -22.90 0.38
C LYS D 233 -14.78 -21.70 -0.36
N GLY D 234 -15.26 -20.50 -0.04
CA GLY D 234 -14.82 -19.27 -0.70
C GLY D 234 -15.59 -19.00 -1.99
N GLU D 235 -15.12 -18.05 -2.78
CA GLU D 235 -15.90 -17.53 -3.92
C GLU D 235 -15.54 -18.25 -5.24
N TYR D 236 -16.54 -18.48 -6.08
CA TYR D 236 -16.45 -19.10 -7.43
C TYR D 236 -16.99 -18.08 -8.44
N PRO D 237 -16.28 -17.83 -9.56
CA PRO D 237 -16.78 -16.95 -10.62
C PRO D 237 -18.03 -17.53 -11.29
N PHE D 238 -18.94 -16.67 -11.73
CA PHE D 238 -20.07 -17.09 -12.60
C PHE D 238 -20.46 -15.95 -13.53
N THR D 239 -21.24 -16.29 -14.56
CA THR D 239 -21.88 -15.32 -15.46
C THR D 239 -23.37 -15.66 -15.55
N ILE D 240 -24.16 -14.77 -16.08
CA ILE D 240 -25.60 -15.00 -16.35
C ILE D 240 -25.74 -15.07 -17.86
N ASN D 241 -25.95 -16.27 -18.41
CA ASN D 241 -26.20 -16.45 -19.87
C ASN D 241 -27.42 -17.37 -20.07
N ASN D 242 -27.29 -18.65 -19.75
CA ASN D 242 -28.43 -19.61 -19.76
C ASN D 242 -28.84 -19.79 -18.28
N GLY D 243 -29.38 -18.73 -17.68
CA GLY D 243 -29.56 -18.64 -16.21
C GLY D 243 -28.22 -18.46 -15.51
N ILE D 244 -28.10 -18.90 -14.26
CA ILE D 244 -26.81 -18.77 -13.53
C ILE D 244 -25.84 -19.81 -14.06
N ASN D 245 -24.61 -19.43 -14.37
CA ASN D 245 -23.62 -20.32 -15.02
C ASN D 245 -22.28 -20.23 -14.27
N ILE D 246 -22.03 -21.12 -13.31
CA ILE D 246 -20.83 -21.10 -12.43
C ILE D 246 -19.74 -21.95 -13.10
N PHE D 247 -18.60 -21.35 -13.43
CA PHE D 247 -17.51 -21.97 -14.22
C PHE D 247 -16.21 -21.19 -14.02
N LEU D 254 -9.02 -31.29 -13.86
CA LEU D 254 -7.70 -31.74 -14.40
C LEU D 254 -7.84 -33.20 -14.88
N THR D 255 -8.83 -33.48 -15.74
CA THR D 255 -9.18 -34.83 -16.26
C THR D 255 -9.36 -34.77 -17.79
N GLN D 256 -8.25 -34.65 -18.54
CA GLN D 256 -8.16 -34.35 -20.01
C GLN D 256 -7.51 -35.54 -20.74
N ARG D 257 -7.73 -35.69 -22.06
CA ARG D 257 -7.09 -36.73 -22.93
C ARG D 257 -5.74 -36.21 -23.43
N SER D 258 -4.86 -37.08 -23.95
CA SER D 258 -3.49 -36.71 -24.40
C SER D 258 -2.92 -37.71 -25.41
N SER D 259 -2.74 -37.29 -26.67
CA SER D 259 -2.26 -38.15 -27.79
C SER D 259 -0.87 -37.72 -28.25
N ASN D 260 -0.29 -38.54 -29.12
CA ASN D 260 1.00 -38.26 -29.81
C ASN D 260 0.76 -37.73 -31.23
N VAL D 261 -0.46 -37.31 -31.57
CA VAL D 261 -0.82 -36.84 -32.94
C VAL D 261 -0.20 -35.45 -33.20
N ARG D 262 0.51 -35.31 -34.32
CA ARG D 262 1.23 -34.07 -34.71
C ARG D 262 0.35 -33.24 -35.64
N VAL D 263 0.48 -31.92 -35.54
CA VAL D 263 -0.13 -30.94 -36.48
C VAL D 263 0.99 -30.00 -36.87
N SER D 264 0.88 -29.46 -38.08
CA SER D 264 1.80 -28.47 -38.68
C SER D 264 1.47 -27.04 -38.18
N SER D 265 2.55 -26.25 -38.05
CA SER D 265 2.60 -24.80 -37.73
C SER D 265 2.46 -23.94 -39.00
N GLY D 266 2.67 -24.53 -40.18
CA GLY D 266 2.64 -23.80 -41.47
C GLY D 266 4.03 -23.31 -41.82
N VAL D 267 5.03 -23.70 -41.02
CA VAL D 267 6.45 -23.29 -41.21
C VAL D 267 7.32 -24.55 -41.16
N LYS D 268 7.72 -25.05 -42.32
CA LYS D 268 8.49 -26.32 -42.50
C LYS D 268 9.56 -26.45 -41.42
N THR D 269 10.45 -25.47 -41.32
CA THR D 269 11.66 -25.55 -40.46
C THR D 269 11.23 -25.58 -39.00
N LEU D 270 10.12 -24.91 -38.66
CA LEU D 270 9.61 -24.88 -37.26
C LEU D 270 9.08 -26.28 -36.91
N ASP D 271 8.36 -26.95 -37.83
CA ASP D 271 7.86 -28.36 -37.64
C ASP D 271 9.05 -29.28 -37.35
N GLU D 272 10.13 -29.17 -38.11
CA GLU D 272 11.36 -29.98 -37.85
C GLU D 272 11.92 -29.62 -36.46
N MET D 273 11.94 -28.34 -36.08
CA MET D 273 12.48 -27.92 -34.75
C MET D 273 11.65 -28.49 -33.59
N CYS D 274 10.34 -28.70 -33.78
CA CYS D 274 9.39 -29.23 -32.76
C CYS D 274 9.31 -30.76 -32.80
N GLY D 275 10.14 -31.36 -33.63
CA GLY D 275 10.32 -32.83 -33.63
C GLY D 275 9.26 -33.52 -34.46
N GLY D 276 8.73 -32.85 -35.51
CA GLY D 276 7.75 -33.38 -36.47
C GLY D 276 6.46 -32.58 -36.52
N GLY D 277 6.31 -31.56 -35.68
CA GLY D 277 5.07 -30.76 -35.61
C GLY D 277 4.72 -30.43 -34.17
N PHE D 278 3.81 -29.51 -33.97
CA PHE D 278 3.10 -29.28 -32.69
C PHE D 278 2.32 -30.56 -32.40
N PHE D 279 2.07 -30.82 -31.11
CA PHE D 279 1.14 -31.88 -30.67
C PHE D 279 -0.29 -31.35 -30.84
N LYS D 280 -1.18 -32.17 -31.40
CA LYS D 280 -2.62 -31.83 -31.48
C LYS D 280 -3.15 -31.49 -30.08
N ASP D 281 -2.79 -32.30 -29.09
CA ASP D 281 -3.17 -32.05 -27.68
C ASP D 281 -2.04 -31.25 -27.02
N SER D 282 -2.09 -29.93 -27.22
CA SER D 282 -1.12 -29.02 -26.59
C SER D 282 -1.61 -27.56 -26.58
N ILE D 283 -1.04 -26.79 -25.65
CA ILE D 283 -1.11 -25.31 -25.59
C ILE D 283 0.24 -24.78 -26.01
N ILE D 284 0.27 -23.96 -27.05
CA ILE D 284 1.50 -23.31 -27.60
C ILE D 284 1.52 -21.84 -27.21
N LEU D 285 2.61 -21.40 -26.58
CA LEU D 285 2.91 -19.99 -26.23
C LEU D 285 4.05 -19.48 -27.09
N ALA D 286 3.79 -18.41 -27.84
CA ALA D 286 4.78 -17.64 -28.63
C ALA D 286 4.98 -16.32 -27.91
N THR D 287 6.17 -16.12 -27.32
CA THR D 287 6.51 -14.96 -26.47
C THR D 287 7.76 -14.24 -27.02
N GLY D 288 7.83 -12.92 -26.89
CA GLY D 288 8.92 -12.05 -27.36
C GLY D 288 8.53 -10.60 -27.41
N ALA D 289 9.49 -9.71 -27.66
CA ALA D 289 9.29 -8.23 -27.69
C ALA D 289 8.37 -7.83 -28.84
N THR D 290 7.91 -6.57 -28.78
CA THR D 290 7.00 -5.97 -29.77
C THR D 290 7.71 -6.07 -31.13
N GLY D 291 6.97 -6.49 -32.17
CA GLY D 291 7.43 -6.55 -33.56
C GLY D 291 8.26 -7.77 -33.90
N THR D 292 8.37 -8.82 -33.07
CA THR D 292 9.29 -9.96 -33.33
C THR D 292 8.69 -10.93 -34.38
N GLY D 293 7.37 -11.06 -34.46
CA GLY D 293 6.72 -11.89 -35.49
C GLY D 293 5.70 -12.88 -34.93
N LYS D 294 5.13 -12.60 -33.77
CA LYS D 294 4.17 -13.48 -33.05
C LYS D 294 2.88 -13.59 -33.87
N THR D 295 2.36 -12.47 -34.41
CA THR D 295 1.06 -12.44 -35.14
C THR D 295 1.19 -13.19 -36.48
N LEU D 296 2.35 -13.04 -37.13
CA LEU D 296 2.70 -13.80 -38.36
C LEU D 296 2.62 -15.31 -38.04
N LEU D 297 3.20 -15.76 -36.93
CA LEU D 297 3.18 -17.20 -36.54
C LEU D 297 1.74 -17.65 -36.29
N VAL D 298 0.89 -16.81 -35.69
CA VAL D 298 -0.56 -17.12 -35.53
C VAL D 298 -1.21 -17.30 -36.91
N SER D 299 -0.95 -16.39 -37.85
CA SER D 299 -1.53 -16.39 -39.22
C SER D 299 -1.23 -17.71 -39.91
N LYS D 300 0.03 -18.17 -39.84
CA LYS D 300 0.47 -19.47 -40.39
C LYS D 300 -0.27 -20.61 -39.67
N PHE D 301 -0.35 -20.59 -38.34
CA PHE D 301 -0.99 -21.66 -37.54
C PHE D 301 -2.43 -21.87 -38.02
N LEU D 302 -3.19 -20.79 -38.16
CA LEU D 302 -4.63 -20.77 -38.56
C LEU D 302 -4.79 -21.12 -40.05
N GLU D 303 -3.93 -20.57 -40.92
CA GLU D 303 -3.99 -20.78 -42.40
C GLU D 303 -3.84 -22.28 -42.68
N THR D 304 -2.87 -22.93 -42.03
CA THR D 304 -2.56 -24.36 -42.23
C THR D 304 -3.78 -25.23 -41.86
N GLY D 305 -4.55 -24.87 -40.83
CA GLY D 305 -5.77 -25.62 -40.44
C GLY D 305 -6.83 -25.58 -41.53
N CYS D 306 -7.10 -24.38 -42.03
CA CYS D 306 -8.10 -24.11 -43.10
C CYS D 306 -7.68 -24.88 -44.36
N GLN D 307 -6.38 -24.92 -44.65
CA GLN D 307 -5.78 -25.63 -45.79
C GLN D 307 -6.05 -27.13 -45.68
N GLN D 308 -6.27 -27.66 -44.47
CA GLN D 308 -6.68 -29.09 -44.27
C GLN D 308 -8.22 -29.21 -44.13
N GLY D 309 -8.96 -28.14 -44.44
CA GLY D 309 -10.44 -28.09 -44.42
C GLY D 309 -11.00 -28.13 -43.01
N GLU D 310 -10.21 -27.69 -42.02
CA GLU D 310 -10.60 -27.57 -40.60
C GLU D 310 -11.01 -26.13 -40.31
N ARG D 311 -11.89 -25.94 -39.34
CA ARG D 311 -12.26 -24.58 -38.90
C ARG D 311 -11.20 -24.05 -37.91
N ALA D 312 -10.82 -22.80 -38.07
CA ALA D 312 -9.87 -22.07 -37.20
C ALA D 312 -10.57 -20.84 -36.63
N LEU D 313 -10.35 -20.58 -35.35
CA LEU D 313 -11.02 -19.51 -34.55
C LEU D 313 -9.94 -18.59 -33.95
N LEU D 314 -9.97 -17.29 -34.27
CA LEU D 314 -8.99 -16.28 -33.76
C LEU D 314 -9.72 -15.27 -32.88
N PHE D 315 -9.24 -15.08 -31.65
CA PHE D 315 -9.61 -13.93 -30.78
C PHE D 315 -8.49 -12.90 -30.80
N ALA D 316 -8.77 -11.73 -31.39
CA ALA D 316 -7.81 -10.63 -31.60
C ALA D 316 -8.15 -9.47 -30.66
N TYR D 317 -7.25 -9.10 -29.75
CA TYR D 317 -7.49 -8.06 -28.71
C TYR D 317 -6.69 -6.77 -29.00
N GLU D 318 -5.92 -6.70 -30.10
CA GLU D 318 -5.03 -5.55 -30.44
C GLU D 318 -5.31 -4.99 -31.85
N GLU D 319 -5.84 -5.76 -32.81
CA GLU D 319 -5.94 -5.28 -34.24
C GLU D 319 -7.31 -5.65 -34.80
N SER D 320 -7.84 -4.79 -35.66
CA SER D 320 -9.09 -4.98 -36.44
C SER D 320 -8.91 -6.06 -37.53
N ARG D 321 -10.03 -6.65 -37.95
CA ARG D 321 -10.18 -7.58 -39.11
C ARG D 321 -9.45 -7.01 -40.34
N ALA D 322 -9.71 -5.74 -40.69
CA ALA D 322 -9.14 -5.11 -41.90
C ALA D 322 -7.62 -5.01 -41.77
N GLN D 323 -7.09 -4.65 -40.58
CA GLN D 323 -5.61 -4.57 -40.42
C GLN D 323 -5.00 -5.97 -40.45
N LEU D 324 -5.55 -6.92 -39.69
CA LEU D 324 -5.14 -8.34 -39.72
C LEU D 324 -5.07 -8.88 -41.16
N SER D 325 -6.11 -8.61 -41.97
CA SER D 325 -6.24 -9.07 -43.37
C SER D 325 -5.14 -8.45 -44.25
N ARG D 326 -4.84 -7.16 -44.07
CA ARG D 326 -3.85 -6.45 -44.93
C ARG D 326 -2.46 -6.99 -44.60
N ASN D 327 -2.13 -7.09 -43.32
CA ASN D 327 -0.80 -7.59 -42.89
C ASN D 327 -0.64 -9.01 -43.39
N ALA D 328 -1.67 -9.87 -43.23
CA ALA D 328 -1.60 -11.31 -43.59
C ALA D 328 -1.41 -11.47 -45.11
N SER D 329 -2.06 -10.65 -45.92
CA SER D 329 -1.92 -10.73 -47.40
C SER D 329 -0.44 -10.49 -47.82
N SER D 330 0.39 -9.94 -46.93
CA SER D 330 1.85 -9.77 -47.18
CA SER D 330 1.86 -9.76 -47.18
C SER D 330 2.53 -11.13 -47.35
N TRP D 331 1.90 -12.22 -46.87
CA TRP D 331 2.45 -13.60 -46.97
C TRP D 331 1.57 -14.47 -47.89
N GLY D 332 0.62 -13.88 -48.60
CA GLY D 332 -0.29 -14.59 -49.52
C GLY D 332 -1.49 -15.20 -48.81
N ILE D 333 -1.70 -14.91 -47.51
CA ILE D 333 -2.83 -15.48 -46.73
C ILE D 333 -4.02 -14.56 -46.96
N ASP D 334 -5.15 -15.08 -47.46
CA ASP D 334 -6.40 -14.28 -47.71
C ASP D 334 -7.43 -14.56 -46.61
N PHE D 335 -7.38 -13.83 -45.48
CA PHE D 335 -8.29 -14.03 -44.33
C PHE D 335 -9.73 -13.76 -44.80
N GLU D 336 -9.94 -12.81 -45.71
CA GLU D 336 -11.30 -12.38 -46.15
C GLU D 336 -11.98 -13.55 -46.87
N GLU D 337 -11.27 -14.27 -47.74
CA GLU D 337 -11.84 -15.45 -48.47
C GLU D 337 -12.09 -16.57 -47.45
N LEU D 338 -11.15 -16.78 -46.51
CA LEU D 338 -11.28 -17.87 -45.49
C LEU D 338 -12.47 -17.55 -44.59
N GLU D 339 -12.74 -16.27 -44.32
CA GLU D 339 -13.90 -15.86 -43.48
C GLU D 339 -15.20 -16.11 -44.26
N ARG D 340 -15.30 -15.64 -45.49
CA ARG D 340 -16.60 -15.67 -46.19
C ARG D 340 -16.89 -17.13 -46.62
N ARG D 341 -15.87 -18.00 -46.74
CA ARG D 341 -16.10 -19.45 -47.03
C ARG D 341 -16.33 -20.22 -45.73
N GLY D 342 -16.33 -19.58 -44.56
CA GLY D 342 -16.75 -20.21 -43.29
C GLY D 342 -15.68 -21.13 -42.68
N LEU D 343 -14.43 -21.04 -43.12
CA LEU D 343 -13.32 -21.84 -42.52
C LEU D 343 -12.65 -21.05 -41.38
N LEU D 344 -12.59 -19.71 -41.47
CA LEU D 344 -11.92 -18.86 -40.45
C LEU D 344 -12.96 -17.94 -39.83
N ARG D 345 -12.93 -17.80 -38.51
CA ARG D 345 -13.75 -16.82 -37.77
C ARG D 345 -12.80 -15.96 -36.91
N ILE D 346 -12.85 -14.64 -37.08
CA ILE D 346 -12.01 -13.68 -36.30
C ILE D 346 -12.93 -12.85 -35.42
N ILE D 347 -12.75 -12.92 -34.09
CA ILE D 347 -13.47 -12.11 -33.08
C ILE D 347 -12.51 -11.02 -32.59
N CYS D 348 -12.80 -9.76 -32.88
CA CYS D 348 -12.02 -8.57 -32.44
C CYS D 348 -12.74 -7.91 -31.28
N ALA D 349 -12.05 -7.67 -30.18
CA ALA D 349 -12.60 -6.93 -29.03
C ALA D 349 -11.48 -6.24 -28.26
N TYR D 350 -11.80 -5.17 -27.54
CA TYR D 350 -10.88 -4.48 -26.60
C TYR D 350 -10.95 -5.25 -25.28
N PRO D 351 -9.81 -5.58 -24.66
CA PRO D 351 -9.80 -6.14 -23.31
C PRO D 351 -10.66 -5.38 -22.29
N GLU D 352 -10.66 -4.04 -22.32
CA GLU D 352 -11.30 -3.17 -21.29
C GLU D 352 -12.84 -3.20 -21.40
N SER D 353 -13.41 -3.78 -22.47
CA SER D 353 -14.87 -3.73 -22.77
C SER D 353 -15.65 -4.73 -21.93
N ALA D 354 -14.98 -5.72 -21.33
CA ALA D 354 -15.59 -6.77 -20.49
C ALA D 354 -14.61 -7.24 -19.42
N GLY D 355 -15.11 -7.78 -18.32
CA GLY D 355 -14.28 -8.47 -17.32
C GLY D 355 -13.78 -9.80 -17.87
N LEU D 356 -12.70 -10.34 -17.31
CA LEU D 356 -12.06 -11.60 -17.80
C LEU D 356 -13.07 -12.75 -17.84
N GLU D 357 -13.94 -12.85 -16.83
CA GLU D 357 -14.93 -13.94 -16.70
C GLU D 357 -15.90 -13.85 -17.88
N ASP D 358 -16.25 -12.64 -18.32
CA ASP D 358 -17.11 -12.46 -19.52
C ASP D 358 -16.33 -12.69 -20.82
N HIS D 359 -15.03 -12.40 -20.89
CA HIS D 359 -14.20 -12.75 -22.08
C HIS D 359 -14.19 -14.27 -22.22
N LEU D 360 -14.02 -14.96 -21.10
CA LEU D 360 -13.95 -16.43 -21.04
C LEU D 360 -15.29 -17.00 -21.51
N GLN D 361 -16.40 -16.41 -21.08
CA GLN D 361 -17.74 -16.86 -21.53
C GLN D 361 -17.82 -16.74 -23.06
N ILE D 362 -17.41 -15.62 -23.63
CA ILE D 362 -17.48 -15.41 -25.11
C ILE D 362 -16.60 -16.45 -25.82
N ILE D 363 -15.41 -16.76 -25.30
CA ILE D 363 -14.52 -17.79 -25.91
C ILE D 363 -15.20 -19.16 -25.85
N LYS D 364 -15.73 -19.56 -24.69
CA LYS D 364 -16.41 -20.87 -24.50
C LYS D 364 -17.58 -21.02 -25.48
N SER D 365 -18.44 -20.02 -25.63
CA SER D 365 -19.65 -20.17 -26.47
C SER D 365 -19.29 -20.06 -27.96
N GLU D 366 -18.24 -19.32 -28.29
CA GLU D 366 -17.80 -19.24 -29.70
C GLU D 366 -17.17 -20.59 -30.08
N ILE D 367 -16.42 -21.23 -29.19
CA ILE D 367 -15.85 -22.60 -29.45
C ILE D 367 -17.02 -23.61 -29.62
N ALA D 368 -18.07 -23.49 -28.81
CA ALA D 368 -19.27 -24.37 -28.83
C ALA D 368 -20.08 -24.19 -30.12
N ASP D 369 -20.22 -22.96 -30.63
CA ASP D 369 -21.02 -22.69 -31.87
C ASP D 369 -20.19 -23.09 -33.09
N PHE D 370 -18.93 -22.67 -33.20
CA PHE D 370 -18.11 -22.72 -34.44
C PHE D 370 -17.37 -24.06 -34.55
N LYS D 371 -17.05 -24.69 -33.42
CA LYS D 371 -16.42 -26.04 -33.35
C LYS D 371 -15.11 -26.02 -34.14
N PRO D 372 -14.18 -25.12 -33.78
CA PRO D 372 -12.83 -25.14 -34.33
C PRO D 372 -12.02 -26.40 -34.00
N SER D 373 -11.07 -26.69 -34.86
CA SER D 373 -9.94 -27.61 -34.58
C SER D 373 -8.76 -26.81 -34.00
N ARG D 374 -8.63 -25.53 -34.34
CA ARG D 374 -7.51 -24.68 -33.86
C ARG D 374 -8.09 -23.41 -33.29
N VAL D 375 -7.57 -22.94 -32.14
CA VAL D 375 -7.98 -21.64 -31.56
C VAL D 375 -6.71 -20.85 -31.22
N ALA D 376 -6.72 -19.56 -31.56
CA ALA D 376 -5.64 -18.61 -31.26
C ALA D 376 -6.14 -17.41 -30.44
N ILE D 377 -5.36 -17.02 -29.44
CA ILE D 377 -5.53 -15.72 -28.72
C ILE D 377 -4.32 -14.83 -28.94
N ASP D 378 -4.58 -13.64 -29.51
CA ASP D 378 -3.57 -12.61 -29.83
C ASP D 378 -4.05 -11.28 -29.24
N SER D 379 -3.66 -10.94 -27.99
CA SER D 379 -2.61 -11.57 -27.21
C SER D 379 -3.04 -11.78 -25.74
N LEU D 380 -2.37 -12.66 -25.00
CA LEU D 380 -2.62 -12.87 -23.56
C LEU D 380 -2.07 -11.66 -22.80
N SER D 381 -0.96 -11.10 -23.27
CA SER D 381 -0.42 -9.82 -22.73
C SER D 381 -1.52 -8.74 -22.78
N ALA D 382 -2.31 -8.65 -23.86
CA ALA D 382 -3.33 -7.59 -23.98
C ALA D 382 -4.37 -7.76 -22.87
N LEU D 383 -4.72 -8.99 -22.52
CA LEU D 383 -5.80 -9.29 -21.54
C LEU D 383 -5.32 -9.06 -20.12
N ALA D 384 -4.00 -9.15 -19.87
CA ALA D 384 -3.34 -9.13 -18.55
C ALA D 384 -3.25 -7.73 -17.96
N ARG D 385 -3.21 -6.69 -18.79
CA ARG D 385 -2.91 -5.32 -18.33
C ARG D 385 -4.06 -4.77 -17.45
N GLY D 386 -3.68 -4.28 -16.26
CA GLY D 386 -4.59 -3.54 -15.37
C GLY D 386 -5.67 -4.42 -14.77
N VAL D 387 -5.40 -5.72 -14.67
CA VAL D 387 -6.21 -6.71 -13.90
C VAL D 387 -5.24 -7.40 -12.93
N SER D 388 -5.74 -7.96 -11.84
CA SER D 388 -4.93 -8.71 -10.85
C SER D 388 -4.34 -9.98 -11.48
N ASN D 389 -3.07 -10.27 -11.16
CA ASN D 389 -2.37 -11.54 -11.54
C ASN D 389 -3.26 -12.74 -11.19
N ASN D 390 -3.82 -12.80 -9.99
CA ASN D 390 -4.72 -13.91 -9.59
C ASN D 390 -5.86 -14.09 -10.61
N ALA D 391 -6.60 -13.04 -10.93
CA ALA D 391 -7.75 -13.13 -11.87
C ALA D 391 -7.24 -13.50 -13.27
N PHE D 392 -6.06 -13.06 -13.69
CA PHE D 392 -5.53 -13.36 -15.03
C PHE D 392 -5.22 -14.86 -15.14
N ARG D 393 -4.48 -15.38 -14.16
CA ARG D 393 -4.12 -16.83 -14.11
C ARG D 393 -5.41 -17.66 -14.06
N GLN D 394 -6.40 -17.28 -13.26
CA GLN D 394 -7.73 -17.96 -13.35
C GLN D 394 -8.19 -17.99 -14.83
N PHE D 395 -8.18 -16.88 -15.56
CA PHE D 395 -8.65 -16.83 -16.98
C PHE D 395 -7.85 -17.84 -17.83
N VAL D 396 -6.54 -17.91 -17.65
CA VAL D 396 -5.61 -18.74 -18.48
C VAL D 396 -5.84 -20.23 -18.19
N ILE D 397 -5.96 -20.61 -16.92
CA ILE D 397 -6.31 -22.01 -16.51
C ILE D 397 -7.60 -22.40 -17.24
N GLY D 398 -8.58 -21.49 -17.28
CA GLY D 398 -9.93 -21.69 -17.85
C GLY D 398 -9.93 -21.87 -19.37
N VAL D 399 -9.35 -20.94 -20.13
CA VAL D 399 -9.30 -21.05 -21.63
CA VAL D 399 -9.30 -21.05 -21.63
C VAL D 399 -8.48 -22.30 -22.00
N THR D 400 -7.30 -22.45 -21.42
CA THR D 400 -6.36 -23.57 -21.75
C THR D 400 -6.97 -24.90 -21.32
N GLY D 401 -7.52 -24.96 -20.11
CA GLY D 401 -8.16 -26.18 -19.57
C GLY D 401 -9.30 -26.68 -20.44
N PHE D 402 -10.11 -25.77 -20.99
CA PHE D 402 -11.27 -26.04 -21.88
C PHE D 402 -10.80 -26.42 -23.29
N ALA D 403 -9.69 -25.86 -23.78
CA ALA D 403 -9.13 -26.21 -25.12
C ALA D 403 -8.68 -27.67 -25.07
N LYS D 404 -7.93 -28.03 -24.03
CA LYS D 404 -7.37 -29.41 -23.86
C LYS D 404 -8.53 -30.39 -23.66
N GLN D 405 -9.53 -30.01 -22.87
CA GLN D 405 -10.75 -30.83 -22.60
C GLN D 405 -11.36 -31.25 -23.93
N GLU D 406 -11.48 -30.32 -24.88
CA GLU D 406 -12.18 -30.54 -26.17
C GLU D 406 -11.16 -31.02 -27.24
N GLU D 407 -9.89 -31.20 -26.86
CA GLU D 407 -8.79 -31.62 -27.77
C GLU D 407 -8.71 -30.64 -28.94
N ILE D 408 -8.79 -29.33 -28.65
CA ILE D 408 -8.57 -28.26 -29.65
C ILE D 408 -7.13 -27.78 -29.46
N THR D 409 -6.34 -27.72 -30.52
CA THR D 409 -4.99 -27.11 -30.45
C THR D 409 -5.08 -25.60 -30.19
N GLY D 410 -4.43 -25.11 -29.13
CA GLY D 410 -4.46 -23.67 -28.76
C GLY D 410 -3.11 -23.00 -28.99
N PHE D 411 -3.12 -21.79 -29.55
CA PHE D 411 -1.90 -20.98 -29.83
C PHE D 411 -2.10 -19.59 -29.23
N PHE D 412 -1.30 -19.24 -28.25
CA PHE D 412 -1.40 -17.96 -27.50
C PHE D 412 -0.13 -17.14 -27.65
N THR D 413 -0.26 -15.84 -27.90
CA THR D 413 0.88 -14.91 -27.95
C THR D 413 0.99 -14.09 -26.66
N ASN D 414 2.22 -13.70 -26.37
CA ASN D 414 2.60 -12.88 -25.20
C ASN D 414 3.74 -11.97 -25.64
N THR D 415 3.52 -10.66 -25.63
CA THR D 415 4.56 -9.64 -25.90
C THR D 415 5.17 -9.24 -24.56
N THR D 416 6.51 -9.29 -24.47
CA THR D 416 7.29 -8.96 -23.27
C THR D 416 7.46 -7.42 -23.15
N ASP D 417 7.59 -6.94 -21.91
CA ASP D 417 7.78 -5.51 -21.57
C ASP D 417 9.23 -5.12 -21.83
N GLN D 418 10.18 -6.04 -21.63
CA GLN D 418 11.62 -5.79 -21.96
C GLN D 418 11.88 -6.30 -23.38
N PHE D 419 12.34 -5.42 -24.28
CA PHE D 419 12.64 -5.75 -25.70
C PHE D 419 14.04 -6.33 -25.82
N MET D 420 14.84 -6.33 -24.75
CA MET D 420 16.16 -7.01 -24.75
C MET D 420 16.62 -7.31 -23.32
N GLY D 421 17.36 -8.39 -23.11
CA GLY D 421 17.97 -8.70 -21.80
C GLY D 421 16.93 -9.15 -20.79
N SER D 422 15.79 -9.66 -21.26
CA SER D 422 14.72 -10.23 -20.40
C SER D 422 15.17 -11.60 -19.88
N ASN D 423 15.11 -11.78 -18.56
CA ASN D 423 15.46 -13.04 -17.86
C ASN D 423 14.17 -13.86 -17.57
N SER D 424 13.03 -13.47 -18.15
CA SER D 424 11.69 -14.07 -17.91
C SER D 424 10.95 -14.36 -19.22
N ILE D 425 10.30 -15.51 -19.30
CA ILE D 425 9.44 -15.94 -20.45
C ILE D 425 8.18 -15.06 -20.48
N THR D 426 7.43 -14.99 -19.37
CA THR D 426 6.27 -14.07 -19.15
C THR D 426 6.43 -13.35 -17.81
N GLU D 427 5.87 -12.15 -17.67
CA GLU D 427 5.86 -11.38 -16.40
C GLU D 427 4.66 -11.83 -15.57
N SER D 428 3.68 -12.48 -16.20
CA SER D 428 2.45 -13.07 -15.60
C SER D 428 2.67 -14.49 -15.07
N HIS D 429 3.85 -15.07 -15.31
CA HIS D 429 4.28 -16.43 -14.83
C HIS D 429 3.26 -17.50 -15.22
N ILE D 430 2.97 -17.65 -16.50
CA ILE D 430 1.98 -18.67 -16.97
C ILE D 430 2.70 -19.82 -17.67
N SEP D 431 4.05 -19.84 -17.62
CA SEP D 431 4.88 -20.79 -18.37
CB SEP D 431 6.35 -20.68 -18.02
OG SEP D 431 6.80 -19.33 -18.17
C SEP D 431 4.45 -22.22 -18.12
O SEP D 431 4.38 -23.03 -19.05
P SEP D 431 7.28 -18.52 -16.83
O1P SEP D 431 8.62 -19.11 -16.41
O2P SEP D 431 6.19 -18.72 -15.83
O3P SEP D 431 7.36 -17.07 -17.29
N TPO D 432 4.23 -22.54 -16.85
CA TPO D 432 4.00 -23.91 -16.41
CB TPO D 432 4.27 -24.04 -14.89
CG2 TPO D 432 5.73 -23.92 -14.59
OG1 TPO D 432 3.63 -22.96 -14.13
P TPO D 432 2.97 -23.15 -12.65
O1P TPO D 432 4.16 -23.50 -11.74
O2P TPO D 432 1.95 -24.27 -12.81
O3P TPO D 432 2.28 -21.85 -12.26
C TPO D 432 2.60 -24.38 -16.86
O TPO D 432 2.34 -25.58 -16.79
N ILE D 433 1.72 -23.48 -17.31
CA ILE D 433 0.42 -23.86 -17.83
C ILE D 433 0.51 -24.23 -19.33
N THR D 434 1.64 -23.97 -19.99
CA THR D 434 1.80 -24.19 -21.46
C THR D 434 2.72 -25.39 -21.69
N ASP D 435 2.53 -26.04 -22.84
CA ASP D 435 3.22 -27.30 -23.22
C ASP D 435 4.43 -27.02 -24.14
N THR D 436 4.26 -26.16 -25.13
CA THR D 436 5.34 -25.73 -26.03
C THR D 436 5.46 -24.23 -25.91
N ILE D 437 6.69 -23.75 -25.77
CA ILE D 437 7.05 -22.32 -25.71
C ILE D 437 7.96 -21.99 -26.89
N LEU D 438 7.58 -21.01 -27.70
CA LEU D 438 8.44 -20.42 -28.75
C LEU D 438 8.94 -19.05 -28.27
N LEU D 439 10.24 -18.85 -28.18
CA LEU D 439 10.83 -17.59 -27.70
C LEU D 439 11.40 -16.87 -28.90
N LEU D 440 10.84 -15.69 -29.25
CA LEU D 440 11.36 -14.81 -30.31
C LEU D 440 12.11 -13.63 -29.66
N GLN D 441 13.29 -13.33 -30.17
CA GLN D 441 14.11 -12.26 -29.58
C GLN D 441 14.91 -11.52 -30.65
N TYR D 442 15.11 -10.23 -30.41
CA TYR D 442 16.05 -9.37 -31.16
C TYR D 442 17.48 -9.64 -30.69
N VAL D 443 18.43 -9.54 -31.62
CA VAL D 443 19.88 -9.84 -31.38
C VAL D 443 20.66 -8.84 -32.21
N GLU D 444 21.46 -7.97 -31.56
CA GLU D 444 22.25 -6.92 -32.27
C GLU D 444 23.45 -7.60 -32.91
N ILE D 445 23.49 -7.57 -34.23
CA ILE D 445 24.56 -8.19 -35.07
C ILE D 445 25.10 -7.08 -35.99
N ARG D 446 26.37 -6.75 -35.87
CA ARG D 446 27.08 -5.80 -36.78
C ARG D 446 26.27 -4.51 -36.89
N GLY D 447 25.80 -3.98 -35.76
CA GLY D 447 25.10 -2.69 -35.70
C GLY D 447 23.71 -2.73 -36.31
N GLU D 448 23.14 -3.92 -36.50
CA GLU D 448 21.76 -4.16 -36.98
C GLU D 448 20.96 -5.04 -36.01
N MET D 449 19.64 -4.88 -36.02
CA MET D 449 18.70 -5.69 -35.20
C MET D 449 18.24 -6.90 -36.02
N SER D 450 18.88 -8.04 -35.78
CA SER D 450 18.46 -9.38 -36.26
C SER D 450 17.48 -10.00 -35.25
N ARG D 451 16.82 -11.06 -35.66
CA ARG D 451 15.93 -11.81 -34.75
C ARG D 451 16.28 -13.29 -34.80
N ALA D 452 16.02 -13.98 -33.70
CA ALA D 452 16.23 -15.43 -33.54
C ALA D 452 15.02 -16.05 -32.85
N ILE D 453 14.77 -17.32 -33.18
CA ILE D 453 13.66 -18.17 -32.66
C ILE D 453 14.26 -19.41 -31.96
N ASN D 454 13.69 -19.78 -30.82
CA ASN D 454 14.10 -20.93 -30.01
C ASN D 454 12.83 -21.70 -29.59
N VAL D 455 12.77 -23.01 -29.83
CA VAL D 455 11.79 -23.92 -29.17
C VAL D 455 12.34 -24.17 -27.77
N PHE D 456 11.95 -23.32 -26.81
CA PHE D 456 12.45 -23.26 -25.41
C PHE D 456 12.04 -24.54 -24.67
N LYS D 457 10.81 -24.98 -24.89
CA LYS D 457 10.18 -26.08 -24.14
C LYS D 457 9.27 -26.86 -25.09
N MET D 458 9.33 -28.17 -25.03
CA MET D 458 8.41 -29.03 -25.81
C MET D 458 8.14 -30.30 -25.01
N ARG D 459 7.07 -30.31 -24.22
CA ARG D 459 6.59 -31.49 -23.45
C ARG D 459 6.27 -32.63 -24.44
N GLY D 460 6.80 -33.83 -24.12
CA GLY D 460 6.52 -35.11 -24.77
C GLY D 460 7.32 -35.35 -26.05
N SER D 461 8.24 -34.46 -26.42
CA SER D 461 9.04 -34.61 -27.67
C SER D 461 10.47 -34.05 -27.54
N TRP D 462 11.35 -34.53 -28.40
CA TRP D 462 12.63 -33.88 -28.74
C TRP D 462 12.31 -32.58 -29.47
N HIS D 463 13.16 -31.57 -29.27
CA HIS D 463 13.13 -30.31 -30.02
C HIS D 463 14.58 -29.86 -30.27
N ASP D 464 14.77 -29.03 -31.28
CA ASP D 464 16.02 -28.31 -31.61
C ASP D 464 16.32 -27.35 -30.45
N LYS D 465 17.58 -27.34 -30.01
CA LYS D 465 18.10 -26.48 -28.91
C LYS D 465 18.68 -25.20 -29.51
N GLY D 466 18.80 -25.13 -30.83
CA GLY D 466 19.43 -23.99 -31.53
C GLY D 466 18.68 -22.69 -31.27
N ILE D 467 19.40 -21.57 -31.10
CA ILE D 467 18.82 -20.19 -31.16
C ILE D 467 18.98 -19.68 -32.60
N ARG D 468 17.98 -19.93 -33.45
CA ARG D 468 18.14 -19.84 -34.91
C ARG D 468 17.74 -18.44 -35.37
N GLU D 469 18.66 -17.73 -36.01
CA GLU D 469 18.35 -16.48 -36.76
C GLU D 469 17.17 -16.76 -37.68
N TYR D 470 16.28 -15.80 -37.87
CA TYR D 470 15.23 -15.88 -38.91
C TYR D 470 15.06 -14.51 -39.54
N VAL D 471 14.49 -14.45 -40.74
CA VAL D 471 14.12 -13.16 -41.38
C VAL D 471 12.67 -13.24 -41.86
N ILE D 472 11.99 -12.09 -41.85
CA ILE D 472 10.59 -11.94 -42.33
C ILE D 472 10.61 -11.34 -43.74
N THR D 473 10.03 -12.06 -44.70
CA THR D 473 9.82 -11.62 -46.10
C THR D 473 8.41 -12.04 -46.54
N GLU D 474 8.14 -12.03 -47.85
CA GLU D 474 6.80 -12.35 -48.41
C GLU D 474 6.56 -13.87 -48.31
N LYS D 475 7.60 -14.66 -48.11
CA LYS D 475 7.52 -16.13 -47.87
C LYS D 475 7.10 -16.42 -46.41
N GLY D 476 6.96 -15.39 -45.58
CA GLY D 476 6.68 -15.50 -44.15
C GLY D 476 7.97 -15.56 -43.34
N ALA D 477 8.05 -16.48 -42.39
CA ALA D 477 9.24 -16.67 -41.53
C ALA D 477 10.23 -17.57 -42.27
N GLU D 478 11.42 -17.05 -42.56
CA GLU D 478 12.53 -17.84 -43.15
C GLU D 478 13.58 -18.09 -42.07
N ILE D 479 13.64 -19.32 -41.55
CA ILE D 479 14.52 -19.67 -40.41
C ILE D 479 15.81 -20.28 -40.96
N ARG D 480 16.95 -19.79 -40.48
CA ARG D 480 18.33 -20.19 -40.92
C ARG D 480 19.06 -20.84 -39.74
N ASP D 481 20.37 -20.61 -39.61
CA ASP D 481 21.29 -21.24 -38.62
C ASP D 481 21.33 -20.47 -37.30
N SER D 482 21.67 -21.16 -36.22
CA SER D 482 22.07 -20.49 -34.96
C SER D 482 23.35 -19.70 -35.22
N PHE D 483 23.65 -18.76 -34.35
CA PHE D 483 24.91 -17.97 -34.36
C PHE D 483 25.96 -18.76 -33.57
N ARG D 484 26.69 -19.67 -34.20
CA ARG D 484 27.67 -20.55 -33.50
C ARG D 484 28.95 -19.77 -33.10
N ASN D 485 29.22 -18.60 -33.70
CA ASN D 485 30.47 -17.82 -33.45
C ASN D 485 30.31 -16.77 -32.34
N PHE D 486 29.15 -16.66 -31.70
CA PHE D 486 28.87 -15.62 -30.67
C PHE D 486 28.61 -16.25 -29.28
N GLU D 487 28.90 -15.45 -28.26
CA GLU D 487 28.48 -15.67 -26.85
C GLU D 487 27.48 -14.58 -26.44
N GLY D 488 26.60 -14.89 -25.49
CA GLY D 488 25.63 -13.95 -24.92
C GLY D 488 24.48 -13.62 -25.87
N ILE D 489 24.18 -14.47 -26.85
CA ILE D 489 23.05 -14.26 -27.81
C ILE D 489 21.76 -13.93 -27.03
N ILE D 490 21.43 -14.75 -26.04
CA ILE D 490 20.17 -14.66 -25.24
C ILE D 490 20.07 -13.30 -24.49
N SER D 491 21.18 -12.58 -24.28
CA SER D 491 21.23 -11.22 -23.67
C SER D 491 20.79 -10.14 -24.69
N GLY D 492 20.87 -10.43 -25.99
CA GLY D 492 20.46 -9.51 -27.07
C GLY D 492 21.63 -8.71 -27.62
N THR D 493 22.71 -8.62 -26.85
CA THR D 493 23.96 -7.91 -27.21
C THR D 493 25.08 -8.93 -27.18
N PRO D 494 25.16 -9.79 -28.23
CA PRO D 494 26.22 -10.80 -28.33
C PRO D 494 27.65 -10.23 -28.39
N THR D 495 28.65 -11.11 -28.15
CA THR D 495 30.11 -10.91 -28.30
C THR D 495 30.64 -11.98 -29.27
N ARG D 496 31.21 -11.60 -30.42
CA ARG D 496 31.87 -12.57 -31.36
C ARG D 496 33.19 -13.04 -30.71
N ILE D 497 33.48 -14.35 -30.72
CA ILE D 497 34.74 -14.93 -30.17
C ILE D 497 35.76 -15.10 -31.31
N GLU E 18 -41.19 -10.91 -24.16
CA GLU E 18 -39.77 -10.64 -23.71
C GLU E 18 -39.51 -9.13 -23.80
N VAL E 19 -38.69 -8.61 -22.86
CA VAL E 19 -38.48 -7.15 -22.55
C VAL E 19 -37.90 -6.44 -23.78
N LYS E 20 -38.64 -5.49 -24.32
CA LYS E 20 -38.20 -4.55 -25.37
C LYS E 20 -37.67 -3.25 -24.73
N LYS E 21 -36.75 -2.57 -25.42
CA LYS E 21 -36.20 -1.26 -25.03
C LYS E 21 -36.65 -0.18 -26.02
N ILE E 22 -36.80 1.06 -25.55
CA ILE E 22 -36.96 2.26 -26.42
C ILE E 22 -35.61 2.97 -26.43
N PRO E 23 -35.13 3.40 -27.62
CA PRO E 23 -33.89 4.17 -27.75
C PRO E 23 -33.91 5.51 -27.01
N THR E 24 -32.81 5.84 -26.34
CA THR E 24 -32.62 7.12 -25.64
C THR E 24 -32.05 8.13 -26.66
N MET E 25 -31.20 7.65 -27.57
CA MET E 25 -30.39 8.46 -28.51
C MET E 25 -29.35 9.27 -27.72
N ILE E 26 -29.15 8.96 -26.43
CA ILE E 26 -28.05 9.58 -25.63
C ILE E 26 -26.75 8.94 -26.11
N GLU E 27 -25.83 9.73 -26.67
CA GLU E 27 -24.58 9.22 -27.34
C GLU E 27 -23.92 8.16 -26.46
N GLY E 28 -23.88 6.92 -26.97
CA GLY E 28 -23.18 5.76 -26.39
C GLY E 28 -24.04 4.99 -25.39
N PHE E 29 -25.20 5.51 -24.98
CA PHE E 29 -26.03 4.85 -23.95
C PHE E 29 -26.79 3.68 -24.58
N ASP E 30 -27.21 3.78 -25.85
CA ASP E 30 -27.94 2.67 -26.51
C ASP E 30 -26.99 1.48 -26.76
N ASP E 31 -25.67 1.71 -26.85
CA ASP E 31 -24.63 0.66 -26.92
C ASP E 31 -24.54 -0.09 -25.58
N ILE E 32 -24.39 0.61 -24.45
CA ILE E 32 -24.08 -0.03 -23.13
C ILE E 32 -25.36 -0.70 -22.58
N SER E 33 -26.56 -0.23 -22.97
CA SER E 33 -27.86 -0.82 -22.55
C SER E 33 -28.35 -1.88 -23.58
N HIS E 34 -27.73 -2.01 -24.74
CA HIS E 34 -28.07 -3.00 -25.80
C HIS E 34 -29.51 -2.76 -26.30
N GLY E 35 -29.82 -1.56 -26.77
CA GLY E 35 -31.16 -1.16 -27.27
C GLY E 35 -31.74 0.08 -26.60
N GLY E 36 -31.29 0.44 -25.38
CA GLY E 36 -31.87 1.58 -24.61
C GLY E 36 -32.54 1.12 -23.33
N LEU E 37 -33.51 1.89 -22.82
CA LEU E 37 -34.17 1.67 -21.52
C LEU E 37 -35.37 0.74 -21.73
N PRO E 38 -35.53 -0.28 -20.85
CA PRO E 38 -36.65 -1.23 -20.95
C PRO E 38 -38.01 -0.51 -20.93
N GLN E 39 -38.81 -0.78 -21.97
CA GLN E 39 -40.10 -0.09 -22.26
C GLN E 39 -41.08 -0.33 -21.11
N GLY E 40 -41.74 0.73 -20.65
CA GLY E 40 -42.89 0.61 -19.74
C GLY E 40 -42.46 0.35 -18.31
N ARG E 41 -41.20 0.64 -17.94
CA ARG E 41 -40.70 0.37 -16.55
C ARG E 41 -39.94 1.59 -16.01
N THR E 42 -39.67 1.61 -14.70
CA THR E 42 -38.86 2.68 -14.05
C THR E 42 -37.37 2.32 -14.15
N THR E 43 -36.55 3.26 -14.61
CA THR E 43 -35.09 3.24 -14.42
C THR E 43 -34.72 4.28 -13.36
N LEU E 44 -34.08 3.85 -12.27
CA LEU E 44 -33.44 4.74 -11.27
C LEU E 44 -32.08 5.22 -11.81
N VAL E 45 -31.87 6.54 -11.82
CA VAL E 45 -30.59 7.23 -12.17
C VAL E 45 -30.08 7.96 -10.93
N SER E 46 -29.01 7.47 -10.31
CA SER E 46 -28.53 7.84 -8.95
C SER E 46 -27.12 8.42 -9.03
N GLY E 47 -26.75 9.24 -8.07
CA GLY E 47 -25.44 9.89 -8.14
C GLY E 47 -25.37 11.07 -7.22
N THR E 48 -24.14 11.48 -6.90
CA THR E 48 -23.81 12.69 -6.11
C THR E 48 -24.21 13.94 -6.91
N SER E 49 -24.19 15.10 -6.25
CA SER E 49 -24.52 16.44 -6.83
C SER E 49 -23.67 16.71 -8.08
N GLY E 50 -24.30 17.15 -9.16
CA GLY E 50 -23.62 17.62 -10.39
C GLY E 50 -23.01 16.48 -11.20
N THR E 51 -23.59 15.28 -11.12
CA THR E 51 -23.14 14.04 -11.82
C THR E 51 -23.76 13.89 -13.22
N GLY E 52 -24.79 14.69 -13.54
CA GLY E 52 -25.53 14.63 -14.82
C GLY E 52 -26.95 14.06 -14.75
N LYS E 53 -27.55 13.85 -13.58
CA LYS E 53 -28.92 13.25 -13.42
C LYS E 53 -30.01 14.06 -14.16
N THR E 54 -30.09 15.37 -13.90
CA THR E 54 -31.11 16.24 -14.56
C THR E 54 -30.87 16.19 -16.07
N LEU E 55 -29.62 16.23 -16.50
CA LEU E 55 -29.21 16.22 -17.94
C LEU E 55 -29.79 14.98 -18.59
N PHE E 56 -29.51 13.82 -18.00
CA PHE E 56 -30.00 12.49 -18.45
C PHE E 56 -31.53 12.52 -18.50
N ALA E 57 -32.15 13.02 -17.45
CA ALA E 57 -33.63 13.11 -17.31
C ALA E 57 -34.19 14.09 -18.35
N VAL E 58 -33.52 15.18 -18.66
CA VAL E 58 -34.04 16.18 -19.64
C VAL E 58 -33.79 15.64 -21.07
N GLN E 59 -32.66 14.98 -21.29
CA GLN E 59 -32.25 14.50 -22.64
C GLN E 59 -33.14 13.33 -23.04
N PHE E 60 -33.51 12.48 -22.09
CA PHE E 60 -34.43 11.35 -22.33
C PHE E 60 -35.75 11.85 -22.95
N LEU E 61 -36.31 12.94 -22.40
CA LEU E 61 -37.59 13.55 -22.89
C LEU E 61 -37.34 14.28 -24.21
N TYR E 62 -36.30 15.11 -24.27
CA TYR E 62 -35.95 15.93 -25.45
C TYR E 62 -35.73 15.03 -26.67
N ASN E 63 -34.98 13.93 -26.55
CA ASN E 63 -34.75 12.92 -27.62
C ASN E 63 -36.06 12.20 -27.99
N GLY E 64 -36.87 11.83 -26.99
CA GLY E 64 -38.24 11.30 -27.15
C GLY E 64 -39.06 12.14 -28.12
N ILE E 65 -39.18 13.45 -27.85
CA ILE E 65 -40.03 14.41 -28.63
C ILE E 65 -39.43 14.66 -30.02
N THR E 66 -38.18 15.12 -30.07
CA THR E 66 -37.58 15.70 -31.29
C THR E 66 -37.21 14.60 -32.28
N ILE E 67 -37.10 13.33 -31.87
CA ILE E 67 -36.59 12.25 -32.76
C ILE E 67 -37.65 11.16 -32.99
N PHE E 68 -38.47 10.83 -31.99
CA PHE E 68 -39.48 9.74 -32.10
C PHE E 68 -40.89 10.30 -31.95
N ASN E 69 -41.02 11.63 -31.84
CA ASN E 69 -42.33 12.32 -31.68
C ASN E 69 -43.13 11.68 -30.55
N GLU E 70 -42.51 11.18 -29.46
CA GLU E 70 -43.28 10.62 -28.32
C GLU E 70 -43.24 11.62 -27.18
N PRO E 71 -44.42 12.18 -26.79
CA PRO E 71 -44.51 13.22 -25.77
C PRO E 71 -44.02 12.78 -24.38
N GLY E 72 -43.58 13.75 -23.57
CA GLY E 72 -43.03 13.48 -22.23
C GLY E 72 -43.48 14.47 -21.17
N ILE E 73 -43.59 13.99 -19.94
CA ILE E 73 -43.83 14.81 -18.71
C ILE E 73 -42.53 14.83 -17.90
N PHE E 74 -42.09 16.03 -17.52
CA PHE E 74 -41.00 16.23 -16.53
C PHE E 74 -41.61 16.73 -15.22
N VAL E 75 -41.41 15.97 -14.15
CA VAL E 75 -41.86 16.34 -12.78
C VAL E 75 -40.64 16.86 -12.01
N THR E 76 -40.75 18.06 -11.43
CA THR E 76 -39.69 18.72 -10.61
C THR E 76 -40.23 18.93 -9.19
N PHE E 77 -39.39 18.65 -8.20
CA PHE E 77 -39.71 18.79 -6.75
C PHE E 77 -38.91 19.94 -6.14
N GLU E 78 -38.03 20.60 -6.92
CA GLU E 78 -37.23 21.74 -6.43
C GLU E 78 -37.00 22.75 -7.56
N GLU E 79 -36.14 22.44 -8.53
CA GLU E 79 -35.81 23.38 -9.62
C GLU E 79 -37.15 23.82 -10.23
N SER E 80 -37.31 25.12 -10.46
CA SER E 80 -38.48 25.70 -11.15
C SER E 80 -38.43 25.31 -12.62
N PRO E 81 -39.58 25.24 -13.33
CA PRO E 81 -39.61 25.08 -14.78
C PRO E 81 -38.66 26.05 -15.50
N GLN E 82 -38.66 27.32 -15.09
CA GLN E 82 -37.90 28.44 -15.71
C GLN E 82 -36.38 28.15 -15.64
N ASP E 83 -35.91 27.62 -14.50
CA ASP E 83 -34.51 27.13 -14.25
C ASP E 83 -34.14 26.03 -15.25
N ILE E 84 -35.02 25.05 -15.46
CA ILE E 84 -34.78 23.83 -16.29
C ILE E 84 -34.72 24.20 -17.78
N ILE E 85 -35.62 25.10 -18.20
CA ILE E 85 -35.72 25.68 -19.56
C ILE E 85 -34.45 26.49 -19.87
N LYS E 86 -34.04 27.41 -18.98
CA LYS E 86 -32.87 28.28 -19.20
C LYS E 86 -31.57 27.44 -19.24
N ASN E 87 -31.44 26.46 -18.35
CA ASN E 87 -30.26 25.57 -18.27
C ASN E 87 -30.12 24.74 -19.57
N ALA E 88 -31.22 24.25 -20.16
CA ALA E 88 -31.24 23.47 -21.42
C ALA E 88 -30.88 24.35 -22.63
N LEU E 89 -31.10 25.67 -22.57
CA LEU E 89 -30.75 26.61 -23.68
C LEU E 89 -29.25 26.53 -23.98
N SER E 90 -28.42 26.20 -23.00
CA SER E 90 -26.94 26.20 -23.18
C SER E 90 -26.49 25.01 -24.06
N PHE E 91 -27.34 23.99 -24.29
CA PHE E 91 -27.04 22.87 -25.22
C PHE E 91 -27.75 23.07 -26.56
N GLY E 92 -28.36 24.24 -26.80
CA GLY E 92 -29.16 24.54 -28.00
C GLY E 92 -30.53 23.89 -27.97
N TRP E 93 -31.00 23.44 -26.80
CA TRP E 93 -32.26 22.69 -26.61
C TRP E 93 -33.38 23.67 -26.27
N ASN E 94 -34.29 23.92 -27.23
CA ASN E 94 -35.38 24.92 -27.10
C ASN E 94 -36.58 24.23 -26.46
N LEU E 95 -36.65 24.22 -25.12
CA LEU E 95 -37.73 23.50 -24.40
C LEU E 95 -39.05 24.29 -24.50
N GLN E 96 -39.02 25.62 -24.66
CA GLN E 96 -40.29 26.40 -24.63
C GLN E 96 -41.10 26.10 -25.91
N SER E 97 -40.47 26.01 -27.07
CA SER E 97 -41.16 25.74 -28.35
C SER E 97 -41.82 24.35 -28.32
N LEU E 98 -41.24 23.39 -27.56
CA LEU E 98 -41.83 22.04 -27.41
C LEU E 98 -43.04 22.13 -26.50
N ILE E 99 -43.01 22.97 -25.47
CA ILE E 99 -44.13 23.18 -24.50
C ILE E 99 -45.30 23.87 -25.25
N ASP E 100 -44.99 24.82 -26.13
CA ASP E 100 -45.97 25.58 -26.95
C ASP E 100 -46.59 24.67 -28.03
N GLN E 101 -45.99 23.50 -28.34
CA GLN E 101 -46.58 22.51 -29.28
C GLN E 101 -47.40 21.45 -28.53
N GLY E 102 -47.47 21.51 -27.19
CA GLY E 102 -48.17 20.52 -26.36
C GLY E 102 -47.44 19.18 -26.26
N LYS E 103 -46.17 19.09 -26.65
CA LYS E 103 -45.39 17.82 -26.70
C LYS E 103 -44.57 17.64 -25.41
N LEU E 104 -44.33 18.71 -24.65
CA LEU E 104 -43.67 18.65 -23.31
C LEU E 104 -44.55 19.38 -22.31
N PHE E 105 -44.61 18.85 -21.10
CA PHE E 105 -45.25 19.49 -19.92
C PHE E 105 -44.35 19.27 -18.71
N ILE E 106 -44.04 20.36 -18.02
CA ILE E 106 -43.21 20.35 -16.80
C ILE E 106 -44.17 20.53 -15.64
N LEU E 107 -44.26 19.50 -14.81
CA LEU E 107 -45.15 19.44 -13.63
C LEU E 107 -44.37 20.02 -12.45
N ASP E 108 -44.83 21.15 -11.93
CA ASP E 108 -44.17 21.82 -10.77
C ASP E 108 -44.79 21.26 -9.48
N ALA E 109 -44.14 20.23 -8.91
CA ALA E 109 -44.54 19.58 -7.65
C ALA E 109 -43.74 20.13 -6.47
N SER E 110 -42.88 21.14 -6.67
CA SER E 110 -42.09 21.85 -5.60
C SER E 110 -43.02 22.65 -4.69
N PRO E 111 -42.61 23.00 -3.44
CA PRO E 111 -43.45 23.79 -2.53
C PRO E 111 -43.34 25.31 -2.72
N ASP E 123 -48.91 14.98 -0.16
CA ASP E 123 -49.97 13.98 -0.48
C ASP E 123 -49.56 13.20 -1.73
N LEU E 124 -48.97 12.02 -1.54
CA LEU E 124 -48.49 11.13 -2.64
C LEU E 124 -49.67 10.83 -3.57
N SER E 125 -50.82 10.46 -3.02
CA SER E 125 -52.07 10.16 -3.79
C SER E 125 -52.38 11.32 -4.76
N ALA E 126 -52.32 12.57 -4.28
CA ALA E 126 -52.60 13.82 -5.04
C ALA E 126 -51.59 13.99 -6.17
N LEU E 127 -50.30 13.84 -5.85
CA LEU E 127 -49.22 13.97 -6.85
C LEU E 127 -49.50 12.99 -8.01
N ILE E 128 -49.86 11.74 -7.71
CA ILE E 128 -50.01 10.66 -8.73
C ILE E 128 -51.19 10.98 -9.65
N GLU E 129 -52.35 11.30 -9.07
CA GLU E 129 -53.56 11.79 -9.79
C GLU E 129 -53.17 12.92 -10.77
N ARG E 130 -52.36 13.88 -10.33
CA ARG E 130 -51.84 14.98 -11.19
C ARG E 130 -50.98 14.42 -12.34
N ILE E 131 -50.04 13.53 -12.05
CA ILE E 131 -49.14 12.94 -13.10
C ILE E 131 -50.03 12.13 -14.05
N GLN E 132 -50.90 11.29 -13.50
CA GLN E 132 -51.90 10.52 -14.29
C GLN E 132 -52.64 11.47 -15.24
N TYR E 133 -53.27 12.52 -14.72
CA TYR E 133 -54.01 13.53 -15.52
C TYR E 133 -53.15 14.00 -16.70
N ALA E 134 -51.94 14.52 -16.40
CA ALA E 134 -50.97 15.06 -17.36
C ALA E 134 -50.65 14.03 -18.45
N ILE E 135 -50.42 12.76 -18.08
CA ILE E 135 -49.99 11.68 -19.02
C ILE E 135 -51.11 11.46 -20.07
N ARG E 136 -52.35 11.34 -19.57
CA ARG E 136 -53.60 11.14 -20.37
C ARG E 136 -53.83 12.34 -21.30
N LYS E 137 -53.55 13.58 -20.86
CA LYS E 137 -53.82 14.82 -21.65
C LYS E 137 -52.78 15.02 -22.77
N TYR E 138 -51.49 14.85 -22.47
CA TYR E 138 -50.38 15.19 -23.41
C TYR E 138 -50.04 13.95 -24.23
N LYS E 139 -50.66 12.80 -23.90
CA LYS E 139 -50.49 11.49 -24.60
C LYS E 139 -49.04 11.01 -24.40
N ALA E 140 -48.48 11.27 -23.22
CA ALA E 140 -47.04 11.08 -22.92
C ALA E 140 -46.73 9.60 -22.85
N THR E 141 -45.62 9.17 -23.44
CA THR E 141 -45.09 7.78 -23.28
C THR E 141 -43.79 7.78 -22.45
N ARG E 142 -43.13 8.93 -22.26
CA ARG E 142 -41.90 9.05 -21.42
C ARG E 142 -42.14 10.04 -20.29
N VAL E 143 -41.76 9.66 -19.08
CA VAL E 143 -41.82 10.54 -17.89
C VAL E 143 -40.45 10.54 -17.19
N SER E 144 -40.05 11.71 -16.71
CA SER E 144 -38.88 11.93 -15.82
C SER E 144 -39.37 12.54 -14.52
N ILE E 145 -38.93 11.97 -13.39
CA ILE E 145 -39.16 12.48 -12.01
C ILE E 145 -37.79 12.85 -11.42
N ASP E 146 -37.64 14.09 -10.97
CA ASP E 146 -36.34 14.70 -10.57
C ASP E 146 -36.51 15.68 -9.40
N SER E 147 -35.98 15.39 -8.20
CA SER E 147 -35.53 14.08 -7.74
C SER E 147 -36.48 13.59 -6.65
N VAL E 148 -36.74 12.28 -6.60
CA VAL E 148 -37.76 11.67 -5.68
C VAL E 148 -37.24 11.76 -4.23
N THR E 149 -35.92 11.83 -4.04
CA THR E 149 -35.23 12.09 -2.75
C THR E 149 -35.92 13.26 -2.04
N ALA E 150 -35.85 14.46 -2.60
CA ALA E 150 -36.49 15.69 -2.09
C ALA E 150 -38.00 15.47 -1.93
N ALA E 157 -36.88 6.71 7.11
CA ALA E 157 -38.00 5.75 7.28
C ALA E 157 -38.15 4.88 6.01
N ALA E 158 -37.11 4.07 5.76
CA ALA E 158 -36.89 3.22 4.55
C ALA E 158 -38.18 2.45 4.18
N SER E 159 -38.82 1.83 5.17
CA SER E 159 -40.16 1.22 5.04
C SER E 159 -41.05 2.18 4.24
N VAL E 160 -41.16 3.42 4.71
CA VAL E 160 -42.05 4.47 4.13
C VAL E 160 -41.55 4.73 2.70
N VAL E 161 -40.26 5.05 2.55
CA VAL E 161 -39.61 5.40 1.26
C VAL E 161 -39.89 4.29 0.24
N ARG E 162 -39.67 3.02 0.61
CA ARG E 162 -39.88 1.84 -0.27
C ARG E 162 -41.34 1.79 -0.73
N ARG E 163 -42.28 1.91 0.21
CA ARG E 163 -43.74 2.00 -0.07
C ARG E 163 -43.98 3.01 -1.19
N GLU E 164 -43.36 4.18 -1.07
CA GLU E 164 -43.66 5.41 -1.87
C GLU E 164 -43.20 5.24 -3.33
N ILE E 165 -41.94 4.86 -3.53
CA ILE E 165 -41.35 4.64 -4.88
C ILE E 165 -42.13 3.52 -5.57
N PHE E 166 -42.47 2.45 -4.84
CA PHE E 166 -43.21 1.29 -5.39
C PHE E 166 -44.58 1.74 -5.91
N ARG E 167 -45.34 2.50 -5.10
CA ARG E 167 -46.66 3.04 -5.51
C ARG E 167 -46.52 3.86 -6.80
N LEU E 168 -45.61 4.83 -6.79
CA LEU E 168 -45.35 5.72 -7.95
C LEU E 168 -45.00 4.84 -9.15
N ALA E 169 -44.02 3.95 -8.99
CA ALA E 169 -43.52 3.06 -10.07
C ALA E 169 -44.66 2.17 -10.59
N PHE E 170 -45.44 1.56 -9.67
CA PHE E 170 -46.60 0.69 -9.98
C PHE E 170 -47.60 1.44 -10.85
N ARG E 171 -47.95 2.67 -10.50
CA ARG E 171 -49.01 3.43 -11.19
C ARG E 171 -48.53 3.88 -12.57
N LEU E 172 -47.26 4.28 -12.70
CA LEU E 172 -46.71 4.66 -14.03
C LEU E 172 -46.62 3.41 -14.91
N LYS E 173 -46.32 2.26 -14.31
CA LYS E 173 -46.35 0.95 -15.03
C LYS E 173 -47.74 0.73 -15.66
N GLN E 174 -48.82 0.77 -14.85
CA GLN E 174 -50.22 0.59 -15.33
C GLN E 174 -50.50 1.45 -16.56
N LEU E 175 -49.97 2.67 -16.63
CA LEU E 175 -50.25 3.61 -17.75
C LEU E 175 -49.35 3.34 -18.96
N GLY E 176 -48.38 2.41 -18.84
CA GLY E 176 -47.50 2.01 -19.97
C GLY E 176 -46.47 3.06 -20.34
N VAL E 177 -46.07 3.91 -19.39
CA VAL E 177 -45.00 4.93 -19.63
C VAL E 177 -43.64 4.35 -19.23
N THR E 178 -42.57 4.72 -19.93
CA THR E 178 -41.18 4.42 -19.51
C THR E 178 -40.72 5.61 -18.65
N THR E 179 -40.27 5.36 -17.43
CA THR E 179 -39.93 6.41 -16.44
C THR E 179 -38.42 6.43 -16.13
N ILE E 180 -37.85 7.64 -16.09
CA ILE E 180 -36.58 7.95 -15.39
C ILE E 180 -36.92 8.51 -14.01
N MET E 181 -36.41 7.89 -12.97
CA MET E 181 -36.51 8.38 -11.58
C MET E 181 -35.09 8.66 -11.05
N THR E 182 -34.79 9.90 -10.68
CA THR E 182 -33.45 10.33 -10.20
C THR E 182 -33.40 10.36 -8.66
N THR E 183 -32.31 9.87 -8.07
CA THR E 183 -32.07 9.86 -6.60
C THR E 183 -30.70 10.45 -6.33
N GLU E 184 -30.50 10.91 -5.10
CA GLU E 184 -29.25 11.55 -4.63
C GLU E 184 -28.42 10.52 -3.83
N ARG E 185 -27.10 10.66 -3.94
CA ARG E 185 -26.09 9.83 -3.25
C ARG E 185 -25.21 10.74 -2.41
N VAL E 186 -24.72 10.21 -1.30
CA VAL E 186 -23.77 10.86 -0.35
C VAL E 186 -22.33 10.74 -0.90
N ASP E 187 -21.93 9.58 -1.43
CA ASP E 187 -20.54 9.38 -1.92
C ASP E 187 -20.52 8.35 -3.06
N GLU E 188 -19.32 8.08 -3.58
CA GLU E 188 -19.08 7.49 -4.92
C GLU E 188 -19.20 5.95 -4.91
N TYR E 189 -18.81 5.30 -3.82
CA TYR E 189 -18.69 3.83 -3.70
C TYR E 189 -19.37 3.30 -2.42
N GLY E 190 -20.39 4.00 -1.92
CA GLY E 190 -21.26 3.57 -0.82
C GLY E 190 -22.66 3.22 -1.32
N PRO E 191 -23.72 3.42 -0.49
CA PRO E 191 -25.09 3.08 -0.90
C PRO E 191 -25.35 3.51 -2.35
N VAL E 192 -26.11 2.71 -3.11
CA VAL E 192 -26.56 3.06 -4.49
C VAL E 192 -27.32 4.38 -4.45
N ALA E 193 -28.32 4.51 -3.56
CA ALA E 193 -29.16 5.72 -3.41
C ALA E 193 -28.97 6.29 -1.99
N ARG E 194 -30.05 6.66 -1.29
CA ARG E 194 -29.93 7.34 0.04
C ARG E 194 -30.34 6.40 1.17
N PHE E 195 -31.37 5.57 0.97
CA PHE E 195 -32.07 4.80 2.04
C PHE E 195 -31.84 3.29 1.90
N GLY E 196 -31.12 2.83 0.87
CA GLY E 196 -30.75 1.40 0.74
C GLY E 196 -31.97 0.56 0.38
N VAL E 197 -32.88 1.16 -0.39
CA VAL E 197 -34.19 0.53 -0.70
C VAL E 197 -34.58 0.83 -2.15
N GLU E 198 -34.39 2.07 -2.61
CA GLU E 198 -34.82 2.53 -3.95
C GLU E 198 -34.33 1.55 -5.03
N GLU E 199 -33.09 1.08 -4.97
CA GLU E 199 -32.51 0.27 -6.08
C GLU E 199 -33.16 -1.12 -6.18
N PHE E 200 -33.78 -1.64 -5.10
CA PHE E 200 -34.34 -3.02 -5.02
C PHE E 200 -35.80 -3.03 -5.50
N VAL E 201 -36.45 -1.87 -5.54
CA VAL E 201 -37.82 -1.62 -6.07
C VAL E 201 -37.78 -1.29 -7.57
N SER E 202 -36.82 -0.48 -8.00
CA SER E 202 -36.62 -0.15 -9.43
C SER E 202 -36.31 -1.43 -10.24
N ASP E 203 -36.92 -1.57 -11.41
CA ASP E 203 -36.63 -2.68 -12.34
C ASP E 203 -35.22 -2.47 -12.96
N ASN E 204 -34.85 -1.20 -13.19
CA ASN E 204 -33.61 -0.77 -13.87
C ASN E 204 -32.85 0.20 -12.95
N VAL E 205 -31.52 0.07 -12.88
CA VAL E 205 -30.63 0.94 -12.04
C VAL E 205 -29.43 1.39 -12.87
N VAL E 206 -29.28 2.70 -13.04
CA VAL E 206 -28.10 3.40 -13.62
C VAL E 206 -27.44 4.25 -12.52
N ILE E 207 -26.12 4.20 -12.41
CA ILE E 207 -25.30 4.98 -11.44
C ILE E 207 -24.33 5.86 -12.25
N LEU E 208 -24.44 7.18 -12.02
CA LEU E 208 -23.53 8.24 -12.50
C LEU E 208 -22.57 8.60 -11.37
N ARG E 209 -21.27 8.46 -11.63
CA ARG E 209 -20.20 8.77 -10.67
C ARG E 209 -19.39 9.98 -11.16
N ASN E 210 -18.82 10.74 -10.21
CA ASN E 210 -17.90 11.89 -10.44
C ASN E 210 -16.67 11.72 -9.53
N VAL E 211 -15.71 10.86 -9.94
CA VAL E 211 -14.68 10.31 -9.02
C VAL E 211 -13.46 11.22 -9.01
N LEU E 212 -13.01 11.59 -7.81
CA LEU E 212 -11.79 12.40 -7.54
C LEU E 212 -10.59 11.47 -7.58
N GLU E 213 -9.80 11.55 -8.67
CA GLU E 213 -8.62 10.69 -8.98
C GLU E 213 -7.35 11.55 -8.94
N GLY E 214 -6.59 11.51 -7.85
CA GLY E 214 -5.64 12.59 -7.52
C GLY E 214 -6.40 13.90 -7.31
N GLU E 215 -6.18 14.93 -8.13
CA GLU E 215 -6.94 16.20 -7.99
C GLU E 215 -7.89 16.39 -9.20
N ARG E 216 -8.10 15.34 -9.99
CA ARG E 216 -8.85 15.40 -11.27
C ARG E 216 -10.16 14.63 -11.07
N ARG E 217 -11.22 15.08 -11.72
CA ARG E 217 -12.57 14.48 -11.69
C ARG E 217 -12.74 13.63 -12.94
N ARG E 218 -13.27 12.44 -12.79
CA ARG E 218 -13.52 11.48 -13.91
C ARG E 218 -14.99 11.08 -13.82
N ARG E 219 -15.78 11.37 -14.87
CA ARG E 219 -17.23 11.00 -14.90
C ARG E 219 -17.41 9.58 -15.43
N THR E 220 -18.22 8.76 -14.77
CA THR E 220 -18.56 7.41 -15.26
C THR E 220 -20.07 7.16 -15.14
N VAL E 221 -20.55 6.32 -16.07
CA VAL E 221 -21.90 5.71 -16.07
C VAL E 221 -21.72 4.21 -15.95
N GLU E 222 -22.57 3.60 -15.12
CA GLU E 222 -22.71 2.12 -14.99
C GLU E 222 -24.20 1.77 -15.14
N ILE E 223 -24.52 0.76 -15.94
CA ILE E 223 -25.82 0.06 -15.79
C ILE E 223 -25.60 -1.08 -14.79
N LEU E 224 -26.10 -0.97 -13.55
CA LEU E 224 -25.94 -1.98 -12.45
C LEU E 224 -26.90 -3.14 -12.72
N LYS E 225 -28.09 -2.87 -13.24
CA LYS E 225 -29.16 -3.87 -13.30
C LYS E 225 -30.21 -3.46 -14.33
N LEU E 226 -30.64 -4.38 -15.19
CA LEU E 226 -31.87 -4.26 -16.01
C LEU E 226 -32.62 -5.58 -15.91
N ARG E 227 -33.71 -5.65 -15.14
CA ARG E 227 -34.42 -6.95 -14.93
C ARG E 227 -34.87 -7.51 -16.28
N GLY E 228 -34.57 -8.79 -16.50
CA GLY E 228 -35.09 -9.59 -17.63
C GLY E 228 -34.38 -9.36 -18.95
N THR E 229 -33.21 -8.73 -18.97
CA THR E 229 -32.54 -8.43 -20.25
C THR E 229 -31.04 -8.20 -20.05
N THR E 230 -30.35 -7.89 -21.16
CA THR E 230 -28.88 -7.74 -21.24
C THR E 230 -28.46 -6.26 -21.13
N HIS E 231 -27.21 -6.05 -20.78
CA HIS E 231 -26.55 -4.73 -20.73
C HIS E 231 -25.06 -5.00 -20.51
N MET E 232 -24.21 -4.07 -20.88
CA MET E 232 -22.76 -4.15 -20.56
C MET E 232 -22.59 -3.93 -19.06
N LYS E 233 -21.44 -4.30 -18.52
CA LYS E 233 -21.19 -4.34 -17.05
C LYS E 233 -20.02 -3.42 -16.67
N GLY E 234 -20.09 -2.77 -15.51
CA GLY E 234 -19.04 -1.88 -15.00
C GLY E 234 -19.22 -0.45 -15.45
N GLU E 235 -18.19 0.36 -15.23
CA GLU E 235 -18.18 1.82 -15.46
C GLU E 235 -17.73 2.12 -16.90
N TYR E 236 -18.39 3.07 -17.56
CA TYR E 236 -17.97 3.62 -18.88
C TYR E 236 -17.74 5.13 -18.77
N PRO E 237 -16.57 5.65 -19.21
CA PRO E 237 -16.28 7.07 -19.12
C PRO E 237 -17.29 7.88 -19.94
N PHE E 238 -17.65 9.09 -19.48
CA PHE E 238 -18.33 10.09 -20.34
C PHE E 238 -17.84 11.51 -20.03
N THR E 239 -18.29 12.44 -20.88
CA THR E 239 -18.10 13.91 -20.74
C THR E 239 -19.46 14.58 -20.96
N ILE E 240 -19.64 15.79 -20.42
CA ILE E 240 -20.82 16.66 -20.70
C ILE E 240 -20.41 17.58 -21.84
N ASN E 241 -20.96 17.37 -23.05
CA ASN E 241 -20.60 18.11 -24.29
C ASN E 241 -21.91 18.57 -24.95
N ASN E 242 -22.53 17.78 -25.82
CA ASN E 242 -23.91 18.03 -26.31
C ASN E 242 -24.85 17.10 -25.53
N GLY E 243 -25.08 17.41 -24.26
CA GLY E 243 -25.69 16.49 -23.29
C GLY E 243 -24.66 15.47 -22.78
N ILE E 244 -25.12 14.30 -22.36
CA ILE E 244 -24.26 13.18 -21.91
C ILE E 244 -23.61 12.58 -23.17
N ASN E 245 -22.28 12.43 -23.16
CA ASN E 245 -21.51 11.87 -24.31
C ASN E 245 -20.60 10.73 -23.78
N ILE E 246 -21.03 9.49 -23.90
CA ILE E 246 -20.36 8.31 -23.28
C ILE E 246 -19.33 7.72 -24.26
N THR E 255 -12.95 -2.17 -35.45
CA THR E 255 -13.49 -2.45 -36.79
C THR E 255 -13.39 -1.19 -37.68
N GLN E 256 -12.21 -0.91 -38.25
CA GLN E 256 -11.93 0.30 -39.09
C GLN E 256 -11.61 -0.12 -40.54
N ARG E 257 -10.68 0.61 -41.20
CA ARG E 257 -10.10 0.26 -42.52
C ARG E 257 -8.56 0.27 -42.40
N SER E 258 -7.85 -0.14 -43.45
CA SER E 258 -6.36 -0.26 -43.47
C SER E 258 -5.88 -0.44 -44.92
N SER E 259 -5.21 0.58 -45.48
CA SER E 259 -4.76 0.61 -46.90
C SER E 259 -3.23 0.51 -46.93
N ASN E 260 -2.69 0.34 -48.13
CA ASN E 260 -1.22 0.21 -48.38
C ASN E 260 -0.67 1.54 -48.89
N VAL E 261 -1.50 2.59 -48.94
CA VAL E 261 -1.11 3.98 -49.32
C VAL E 261 0.00 4.49 -48.38
N ARG E 262 1.04 5.10 -48.96
CA ARG E 262 2.23 5.58 -48.24
C ARG E 262 2.17 7.11 -48.14
N VAL E 263 2.73 7.69 -47.07
CA VAL E 263 2.93 9.16 -46.96
C VAL E 263 4.35 9.40 -46.44
N SER E 264 4.92 10.56 -46.73
CA SER E 264 6.32 10.91 -46.41
C SER E 264 6.43 11.35 -44.95
N SER E 265 7.52 10.97 -44.28
CA SER E 265 7.93 11.52 -42.97
C SER E 265 8.55 12.92 -43.15
N GLY E 266 8.93 13.29 -44.38
CA GLY E 266 9.60 14.57 -44.65
C GLY E 266 11.11 14.47 -44.49
N VAL E 267 11.62 13.30 -44.12
CA VAL E 267 13.09 12.99 -44.05
C VAL E 267 13.36 11.82 -45.01
N LYS E 268 14.02 12.11 -46.15
CA LYS E 268 14.15 11.19 -47.31
C LYS E 268 14.70 9.85 -46.84
N THR E 269 15.81 9.84 -46.11
CA THR E 269 16.42 8.58 -45.62
C THR E 269 15.45 7.79 -44.72
N LEU E 270 14.63 8.45 -43.87
CA LEU E 270 13.58 7.81 -43.02
C LEU E 270 12.50 7.14 -43.90
N ASP E 271 12.05 7.78 -44.97
CA ASP E 271 11.09 7.18 -45.94
C ASP E 271 11.66 5.85 -46.45
N GLU E 272 12.93 5.82 -46.85
CA GLU E 272 13.64 4.59 -47.35
C GLU E 272 13.65 3.53 -46.23
N MET E 273 13.91 3.93 -44.99
CA MET E 273 14.07 2.97 -43.86
C MET E 273 12.72 2.30 -43.55
N CYS E 274 11.60 3.01 -43.77
CA CYS E 274 10.24 2.47 -43.53
C CYS E 274 9.68 1.82 -44.81
N GLY E 275 10.53 1.55 -45.81
CA GLY E 275 10.16 0.79 -47.01
C GLY E 275 9.27 1.57 -47.98
N GLY E 276 9.50 2.89 -48.13
CA GLY E 276 8.73 3.80 -49.02
C GLY E 276 7.86 4.80 -48.26
N GLY E 277 8.19 5.11 -47.01
CA GLY E 277 7.41 6.06 -46.19
C GLY E 277 6.49 5.34 -45.23
N PHE E 278 5.94 6.08 -44.27
CA PHE E 278 4.90 5.65 -43.31
C PHE E 278 3.67 5.17 -44.10
N PHE E 279 2.83 4.30 -43.52
CA PHE E 279 1.51 3.93 -44.09
C PHE E 279 0.50 5.03 -43.73
N LYS E 280 -0.29 5.48 -44.69
CA LYS E 280 -1.35 6.48 -44.38
C LYS E 280 -2.12 6.02 -43.15
N ASP E 281 -2.59 4.78 -43.18
CA ASP E 281 -3.38 4.17 -42.09
C ASP E 281 -2.38 3.54 -41.12
N SER E 282 -1.82 4.35 -40.22
CA SER E 282 -0.94 3.85 -39.12
C SER E 282 -0.84 4.86 -37.97
N ILE E 283 -0.37 4.35 -36.85
CA ILE E 283 -0.03 5.09 -35.61
C ILE E 283 1.48 4.91 -35.46
N ILE E 284 2.22 6.01 -35.53
CA ILE E 284 3.70 6.02 -35.47
C ILE E 284 4.09 6.48 -34.07
N LEU E 285 4.88 5.68 -33.35
CA LEU E 285 5.44 6.08 -32.03
C LEU E 285 6.92 6.46 -32.23
N ALA E 286 7.28 7.70 -31.90
CA ALA E 286 8.68 8.20 -31.88
C ALA E 286 9.09 8.29 -30.39
N THR E 287 9.94 7.36 -29.93
CA THR E 287 10.26 7.18 -28.50
C THR E 287 11.77 7.35 -28.35
N GLY E 288 12.20 7.96 -27.24
CA GLY E 288 13.62 8.00 -26.83
C GLY E 288 13.88 8.98 -25.70
N ALA E 289 15.15 9.12 -25.27
CA ALA E 289 15.58 10.04 -24.20
C ALA E 289 15.33 11.49 -24.58
N THR E 290 15.37 12.38 -23.56
CA THR E 290 15.21 13.85 -23.72
C THR E 290 16.30 14.38 -24.67
N GLY E 291 15.92 15.35 -25.50
CA GLY E 291 16.77 16.01 -26.51
C GLY E 291 17.22 15.13 -27.69
N THR E 292 16.57 14.02 -28.00
CA THR E 292 17.07 13.05 -29.03
C THR E 292 16.63 13.50 -30.43
N GLY E 293 15.55 14.29 -30.49
CA GLY E 293 15.07 14.98 -31.70
C GLY E 293 13.67 14.56 -32.13
N LYS E 294 12.83 14.04 -31.22
CA LYS E 294 11.46 13.60 -31.58
C LYS E 294 10.56 14.77 -32.01
N THR E 295 10.68 15.96 -31.37
CA THR E 295 9.94 17.19 -31.77
C THR E 295 10.37 17.65 -33.18
N LEU E 296 11.63 17.39 -33.56
CA LEU E 296 12.13 17.68 -34.92
C LEU E 296 11.34 16.81 -35.92
N LEU E 297 11.20 15.51 -35.63
CA LEU E 297 10.48 14.51 -36.51
C LEU E 297 8.98 14.83 -36.61
N VAL E 298 8.36 15.25 -35.50
CA VAL E 298 6.98 15.83 -35.49
C VAL E 298 6.90 17.04 -36.45
N SER E 299 7.75 18.03 -36.23
CA SER E 299 7.85 19.26 -37.02
C SER E 299 7.92 18.93 -38.52
N LYS E 300 8.72 17.93 -38.90
CA LYS E 300 8.92 17.53 -40.32
C LYS E 300 7.69 16.83 -40.86
N PHE E 301 7.06 15.98 -40.03
CA PHE E 301 5.85 15.18 -40.35
C PHE E 301 4.69 16.13 -40.68
N LEU E 302 4.50 17.17 -39.85
CA LEU E 302 3.47 18.22 -40.03
C LEU E 302 3.78 19.02 -41.31
N GLU E 303 5.00 19.55 -41.41
CA GLU E 303 5.42 20.43 -42.55
C GLU E 303 5.18 19.73 -43.88
N THR E 304 5.50 18.44 -44.00
CA THR E 304 5.41 17.66 -45.26
C THR E 304 3.95 17.55 -45.71
N GLY E 305 3.05 17.36 -44.76
CA GLY E 305 1.60 17.28 -45.01
C GLY E 305 1.09 18.58 -45.59
N CYS E 306 1.40 19.69 -44.91
CA CYS E 306 0.92 21.06 -45.23
C CYS E 306 1.45 21.47 -46.61
N GLN E 307 2.73 21.20 -46.91
CA GLN E 307 3.38 21.53 -48.20
C GLN E 307 2.75 20.69 -49.33
N GLN E 308 1.93 19.70 -49.01
CA GLN E 308 1.15 18.90 -49.99
C GLN E 308 -0.29 19.44 -50.12
N GLY E 309 -0.64 20.54 -49.44
CA GLY E 309 -2.00 21.11 -49.38
C GLY E 309 -2.90 20.39 -48.38
N GLU E 310 -2.34 19.52 -47.52
CA GLU E 310 -3.09 18.71 -46.52
C GLU E 310 -3.11 19.43 -45.17
N ARG E 311 -4.23 19.41 -44.46
CA ARG E 311 -4.33 20.02 -43.11
C ARG E 311 -3.62 19.12 -42.07
N ALA E 312 -2.87 19.72 -41.14
CA ALA E 312 -2.14 19.08 -40.03
C ALA E 312 -2.62 19.65 -38.69
N LEU E 313 -2.65 18.84 -37.63
CA LEU E 313 -3.11 19.25 -36.27
C LEU E 313 -2.10 18.76 -35.22
N LEU E 314 -1.54 19.70 -34.45
CA LEU E 314 -0.57 19.43 -33.38
C LEU E 314 -1.23 19.73 -32.04
N PHE E 315 -1.23 18.73 -31.14
CA PHE E 315 -1.51 18.85 -29.69
C PHE E 315 -0.14 18.81 -29.00
N ALA E 316 0.23 19.94 -28.43
CA ALA E 316 1.53 20.20 -27.81
C ALA E 316 1.30 20.37 -26.32
N TYR E 317 1.92 19.52 -25.49
CA TYR E 317 1.65 19.47 -24.02
C TYR E 317 2.90 19.85 -23.23
N GLU E 318 4.00 20.25 -23.89
CA GLU E 318 5.32 20.52 -23.28
C GLU E 318 5.80 21.98 -23.53
N GLU E 319 5.56 22.55 -24.71
CA GLU E 319 6.12 23.86 -25.16
C GLU E 319 5.01 24.78 -25.70
N SER E 320 5.18 26.10 -25.51
CA SER E 320 4.26 27.14 -26.02
C SER E 320 4.43 27.31 -27.53
N ARG E 321 3.44 27.93 -28.18
CA ARG E 321 3.42 28.22 -29.63
C ARG E 321 4.69 28.97 -30.04
N ALA E 322 5.11 29.98 -29.24
CA ALA E 322 6.28 30.85 -29.50
C ALA E 322 7.62 30.11 -29.40
N GLN E 323 7.75 29.13 -28.49
CA GLN E 323 8.99 28.29 -28.42
C GLN E 323 8.99 27.29 -29.57
N LEU E 324 7.82 26.73 -29.90
CA LEU E 324 7.67 25.72 -30.98
C LEU E 324 8.11 26.37 -32.31
N SER E 325 7.72 27.62 -32.53
CA SER E 325 7.96 28.34 -33.81
C SER E 325 9.43 28.78 -33.91
N ARG E 326 10.01 29.30 -32.82
CA ARG E 326 11.44 29.73 -32.81
C ARG E 326 12.32 28.54 -33.13
N ASN E 327 12.11 27.43 -32.42
CA ASN E 327 12.92 26.19 -32.57
C ASN E 327 12.75 25.64 -33.98
N ALA E 328 11.52 25.67 -34.52
CA ALA E 328 11.21 25.09 -35.85
C ALA E 328 11.74 26.03 -36.96
N SER E 329 11.85 27.33 -36.68
CA SER E 329 12.40 28.33 -37.64
C SER E 329 13.89 28.09 -37.83
N SER E 330 14.54 27.37 -36.91
CA SER E 330 15.98 27.01 -37.01
CA SER E 330 15.98 27.02 -37.00
C SER E 330 16.20 25.97 -38.10
N TRP E 331 15.13 25.33 -38.61
CA TRP E 331 15.23 24.31 -39.69
C TRP E 331 14.46 24.72 -40.95
N GLY E 332 14.05 25.99 -41.02
CA GLY E 332 13.38 26.55 -42.21
C GLY E 332 11.93 26.13 -42.31
N ILE E 333 11.25 26.02 -41.17
CA ILE E 333 9.80 25.72 -41.06
C ILE E 333 9.13 26.91 -40.39
N ASP E 334 8.11 27.48 -41.03
CA ASP E 334 7.38 28.67 -40.54
C ASP E 334 5.96 28.24 -40.18
N PHE E 335 5.75 27.93 -38.89
CA PHE E 335 4.47 27.43 -38.33
C PHE E 335 3.40 28.51 -38.50
N GLU E 336 3.76 29.78 -38.24
CA GLU E 336 2.88 30.98 -38.39
C GLU E 336 2.35 31.06 -39.83
N GLU E 337 3.21 30.87 -40.84
CA GLU E 337 2.86 30.92 -42.29
C GLU E 337 1.95 29.74 -42.69
N LEU E 338 2.17 28.56 -42.12
CA LEU E 338 1.27 27.39 -42.34
C LEU E 338 -0.09 27.64 -41.67
N GLU E 339 -0.11 28.25 -40.48
CA GLU E 339 -1.36 28.63 -39.76
C GLU E 339 -2.13 29.66 -40.60
N ARG E 340 -1.42 30.65 -41.17
CA ARG E 340 -2.01 31.74 -41.98
C ARG E 340 -2.75 31.11 -43.18
N ARG E 341 -2.08 30.24 -43.94
CA ARG E 341 -2.65 29.51 -45.11
C ARG E 341 -3.81 28.62 -44.66
N GLY E 342 -4.03 28.46 -43.35
CA GLY E 342 -5.08 27.62 -42.76
C GLY E 342 -4.80 26.13 -42.87
N LEU E 343 -3.53 25.71 -42.96
CA LEU E 343 -3.17 24.28 -43.17
C LEU E 343 -2.63 23.66 -41.87
N LEU E 344 -2.21 24.46 -40.89
CA LEU E 344 -1.68 23.95 -39.61
C LEU E 344 -2.52 24.54 -38.48
N ARG E 345 -2.86 23.72 -37.48
CA ARG E 345 -3.47 24.20 -36.21
C ARG E 345 -2.68 23.61 -35.05
N ILE E 346 -2.27 24.46 -34.11
CA ILE E 346 -1.47 24.10 -32.91
C ILE E 346 -2.32 24.35 -31.67
N ILE E 347 -2.62 23.30 -30.92
CA ILE E 347 -3.32 23.38 -29.61
C ILE E 347 -2.27 23.12 -28.52
N CYS E 348 -1.98 24.12 -27.69
CA CYS E 348 -1.06 24.06 -26.51
C CYS E 348 -1.89 24.02 -25.24
N ALA E 349 -1.52 23.16 -24.29
CA ALA E 349 -2.25 22.92 -23.04
C ALA E 349 -1.32 22.21 -22.09
N TYR E 350 -1.44 22.50 -20.80
CA TYR E 350 -0.80 21.71 -19.72
C TYR E 350 -1.63 20.45 -19.54
N PRO E 351 -0.99 19.26 -19.43
CA PRO E 351 -1.71 18.02 -19.13
C PRO E 351 -2.51 18.12 -17.83
N GLU E 352 -1.94 18.81 -16.84
CA GLU E 352 -2.40 18.84 -15.43
C GLU E 352 -3.71 19.63 -15.29
N SER E 353 -4.11 20.38 -16.34
CA SER E 353 -5.20 21.39 -16.30
C SER E 353 -6.55 20.73 -16.58
N ALA E 354 -6.56 19.49 -17.07
CA ALA E 354 -7.78 18.71 -17.31
C ALA E 354 -7.49 17.21 -17.15
N GLY E 355 -8.54 16.44 -16.89
CA GLY E 355 -8.52 14.96 -16.89
C GLY E 355 -8.34 14.39 -18.29
N LEU E 356 -7.87 13.14 -18.35
CA LEU E 356 -7.53 12.45 -19.63
C LEU E 356 -8.79 12.35 -20.51
N GLU E 357 -9.96 12.14 -19.91
CA GLU E 357 -11.24 11.97 -20.66
C GLU E 357 -11.62 13.31 -21.31
N ASP E 358 -11.39 14.42 -20.60
CA ASP E 358 -11.54 15.80 -21.12
C ASP E 358 -10.48 16.10 -22.20
N HIS E 359 -9.24 15.61 -22.09
CA HIS E 359 -8.20 15.89 -23.12
C HIS E 359 -8.67 15.26 -24.43
N LEU E 360 -9.07 13.99 -24.34
CA LEU E 360 -9.57 13.15 -25.46
C LEU E 360 -10.75 13.84 -26.16
N GLN E 361 -11.66 14.44 -25.40
CA GLN E 361 -12.85 15.20 -25.90
C GLN E 361 -12.37 16.38 -26.74
N ILE E 362 -11.42 17.13 -26.20
CA ILE E 362 -10.82 18.28 -26.94
C ILE E 362 -10.24 17.74 -28.25
N ILE E 363 -9.43 16.67 -28.18
CA ILE E 363 -8.76 16.09 -29.39
C ILE E 363 -9.86 15.64 -30.38
N LYS E 364 -10.86 14.91 -29.91
CA LYS E 364 -11.96 14.38 -30.77
C LYS E 364 -12.62 15.56 -31.51
N SER E 365 -12.95 16.64 -30.80
CA SER E 365 -13.72 17.81 -31.31
C SER E 365 -12.89 18.65 -32.29
N GLU E 366 -11.58 18.81 -32.03
CA GLU E 366 -10.66 19.58 -32.92
C GLU E 366 -10.51 18.82 -34.24
N ILE E 367 -10.44 17.49 -34.19
CA ILE E 367 -10.39 16.62 -35.41
C ILE E 367 -11.68 16.79 -36.21
N ALA E 368 -12.86 16.66 -35.58
CA ALA E 368 -14.19 16.78 -36.24
C ALA E 368 -14.29 18.13 -36.96
N ASP E 369 -13.78 19.20 -36.37
CA ASP E 369 -13.87 20.59 -36.89
C ASP E 369 -12.88 20.80 -38.03
N PHE E 370 -11.57 20.54 -37.81
CA PHE E 370 -10.45 20.93 -38.71
C PHE E 370 -10.28 19.90 -39.84
N LYS E 371 -10.63 18.64 -39.58
CA LYS E 371 -10.58 17.51 -40.54
C LYS E 371 -9.16 17.30 -41.05
N PRO E 372 -8.15 17.21 -40.15
CA PRO E 372 -6.76 17.00 -40.56
C PRO E 372 -6.57 15.73 -41.41
N SER E 373 -5.55 15.69 -42.25
CA SER E 373 -4.99 14.42 -42.81
C SER E 373 -4.01 13.78 -41.82
N ARG E 374 -3.34 14.60 -41.00
CA ARG E 374 -2.23 14.22 -40.10
C ARG E 374 -2.47 14.85 -38.72
N VAL E 375 -2.25 14.10 -37.64
CA VAL E 375 -2.37 14.55 -36.24
C VAL E 375 -1.11 14.08 -35.54
N ALA E 376 -0.56 14.92 -34.68
CA ALA E 376 0.59 14.63 -33.79
C ALA E 376 0.21 15.00 -32.38
N ILE E 377 0.71 14.22 -31.43
CA ILE E 377 0.66 14.48 -29.97
C ILE E 377 2.10 14.48 -29.50
N ASP E 378 2.53 15.60 -28.92
CA ASP E 378 3.91 15.82 -28.43
C ASP E 378 3.82 16.37 -27.00
N SER E 379 3.69 15.50 -25.99
CA SER E 379 4.06 14.09 -26.00
C SER E 379 3.04 13.27 -25.21
N LEU E 380 2.92 11.98 -25.50
CA LEU E 380 2.14 11.02 -24.68
C LEU E 380 2.72 10.98 -23.27
N SER E 381 4.05 11.08 -23.13
CA SER E 381 4.72 10.95 -21.81
C SER E 381 4.27 12.09 -20.88
N ALA E 382 3.95 13.26 -21.42
CA ALA E 382 3.43 14.39 -20.61
C ALA E 382 2.07 14.01 -20.04
N LEU E 383 1.22 13.38 -20.84
CA LEU E 383 -0.15 13.05 -20.45
C LEU E 383 -0.15 11.86 -19.48
N ALA E 384 0.91 11.05 -19.46
CA ALA E 384 1.02 9.85 -18.58
C ALA E 384 1.44 10.23 -17.15
N ARG E 385 2.12 11.37 -16.96
CA ARG E 385 2.70 11.78 -15.66
C ARG E 385 1.59 11.88 -14.60
N GLY E 386 1.70 11.08 -13.54
CA GLY E 386 0.81 11.21 -12.36
C GLY E 386 -0.65 10.88 -12.65
N VAL E 387 -0.94 9.95 -13.56
CA VAL E 387 -2.29 9.34 -13.75
C VAL E 387 -2.14 7.82 -13.62
N SER E 388 -3.21 7.07 -13.32
CA SER E 388 -3.17 5.59 -13.35
C SER E 388 -2.78 5.11 -14.77
N ASN E 389 -2.00 4.02 -14.85
CA ASN E 389 -1.56 3.40 -16.12
C ASN E 389 -2.81 3.01 -16.92
N ASN E 390 -3.84 2.53 -16.24
CA ASN E 390 -5.09 2.02 -16.87
C ASN E 390 -5.85 3.19 -17.49
N ALA E 391 -6.03 4.28 -16.74
CA ALA E 391 -6.64 5.53 -17.24
C ALA E 391 -5.82 5.99 -18.45
N PHE E 392 -4.50 6.03 -18.34
CA PHE E 392 -3.59 6.48 -19.45
C PHE E 392 -3.80 5.59 -20.68
N ARG E 393 -3.73 4.26 -20.50
CA ARG E 393 -3.91 3.25 -21.58
C ARG E 393 -5.28 3.41 -22.23
N GLN E 394 -6.33 3.69 -21.45
CA GLN E 394 -7.70 3.91 -21.99
C GLN E 394 -7.67 5.12 -22.94
N PHE E 395 -7.08 6.24 -22.51
CA PHE E 395 -6.89 7.47 -23.31
C PHE E 395 -6.15 7.15 -24.62
N VAL E 396 -5.09 6.36 -24.55
CA VAL E 396 -4.22 6.02 -25.73
C VAL E 396 -5.02 5.20 -26.74
N ILE E 397 -5.69 4.15 -26.27
CA ILE E 397 -6.61 3.28 -27.08
C ILE E 397 -7.68 4.16 -27.75
N GLY E 398 -8.28 5.09 -27.00
CA GLY E 398 -9.32 5.99 -27.52
C GLY E 398 -8.81 6.89 -28.65
N VAL E 399 -7.72 7.66 -28.41
CA VAL E 399 -7.15 8.61 -29.42
C VAL E 399 -6.71 7.84 -30.67
N THR E 400 -5.96 6.74 -30.51
CA THR E 400 -5.41 5.95 -31.63
C THR E 400 -6.55 5.29 -32.41
N GLY E 401 -7.51 4.70 -31.68
CA GLY E 401 -8.75 4.16 -32.26
C GLY E 401 -9.48 5.18 -33.12
N PHE E 402 -9.57 6.43 -32.64
CA PHE E 402 -10.27 7.55 -33.33
C PHE E 402 -9.50 7.98 -34.60
N ALA E 403 -8.16 7.98 -34.54
CA ALA E 403 -7.27 8.28 -35.69
C ALA E 403 -7.55 7.26 -36.80
N LYS E 404 -7.47 5.97 -36.45
CA LYS E 404 -7.64 4.77 -37.32
C LYS E 404 -9.05 4.70 -37.89
N GLN E 405 -10.07 5.17 -37.17
CA GLN E 405 -11.47 5.19 -37.68
C GLN E 405 -11.61 6.23 -38.79
N GLU E 406 -10.96 7.38 -38.63
CA GLU E 406 -11.08 8.54 -39.55
C GLU E 406 -10.01 8.48 -40.65
N GLU E 407 -9.20 7.41 -40.70
CA GLU E 407 -8.07 7.23 -41.64
C GLU E 407 -7.12 8.44 -41.53
N ILE E 408 -6.75 8.83 -40.31
CA ILE E 408 -5.81 9.95 -40.05
C ILE E 408 -4.46 9.39 -39.58
N THR E 409 -3.36 9.82 -40.19
CA THR E 409 -2.00 9.38 -39.76
C THR E 409 -1.68 10.02 -38.40
N GLY E 410 -1.44 9.18 -37.38
CA GLY E 410 -1.08 9.58 -36.01
C GLY E 410 0.41 9.47 -35.82
N PHE E 411 1.06 10.53 -35.36
CA PHE E 411 2.50 10.56 -34.95
C PHE E 411 2.54 10.95 -33.47
N PHE E 412 2.95 10.05 -32.60
CA PHE E 412 2.91 10.29 -31.13
C PHE E 412 4.32 10.19 -30.59
N THR E 413 4.75 11.10 -29.73
CA THR E 413 6.10 11.06 -29.14
C THR E 413 6.07 10.50 -27.71
N ASN E 414 7.19 9.95 -27.23
CA ASN E 414 7.34 9.44 -25.85
C ASN E 414 8.79 9.63 -25.38
N THR E 415 8.97 10.42 -24.33
CA THR E 415 10.30 10.69 -23.73
C THR E 415 10.51 9.63 -22.66
N THR E 416 11.48 8.75 -22.85
CA THR E 416 11.89 7.69 -21.91
C THR E 416 12.48 8.31 -20.62
N ASP E 417 12.28 7.61 -19.51
CA ASP E 417 12.74 7.99 -18.14
C ASP E 417 14.25 7.82 -18.05
N GLN E 418 14.77 6.68 -18.53
CA GLN E 418 16.23 6.38 -18.58
C GLN E 418 16.79 6.88 -19.91
N PHE E 419 18.00 7.41 -19.93
CA PHE E 419 18.59 8.08 -21.12
C PHE E 419 19.56 7.13 -21.80
N MET E 420 19.87 6.01 -21.15
CA MET E 420 20.84 5.00 -21.64
C MET E 420 20.62 3.70 -20.86
N GLY E 421 20.77 2.56 -21.52
CA GLY E 421 20.65 1.23 -20.91
C GLY E 421 19.21 0.81 -20.68
N SER E 422 18.25 1.55 -21.25
CA SER E 422 16.79 1.22 -21.22
C SER E 422 16.56 -0.05 -22.05
N ASN E 423 15.94 -1.05 -21.42
CA ASN E 423 15.64 -2.38 -22.01
C ASN E 423 14.13 -2.45 -22.34
N SER E 424 13.44 -1.31 -22.32
CA SER E 424 11.99 -1.19 -22.63
C SER E 424 11.73 0.01 -23.56
N ILE E 425 10.74 -0.09 -24.45
CA ILE E 425 10.34 0.93 -25.47
C ILE E 425 9.55 2.05 -24.79
N THR E 426 8.54 1.71 -24.00
CA THR E 426 7.76 2.65 -23.14
C THR E 426 7.57 2.04 -21.76
N GLU E 427 7.77 2.81 -20.70
CA GLU E 427 7.51 2.41 -19.29
C GLU E 427 5.99 2.29 -19.06
N SER E 428 5.16 2.91 -19.91
CA SER E 428 3.69 2.77 -19.90
C SER E 428 3.23 1.51 -20.66
N HIS E 429 4.11 0.79 -21.37
CA HIS E 429 3.78 -0.49 -22.08
C HIS E 429 2.60 -0.31 -23.06
N ILE E 430 2.70 0.62 -24.02
CA ILE E 430 1.67 0.87 -25.08
C ILE E 430 2.19 0.42 -26.45
N SEP E 431 3.35 -0.26 -26.49
CA SEP E 431 3.98 -0.66 -27.75
CB SEP E 431 5.17 -1.57 -27.53
OG SEP E 431 6.05 -0.99 -26.57
C SEP E 431 3.01 -1.39 -28.67
O SEP E 431 3.07 -1.18 -29.87
P SEP E 431 6.20 -1.74 -25.13
O1P SEP E 431 7.06 -2.97 -25.42
O2P SEP E 431 4.78 -2.09 -24.73
O3P SEP E 431 6.84 -0.75 -24.22
N TPO E 432 2.17 -2.26 -28.11
CA TPO E 432 1.33 -3.13 -28.91
CB TPO E 432 0.93 -4.39 -28.10
CG2 TPO E 432 2.11 -5.32 -27.97
OG1 TPO E 432 0.42 -4.07 -26.76
P TPO E 432 -0.38 -5.16 -25.78
O1P TPO E 432 0.49 -6.40 -25.62
O2P TPO E 432 -1.68 -5.42 -26.51
O3P TPO E 432 -0.63 -4.48 -24.43
C TPO E 432 0.10 -2.41 -29.48
O TPO E 432 -0.63 -2.99 -30.27
N ILE E 433 -0.11 -1.14 -29.11
CA ILE E 433 -1.20 -0.33 -29.61
C ILE E 433 -0.76 0.44 -30.86
N THR E 434 0.54 0.41 -31.16
CA THR E 434 1.20 1.19 -32.23
C THR E 434 1.62 0.22 -33.35
N ASP E 435 1.69 0.72 -34.59
CA ASP E 435 1.99 -0.07 -35.81
C ASP E 435 3.45 0.11 -36.21
N THR E 436 3.96 1.34 -36.19
CA THR E 436 5.36 1.72 -36.51
C THR E 436 6.02 2.34 -35.28
N ILE E 437 7.21 1.84 -34.89
CA ILE E 437 7.97 2.36 -33.73
C ILE E 437 9.32 2.85 -34.27
N LEU E 438 9.65 4.13 -34.01
CA LEU E 438 10.96 4.75 -34.28
C LEU E 438 11.71 4.95 -32.95
N LEU E 439 12.83 4.27 -32.79
CA LEU E 439 13.63 4.36 -31.54
C LEU E 439 14.77 5.37 -31.75
N LEU E 440 14.84 6.41 -30.91
CA LEU E 440 16.00 7.33 -30.90
C LEU E 440 16.80 7.06 -29.63
N GLN E 441 18.13 6.93 -29.72
CA GLN E 441 18.96 6.59 -28.55
C GLN E 441 20.31 7.29 -28.66
N TYR E 442 20.88 7.65 -27.52
CA TYR E 442 22.24 8.23 -27.45
C TYR E 442 23.24 7.08 -27.50
N VAL E 443 24.37 7.28 -28.17
CA VAL E 443 25.48 6.29 -28.25
C VAL E 443 26.80 7.01 -27.93
N GLU E 444 27.51 6.52 -26.91
CA GLU E 444 28.86 7.01 -26.52
C GLU E 444 29.89 6.54 -27.56
N ILE E 445 30.49 7.46 -28.30
CA ILE E 445 31.51 7.16 -29.35
C ILE E 445 32.72 8.05 -29.08
N ARG E 446 33.86 7.45 -28.71
CA ARG E 446 35.16 8.14 -28.53
C ARG E 446 34.94 9.38 -27.65
N GLY E 447 34.39 9.16 -26.44
CA GLY E 447 34.22 10.19 -25.41
C GLY E 447 33.23 11.28 -25.79
N GLU E 448 32.41 11.07 -26.83
CA GLU E 448 31.35 12.00 -27.27
C GLU E 448 29.98 11.30 -27.23
N MET E 449 28.91 12.06 -27.07
CA MET E 449 27.52 11.54 -27.13
C MET E 449 27.03 11.66 -28.56
N SER E 450 27.06 10.54 -29.29
CA SER E 450 26.39 10.43 -30.61
C SER E 450 24.94 10.00 -30.40
N ARG E 451 24.24 9.85 -31.51
CA ARG E 451 22.79 9.72 -31.63
C ARG E 451 22.55 8.66 -32.72
N ALA E 452 21.60 7.75 -32.52
CA ALA E 452 21.20 6.71 -33.51
C ALA E 452 19.67 6.56 -33.54
N ILE E 453 19.17 6.15 -34.71
CA ILE E 453 17.73 5.89 -34.99
C ILE E 453 17.61 4.48 -35.57
N ASN E 454 16.66 3.71 -35.04
CA ASN E 454 16.20 2.42 -35.55
C ASN E 454 14.72 2.53 -35.91
N VAL E 455 14.32 1.97 -37.05
CA VAL E 455 12.91 1.55 -37.32
C VAL E 455 12.72 0.19 -36.66
N PHE E 456 12.24 0.22 -35.42
CA PHE E 456 12.20 -0.94 -34.50
C PHE E 456 11.16 -1.95 -35.02
N LYS E 457 10.01 -1.42 -35.42
CA LYS E 457 8.80 -2.14 -35.83
C LYS E 457 8.15 -1.39 -36.99
N MET E 458 7.60 -2.16 -37.94
CA MET E 458 6.80 -1.63 -39.04
C MET E 458 5.84 -2.73 -39.54
N ARG E 459 4.65 -2.75 -38.96
CA ARG E 459 3.56 -3.68 -39.32
C ARG E 459 3.18 -3.42 -40.78
N GLY E 460 3.08 -4.50 -41.57
CA GLY E 460 2.61 -4.47 -42.97
C GLY E 460 3.71 -4.21 -44.00
N SER E 461 4.97 -4.02 -43.57
CA SER E 461 6.09 -3.61 -44.48
C SER E 461 7.46 -4.08 -44.01
N TRP E 462 8.37 -4.25 -44.99
CA TRP E 462 9.84 -4.29 -44.83
C TRP E 462 10.28 -2.98 -44.22
N HIS E 463 11.31 -3.05 -43.38
CA HIS E 463 12.02 -1.83 -42.90
C HIS E 463 13.50 -2.17 -42.77
N ASP E 464 14.32 -1.13 -42.74
CA ASP E 464 15.79 -1.17 -42.47
C ASP E 464 15.98 -1.68 -41.04
N LYS E 465 16.94 -2.61 -40.84
CA LYS E 465 17.22 -3.20 -39.50
C LYS E 465 18.36 -2.40 -38.83
N GLY E 466 18.96 -1.44 -39.56
CA GLY E 466 20.15 -0.70 -39.11
C GLY E 466 19.84 0.08 -37.86
N ILE E 467 20.80 0.17 -36.93
CA ILE E 467 20.84 1.21 -35.88
C ILE E 467 21.73 2.32 -36.42
N ARG E 468 21.13 3.31 -37.08
CA ARG E 468 21.87 4.26 -37.96
C ARG E 468 22.16 5.55 -37.21
N GLU E 469 23.43 5.91 -37.12
CA GLU E 469 23.86 7.23 -36.62
C GLU E 469 23.13 8.32 -37.40
N TYR E 470 22.68 9.35 -36.72
CA TYR E 470 22.24 10.60 -37.36
C TYR E 470 22.92 11.72 -36.59
N VAL E 471 22.98 12.87 -37.25
CA VAL E 471 23.39 14.16 -36.63
C VAL E 471 22.26 15.12 -36.95
N ILE E 472 22.04 16.10 -36.09
CA ILE E 472 21.11 17.23 -36.29
C ILE E 472 21.94 18.48 -36.60
N THR E 473 21.57 19.19 -37.67
CA THR E 473 22.32 20.34 -38.24
C THR E 473 21.30 21.40 -38.64
N GLU E 474 21.76 22.45 -39.34
CA GLU E 474 20.86 23.49 -39.91
C GLU E 474 19.87 22.81 -40.86
N LYS E 475 20.27 21.72 -41.51
CA LYS E 475 19.45 20.97 -42.50
C LYS E 475 18.42 20.06 -41.79
N GLY E 476 18.49 19.93 -40.45
CA GLY E 476 17.62 19.03 -39.67
C GLY E 476 18.27 17.69 -39.40
N ALA E 477 17.52 16.60 -39.54
CA ALA E 477 18.02 15.22 -39.31
C ALA E 477 18.77 14.72 -40.56
N GLU E 478 20.05 14.36 -40.39
CA GLU E 478 20.88 13.72 -41.43
C GLU E 478 21.30 12.34 -40.95
N ILE E 479 20.60 11.33 -41.47
CA ILE E 479 20.75 9.90 -41.13
C ILE E 479 21.89 9.34 -41.97
N ARG E 480 22.89 8.80 -41.28
CA ARG E 480 24.12 8.21 -41.88
C ARG E 480 24.00 6.68 -41.80
N ASP E 481 25.10 5.99 -41.48
CA ASP E 481 25.19 4.49 -41.48
C ASP E 481 25.17 3.92 -40.06
N SER E 482 24.97 2.62 -39.97
CA SER E 482 25.07 1.84 -38.72
C SER E 482 26.53 1.81 -38.27
N PHE E 483 26.74 1.57 -36.97
CA PHE E 483 28.06 1.35 -36.34
C PHE E 483 28.42 -0.14 -36.43
N ARG E 484 28.66 -0.64 -37.65
CA ARG E 484 28.96 -2.08 -37.91
C ARG E 484 30.32 -2.49 -37.30
N ASN E 485 31.13 -1.52 -36.84
CA ASN E 485 32.46 -1.72 -36.21
C ASN E 485 32.38 -1.93 -34.68
N PHE E 486 31.19 -1.97 -34.07
CA PHE E 486 30.99 -1.89 -32.59
C PHE E 486 30.08 -3.04 -32.12
N GLU E 487 30.17 -3.40 -30.84
CA GLU E 487 29.18 -4.26 -30.14
C GLU E 487 28.56 -3.46 -28.98
N GLY E 488 27.32 -3.80 -28.58
CA GLY E 488 26.60 -3.19 -27.45
C GLY E 488 26.10 -1.79 -27.76
N ILE E 489 25.86 -1.48 -29.03
CA ILE E 489 25.30 -0.16 -29.44
C ILE E 489 23.99 0.08 -28.69
N ILE E 490 23.17 -0.96 -28.53
CA ILE E 490 21.79 -0.82 -27.97
C ILE E 490 21.89 -0.53 -26.45
N SER E 491 23.00 -0.89 -25.80
CA SER E 491 23.28 -0.53 -24.39
C SER E 491 23.50 0.99 -24.22
N GLY E 492 23.98 1.68 -25.27
CA GLY E 492 24.38 3.11 -25.21
C GLY E 492 25.85 3.32 -24.90
N THR E 493 26.56 2.29 -24.42
CA THR E 493 28.02 2.28 -24.18
C THR E 493 28.66 1.17 -24.99
N PRO E 494 28.93 1.40 -26.31
CA PRO E 494 29.50 0.38 -27.18
C PRO E 494 30.92 -0.09 -26.77
N THR E 495 31.36 -1.18 -27.40
CA THR E 495 32.74 -1.75 -27.41
C THR E 495 33.21 -1.88 -28.87
N ARG E 496 34.34 -1.26 -29.27
CA ARG E 496 34.90 -1.39 -30.65
C ARG E 496 35.45 -2.82 -30.80
N ILE E 497 35.06 -3.55 -31.87
CA ILE E 497 35.50 -4.96 -32.12
C ILE E 497 36.96 -4.95 -32.57
N GLU F 18 -26.88 30.20 -23.30
CA GLU F 18 -25.72 30.46 -22.37
C GLU F 18 -26.21 31.18 -21.11
N VAL F 19 -25.91 30.64 -19.92
CA VAL F 19 -26.26 31.31 -18.63
C VAL F 19 -25.24 32.44 -18.47
N LYS F 20 -25.66 33.60 -17.97
CA LYS F 20 -24.75 34.74 -17.70
C LYS F 20 -24.03 34.52 -16.36
N LYS F 21 -22.78 34.90 -16.31
CA LYS F 21 -21.98 34.95 -15.05
C LYS F 21 -21.62 36.40 -14.76
N ILE F 22 -21.25 36.71 -13.53
CA ILE F 22 -20.66 38.01 -13.14
C ILE F 22 -19.27 37.72 -12.55
N PRO F 23 -18.30 38.61 -12.82
CA PRO F 23 -16.94 38.51 -12.27
C PRO F 23 -16.82 38.69 -10.76
N THR F 24 -16.06 37.80 -10.12
CA THR F 24 -15.63 37.90 -8.69
C THR F 24 -14.37 38.77 -8.64
N MET F 25 -13.58 38.74 -9.72
CA MET F 25 -12.24 39.36 -9.75
C MET F 25 -11.38 38.82 -8.62
N ILE F 26 -11.74 37.69 -8.01
CA ILE F 26 -10.80 36.94 -7.11
C ILE F 26 -9.78 36.27 -8.03
N GLU F 27 -8.48 36.50 -7.77
CA GLU F 27 -7.36 36.12 -8.68
C GLU F 27 -7.44 34.63 -9.00
N GLY F 28 -7.64 34.32 -10.29
CA GLY F 28 -7.65 32.96 -10.85
C GLY F 28 -9.05 32.32 -10.91
N PHE F 29 -10.00 32.80 -10.12
CA PHE F 29 -11.33 32.14 -9.96
C PHE F 29 -12.21 32.32 -11.21
N ASP F 30 -12.23 33.52 -11.80
CA ASP F 30 -12.95 33.81 -13.07
C ASP F 30 -12.34 32.99 -14.20
N ASP F 31 -11.11 32.48 -14.05
CA ASP F 31 -10.57 31.48 -15.03
C ASP F 31 -11.17 30.08 -14.79
N ILE F 32 -11.22 29.54 -13.56
CA ILE F 32 -11.72 28.14 -13.39
C ILE F 32 -13.23 28.06 -13.61
N SER F 33 -13.98 29.17 -13.45
CA SER F 33 -15.46 29.22 -13.60
C SER F 33 -15.84 29.65 -15.01
N HIS F 34 -14.88 29.82 -15.91
CA HIS F 34 -15.11 30.33 -17.29
C HIS F 34 -16.03 31.57 -17.25
N GLY F 35 -15.68 32.58 -16.44
CA GLY F 35 -16.25 33.94 -16.50
C GLY F 35 -16.80 34.44 -15.16
N GLY F 36 -16.91 33.58 -14.14
CA GLY F 36 -17.38 33.96 -12.79
C GLY F 36 -18.55 33.10 -12.30
N LEU F 37 -19.37 33.68 -11.41
CA LEU F 37 -20.50 33.01 -10.75
C LEU F 37 -21.77 33.31 -11.53
N PRO F 38 -22.65 32.30 -11.76
CA PRO F 38 -23.92 32.54 -12.44
C PRO F 38 -24.74 33.69 -11.82
N GLN F 39 -25.12 34.65 -12.66
CA GLN F 39 -25.85 35.89 -12.26
C GLN F 39 -27.24 35.49 -11.76
N GLY F 40 -27.68 36.08 -10.65
CA GLY F 40 -29.06 35.92 -10.16
C GLY F 40 -29.28 34.61 -9.42
N ARG F 41 -28.20 33.90 -9.05
CA ARG F 41 -28.30 32.54 -8.44
C ARG F 41 -27.43 32.48 -7.19
N THR F 42 -27.61 31.45 -6.38
CA THR F 42 -26.84 31.17 -5.16
C THR F 42 -25.76 30.17 -5.55
N THR F 43 -24.57 30.39 -5.00
CA THR F 43 -23.39 29.49 -5.02
C THR F 43 -23.09 29.10 -3.56
N LEU F 44 -23.14 27.81 -3.24
CA LEU F 44 -22.65 27.29 -1.95
C LEU F 44 -21.12 27.24 -1.98
N VAL F 45 -20.48 27.85 -0.98
CA VAL F 45 -19.03 27.77 -0.69
C VAL F 45 -18.86 26.97 0.61
N SER F 46 -18.45 25.72 0.45
CA SER F 46 -18.34 24.76 1.58
C SER F 46 -16.88 24.42 1.92
N GLY F 47 -16.59 24.23 3.21
CA GLY F 47 -15.22 23.93 3.66
C GLY F 47 -15.13 23.73 5.16
N THR F 48 -14.10 22.99 5.59
CA THR F 48 -13.73 22.84 7.03
C THR F 48 -13.27 24.20 7.56
N SER F 49 -12.97 24.27 8.86
CA SER F 49 -12.67 25.53 9.57
C SER F 49 -11.35 26.15 9.05
N GLY F 50 -11.39 27.45 8.76
CA GLY F 50 -10.25 28.25 8.29
C GLY F 50 -9.79 27.90 6.87
N THR F 51 -10.74 27.60 5.97
CA THR F 51 -10.44 27.23 4.56
C THR F 51 -10.43 28.47 3.67
N GLY F 52 -11.07 29.56 4.10
CA GLY F 52 -11.14 30.83 3.34
C GLY F 52 -12.56 31.23 2.94
N LYS F 53 -13.59 30.65 3.56
CA LYS F 53 -15.01 30.90 3.21
C LYS F 53 -15.38 32.37 3.48
N THR F 54 -15.03 32.92 4.65
CA THR F 54 -15.36 34.33 4.98
C THR F 54 -14.57 35.26 4.07
N LEU F 55 -13.29 34.98 3.80
CA LEU F 55 -12.49 35.83 2.90
C LEU F 55 -13.20 35.86 1.53
N PHE F 56 -13.57 34.70 1.01
CA PHE F 56 -14.21 34.57 -0.32
C PHE F 56 -15.50 35.42 -0.31
N ALA F 57 -16.31 35.32 0.75
CA ALA F 57 -17.61 36.04 0.90
C ALA F 57 -17.38 37.56 0.99
N VAL F 58 -16.30 37.99 1.65
CA VAL F 58 -15.99 39.43 1.79
C VAL F 58 -15.40 39.90 0.47
N GLN F 59 -14.51 39.11 -0.13
CA GLN F 59 -13.83 39.54 -1.39
C GLN F 59 -14.87 39.77 -2.51
N PHE F 60 -15.88 38.90 -2.61
CA PHE F 60 -17.00 38.94 -3.58
C PHE F 60 -17.67 40.33 -3.53
N LEU F 61 -18.03 40.82 -2.35
CA LEU F 61 -18.77 42.10 -2.18
C LEU F 61 -17.82 43.28 -2.37
N TYR F 62 -16.61 43.17 -1.82
CA TYR F 62 -15.57 44.22 -1.85
C TYR F 62 -15.22 44.51 -3.31
N ASN F 63 -15.02 43.49 -4.13
CA ASN F 63 -14.60 43.67 -5.54
C ASN F 63 -15.80 44.20 -6.32
N GLY F 64 -17.01 43.80 -5.94
CA GLY F 64 -18.25 44.30 -6.55
C GLY F 64 -18.29 45.81 -6.47
N ILE F 65 -18.01 46.32 -5.28
CA ILE F 65 -18.13 47.77 -4.92
C ILE F 65 -16.98 48.55 -5.57
N THR F 66 -15.74 48.24 -5.24
CA THR F 66 -14.56 49.04 -5.62
C THR F 66 -14.26 48.92 -7.12
N ILE F 67 -14.66 47.83 -7.79
CA ILE F 67 -14.33 47.65 -9.24
C ILE F 67 -15.55 47.97 -10.12
N PHE F 68 -16.77 47.56 -9.75
CA PHE F 68 -17.96 47.63 -10.64
C PHE F 68 -19.04 48.57 -10.10
N ASN F 69 -18.76 49.27 -9.00
CA ASN F 69 -19.74 50.10 -8.24
C ASN F 69 -21.07 49.35 -8.05
N GLU F 70 -21.01 48.05 -7.78
CA GLU F 70 -22.17 47.18 -7.41
C GLU F 70 -22.30 47.10 -5.89
N PRO F 71 -23.34 47.72 -5.28
CA PRO F 71 -23.53 47.67 -3.82
C PRO F 71 -23.72 46.23 -3.31
N GLY F 72 -23.34 45.98 -2.05
CA GLY F 72 -23.38 44.65 -1.43
C GLY F 72 -23.95 44.63 -0.02
N ILE F 73 -24.60 43.50 0.30
CA ILE F 73 -25.10 43.14 1.66
C ILE F 73 -24.32 41.92 2.14
N PHE F 74 -23.65 42.06 3.29
CA PHE F 74 -23.03 40.95 4.03
C PHE F 74 -23.89 40.60 5.23
N VAL F 75 -24.40 39.37 5.26
CA VAL F 75 -25.26 38.86 6.36
C VAL F 75 -24.41 37.92 7.23
N THR F 76 -24.19 38.30 8.48
CA THR F 76 -23.39 37.53 9.47
C THR F 76 -24.32 36.90 10.49
N PHE F 77 -24.15 35.62 10.74
CA PHE F 77 -24.98 34.84 11.69
C PHE F 77 -24.23 34.65 13.01
N GLU F 78 -22.90 34.86 13.07
CA GLU F 78 -22.08 34.64 14.32
C GLU F 78 -21.09 35.78 14.53
N GLU F 79 -20.15 35.98 13.61
CA GLU F 79 -19.12 37.04 13.71
C GLU F 79 -19.79 38.42 13.71
N SER F 80 -19.27 39.36 14.51
CA SER F 80 -19.75 40.77 14.62
C SER F 80 -19.30 41.58 13.42
N PRO F 81 -20.04 42.64 13.02
CA PRO F 81 -19.57 43.58 12.01
C PRO F 81 -18.17 44.11 12.30
N GLN F 82 -17.90 44.48 13.55
CA GLN F 82 -16.64 45.11 13.99
C GLN F 82 -15.48 44.15 13.69
N ASP F 83 -15.65 42.85 13.93
CA ASP F 83 -14.63 41.80 13.66
C ASP F 83 -14.48 41.58 12.15
N ILE F 84 -15.57 41.58 11.39
CA ILE F 84 -15.49 41.45 9.92
C ILE F 84 -14.61 42.57 9.41
N ILE F 85 -14.91 43.81 9.84
CA ILE F 85 -14.28 45.06 9.34
C ILE F 85 -12.79 45.04 9.72
N LYS F 86 -12.49 44.73 10.97
CA LYS F 86 -11.11 44.77 11.52
C LYS F 86 -10.28 43.70 10.80
N ASN F 87 -10.82 42.49 10.69
CA ASN F 87 -10.18 41.33 9.99
C ASN F 87 -9.84 41.68 8.52
N ALA F 88 -10.58 42.58 7.85
CA ALA F 88 -10.32 43.00 6.44
C ALA F 88 -9.23 44.08 6.32
N LEU F 89 -8.95 44.86 7.38
CA LEU F 89 -7.85 45.85 7.38
C LEU F 89 -6.52 45.15 7.07
N SER F 90 -6.39 43.89 7.46
CA SER F 90 -5.19 43.03 7.26
C SER F 90 -4.83 42.94 5.77
N PHE F 91 -5.81 43.05 4.87
CA PHE F 91 -5.58 43.09 3.41
C PHE F 91 -5.47 44.52 2.88
N GLY F 92 -5.60 45.55 3.71
CA GLY F 92 -5.70 46.95 3.26
C GLY F 92 -7.08 47.23 2.67
N TRP F 93 -8.07 46.44 3.05
CA TRP F 93 -9.49 46.61 2.66
C TRP F 93 -10.19 47.50 3.71
N ASN F 94 -10.59 48.70 3.30
CA ASN F 94 -11.26 49.70 4.15
C ASN F 94 -12.78 49.53 4.00
N LEU F 95 -13.37 48.62 4.78
CA LEU F 95 -14.82 48.30 4.67
C LEU F 95 -15.67 49.44 5.26
N GLN F 96 -15.17 50.12 6.31
CA GLN F 96 -15.88 51.21 7.03
C GLN F 96 -16.18 52.36 6.05
N SER F 97 -15.22 52.73 5.19
CA SER F 97 -15.40 53.78 4.15
C SER F 97 -16.55 53.42 3.20
N LEU F 98 -16.69 52.13 2.87
CA LEU F 98 -17.71 51.64 1.91
C LEU F 98 -19.07 51.68 2.60
N ILE F 99 -19.06 51.58 3.93
CA ILE F 99 -20.28 51.71 4.78
C ILE F 99 -20.70 53.19 4.84
N ASP F 100 -19.77 54.10 5.14
CA ASP F 100 -19.99 55.57 5.15
C ASP F 100 -20.57 56.00 3.79
N GLN F 101 -20.08 55.43 2.69
CA GLN F 101 -20.52 55.83 1.32
C GLN F 101 -21.85 55.16 0.98
N GLY F 102 -22.38 54.29 1.86
CA GLY F 102 -23.66 53.59 1.65
C GLY F 102 -23.60 52.59 0.49
N LYS F 103 -22.41 52.03 0.23
CA LYS F 103 -22.18 51.04 -0.86
C LYS F 103 -22.09 49.61 -0.31
N LEU F 104 -21.76 49.42 0.98
CA LEU F 104 -21.80 48.11 1.70
C LEU F 104 -22.71 48.22 2.93
N PHE F 105 -23.57 47.24 3.20
CA PHE F 105 -24.33 47.17 4.48
C PHE F 105 -24.06 45.82 5.17
N ILE F 106 -23.60 45.83 6.42
CA ILE F 106 -23.41 44.57 7.20
C ILE F 106 -24.62 44.36 8.11
N LEU F 107 -25.43 43.35 7.76
CA LEU F 107 -26.68 42.92 8.45
C LEU F 107 -26.31 41.88 9.52
N ASP F 108 -26.39 42.29 10.79
CA ASP F 108 -26.11 41.43 11.95
C ASP F 108 -27.35 40.60 12.24
N ALA F 109 -27.27 39.27 12.06
CA ALA F 109 -28.36 38.28 12.28
C ALA F 109 -27.97 37.33 13.41
N SER F 110 -26.86 37.62 14.10
CA SER F 110 -26.24 36.80 15.18
C SER F 110 -27.17 36.76 16.38
N PRO F 111 -27.01 35.79 17.30
CA PRO F 111 -27.94 35.61 18.42
C PRO F 111 -27.83 36.70 19.50
N ASP F 123 -38.87 33.27 12.73
CA ASP F 123 -37.40 33.12 12.52
C ASP F 123 -37.07 33.41 11.04
N LEU F 124 -37.21 32.41 10.15
CA LEU F 124 -36.68 32.43 8.75
C LEU F 124 -37.41 33.52 7.95
N SER F 125 -38.74 33.54 7.97
CA SER F 125 -39.57 34.57 7.28
C SER F 125 -39.15 35.99 7.71
N ALA F 126 -38.92 36.22 9.01
CA ALA F 126 -38.52 37.55 9.54
C ALA F 126 -37.20 37.97 8.88
N LEU F 127 -36.21 37.09 8.88
CA LEU F 127 -34.86 37.43 8.34
C LEU F 127 -34.94 37.70 6.83
N ILE F 128 -35.71 36.91 6.08
CA ILE F 128 -35.88 37.13 4.61
C ILE F 128 -36.38 38.57 4.38
N GLU F 129 -37.22 39.13 5.23
CA GLU F 129 -37.84 40.47 4.99
C GLU F 129 -36.81 41.57 5.30
N ARG F 130 -35.99 41.39 6.32
CA ARG F 130 -34.87 42.33 6.64
C ARG F 130 -33.87 42.34 5.48
N ILE F 131 -33.54 41.17 4.91
CA ILE F 131 -32.56 41.08 3.79
C ILE F 131 -33.15 41.82 2.58
N GLN F 132 -34.43 41.56 2.29
CA GLN F 132 -35.17 42.22 1.18
C GLN F 132 -35.08 43.74 1.33
N TYR F 133 -35.33 44.26 2.53
CA TYR F 133 -35.35 45.72 2.83
C TYR F 133 -33.96 46.31 2.54
N ALA F 134 -32.91 45.66 3.05
CA ALA F 134 -31.50 46.05 2.82
C ALA F 134 -31.20 46.05 1.30
N ILE F 135 -31.55 44.97 0.57
CA ILE F 135 -31.29 44.87 -0.89
C ILE F 135 -31.94 46.07 -1.61
N ARG F 136 -33.20 46.39 -1.29
CA ARG F 136 -33.92 47.56 -1.91
C ARG F 136 -33.31 48.89 -1.41
N LYS F 137 -33.03 49.00 -0.11
CA LYS F 137 -32.49 50.26 0.49
C LYS F 137 -31.15 50.64 -0.16
N TYR F 138 -30.18 49.72 -0.27
CA TYR F 138 -28.80 50.04 -0.75
C TYR F 138 -28.63 49.79 -2.26
N LYS F 139 -29.69 49.36 -2.97
CA LYS F 139 -29.70 48.92 -4.41
C LYS F 139 -28.60 47.87 -4.66
N ALA F 140 -28.56 46.81 -3.84
CA ALA F 140 -27.52 45.77 -3.79
C ALA F 140 -27.78 44.73 -4.89
N THR F 141 -26.73 44.36 -5.65
CA THR F 141 -26.79 43.31 -6.71
C THR F 141 -26.06 42.04 -6.24
N ARG F 142 -25.24 42.17 -5.19
CA ARG F 142 -24.49 41.02 -4.63
C ARG F 142 -24.77 40.93 -3.14
N VAL F 143 -24.90 39.69 -2.67
CA VAL F 143 -25.21 39.37 -1.26
C VAL F 143 -24.30 38.21 -0.84
N SER F 144 -23.74 38.26 0.35
CA SER F 144 -23.03 37.12 0.99
C SER F 144 -23.70 36.79 2.32
N ILE F 145 -23.95 35.49 2.56
CA ILE F 145 -24.57 34.97 3.81
C ILE F 145 -23.55 34.04 4.48
N ASP F 146 -23.04 34.43 5.64
CA ASP F 146 -21.91 33.78 6.38
C ASP F 146 -22.29 33.60 7.85
N SER F 147 -22.68 32.38 8.27
CA SER F 147 -22.82 31.17 7.49
C SER F 147 -24.15 30.50 7.87
N VAL F 148 -24.84 29.90 6.89
CA VAL F 148 -26.24 29.39 7.01
C VAL F 148 -26.27 28.15 7.92
N THR F 149 -25.14 27.46 8.12
CA THR F 149 -25.06 26.22 8.96
C THR F 149 -25.32 26.61 10.42
N ALA F 150 -24.81 27.77 10.87
CA ALA F 150 -25.02 28.33 12.22
C ALA F 150 -26.52 28.57 12.51
N VAL F 151 -27.34 28.88 11.49
CA VAL F 151 -28.82 29.06 11.62
C VAL F 151 -29.42 27.76 12.21
N PHE F 152 -29.33 26.65 11.47
CA PHE F 152 -29.90 25.30 11.77
C PHE F 152 -29.68 24.94 13.25
N ALA F 158 -32.65 17.54 8.52
CA ALA F 158 -32.11 17.60 7.14
C ALA F 158 -33.25 18.02 6.19
N SER F 159 -34.44 17.48 6.42
CA SER F 159 -35.71 17.85 5.74
C SER F 159 -35.97 19.35 5.97
N VAL F 160 -35.94 19.81 7.22
CA VAL F 160 -36.17 21.23 7.60
C VAL F 160 -35.06 22.09 6.95
N VAL F 161 -33.77 21.72 7.14
CA VAL F 161 -32.62 22.53 6.65
C VAL F 161 -32.75 22.68 5.13
N ARG F 162 -33.12 21.61 4.43
CA ARG F 162 -33.26 21.59 2.95
C ARG F 162 -34.29 22.66 2.53
N ARG F 163 -35.49 22.67 3.13
CA ARG F 163 -36.60 23.60 2.75
C ARG F 163 -36.19 25.05 3.14
N GLU F 164 -35.45 25.24 4.23
CA GLU F 164 -34.92 26.56 4.66
C GLU F 164 -34.02 27.13 3.56
N ILE F 165 -33.01 26.36 3.14
CA ILE F 165 -32.00 26.79 2.13
C ILE F 165 -32.78 27.13 0.85
N PHE F 166 -33.80 26.33 0.50
CA PHE F 166 -34.64 26.51 -0.72
C PHE F 166 -35.36 27.86 -0.66
N ARG F 167 -36.00 28.16 0.46
CA ARG F 167 -36.82 29.39 0.68
C ARG F 167 -35.95 30.64 0.50
N LEU F 168 -34.80 30.63 1.16
CA LEU F 168 -33.82 31.75 1.13
C LEU F 168 -33.40 32.01 -0.33
N ALA F 169 -32.95 30.97 -1.02
CA ALA F 169 -32.37 31.07 -2.37
C ALA F 169 -33.45 31.62 -3.31
N PHE F 170 -34.69 31.15 -3.18
CA PHE F 170 -35.85 31.49 -4.04
C PHE F 170 -36.12 33.00 -4.02
N ARG F 171 -36.20 33.62 -2.85
CA ARG F 171 -36.44 35.09 -2.71
C ARG F 171 -35.29 35.92 -3.32
N LEU F 172 -34.05 35.54 -3.05
CA LEU F 172 -32.85 36.21 -3.63
C LEU F 172 -32.88 36.09 -5.15
N LYS F 173 -33.32 34.96 -5.71
CA LYS F 173 -33.46 34.81 -7.18
C LYS F 173 -34.52 35.81 -7.65
N GLN F 174 -35.64 35.89 -6.95
CA GLN F 174 -36.75 36.84 -7.25
C GLN F 174 -36.24 38.28 -7.35
N LEU F 175 -35.35 38.72 -6.44
CA LEU F 175 -34.83 40.10 -6.39
C LEU F 175 -33.67 40.31 -7.39
N GLY F 176 -33.22 39.26 -8.08
CA GLY F 176 -32.23 39.38 -9.18
C GLY F 176 -30.80 39.54 -8.64
N VAL F 177 -30.54 39.21 -7.36
CA VAL F 177 -29.18 39.39 -6.76
C VAL F 177 -28.37 38.11 -7.03
N THR F 178 -27.04 38.16 -6.87
CA THR F 178 -26.14 36.97 -6.92
C THR F 178 -25.59 36.76 -5.51
N THR F 179 -25.79 35.55 -4.98
CA THR F 179 -25.59 35.24 -3.55
C THR F 179 -24.46 34.21 -3.39
N ILE F 180 -23.64 34.43 -2.39
CA ILE F 180 -22.75 33.39 -1.83
C ILE F 180 -23.30 33.03 -0.46
N MET F 181 -23.63 31.76 -0.25
CA MET F 181 -23.90 31.15 1.09
C MET F 181 -22.69 30.29 1.46
N THR F 182 -22.03 30.56 2.61
CA THR F 182 -20.99 29.67 3.19
C THR F 182 -21.64 28.60 4.08
N THR F 183 -21.13 27.38 4.02
CA THR F 183 -21.48 26.24 4.91
C THR F 183 -20.19 25.61 5.43
N GLU F 184 -20.33 24.92 6.56
CA GLU F 184 -19.25 24.21 7.28
C GLU F 184 -19.30 22.73 6.89
N ARG F 185 -18.14 22.07 6.98
CA ARG F 185 -18.01 20.60 6.93
C ARG F 185 -16.90 20.21 7.90
N VAL F 186 -16.86 18.94 8.31
CA VAL F 186 -15.84 18.43 9.29
C VAL F 186 -14.82 17.53 8.58
N ASP F 187 -15.11 17.03 7.37
CA ASP F 187 -14.23 16.10 6.60
C ASP F 187 -13.75 16.77 5.33
N GLU F 188 -12.46 16.57 5.00
CA GLU F 188 -11.82 17.18 3.80
C GLU F 188 -12.34 16.45 2.54
N TYR F 189 -12.66 15.15 2.69
CA TYR F 189 -13.08 14.24 1.60
C TYR F 189 -14.40 13.52 1.91
N GLY F 190 -15.07 13.87 3.02
CA GLY F 190 -16.42 13.37 3.35
C GLY F 190 -17.54 14.14 2.64
N PRO F 191 -18.72 14.32 3.31
CA PRO F 191 -19.84 15.10 2.77
C PRO F 191 -19.49 16.52 2.31
N VAL F 192 -20.14 16.97 1.24
CA VAL F 192 -19.96 18.33 0.66
C VAL F 192 -20.24 19.38 1.75
N ALA F 193 -21.38 19.25 2.41
CA ALA F 193 -21.88 20.18 3.45
C ALA F 193 -22.12 19.40 4.75
N ARG F 194 -23.15 19.73 5.52
CA ARG F 194 -23.27 19.20 6.91
C ARG F 194 -24.45 18.25 7.05
N PHE F 195 -25.52 18.44 6.28
CA PHE F 195 -26.78 17.65 6.37
C PHE F 195 -27.06 16.89 5.06
N GLY F 196 -26.08 16.85 4.14
CA GLY F 196 -26.12 16.13 2.85
C GLY F 196 -27.25 16.58 1.91
N VAL F 197 -27.77 17.79 2.08
CA VAL F 197 -28.88 18.34 1.22
C VAL F 197 -28.44 19.69 0.62
N GLU F 198 -27.68 20.49 1.38
CA GLU F 198 -27.30 21.85 0.95
C GLU F 198 -26.91 21.83 -0.53
N GLU F 199 -26.02 20.91 -0.93
CA GLU F 199 -25.40 20.91 -2.28
C GLU F 199 -26.45 20.61 -3.36
N PHE F 200 -27.53 19.88 -3.04
CA PHE F 200 -28.56 19.40 -4.02
C PHE F 200 -29.58 20.50 -4.32
N VAL F 201 -29.71 21.52 -3.47
CA VAL F 201 -30.69 22.65 -3.66
C VAL F 201 -29.97 23.83 -4.35
N SER F 202 -28.72 24.09 -3.99
CA SER F 202 -27.84 25.10 -4.60
C SER F 202 -27.67 24.83 -6.11
N ASP F 203 -27.71 25.90 -6.91
CA ASP F 203 -27.51 25.82 -8.37
C ASP F 203 -26.01 25.56 -8.62
N ASN F 204 -25.16 26.06 -7.75
CA ASN F 204 -23.71 26.19 -7.90
C ASN F 204 -23.03 25.80 -6.58
N VAL F 205 -21.96 25.01 -6.62
CA VAL F 205 -21.27 24.50 -5.39
C VAL F 205 -19.76 24.61 -5.60
N VAL F 206 -19.12 25.31 -4.67
CA VAL F 206 -17.65 25.48 -4.55
C VAL F 206 -17.20 24.88 -3.20
N ILE F 207 -16.18 24.01 -3.24
CA ILE F 207 -15.55 23.38 -2.04
C ILE F 207 -14.12 23.93 -1.88
N LEU F 208 -13.90 24.55 -0.74
CA LEU F 208 -12.55 24.96 -0.28
C LEU F 208 -11.98 23.84 0.59
N ARG F 209 -10.74 23.45 0.33
CA ARG F 209 -10.08 22.35 1.09
C ARG F 209 -8.77 22.86 1.69
N ASN F 210 -8.37 22.30 2.83
CA ASN F 210 -7.12 22.55 3.59
C ASN F 210 -6.55 21.18 4.00
N VAL F 211 -5.88 20.51 3.07
CA VAL F 211 -5.53 19.07 3.18
C VAL F 211 -4.18 18.96 3.91
N LEU F 212 -4.11 18.08 4.89
CA LEU F 212 -2.83 17.67 5.54
C LEU F 212 -2.10 16.68 4.61
N GLU F 213 -0.99 17.11 4.00
CA GLU F 213 -0.07 16.29 3.16
C GLU F 213 1.20 16.00 3.97
N GLY F 214 1.21 14.88 4.68
CA GLY F 214 2.20 14.60 5.75
C GLY F 214 1.99 15.58 6.89
N GLU F 215 2.93 16.50 7.12
CA GLU F 215 2.85 17.55 8.16
C GLU F 215 2.51 18.92 7.54
N ARG F 216 2.37 19.02 6.21
CA ARG F 216 2.15 20.30 5.50
C ARG F 216 0.68 20.40 5.08
N ARG F 217 0.12 21.62 5.11
CA ARG F 217 -1.26 21.92 4.61
C ARG F 217 -1.15 22.47 3.19
N ARG F 218 -2.03 22.00 2.31
CA ARG F 218 -2.22 22.48 0.92
C ARG F 218 -3.66 22.98 0.75
N ARG F 219 -3.84 24.24 0.40
CA ARG F 219 -5.18 24.80 0.11
C ARG F 219 -5.57 24.48 -1.34
N THR F 220 -6.82 24.05 -1.58
CA THR F 220 -7.38 23.84 -2.95
C THR F 220 -8.84 24.34 -3.00
N VAL F 221 -9.23 24.80 -4.20
CA VAL F 221 -10.61 25.23 -4.53
C VAL F 221 -11.11 24.30 -5.63
N GLU F 222 -12.37 23.92 -5.56
CA GLU F 222 -12.98 23.01 -6.55
C GLU F 222 -14.37 23.53 -6.93
N ILE F 223 -14.63 23.73 -8.22
CA ILE F 223 -16.03 23.98 -8.70
C ILE F 223 -16.66 22.63 -9.06
N LEU F 224 -17.50 22.15 -8.15
CA LEU F 224 -18.17 20.83 -8.23
C LEU F 224 -19.27 20.88 -9.28
N LYS F 225 -20.02 21.98 -9.29
CA LYS F 225 -21.30 22.09 -10.02
C LYS F 225 -21.61 23.57 -10.31
N LEU F 226 -21.92 23.85 -11.57
CA LEU F 226 -22.54 25.11 -12.05
C LEU F 226 -23.65 24.70 -13.01
N ARG F 227 -24.91 24.65 -12.55
CA ARG F 227 -26.06 24.21 -13.41
C ARG F 227 -26.10 25.13 -14.65
N GLY F 228 -26.34 24.52 -15.82
CA GLY F 228 -26.62 25.21 -17.09
C GLY F 228 -25.39 25.84 -17.72
N THR F 229 -24.17 25.55 -17.28
CA THR F 229 -22.97 26.25 -17.79
C THR F 229 -21.69 25.43 -17.54
N THR F 230 -20.57 25.91 -18.09
CA THR F 230 -19.26 25.22 -18.08
C THR F 230 -18.39 25.68 -16.90
N HIS F 231 -17.33 24.95 -16.63
CA HIS F 231 -16.33 25.28 -15.58
C HIS F 231 -15.24 24.21 -15.58
N MET F 232 -14.05 24.50 -15.08
CA MET F 232 -12.97 23.48 -14.99
C MET F 232 -13.33 22.52 -13.86
N LYS F 233 -12.67 21.36 -13.81
CA LYS F 233 -13.07 20.20 -12.99
C LYS F 233 -11.94 19.85 -12.03
N GLY F 234 -12.29 19.35 -10.85
CA GLY F 234 -11.28 18.93 -9.87
C GLY F 234 -10.70 20.09 -9.09
N GLU F 235 -9.61 19.82 -8.37
CA GLU F 235 -8.98 20.77 -7.42
C GLU F 235 -7.94 21.65 -8.13
N TYR F 236 -7.89 22.92 -7.75
CA TYR F 236 -6.84 23.90 -8.14
C TYR F 236 -6.19 24.45 -6.89
N PRO F 237 -4.83 24.46 -6.80
CA PRO F 237 -4.15 25.11 -5.68
C PRO F 237 -4.39 26.63 -5.60
N PHE F 238 -4.39 27.15 -4.38
CA PHE F 238 -4.45 28.58 -4.05
C PHE F 238 -3.68 28.84 -2.74
N THR F 239 -3.30 30.10 -2.52
CA THR F 239 -2.80 30.64 -1.22
C THR F 239 -3.56 31.92 -0.86
N ILE F 240 -3.54 32.27 0.43
CA ILE F 240 -4.12 33.54 0.96
C ILE F 240 -2.99 34.57 1.09
N ASN F 241 -2.96 35.57 0.19
CA ASN F 241 -1.96 36.67 0.13
C ASN F 241 -2.68 38.03 0.13
N ASN F 242 -3.25 38.47 -1.00
CA ASN F 242 -4.06 39.72 -1.06
C ASN F 242 -5.51 39.32 -1.31
N GLY F 243 -6.08 38.54 -0.37
CA GLY F 243 -7.30 37.75 -0.60
C GLY F 243 -6.96 36.35 -1.12
N ILE F 244 -7.92 35.67 -1.74
CA ILE F 244 -7.73 34.31 -2.31
C ILE F 244 -6.90 34.48 -3.58
N ASN F 245 -5.85 33.68 -3.77
CA ASN F 245 -4.97 33.78 -4.97
C ASN F 245 -4.82 32.38 -5.56
N ILE F 246 -5.63 32.10 -6.59
CA ILE F 246 -5.73 30.77 -7.28
C ILE F 246 -4.71 30.79 -8.43
N PHE F 247 -3.70 29.93 -8.39
CA PHE F 247 -2.66 29.80 -9.44
C PHE F 247 -3.12 28.78 -10.51
N GLN F 256 3.64 32.19 -23.98
CA GLN F 256 5.01 32.58 -23.53
C GLN F 256 5.89 32.93 -24.73
N ARG F 257 6.56 34.09 -24.71
CA ARG F 257 7.44 34.59 -25.82
C ARG F 257 8.74 33.74 -25.87
N SER F 258 9.48 33.82 -26.98
CA SER F 258 10.75 33.09 -27.23
C SER F 258 11.66 33.92 -28.16
N SER F 259 12.89 34.21 -27.72
CA SER F 259 13.93 35.03 -28.41
C SER F 259 15.15 34.17 -28.71
N ASN F 260 16.00 34.63 -29.64
CA ASN F 260 17.30 34.00 -29.95
C ASN F 260 18.44 34.83 -29.31
N VAL F 261 18.12 35.73 -28.38
CA VAL F 261 19.14 36.51 -27.60
C VAL F 261 19.95 35.53 -26.70
N ARG F 262 21.28 35.60 -26.78
CA ARG F 262 22.26 34.80 -26.00
C ARG F 262 22.72 35.58 -24.77
N VAL F 263 22.90 34.92 -23.63
CA VAL F 263 23.51 35.53 -22.42
C VAL F 263 24.66 34.61 -21.95
N SER F 264 25.62 35.14 -21.22
CA SER F 264 26.83 34.38 -20.85
C SER F 264 26.59 33.60 -19.53
N SER F 265 27.16 32.40 -19.45
CA SER F 265 27.24 31.51 -18.26
C SER F 265 28.27 32.07 -17.28
N GLY F 266 29.25 32.82 -17.79
CA GLY F 266 30.41 33.28 -17.00
C GLY F 266 31.56 32.32 -17.11
N VAL F 267 31.38 31.22 -17.84
CA VAL F 267 32.48 30.26 -18.16
C VAL F 267 32.64 30.22 -19.68
N LYS F 268 33.79 30.69 -20.19
CA LYS F 268 34.02 30.97 -21.62
C LYS F 268 33.87 29.65 -22.39
N THR F 269 34.49 28.58 -21.92
CA THR F 269 34.44 27.25 -22.61
C THR F 269 33.01 26.70 -22.57
N LEU F 270 32.23 26.95 -21.51
CA LEU F 270 30.80 26.52 -21.44
C LEU F 270 29.98 27.27 -22.50
N ASP F 271 30.21 28.58 -22.63
CA ASP F 271 29.56 29.43 -23.67
C ASP F 271 29.80 28.84 -25.06
N GLU F 272 31.05 28.55 -25.42
CA GLU F 272 31.39 27.89 -26.71
C GLU F 272 30.55 26.61 -26.82
N MET F 273 30.48 25.80 -25.75
CA MET F 273 29.86 24.44 -25.82
C MET F 273 28.34 24.55 -26.07
N CYS F 274 27.70 25.63 -25.62
CA CYS F 274 26.25 25.91 -25.81
C CYS F 274 25.97 26.65 -27.14
N GLY F 275 26.97 26.91 -27.97
CA GLY F 275 26.82 27.49 -29.31
C GLY F 275 26.74 29.00 -29.32
N GLY F 276 27.35 29.66 -28.33
CA GLY F 276 27.44 31.12 -28.21
C GLY F 276 26.76 31.64 -26.94
N GLY F 277 26.57 30.79 -25.91
CA GLY F 277 26.05 31.20 -24.60
C GLY F 277 24.61 30.75 -24.44
N PHE F 278 24.05 30.80 -23.22
CA PHE F 278 22.68 30.30 -22.91
C PHE F 278 21.70 31.19 -23.67
N PHE F 279 20.45 30.75 -23.86
CA PHE F 279 19.37 31.61 -24.38
C PHE F 279 18.76 32.37 -23.21
N LYS F 280 18.55 33.67 -23.42
CA LYS F 280 17.83 34.56 -22.50
C LYS F 280 16.51 33.89 -22.12
N ASP F 281 15.72 33.49 -23.12
CA ASP F 281 14.41 32.83 -22.87
C ASP F 281 14.64 31.33 -22.81
N SER F 282 15.14 30.84 -21.66
CA SER F 282 15.36 29.39 -21.42
C SER F 282 15.31 29.04 -19.93
N ILE F 283 14.93 27.78 -19.67
CA ILE F 283 15.08 27.09 -18.36
C ILE F 283 16.30 26.18 -18.50
N ILE F 284 17.30 26.39 -17.65
CA ILE F 284 18.59 25.64 -17.67
C ILE F 284 18.64 24.73 -16.45
N LEU F 285 18.96 23.45 -16.66
CA LEU F 285 19.04 22.42 -15.59
C LEU F 285 20.49 21.95 -15.47
N ALA F 286 21.13 22.22 -14.33
CA ALA F 286 22.40 21.59 -13.92
C ALA F 286 22.09 20.40 -12.99
N THR F 287 22.44 19.19 -13.43
CA THR F 287 22.10 17.94 -12.72
C THR F 287 23.38 17.12 -12.53
N GLY F 288 23.52 16.44 -11.39
CA GLY F 288 24.67 15.56 -11.13
C GLY F 288 24.81 15.16 -9.67
N ALA F 289 25.83 14.35 -9.38
CA ALA F 289 26.05 13.76 -8.05
C ALA F 289 26.47 14.88 -7.08
N THR F 290 26.38 14.63 -5.78
CA THR F 290 26.83 15.61 -4.75
C THR F 290 28.32 15.93 -4.99
N GLY F 291 28.65 17.22 -4.97
CA GLY F 291 30.02 17.79 -4.98
C GLY F 291 30.61 17.97 -6.37
N THR F 292 29.86 17.70 -7.44
CA THR F 292 30.36 17.78 -8.85
C THR F 292 30.65 19.23 -9.23
N GLY F 293 29.86 20.22 -8.78
CA GLY F 293 30.11 21.65 -9.10
C GLY F 293 28.88 22.42 -9.56
N LYS F 294 27.69 22.00 -9.18
CA LYS F 294 26.41 22.68 -9.57
C LYS F 294 26.36 24.11 -8.97
N THR F 295 26.63 24.28 -7.66
CA THR F 295 26.53 25.58 -6.95
C THR F 295 27.58 26.55 -7.52
N LEU F 296 28.77 26.03 -7.81
CA LEU F 296 29.79 26.74 -8.63
C LEU F 296 29.13 27.30 -9.90
N LEU F 297 28.47 26.47 -10.71
CA LEU F 297 27.90 26.95 -12.01
C LEU F 297 26.78 27.97 -11.75
N VAL F 298 25.98 27.82 -10.69
CA VAL F 298 24.98 28.83 -10.22
C VAL F 298 25.69 30.17 -9.92
N SER F 299 26.82 30.11 -9.19
CA SER F 299 27.54 31.29 -8.65
C SER F 299 28.09 32.13 -9.80
N LYS F 300 28.70 31.48 -10.80
CA LYS F 300 29.22 32.10 -12.05
C LYS F 300 28.08 32.74 -12.85
N PHE F 301 26.93 32.08 -12.95
CA PHE F 301 25.73 32.54 -13.71
C PHE F 301 25.16 33.83 -13.11
N LEU F 302 25.07 33.87 -11.78
CA LEU F 302 24.62 35.06 -11.02
C LEU F 302 25.62 36.21 -11.18
N GLU F 303 26.89 35.98 -10.86
CA GLU F 303 28.00 36.98 -10.89
C GLU F 303 28.08 37.65 -12.27
N THR F 304 27.92 36.90 -13.36
CA THR F 304 28.05 37.40 -14.75
C THR F 304 26.94 38.42 -15.04
N GLY F 305 25.72 38.13 -14.58
CA GLY F 305 24.55 39.01 -14.76
C GLY F 305 24.79 40.35 -14.11
N CYS F 306 25.24 40.30 -12.86
CA CYS F 306 25.60 41.46 -12.00
C CYS F 306 26.75 42.25 -12.60
N GLN F 307 27.76 41.58 -13.16
CA GLN F 307 28.93 42.22 -13.84
C GLN F 307 28.48 43.02 -15.08
N GLN F 308 27.32 42.70 -15.66
CA GLN F 308 26.66 43.48 -16.75
C GLN F 308 25.72 44.55 -16.14
N GLY F 309 25.63 44.65 -14.81
CA GLY F 309 24.78 45.65 -14.12
C GLY F 309 23.31 45.29 -14.14
N GLU F 310 23.00 43.99 -14.33
CA GLU F 310 21.63 43.45 -14.21
C GLU F 310 21.46 42.94 -12.77
N ARG F 311 20.22 42.83 -12.30
CA ARG F 311 19.90 42.21 -10.97
C ARG F 311 19.83 40.69 -11.13
N ALA F 312 20.31 39.95 -10.13
CA ALA F 312 20.29 38.47 -10.02
C ALA F 312 19.72 38.04 -8.67
N LEU F 313 18.85 37.04 -8.67
CA LEU F 313 18.08 36.59 -7.48
C LEU F 313 18.32 35.08 -7.27
N LEU F 314 18.90 34.69 -6.13
CA LEU F 314 19.21 33.28 -5.78
C LEU F 314 18.27 32.82 -4.67
N PHE F 315 17.61 31.68 -4.86
CA PHE F 315 16.87 30.97 -3.78
C PHE F 315 17.69 29.74 -3.38
N ALA F 316 18.25 29.79 -2.17
CA ALA F 316 19.16 28.77 -1.61
C ALA F 316 18.39 28.05 -0.52
N TYR F 317 18.36 26.71 -0.60
CA TYR F 317 17.57 25.82 0.29
C TYR F 317 18.49 24.87 1.04
N GLU F 318 19.81 24.92 0.81
CA GLU F 318 20.77 23.93 1.40
C GLU F 318 21.89 24.64 2.16
N GLU F 319 22.30 25.85 1.74
CA GLU F 319 23.44 26.60 2.37
C GLU F 319 22.98 27.95 2.92
N SER F 320 23.62 28.38 4.00
CA SER F 320 23.53 29.75 4.56
C SER F 320 24.19 30.74 3.60
N ARG F 321 23.83 32.02 3.77
CA ARG F 321 24.43 33.17 3.07
C ARG F 321 25.94 33.20 3.31
N ALA F 322 26.36 33.09 4.58
CA ALA F 322 27.78 33.19 4.99
C ALA F 322 28.63 32.09 4.31
N GLN F 323 28.13 30.86 4.28
CA GLN F 323 28.82 29.69 3.67
C GLN F 323 28.86 29.90 2.15
N LEU F 324 27.75 30.32 1.55
CA LEU F 324 27.67 30.60 0.08
C LEU F 324 28.72 31.64 -0.30
N SER F 325 28.92 32.64 0.56
CA SER F 325 29.88 33.76 0.36
C SER F 325 31.28 33.25 0.54
N ARG F 326 31.54 32.45 1.57
CA ARG F 326 32.88 31.85 1.76
C ARG F 326 33.20 30.94 0.57
N ASN F 327 32.25 30.16 0.09
CA ASN F 327 32.56 29.10 -0.91
C ASN F 327 32.85 29.80 -2.23
N ALA F 328 32.04 30.81 -2.56
CA ALA F 328 32.15 31.68 -3.76
C ALA F 328 33.50 32.40 -3.76
N SER F 329 33.88 32.94 -2.60
CA SER F 329 35.15 33.68 -2.41
C SER F 329 36.35 32.77 -2.71
N SER F 330 36.25 31.47 -2.41
CA SER F 330 37.32 30.48 -2.70
C SER F 330 37.31 30.09 -4.19
N TRP F 331 36.38 30.64 -4.98
CA TRP F 331 36.31 30.49 -6.45
C TRP F 331 36.59 31.82 -7.17
N GLY F 332 36.92 32.91 -6.44
CA GLY F 332 37.24 34.23 -7.01
C GLY F 332 36.01 35.10 -7.24
N ILE F 333 34.94 34.88 -6.48
CA ILE F 333 33.61 35.55 -6.61
C ILE F 333 33.27 36.32 -5.33
N ASP F 334 32.87 37.58 -5.47
CA ASP F 334 32.55 38.45 -4.31
C ASP F 334 31.05 38.72 -4.28
N PHE F 335 30.31 37.86 -3.57
CA PHE F 335 28.87 38.03 -3.26
C PHE F 335 28.69 39.27 -2.37
N GLU F 336 29.57 39.51 -1.39
CA GLU F 336 29.50 40.70 -0.50
C GLU F 336 29.38 42.01 -1.31
N GLU F 337 30.27 42.22 -2.29
CA GLU F 337 30.31 43.44 -3.14
C GLU F 337 29.02 43.55 -3.96
N LEU F 338 28.54 42.44 -4.52
CA LEU F 338 27.32 42.40 -5.40
C LEU F 338 26.06 42.71 -4.59
N GLU F 339 26.02 42.30 -3.31
CA GLU F 339 24.90 42.57 -2.38
C GLU F 339 24.85 44.05 -2.01
N ARG F 340 25.99 44.63 -1.61
CA ARG F 340 26.11 46.06 -1.24
C ARG F 340 25.65 46.93 -2.42
N ARG F 341 26.10 46.61 -3.63
CA ARG F 341 25.78 47.41 -4.85
C ARG F 341 24.31 47.20 -5.22
N GLY F 342 23.58 46.37 -4.46
CA GLY F 342 22.13 46.08 -4.67
C GLY F 342 21.83 45.33 -5.96
N LEU F 343 22.77 44.53 -6.47
CA LEU F 343 22.58 43.79 -7.76
C LEU F 343 22.26 42.31 -7.51
N LEU F 344 22.64 41.76 -6.35
CA LEU F 344 22.42 40.35 -5.95
C LEU F 344 21.56 40.29 -4.69
N ARG F 345 20.47 39.54 -4.73
CA ARG F 345 19.68 39.20 -3.54
C ARG F 345 19.64 37.67 -3.39
N ILE F 346 20.02 37.20 -2.21
CA ILE F 346 20.07 35.77 -1.79
C ILE F 346 19.02 35.58 -0.70
N ILE F 347 18.06 34.70 -0.95
CA ILE F 347 17.01 34.28 0.02
C ILE F 347 17.35 32.86 0.45
N CYS F 348 17.55 32.66 1.75
CA CYS F 348 17.82 31.34 2.37
C CYS F 348 16.58 30.87 3.12
N ALA F 349 16.13 29.64 2.85
CA ALA F 349 14.95 29.02 3.50
C ALA F 349 15.14 27.50 3.55
N TYR F 350 14.62 26.85 4.58
CA TYR F 350 14.51 25.38 4.61
C TYR F 350 13.26 25.01 3.81
N PRO F 351 13.31 23.93 3.01
CA PRO F 351 12.12 23.38 2.35
C PRO F 351 10.98 22.97 3.31
N GLU F 352 11.34 22.49 4.50
CA GLU F 352 10.42 21.84 5.48
C GLU F 352 9.52 22.92 6.11
N SER F 353 9.94 24.18 6.07
CA SER F 353 9.27 25.31 6.77
C SER F 353 7.86 25.56 6.19
N ALA F 354 7.65 25.28 4.89
CA ALA F 354 6.41 25.64 4.17
C ALA F 354 6.05 24.63 3.07
N GLY F 355 4.79 24.64 2.65
CA GLY F 355 4.31 23.88 1.49
C GLY F 355 4.88 24.43 0.20
N LEU F 356 4.94 23.59 -0.83
CA LEU F 356 5.42 24.01 -2.17
C LEU F 356 4.62 25.21 -2.70
N GLU F 357 3.32 25.30 -2.41
CA GLU F 357 2.47 26.44 -2.85
C GLU F 357 2.93 27.73 -2.16
N ASP F 358 3.29 27.64 -0.89
CA ASP F 358 3.79 28.81 -0.11
C ASP F 358 5.15 29.21 -0.68
N HIS F 359 6.05 28.26 -0.98
CA HIS F 359 7.37 28.55 -1.59
C HIS F 359 7.20 29.26 -2.95
N LEU F 360 6.26 28.80 -3.78
CA LEU F 360 6.03 29.43 -5.11
C LEU F 360 5.56 30.90 -4.91
N GLN F 361 4.64 31.18 -3.99
CA GLN F 361 4.13 32.56 -3.68
C GLN F 361 5.33 33.48 -3.35
N ILE F 362 6.17 33.05 -2.42
CA ILE F 362 7.35 33.82 -1.96
C ILE F 362 8.26 34.08 -3.17
N ILE F 363 8.41 33.11 -4.06
CA ILE F 363 9.28 33.23 -5.26
C ILE F 363 8.67 34.29 -6.19
N LYS F 364 7.36 34.25 -6.44
CA LYS F 364 6.68 35.22 -7.35
C LYS F 364 6.78 36.66 -6.80
N SER F 365 6.53 36.85 -5.50
CA SER F 365 6.62 38.17 -4.80
C SER F 365 8.02 38.76 -4.92
N GLU F 366 9.05 37.99 -4.55
CA GLU F 366 10.47 38.45 -4.57
C GLU F 366 10.83 38.86 -5.99
N ILE F 367 10.43 38.08 -7.01
CA ILE F 367 10.69 38.42 -8.44
C ILE F 367 9.99 39.75 -8.76
N ALA F 368 8.73 39.91 -8.38
CA ALA F 368 7.90 41.13 -8.62
C ALA F 368 8.56 42.33 -7.92
N ASP F 369 9.05 42.15 -6.69
CA ASP F 369 9.71 43.20 -5.87
C ASP F 369 11.07 43.55 -6.52
N PHE F 370 12.01 42.60 -6.59
CA PHE F 370 13.42 42.86 -6.94
C PHE F 370 13.58 43.05 -8.44
N LYS F 371 12.72 42.45 -9.26
CA LYS F 371 12.68 42.54 -10.75
C LYS F 371 13.99 42.02 -11.36
N PRO F 372 14.40 40.76 -11.06
CA PRO F 372 15.65 40.22 -11.55
C PRO F 372 15.69 40.04 -13.08
N SER F 373 16.89 40.10 -13.65
CA SER F 373 17.24 39.64 -15.02
C SER F 373 17.51 38.11 -15.04
N ARG F 374 18.05 37.56 -13.94
CA ARG F 374 18.43 36.14 -13.78
C ARG F 374 17.92 35.62 -12.45
N VAL F 375 17.33 34.41 -12.44
CA VAL F 375 16.90 33.72 -11.19
C VAL F 375 17.55 32.33 -11.18
N ALA F 376 17.98 31.89 -10.01
CA ALA F 376 18.52 30.53 -9.75
C ALA F 376 17.80 29.90 -8.56
N ILE F 377 17.52 28.60 -8.65
CA ILE F 377 17.06 27.78 -7.51
C ILE F 377 18.13 26.75 -7.21
N ASP F 378 18.72 26.81 -6.03
CA ASP F 378 19.73 25.84 -5.56
C ASP F 378 19.24 25.21 -4.27
N SER F 379 18.53 24.07 -4.33
CA SER F 379 18.30 23.24 -5.51
C SER F 379 16.83 22.79 -5.56
N LEU F 380 16.38 22.33 -6.73
CA LEU F 380 15.04 21.69 -6.90
C LEU F 380 14.96 20.37 -6.12
N SER F 381 16.06 19.61 -6.01
CA SER F 381 16.03 18.26 -5.40
C SER F 381 15.77 18.36 -3.88
N ALA F 382 16.28 19.39 -3.20
CA ALA F 382 15.93 19.68 -1.79
C ALA F 382 14.41 19.94 -1.68
N LEU F 383 13.81 20.60 -2.67
CA LEU F 383 12.37 20.97 -2.63
C LEU F 383 11.50 19.76 -2.93
N ALA F 384 12.03 18.74 -3.57
CA ALA F 384 11.29 17.53 -3.97
C ALA F 384 11.30 16.47 -2.86
N ARG F 385 12.21 16.56 -1.90
CA ARG F 385 12.32 15.51 -0.84
C ARG F 385 11.03 15.50 0.00
N GLY F 386 10.39 14.34 0.14
CA GLY F 386 9.27 14.16 1.07
C GLY F 386 7.93 14.70 0.59
N VAL F 387 7.82 15.22 -0.63
CA VAL F 387 6.52 15.66 -1.23
C VAL F 387 6.15 14.72 -2.38
N SER F 388 4.88 14.68 -2.77
CA SER F 388 4.42 13.83 -3.90
C SER F 388 5.02 14.38 -5.20
N ASN F 389 5.35 13.51 -6.16
CA ASN F 389 5.84 13.87 -7.51
C ASN F 389 4.81 14.80 -8.16
N ASN F 390 3.50 14.54 -8.01
CA ASN F 390 2.44 15.39 -8.62
C ASN F 390 2.52 16.84 -8.12
N ALA F 391 2.58 17.04 -6.80
CA ALA F 391 2.72 18.37 -6.17
C ALA F 391 4.02 19.04 -6.63
N PHE F 392 5.15 18.32 -6.59
CA PHE F 392 6.47 18.86 -6.98
C PHE F 392 6.44 19.34 -8.44
N ARG F 393 5.86 18.57 -9.36
CA ARG F 393 5.83 18.94 -10.82
C ARG F 393 5.03 20.22 -11.07
N GLN F 394 3.89 20.39 -10.37
CA GLN F 394 3.05 21.60 -10.47
C GLN F 394 3.86 22.80 -9.95
N PHE F 395 4.61 22.62 -8.87
CA PHE F 395 5.54 23.68 -8.38
C PHE F 395 6.53 24.04 -9.50
N VAL F 396 7.14 23.06 -10.14
CA VAL F 396 8.23 23.30 -11.16
C VAL F 396 7.59 23.93 -12.41
N ILE F 397 6.41 23.47 -12.83
CA ILE F 397 5.65 24.06 -13.97
C ILE F 397 5.35 25.52 -13.63
N GLY F 398 4.92 25.78 -12.39
CA GLY F 398 4.64 27.14 -11.88
C GLY F 398 5.86 28.06 -11.94
N VAL F 399 7.01 27.65 -11.38
CA VAL F 399 8.23 28.52 -11.29
C VAL F 399 8.75 28.78 -12.71
N THR F 400 8.93 27.74 -13.50
CA THR F 400 9.48 27.86 -14.87
C THR F 400 8.49 28.63 -15.75
N GLY F 401 7.22 28.26 -15.66
CA GLY F 401 6.14 28.93 -16.42
C GLY F 401 6.21 30.42 -16.20
N PHE F 402 6.45 30.84 -14.96
CA PHE F 402 6.47 32.26 -14.52
C PHE F 402 7.80 32.93 -14.91
N ALA F 403 8.91 32.21 -14.84
CA ALA F 403 10.25 32.71 -15.27
C ALA F 403 10.19 33.11 -16.75
N LYS F 404 9.64 32.24 -17.60
CA LYS F 404 9.54 32.41 -19.07
C LYS F 404 8.53 33.52 -19.42
N GLN F 405 7.53 33.76 -18.57
CA GLN F 405 6.47 34.79 -18.79
C GLN F 405 7.07 36.20 -18.68
N GLU F 406 8.04 36.37 -17.78
CA GLU F 406 8.69 37.67 -17.44
C GLU F 406 9.97 37.85 -18.26
N GLU F 407 10.27 36.91 -19.16
CA GLU F 407 11.53 36.90 -19.94
C GLU F 407 12.72 36.87 -18.98
N ILE F 408 12.69 35.98 -17.98
CA ILE F 408 13.74 35.83 -16.93
C ILE F 408 14.47 34.51 -17.15
N THR F 409 15.79 34.54 -17.37
CA THR F 409 16.64 33.34 -17.50
C THR F 409 16.67 32.61 -16.14
N GLY F 410 16.29 31.32 -16.14
CA GLY F 410 16.20 30.45 -14.95
C GLY F 410 17.27 29.37 -14.98
N PHE F 411 17.98 29.19 -13.86
CA PHE F 411 19.05 28.19 -13.65
C PHE F 411 18.71 27.38 -12.39
N PHE F 412 18.29 26.15 -12.62
CA PHE F 412 17.83 25.20 -11.55
C PHE F 412 18.89 24.09 -11.43
N THR F 413 19.24 23.74 -10.19
CA THR F 413 20.18 22.63 -9.85
C THR F 413 19.39 21.43 -9.36
N ASN F 414 19.89 20.23 -9.69
CA ASN F 414 19.34 18.93 -9.26
C ASN F 414 20.51 18.03 -8.85
N THR F 415 20.42 17.45 -7.66
CA THR F 415 21.39 16.47 -7.15
C THR F 415 20.81 15.06 -7.31
N THR F 416 21.49 14.19 -8.03
CA THR F 416 21.05 12.81 -8.32
C THR F 416 21.41 11.95 -7.10
N ASP F 417 20.60 10.94 -6.81
CA ASP F 417 20.75 10.05 -5.62
C ASP F 417 21.88 9.05 -5.88
N GLN F 418 21.99 8.55 -7.11
CA GLN F 418 23.11 7.67 -7.54
C GLN F 418 24.28 8.56 -7.98
N PHE F 419 25.47 8.32 -7.44
CA PHE F 419 26.68 9.14 -7.71
C PHE F 419 27.43 8.58 -8.93
N MET F 420 27.04 7.39 -9.38
CA MET F 420 27.78 6.59 -10.39
C MET F 420 26.78 5.74 -11.16
N GLY F 421 26.92 5.69 -12.49
CA GLY F 421 26.19 4.75 -13.36
C GLY F 421 24.69 5.02 -13.37
N SER F 422 24.26 6.26 -13.11
CA SER F 422 22.83 6.68 -13.13
C SER F 422 22.31 6.67 -14.55
N ASN F 423 21.15 6.06 -14.75
CA ASN F 423 20.52 5.89 -16.08
C ASN F 423 19.56 7.06 -16.34
N SER F 424 19.46 8.06 -15.45
CA SER F 424 18.40 9.11 -15.49
C SER F 424 18.96 10.52 -15.22
N ILE F 425 18.44 11.52 -15.92
CA ILE F 425 18.76 12.96 -15.69
C ILE F 425 18.21 13.38 -14.32
N THR F 426 16.91 13.19 -14.06
CA THR F 426 16.27 13.46 -12.75
C THR F 426 15.39 12.27 -12.35
N GLU F 427 15.37 11.95 -11.06
CA GLU F 427 14.43 10.94 -10.49
C GLU F 427 13.01 11.51 -10.47
N SER F 428 12.84 12.84 -10.52
CA SER F 428 11.53 13.55 -10.53
C SER F 428 10.96 13.69 -11.95
N HIS F 429 11.74 13.32 -12.97
CA HIS F 429 11.32 13.26 -14.40
C HIS F 429 10.77 14.62 -14.82
N ILE F 430 11.60 15.65 -14.76
CA ILE F 430 11.25 17.06 -15.10
C ILE F 430 12.06 17.55 -16.30
N SEP F 431 12.73 16.63 -16.99
CA SEP F 431 13.63 16.89 -18.11
CB SEP F 431 14.18 15.57 -18.66
OG SEP F 431 14.69 14.74 -17.58
C SEP F 431 12.94 17.66 -19.23
O SEP F 431 13.57 18.45 -19.89
P SEP F 431 14.23 13.16 -17.45
O1P SEP F 431 14.83 12.41 -18.65
O2P SEP F 431 12.69 13.12 -17.45
O3P SEP F 431 14.83 12.70 -16.12
N TPO F 432 11.65 17.37 -19.47
CA TPO F 432 10.94 17.90 -20.63
CB TPO F 432 9.81 16.95 -21.11
CG2 TPO F 432 10.30 16.02 -22.18
OG1 TPO F 432 9.27 16.10 -20.03
P TPO F 432 7.72 15.54 -20.17
O1P TPO F 432 7.70 14.35 -21.13
O2P TPO F 432 6.94 16.75 -20.71
O3P TPO F 432 7.29 15.17 -18.75
C TPO F 432 10.44 19.30 -20.33
O TPO F 432 9.98 20.01 -21.22
N ILE F 433 10.53 19.70 -19.07
CA ILE F 433 10.14 21.03 -18.66
C ILE F 433 11.31 21.98 -18.98
N THR F 434 12.53 21.47 -19.11
CA THR F 434 13.77 22.29 -19.25
C THR F 434 14.17 22.38 -20.72
N ASP F 435 14.86 23.45 -21.10
CA ASP F 435 15.36 23.71 -22.47
C ASP F 435 16.83 23.28 -22.60
N THR F 436 17.69 23.65 -21.65
CA THR F 436 19.14 23.31 -21.66
C THR F 436 19.49 22.44 -20.45
N ILE F 437 20.16 21.30 -20.68
CA ILE F 437 20.57 20.34 -19.60
C ILE F 437 22.10 20.24 -19.62
N LEU F 438 22.73 20.60 -18.50
CA LEU F 438 24.17 20.36 -18.28
C LEU F 438 24.26 19.12 -17.38
N LEU F 439 24.93 18.06 -17.85
CA LEU F 439 25.15 16.80 -17.09
C LEU F 439 26.53 16.89 -16.46
N LEU F 440 26.63 16.84 -15.14
CA LEU F 440 27.94 16.73 -14.43
C LEU F 440 28.08 15.32 -13.88
N GLN F 441 29.26 14.68 -14.04
CA GLN F 441 29.46 13.27 -13.63
C GLN F 441 30.90 13.04 -13.13
N TYR F 442 31.06 12.18 -12.12
CA TYR F 442 32.36 11.61 -11.70
C TYR F 442 32.78 10.55 -12.73
N VAL F 443 34.09 10.49 -12.98
CA VAL F 443 34.73 9.49 -13.89
C VAL F 443 35.98 8.96 -13.21
N GLU F 444 36.02 7.67 -12.88
CA GLU F 444 37.20 6.97 -12.33
C GLU F 444 38.24 6.85 -13.44
N ILE F 445 39.35 7.60 -13.32
CA ILE F 445 40.53 7.53 -14.22
C ILE F 445 41.79 7.21 -13.39
N ARG F 446 42.50 6.12 -13.68
CA ARG F 446 43.80 5.77 -13.04
C ARG F 446 43.69 5.83 -11.51
N GLY F 447 42.62 5.26 -10.93
CA GLY F 447 42.39 5.20 -9.48
C GLY F 447 42.15 6.57 -8.82
N GLU F 448 41.80 7.58 -9.62
CA GLU F 448 41.39 8.91 -9.11
C GLU F 448 39.95 9.21 -9.59
N MET F 449 39.20 9.93 -8.78
CA MET F 449 37.86 10.47 -9.13
C MET F 449 38.02 11.82 -9.84
N SER F 450 38.11 11.83 -11.17
CA SER F 450 37.96 13.07 -12.00
C SER F 450 36.47 13.32 -12.28
N ARG F 451 36.16 14.38 -13.01
CA ARG F 451 34.76 14.79 -13.31
C ARG F 451 34.72 15.28 -14.75
N ALA F 452 33.54 15.22 -15.37
CA ALA F 452 33.28 15.62 -16.76
C ALA F 452 31.90 16.29 -16.86
N ILE F 453 31.77 17.18 -17.86
CA ILE F 453 30.56 18.02 -18.10
C ILE F 453 30.15 17.80 -19.56
N ASN F 454 28.85 17.62 -19.79
CA ASN F 454 28.29 17.41 -21.14
C ASN F 454 27.11 18.39 -21.23
N VAL F 455 27.04 19.19 -22.29
CA VAL F 455 25.75 19.87 -22.62
C VAL F 455 24.87 18.81 -23.25
N PHE F 456 23.93 18.26 -22.48
CA PHE F 456 23.27 16.97 -22.78
C PHE F 456 22.15 17.25 -23.79
N LYS F 457 21.45 18.35 -23.58
CA LYS F 457 20.48 18.84 -24.59
C LYS F 457 20.54 20.36 -24.58
N MET F 458 20.19 20.99 -25.71
CA MET F 458 20.15 22.46 -25.91
C MET F 458 19.07 22.79 -26.95
N ARG F 459 17.81 22.94 -26.56
CA ARG F 459 16.74 23.31 -27.52
C ARG F 459 17.13 24.59 -28.28
N GLY F 460 16.98 24.57 -29.60
CA GLY F 460 17.10 25.76 -30.47
C GLY F 460 18.54 26.10 -30.79
N SER F 461 19.50 25.28 -30.40
CA SER F 461 20.93 25.55 -30.72
C SER F 461 21.69 24.26 -30.96
N TRP F 462 22.67 24.35 -31.85
CA TRP F 462 23.84 23.45 -31.85
C TRP F 462 24.48 23.52 -30.46
N HIS F 463 25.05 22.39 -30.01
CA HIS F 463 25.89 22.29 -28.81
C HIS F 463 27.01 21.29 -29.04
N ASP F 464 28.11 21.49 -28.31
CA ASP F 464 29.26 20.56 -28.22
C ASP F 464 28.74 19.22 -27.70
N LYS F 465 29.18 18.09 -28.28
CA LYS F 465 28.67 16.75 -27.90
C LYS F 465 29.67 16.09 -26.92
N GLY F 466 30.81 16.72 -26.68
CA GLY F 466 31.89 16.17 -25.82
C GLY F 466 31.47 15.91 -24.38
N ILE F 467 31.92 14.78 -23.83
CA ILE F 467 31.89 14.48 -22.38
C ILE F 467 33.26 14.91 -21.84
N ARG F 468 33.34 16.18 -21.45
CA ARG F 468 34.62 16.92 -21.31
C ARG F 468 35.04 16.95 -19.84
N GLU F 469 36.29 16.54 -19.61
CA GLU F 469 36.97 16.66 -18.31
C GLU F 469 37.01 18.13 -17.91
N TYR F 470 36.70 18.38 -16.64
CA TYR F 470 36.89 19.70 -16.01
C TYR F 470 37.56 19.49 -14.66
N VAL F 471 38.20 20.56 -14.16
CA VAL F 471 38.74 20.66 -12.78
C VAL F 471 38.14 21.91 -12.13
N ILE F 472 38.07 21.90 -10.81
CA ILE F 472 37.68 23.09 -10.01
C ILE F 472 38.96 23.58 -9.31
N THR F 473 39.28 24.87 -9.49
CA THR F 473 40.40 25.60 -8.82
C THR F 473 39.86 26.86 -8.12
N GLU F 474 40.76 27.68 -7.58
CA GLU F 474 40.51 29.00 -6.94
C GLU F 474 39.97 30.02 -7.95
N LYS F 475 40.02 29.70 -9.24
CA LYS F 475 39.51 30.55 -10.34
C LYS F 475 38.19 29.97 -10.90
N GLY F 476 37.60 28.93 -10.28
CA GLY F 476 36.31 28.36 -10.70
C GLY F 476 36.45 27.14 -11.60
N ALA F 477 35.70 27.05 -12.70
CA ALA F 477 35.65 25.86 -13.58
C ALA F 477 36.62 26.03 -14.75
N GLU F 478 37.53 25.06 -14.92
CA GLU F 478 38.50 24.97 -16.03
C GLU F 478 38.13 23.72 -16.82
N ILE F 479 37.48 23.88 -17.97
CA ILE F 479 36.98 22.74 -18.80
C ILE F 479 38.06 22.37 -19.83
N ARG F 480 38.42 21.08 -19.90
CA ARG F 480 39.48 20.55 -20.81
C ARG F 480 38.84 19.80 -21.99
N ASP F 481 39.47 18.70 -22.43
CA ASP F 481 39.05 17.88 -23.58
C ASP F 481 38.22 16.71 -23.07
N SER F 482 37.59 15.97 -23.99
CA SER F 482 36.92 14.67 -23.71
C SER F 482 37.96 13.56 -23.72
N PHE F 483 37.66 12.45 -23.02
CA PHE F 483 38.51 11.25 -22.88
C PHE F 483 38.32 10.38 -24.14
N ARG F 484 39.11 10.61 -25.18
CA ARG F 484 38.92 10.01 -26.53
C ARG F 484 39.42 8.56 -26.56
N ASN F 485 40.36 8.17 -25.67
CA ASN F 485 40.95 6.80 -25.63
C ASN F 485 40.20 5.89 -24.63
N PHE F 486 38.98 6.26 -24.21
CA PHE F 486 38.17 5.50 -23.22
C PHE F 486 36.79 5.13 -23.78
N GLU F 487 36.24 4.03 -23.29
CA GLU F 487 34.84 3.56 -23.50
C GLU F 487 34.14 3.43 -22.15
N GLY F 488 32.84 3.67 -22.11
CA GLY F 488 32.02 3.49 -20.89
C GLY F 488 32.22 4.62 -19.89
N ILE F 489 32.56 5.82 -20.36
CA ILE F 489 32.73 7.04 -19.51
C ILE F 489 31.39 7.34 -18.79
N ILE F 490 30.28 7.26 -19.52
CA ILE F 490 28.92 7.60 -18.99
C ILE F 490 28.55 6.65 -17.82
N SER F 491 29.19 5.47 -17.69
CA SER F 491 29.01 4.52 -16.55
C SER F 491 29.73 5.05 -15.30
N GLY F 492 30.77 5.88 -15.46
CA GLY F 492 31.64 6.32 -14.37
C GLY F 492 32.86 5.43 -14.16
N THR F 493 32.87 4.21 -14.70
CA THR F 493 34.00 3.25 -14.62
C THR F 493 34.45 2.85 -16.02
N PRO F 494 35.12 3.77 -16.74
CA PRO F 494 35.55 3.51 -18.10
C PRO F 494 36.60 2.40 -18.22
N THR F 495 36.90 2.01 -19.46
CA THR F 495 38.01 1.12 -19.87
C THR F 495 38.85 1.86 -20.92
N ARG F 496 40.15 2.02 -20.68
CA ARG F 496 41.14 2.50 -21.69
C ARG F 496 41.20 1.46 -22.83
N ILE F 497 41.16 1.88 -24.11
CA ILE F 497 41.26 0.95 -25.28
C ILE F 497 42.73 0.84 -25.74
PG ATP G . -5.75 16.17 29.88
O1G ATP G . -6.59 16.66 28.70
O2G ATP G . -5.86 17.09 31.09
O3G ATP G . -5.81 14.69 30.18
PB ATP G . -3.44 17.61 28.95
O1B ATP G . -3.34 17.67 27.45
O2B ATP G . -3.94 18.81 29.69
O3B ATP G . -4.22 16.31 29.38
PA ATP G . -0.93 18.33 30.30
O1A ATP G . -1.24 18.12 31.74
O2A ATP G . -0.99 19.66 29.66
O3A ATP G . -1.95 17.33 29.53
O5' ATP G . 0.48 17.67 29.97
C5' ATP G . 0.83 16.61 30.85
C4' ATP G . 1.97 15.87 30.21
O4' ATP G . 3.10 16.75 30.21
C3' ATP G . 2.41 14.60 30.93
O3' ATP G . 1.68 13.54 30.34
C2' ATP G . 3.93 14.56 30.67
O2' ATP G . 4.34 13.89 29.49
C1' ATP G . 4.28 16.03 30.51
N9 ATP G . 4.88 16.59 31.69
C8 ATP G . 4.23 17.15 32.75
N7 ATP G . 5.06 17.58 33.67
C5 ATP G . 6.33 17.28 33.16
C6 ATP G . 7.61 17.51 33.66
N6 ATP G . 7.85 18.12 34.83
N1 ATP G . 8.65 17.13 32.89
C2 ATP G . 8.40 16.55 31.71
N3 ATP G . 7.22 16.28 31.14
C4 ATP G . 6.22 16.68 31.93
PG ATP H . 30.61 -1.10 12.06
O1G ATP H . 30.22 0.16 12.78
O2G ATP H . 29.88 -1.30 10.77
O3G ATP H . 30.53 -2.34 12.92
PB ATP H . 33.08 0.30 11.45
O1B ATP H . 33.05 0.61 10.00
O2B ATP H . 32.75 1.37 12.43
O3B ATP H . 32.15 -0.97 11.68
PA ATP H . 35.42 0.01 13.04
O1A ATP H . 34.77 -0.61 14.24
O2A ATP H . 35.80 1.44 13.15
O3A ATP H . 34.52 -0.33 11.75
O5' ATP H . 36.72 -0.86 12.64
C5' ATP H . 36.68 -2.30 12.84
C4' ATP H . 37.73 -2.94 11.99
O4' ATP H . 39.02 -2.41 12.36
C3' ATP H . 37.91 -4.45 12.15
O3' ATP H . 37.03 -5.25 11.37
C2' ATP H . 39.33 -4.63 11.63
O2' ATP H . 39.46 -4.54 10.23
C1' ATP H . 40.02 -3.39 12.18
N9 ATP H . 40.74 -3.54 13.43
C8 ATP H . 40.30 -3.27 14.71
N7 ATP H . 41.26 -3.40 15.61
C5 ATP H . 42.37 -3.74 14.87
C6 ATP H . 43.72 -4.02 15.24
N6 ATP H . 44.16 -3.95 16.49
N1 ATP H . 44.57 -4.32 14.25
C2 ATP H . 44.11 -4.39 12.99
N3 ATP H . 42.88 -4.18 12.53
C4 ATP H . 42.05 -3.85 13.53
MG MG I . -5.25 19.11 31.37
MG MG J . 31.36 1.43 13.98
PG ATP K . -10.47 -9.02 31.45
O1G ATP K . -10.60 -7.52 31.37
O2G ATP K . -10.71 -9.52 32.85
O3G ATP K . -11.29 -9.81 30.44
PB ATP K . -7.67 -8.70 31.92
O1B ATP K . -7.02 -7.59 31.16
O2B ATP K . -8.01 -8.44 33.34
O3B ATP K . -8.93 -9.20 31.08
PA ATP K . -5.85 -10.65 33.15
O1A ATP K . -6.66 -11.60 33.99
O2A ATP K . -5.12 -9.50 33.75
O3A ATP K . -6.78 -10.05 31.97
O5' ATP K . -4.83 -11.50 32.25
C5' ATP K . -5.00 -12.93 32.21
C4' ATP K . -4.10 -13.47 31.13
O4' ATP K . -2.78 -13.64 31.68
C3' ATP K . -4.52 -14.80 30.55
O3' ATP K . -5.27 -14.52 29.38
C2' ATP K . -3.18 -15.48 30.25
O2' ATP K . -2.88 -15.18 28.90
C1' ATP K . -2.20 -14.85 31.26
N9 ATP K . -1.90 -15.57 32.49
C8 ATP K . -2.62 -15.57 33.66
N7 ATP K . -2.07 -16.34 34.59
C5 ATP K . -0.89 -16.81 34.00
C6 ATP K . 0.14 -17.64 34.47
N6 ATP K . 0.16 -18.18 35.69
N1 ATP K . 1.20 -17.86 33.63
C2 ATP K . 1.16 -17.32 32.40
N3 ATP K . 0.23 -16.55 31.84
C4 ATP K . -0.77 -16.33 32.71
PG ATP L . 21.23 -24.75 5.41
O1G ATP L . 21.12 -23.59 4.48
O2G ATP L . 20.98 -24.40 6.85
O3G ATP L . 20.46 -25.96 4.94
PB ATP L . 24.02 -24.84 6.19
O1B ATP L . 24.69 -23.62 5.65
O2B ATP L . 23.72 -24.90 7.65
O3B ATP L . 22.75 -25.21 5.30
PA ATP L . 25.45 -27.30 6.76
O1A ATP L . 24.32 -28.18 7.14
O2A ATP L . 26.25 -26.66 7.85
O3A ATP L . 24.87 -26.16 5.79
O5' ATP L . 26.41 -28.07 5.75
C5' ATP L . 25.85 -29.05 4.82
C4' ATP L . 26.84 -29.29 3.71
O4' ATP L . 28.05 -29.93 4.22
C3' ATP L . 26.37 -30.20 2.58
O3' ATP L . 25.53 -29.50 1.66
C2' ATP L . 27.72 -30.67 2.01
O2' ATP L . 28.20 -29.67 1.15
C1' ATP L . 28.58 -30.82 3.26
N9 ATP L . 28.60 -32.15 3.92
C8 ATP L . 27.71 -32.66 4.85
N7 ATP L . 28.05 -33.84 5.31
C5 ATP L . 29.24 -34.14 4.65
C6 ATP L . 30.10 -35.25 4.70
N6 ATP L . 29.90 -36.32 5.46
N1 ATP L . 31.20 -35.21 3.92
C2 ATP L . 31.39 -34.15 3.13
N3 ATP L . 30.65 -33.04 3.00
C4 ATP L . 29.58 -33.10 3.80
MG MG M . -9.73 -8.86 34.58
MG MG N . 22.04 -24.99 8.58
PG ATP O . -23.95 -20.47 13.17
O1G ATP O . -23.52 -19.34 14.08
O2G ATP O . -24.86 -21.46 13.87
O3G ATP O . -24.51 -19.98 11.84
PB ATP O . -21.74 -22.28 13.59
O1B ATP O . -20.46 -21.59 13.94
O2B ATP O . -22.50 -22.93 14.72
O3B ATP O . -22.65 -21.32 12.70
PA ATP O . -21.32 -25.04 12.73
O1A ATP O . -22.71 -25.57 12.55
O2A ATP O . -20.57 -25.33 13.98
O3A ATP O . -21.44 -23.45 12.56
O5' ATP O . -20.41 -25.39 11.46
C5' ATP O . -21.04 -25.98 10.35
C4' ATP O . -20.02 -26.05 9.25
O4' ATP O . -19.20 -27.22 9.45
C3' ATP O . -20.63 -26.19 7.87
O3' ATP O . -20.84 -24.84 7.47
C2' ATP O . -19.60 -27.01 7.10
O2' ATP O . -18.69 -26.23 6.34
C1' ATP O . -18.90 -27.81 8.21
N9 ATP O . -19.32 -29.18 8.27
C8 ATP O . -20.40 -29.68 8.97
N7 ATP O . -20.51 -30.98 8.85
C5 ATP O . -19.43 -31.35 8.06
C6 ATP O . -19.00 -32.60 7.59
N6 ATP O . -19.63 -33.72 7.88
N1 ATP O . -17.86 -32.63 6.84
C2 ATP O . -17.24 -31.47 6.58
N3 ATP O . -17.56 -30.24 6.96
C4 ATP O . -18.69 -30.25 7.70
PG ATP P . 7.58 -27.39 -16.57
O1G ATP P . 7.89 -25.94 -16.69
O2G ATP P . 7.24 -27.79 -15.15
O3G ATP P . 6.50 -27.83 -17.53
PB ATP P . 9.78 -29.26 -16.30
O1B ATP P . 8.91 -30.11 -15.46
O2B ATP P . 11.03 -28.69 -15.74
O3B ATP P . 8.96 -28.09 -17.00
PA ATP P . 9.89 -31.72 -17.87
O1A ATP P . 8.45 -31.91 -18.16
O2A ATP P . 10.43 -32.62 -16.81
O3A ATP P . 10.19 -30.17 -17.56
O5' ATP P . 10.79 -31.84 -19.21
C5' ATP P . 10.28 -31.36 -20.48
C4' ATP P . 11.43 -31.32 -21.45
O4' ATP P . 11.94 -32.66 -21.61
C3' ATP P . 11.07 -30.90 -22.88
O3' ATP P . 11.02 -29.49 -23.03
C2' ATP P . 12.23 -31.51 -23.67
O2' ATP P . 13.41 -30.74 -23.65
C1' ATP P . 12.49 -32.81 -22.90
N9 ATP P . 11.93 -34.03 -23.56
C8 ATP P . 10.69 -34.60 -23.39
N7 ATP P . 10.51 -35.67 -24.13
C5 ATP P . 11.72 -35.82 -24.83
C6 ATP P . 12.16 -36.77 -25.76
N6 ATP P . 11.44 -37.80 -26.17
N1 ATP P . 13.41 -36.62 -26.26
C2 ATP P . 14.16 -35.61 -25.80
N3 ATP P . 13.84 -34.64 -24.94
C4 ATP P . 12.58 -34.81 -24.47
MG MG Q . -24.53 -22.98 15.09
MG MG R . 7.00 -30.05 -14.89
PG ATP S . -32.87 -7.06 -6.91
O1G ATP S . -32.40 -7.44 -5.51
O2G ATP S . -34.26 -7.62 -7.25
O3G ATP S . -32.74 -5.61 -7.23
PB ATP S . -31.71 -9.46 -8.10
O1B ATP S . -30.48 -9.83 -7.33
O2B ATP S . -32.95 -10.22 -7.82
O3B ATP S . -31.91 -7.88 -7.94
PA ATP S . -31.95 -10.67 -10.76
O1A ATP S . -33.26 -10.17 -11.27
O2A ATP S . -31.84 -12.01 -10.13
O3A ATP S . -31.39 -9.56 -9.69
O5' ATP S . -30.88 -10.58 -11.94
C5' ATP S . -31.02 -9.47 -12.84
C4' ATP S . -29.81 -9.35 -13.72
O4' ATP S . -29.59 -10.58 -14.45
C3' ATP S . -29.93 -8.28 -14.80
O3' ATP S . -29.54 -7.08 -14.13
C2' ATP S . -28.97 -8.77 -15.89
O2' ATP S . -27.63 -8.33 -15.67
C1' ATP S . -29.09 -10.29 -15.74
N9 ATP S . -29.99 -10.86 -16.69
C8 ATP S . -31.35 -10.92 -16.60
N7 ATP S . -31.90 -11.48 -17.66
C5 ATP S . -30.83 -11.77 -18.50
C6 ATP S . -30.76 -12.36 -19.78
N6 ATP S . -31.83 -12.76 -20.46
N1 ATP S . -29.53 -12.50 -20.34
C2 ATP S . -28.45 -12.08 -19.64
N3 ATP S . -28.40 -11.54 -18.41
C4 ATP S . -29.64 -11.40 -17.91
PG ATP T . 3.42 -6.61 -31.95
O1G ATP T . 4.28 -6.71 -30.73
O2G ATP T . 3.29 -5.20 -32.46
O3G ATP T . 2.08 -7.27 -31.77
PB ATP T . 4.38 -8.96 -33.48
O1B ATP T . 3.07 -9.66 -33.49
O2B ATP T . 5.50 -9.52 -32.67
O3B ATP T . 4.17 -7.41 -33.12
PA ATP T . 4.10 -9.27 -36.35
O1A ATP T . 2.93 -8.36 -36.55
O2A ATP T . 3.85 -10.74 -36.31
O3A ATP T . 4.85 -8.84 -35.00
O5' ATP T . 5.22 -8.95 -37.46
C5' ATP T . 5.50 -7.57 -37.80
C4' ATP T . 6.92 -7.46 -38.31
O4' ATP T . 7.09 -8.34 -39.46
C3' ATP T . 7.36 -6.09 -38.82
O3' ATP T . 7.84 -5.29 -37.74
C2' ATP T . 8.47 -6.45 -39.81
O2' ATP T . 9.73 -6.64 -39.19
C1' ATP T . 7.95 -7.76 -40.40
N9 ATP T . 7.21 -7.59 -41.64
C8 ATP T . 5.89 -7.27 -41.80
N7 ATP T . 5.52 -7.22 -43.06
C5 ATP T . 6.68 -7.51 -43.77
C6 ATP T . 6.96 -7.61 -45.15
N6 ATP T . 6.05 -7.42 -46.10
N1 ATP T . 8.22 -7.93 -45.51
C2 ATP T . 9.13 -8.14 -44.54
N3 ATP T . 8.99 -8.06 -43.23
C4 ATP T . 7.72 -7.75 -42.90
MG MG U . -34.83 -9.60 -7.71
MG MG V . 1.07 -8.89 -32.90
PG ATP W . -27.94 17.74 -8.53
O1G ATP W . -28.26 16.43 -7.87
O2G ATP W . -29.19 18.36 -9.16
O3G ATP W . -27.21 18.70 -7.62
PB ATP W . -27.25 16.79 -11.15
O1B ATP W . -26.61 15.47 -11.17
O2B ATP W . -28.70 16.87 -11.43
O3B ATP W . -26.89 17.44 -9.74
PA ATP W . -26.89 18.19 -13.68
O1A ATP W . -27.61 19.48 -13.64
O2A ATP W . -27.51 17.05 -14.40
O3A ATP W . -26.52 17.78 -12.17
O5' ATP W . -25.41 18.43 -14.25
C5' ATP W . -24.98 19.77 -14.35
C4' ATP W . -23.52 19.79 -14.67
O4' ATP W . -23.38 19.57 -16.09
C3' ATP W . -22.78 21.09 -14.37
O3' ATP W . -22.26 21.06 -13.04
C2' ATP W . -21.70 21.11 -15.46
O2' ATP W . -20.51 20.43 -15.12
C1' ATP W . -22.39 20.40 -16.62
N9 ATP W . -23.01 21.29 -17.58
C8 ATP W . -24.28 21.84 -17.54
N7 ATP W . -24.52 22.61 -18.57
C5 ATP W . -23.37 22.53 -19.35
C6 ATP W . -23.02 23.12 -20.59
N6 ATP W . -23.82 23.94 -21.27
N1 ATP W . -21.79 22.81 -21.10
C2 ATP W . -21.00 21.99 -20.39
N3 ATP W . -21.21 21.39 -19.21
C4 ATP W . -22.43 21.72 -18.74
PG ATP X . 12.64 17.01 -25.35
O1G ATP X . 11.20 17.14 -25.80
O2G ATP X . 12.91 15.77 -24.57
O3G ATP X . 13.15 18.23 -24.66
PB ATP X . 13.27 16.23 -28.10
O1B ATP X . 11.86 16.43 -28.57
O2B ATP X . 13.82 14.88 -28.08
O3B ATP X . 13.55 16.89 -26.67
PA ATP X . 14.18 18.32 -30.02
O1A ATP X . 13.64 19.50 -29.32
O2A ATP X . 13.43 17.84 -31.23
O3A ATP X . 14.30 17.12 -28.96
O5' ATP X . 15.71 18.55 -30.44
C5' ATP X . 16.60 19.31 -29.58
C4' ATP X . 18.02 18.95 -29.92
O4' ATP X . 18.26 19.20 -31.34
C3' ATP X . 19.09 19.75 -29.19
O3' ATP X . 19.35 19.19 -27.91
C2' ATP X . 20.27 19.61 -30.16
O2' ATP X . 20.88 18.35 -30.03
C1' ATP X . 19.58 19.66 -31.52
N9 ATP X . 19.50 20.97 -32.17
C8 ATP X . 18.49 21.88 -32.06
N7 ATP X . 18.68 22.95 -32.82
C5 ATP X . 19.89 22.69 -33.46
C6 ATP X . 20.63 23.44 -34.39
N6 ATP X . 20.23 24.62 -34.86
N1 ATP X . 21.78 22.91 -34.86
C2 ATP X . 22.14 21.70 -34.39
N3 ATP X . 21.52 20.90 -33.51
C4 ATP X . 20.39 21.47 -33.08
MG MG Y . -30.57 17.83 -10.81
MG MG Z . 10.36 17.45 -27.70
PG ATP AA . -14.47 29.43 9.84
O1G ATP AA . -15.38 28.41 9.13
O2G ATP AA . -15.07 30.80 9.98
O3G ATP AA . -13.94 28.86 11.20
PB ATP AA . -13.23 30.42 7.40
O1B ATP AA . -13.11 29.40 6.31
O2B ATP AA . -14.31 31.46 7.26
O3B ATP AA . -13.23 29.71 8.82
PA ATP AA . -11.45 32.69 6.96
O1A ATP AA . -11.73 33.56 8.12
O2A ATP AA . -12.07 32.88 5.62
O3A ATP AA . -11.88 31.23 7.45
O5' ATP AA . -9.89 32.48 6.76
C5' ATP AA . -9.08 32.50 7.90
C4' ATP AA . -7.64 32.33 7.48
O4' ATP AA . -7.25 33.32 6.49
C3' ATP AA . -6.68 32.55 8.63
O3' ATP AA . -6.76 31.36 9.39
C2' ATP AA . -5.37 32.85 7.90
O2' ATP AA . -4.66 31.68 7.60
C1' ATP AA . -5.85 33.55 6.61
N9 ATP AA . -5.58 35.00 6.66
C8 ATP AA . -6.37 36.03 7.14
N7 ATP AA . -5.80 37.21 7.02
C5 ATP AA . -4.58 36.94 6.44
C6 ATP AA . -3.50 37.77 6.06
N6 ATP AA . -3.49 39.09 6.23
N1 ATP AA . -2.42 37.17 5.50
C2 ATP AA . -2.43 35.85 5.32
N3 ATP AA . -3.37 34.97 5.65
C4 ATP AA . -4.43 35.59 6.22
PG ATP BA . 26.27 19.54 -3.29
O1G ATP BA . 25.71 18.24 -3.83
O2G ATP BA . 25.27 20.69 -3.40
O3G ATP BA . 26.88 19.42 -1.91
PB ATP BA . 27.58 20.74 -5.66
O1B ATP BA . 27.43 19.88 -6.87
O2B ATP BA . 26.75 21.98 -5.57
O3B ATP BA . 27.48 19.86 -4.33
PA ATP BA . 29.77 22.63 -5.31
O1A ATP BA . 29.36 23.05 -3.95
O2A ATP BA . 29.36 23.59 -6.37
O3A ATP BA . 29.14 21.17 -5.58
O5' ATP BA . 31.35 22.36 -5.42
C5' ATP BA . 32.04 21.72 -4.35
C4' ATP BA . 33.32 21.11 -4.88
O4' ATP BA . 34.17 22.13 -5.48
C3' ATP BA . 34.22 20.50 -3.79
O3' ATP BA . 33.72 19.25 -3.33
C2' ATP BA . 35.58 20.50 -4.49
O2' ATP BA . 35.79 19.38 -5.31
C1' ATP BA . 35.54 21.81 -5.29
N9 ATP BA . 36.21 22.98 -4.68
C8 ATP BA . 35.68 23.95 -3.86
N7 ATP BA . 36.54 24.89 -3.55
C5 ATP BA . 37.71 24.52 -4.22
C6 ATP BA . 38.98 25.12 -4.31
N6 ATP BA . 39.31 26.26 -3.71
N1 ATP BA . 39.91 24.52 -5.09
C2 ATP BA . 39.57 23.38 -5.71
N3 ATP BA . 38.42 22.73 -5.69
C4 ATP BA . 37.51 23.36 -4.92
MG MG CA . -15.74 32.30 8.71
MG MG DA . 25.44 22.61 -4.09
#